data_6X3M
#
_entry.id   6X3M
#
_cell.length_a   338.168
_cell.length_b   56.797
_cell.length_c   276.954
_cell.angle_alpha   90.000
_cell.angle_beta   126.680
_cell.angle_gamma   90.000
#
_symmetry.space_group_name_H-M   'C 1 2 1'
#
loop_
_entity.id
_entity.type
_entity.pdbx_description
1 polymer Hyaluronoglucosaminidase
2 branched '4-deoxy-alpha-L-threo-hex-4-enopyranuronic acid-(1-3)-2-acetamido-2-deoxy-beta-D-glucopyranose-(1-4)-beta-D-glucopyranuronic acid-(1-3)-2-acetamido-2-deoxy-beta-D-glucopyranose'
3 branched '4-deoxy-alpha-L-threo-hex-4-enopyranuronic acid-(1-3)-2-acetamido-2-deoxy-beta-D-glucopyranose-(1-4)-beta-D-glucopyranuronic acid-(1-3)-2-acetamido-2-deoxy-beta-D-glucopyranose-(1-4)-beta-D-glucopyranuronic acid-(1-3)-2-acetamido-2-deoxy-beta-D-glucopyranose-(1-4)-beta-D-glucopyranuronic acid-(1-3)-2-acetamido-2-deoxy-beta-D-glucopyranose'
#
_entity_poly.entity_id   1
_entity_poly.type   'polypeptide(L)'
_entity_poly.pdbx_seq_one_letter_code
;MTENIPLRVQFKRMSADEWARSDVILLEGEIGFETDTGFAKFGDGQNTFSKLKYLTGPKGPKGDTGLQGKTGGTGPRGPA
GKPGTTDYDQLQNKPDLGAFAQKEETNSKITKLESSKADKSAVYSKAESKIELDKKLSLTGGIVTGQLQFKPNKSGIKPS
SSVGGAINIDMSKSEGAAMVMYTNKDTTDGPLMILRSDKDTFDQSAQFVDYSGKTNAVNIVMRQPSAPNFSSALNITSAN
EGGSAMQIRGVEKALGTLKITHENPNVEAKYDENAAALSIDIVKKQKGGKGTAAQGIYINSTSGTAGKMLRIRNKNEDKF
YVGPDGGFHSGANSTVAGNLTVKDPTSGKHAATKDYVDEKIAELKKLILKKLEHHHHHH
;
_entity_poly.pdbx_strand_id   A,B,C,D,E,F,G,H,I
#
# COMPACT_ATOMS: atom_id res chain seq x y z
N LEU A 7 -176.17 32.22 -10.20
CA LEU A 7 -175.85 32.73 -8.87
C LEU A 7 -174.43 33.28 -8.88
N ARG A 8 -174.22 34.36 -9.63
CA ARG A 8 -172.94 35.06 -9.65
C ARG A 8 -172.80 35.88 -8.38
N VAL A 9 -171.90 35.46 -7.49
CA VAL A 9 -171.76 36.04 -6.16
C VAL A 9 -170.60 37.02 -6.16
N GLN A 10 -170.84 38.22 -5.62
CA GLN A 10 -169.79 39.17 -5.32
C GLN A 10 -169.50 39.16 -3.83
N PHE A 11 -168.28 39.58 -3.49
CA PHE A 11 -167.77 39.50 -2.12
C PHE A 11 -167.63 40.91 -1.55
N LYS A 12 -167.36 40.97 -0.25
CA LYS A 12 -167.13 42.26 0.39
C LYS A 12 -165.79 42.83 -0.08
N ARG A 13 -165.80 44.11 -0.43
CA ARG A 13 -164.67 44.66 -1.17
C ARG A 13 -164.54 46.16 -0.91
N MET A 14 -163.29 46.60 -0.80
CA MET A 14 -162.92 48.00 -0.67
C MET A 14 -161.64 48.20 -1.45
N SER A 15 -161.14 49.42 -1.48
CA SER A 15 -159.80 49.62 -2.00
C SER A 15 -158.79 48.96 -1.08
N ALA A 16 -157.59 48.72 -1.61
CA ALA A 16 -156.56 48.05 -0.83
C ALA A 16 -156.23 48.85 0.42
N ASP A 17 -156.29 50.18 0.33
CA ASP A 17 -156.06 51.04 1.48
C ASP A 17 -157.27 51.11 2.40
N GLU A 18 -158.48 51.24 1.83
CA GLU A 18 -159.68 51.38 2.64
C GLU A 18 -159.85 50.24 3.64
N TRP A 19 -159.37 49.05 3.30
CA TRP A 19 -159.42 47.94 4.25
C TRP A 19 -158.53 48.21 5.46
N ALA A 20 -157.31 48.69 5.22
CA ALA A 20 -156.36 48.92 6.31
C ALA A 20 -156.88 49.94 7.30
N ARG A 21 -157.72 50.88 6.87
CA ARG A 21 -158.29 51.90 7.73
C ARG A 21 -159.66 51.51 8.26
N SER A 22 -160.14 50.31 7.95
CA SER A 22 -161.49 49.89 8.32
C SER A 22 -161.48 48.93 9.50
N ASP A 23 -162.49 49.05 10.34
CA ASP A 23 -162.65 48.21 11.52
C ASP A 23 -163.63 47.06 11.28
N VAL A 24 -164.11 46.87 10.06
CA VAL A 24 -165.11 45.86 9.77
C VAL A 24 -164.48 44.48 9.95
N ILE A 25 -165.17 43.60 10.68
CA ILE A 25 -164.66 42.26 10.99
C ILE A 25 -165.42 41.23 10.16
N LEU A 26 -164.68 40.54 9.28
CA LEU A 26 -165.23 39.47 8.47
C LEU A 26 -165.46 38.23 9.32
N LEU A 27 -166.51 37.47 8.99
CA LEU A 27 -166.81 36.25 9.73
C LEU A 27 -165.82 35.15 9.38
N GLU A 28 -165.74 34.15 10.26
CA GLU A 28 -164.86 33.01 10.04
C GLU A 28 -165.33 32.24 8.82
N GLY A 29 -164.67 32.46 7.69
CA GLY A 29 -165.04 31.84 6.43
C GLY A 29 -165.54 32.81 5.39
N GLU A 30 -165.78 34.07 5.76
CA GLU A 30 -166.21 35.07 4.81
C GLU A 30 -164.97 35.64 4.12
N ILE A 31 -165.08 35.87 2.83
CA ILE A 31 -163.94 36.29 2.02
C ILE A 31 -163.93 37.81 1.93
N GLY A 32 -162.74 38.39 1.92
CA GLY A 32 -162.58 39.84 1.76
C GLY A 32 -161.72 40.14 0.57
N PHE A 33 -162.09 41.19 -0.16
CA PHE A 33 -161.50 41.50 -1.45
C PHE A 33 -160.80 42.85 -1.42
N GLU A 34 -159.72 42.95 -2.20
CA GLU A 34 -159.04 44.23 -2.45
C GLU A 34 -159.27 44.61 -3.90
N THR A 35 -160.09 45.64 -4.12
CA THR A 35 -160.40 46.04 -5.49
C THR A 35 -159.15 46.49 -6.24
N ASP A 36 -158.08 46.83 -5.54
CA ASP A 36 -156.81 47.16 -6.16
C ASP A 36 -155.94 45.91 -6.22
N THR A 37 -155.40 45.65 -7.41
CA THR A 37 -154.49 44.52 -7.67
C THR A 37 -155.16 43.15 -7.55
N GLY A 38 -156.39 43.08 -7.03
CA GLY A 38 -157.06 41.80 -6.91
C GLY A 38 -156.71 40.90 -5.74
N PHE A 39 -155.98 41.37 -4.74
CA PHE A 39 -155.67 40.47 -3.63
C PHE A 39 -156.93 40.16 -2.80
N ALA A 40 -156.83 39.15 -1.95
CA ALA A 40 -157.96 38.76 -1.12
C ALA A 40 -157.46 37.99 0.10
N LYS A 41 -158.26 38.05 1.18
CA LYS A 41 -158.00 37.30 2.40
C LYS A 41 -159.32 36.73 2.92
N PHE A 42 -159.21 35.77 3.85
CA PHE A 42 -160.39 35.24 4.52
C PHE A 42 -160.61 36.01 5.82
N GLY A 43 -161.51 35.52 6.67
CA GLY A 43 -161.86 36.20 7.90
C GLY A 43 -161.58 35.35 9.11
N ASP A 44 -161.31 36.02 10.24
CA ASP A 44 -161.06 35.37 11.52
C ASP A 44 -162.12 35.76 12.55
N GLY A 45 -163.37 35.92 12.10
CA GLY A 45 -164.47 36.51 12.85
C GLY A 45 -164.18 37.14 14.20
N GLN A 46 -163.21 38.06 14.24
CA GLN A 46 -162.78 38.79 15.43
C GLN A 46 -161.41 39.43 15.25
N ASN A 47 -161.09 39.84 14.02
CA ASN A 47 -159.82 40.51 13.76
C ASN A 47 -159.99 41.44 12.58
N THR A 48 -159.26 42.55 12.61
CA THR A 48 -159.31 43.47 11.48
C THR A 48 -158.64 42.85 10.26
N PHE A 49 -158.90 43.48 9.10
CA PHE A 49 -158.40 42.97 7.83
C PHE A 49 -156.88 42.89 7.81
N SER A 50 -156.19 43.78 8.54
CA SER A 50 -154.74 43.87 8.45
C SER A 50 -154.03 42.61 8.93
N LYS A 51 -154.61 41.87 9.89
CA LYS A 51 -153.87 40.85 10.61
C LYS A 51 -154.29 39.42 10.28
N LEU A 52 -154.81 39.18 9.07
CA LEU A 52 -155.28 37.84 8.72
C LEU A 52 -154.66 37.39 7.40
N LYS A 53 -154.45 36.07 7.31
CA LYS A 53 -153.77 35.44 6.18
C LYS A 53 -154.39 35.76 4.83
N TYR A 54 -153.52 36.04 3.84
CA TYR A 54 -153.95 36.10 2.45
C TYR A 54 -154.26 34.68 1.95
N LEU A 55 -154.83 34.61 0.74
CA LEU A 55 -155.19 33.31 0.11
C LEU A 55 -154.33 33.07 -1.13
N THR A 56 -153.01 32.90 -0.95
CA THR A 56 -152.09 32.63 -2.04
C THR A 56 -151.85 31.13 -2.14
N GLY A 57 -151.05 30.73 -3.12
CA GLY A 57 -150.61 29.37 -3.22
C GLY A 57 -149.33 29.13 -2.45
N PRO A 58 -148.76 27.93 -2.59
CA PRO A 58 -147.52 27.61 -1.84
C PRO A 58 -146.30 28.33 -2.38
N LYS A 59 -145.91 27.96 -3.61
CA LYS A 59 -144.75 28.41 -4.38
C LYS A 59 -144.50 27.42 -5.49
N GLY A 60 -144.00 27.89 -6.62
CA GLY A 60 -143.70 27.01 -7.72
C GLY A 60 -142.57 26.06 -7.40
N PRO A 61 -142.33 25.10 -8.28
CA PRO A 61 -141.26 24.13 -8.06
C PRO A 61 -139.90 24.71 -8.46
N LYS A 62 -138.86 23.95 -8.13
CA LYS A 62 -137.49 24.39 -8.39
C LYS A 62 -137.23 24.46 -9.89
N GLY A 63 -136.61 25.55 -10.32
CA GLY A 63 -136.29 25.70 -11.74
C GLY A 63 -135.32 24.64 -12.21
N ASP A 64 -135.25 24.49 -13.53
CA ASP A 64 -134.34 23.50 -14.10
C ASP A 64 -132.89 23.86 -13.80
N THR A 65 -132.06 22.84 -13.66
CA THR A 65 -130.63 23.05 -13.48
C THR A 65 -130.04 23.65 -14.75
N GLY A 66 -129.03 24.51 -14.58
CA GLY A 66 -128.45 25.21 -15.70
C GLY A 66 -127.76 24.27 -16.67
N LEU A 67 -127.38 24.83 -17.81
CA LEU A 67 -126.73 24.06 -18.86
C LEU A 67 -125.31 23.68 -18.45
N GLN A 68 -124.59 23.08 -19.37
CA GLN A 68 -123.23 22.60 -19.11
C GLN A 68 -122.24 23.54 -19.77
N GLY A 69 -121.16 23.84 -19.04
CA GLY A 69 -120.21 24.83 -19.49
C GLY A 69 -119.54 24.47 -20.80
N LYS A 70 -119.05 25.53 -21.45
CA LYS A 70 -118.31 25.36 -22.70
C LYS A 70 -117.05 24.56 -22.45
N THR A 71 -116.69 23.71 -23.40
CA THR A 71 -115.52 22.87 -23.24
C THR A 71 -114.26 23.72 -23.13
N GLY A 72 -113.26 23.21 -22.42
CA GLY A 72 -112.06 23.98 -22.20
C GLY A 72 -111.27 24.19 -23.48
N GLY A 73 -110.40 25.19 -23.45
CA GLY A 73 -109.62 25.49 -24.63
C GLY A 73 -108.60 24.39 -24.92
N THR A 74 -108.30 24.24 -26.21
CA THR A 74 -107.29 23.28 -26.63
C THR A 74 -105.94 23.67 -26.06
N GLY A 75 -105.10 22.66 -25.78
CA GLY A 75 -103.88 22.88 -25.08
C GLY A 75 -102.84 23.59 -25.93
N PRO A 76 -101.69 23.86 -25.32
CA PRO A 76 -100.58 24.51 -26.01
C PRO A 76 -99.72 23.51 -26.77
N ARG A 77 -99.02 24.02 -27.77
CA ARG A 77 -98.14 23.19 -28.57
C ARG A 77 -97.05 22.60 -27.69
N GLY A 78 -96.80 21.30 -27.85
CA GLY A 78 -95.80 20.61 -27.10
C GLY A 78 -94.42 21.20 -27.31
N PRO A 79 -93.46 20.80 -26.49
CA PRO A 79 -92.10 21.34 -26.62
C PRO A 79 -91.44 20.86 -27.90
N ALA A 80 -90.41 21.59 -28.30
CA ALA A 80 -89.71 21.29 -29.54
C ALA A 80 -88.88 20.02 -29.39
N GLY A 81 -88.67 19.34 -30.52
CA GLY A 81 -87.90 18.12 -30.51
C GLY A 81 -86.45 18.37 -30.14
N LYS A 82 -85.82 17.33 -29.59
CA LYS A 82 -84.41 17.40 -29.24
C LYS A 82 -83.56 17.52 -30.50
N PRO A 83 -82.38 18.13 -30.42
CA PRO A 83 -81.60 18.38 -31.63
C PRO A 83 -80.99 17.11 -32.22
N GLY A 84 -80.66 17.21 -33.51
CA GLY A 84 -80.08 16.10 -34.23
C GLY A 84 -78.69 15.72 -33.75
N THR A 85 -78.29 14.52 -34.15
CA THR A 85 -76.97 13.96 -33.87
C THR A 85 -76.33 13.48 -35.16
N THR A 86 -75.00 13.60 -35.25
CA THR A 86 -74.24 13.21 -36.44
C THR A 86 -73.26 12.10 -36.04
N ASP A 87 -73.42 10.92 -36.65
CA ASP A 87 -72.54 9.78 -36.38
C ASP A 87 -71.53 9.59 -37.51
N TYR A 88 -70.25 9.38 -37.12
CA TYR A 88 -69.17 9.16 -38.08
C TYR A 88 -69.41 7.97 -39.01
N ASP A 89 -69.70 6.79 -38.44
CA ASP A 89 -69.67 5.56 -39.23
C ASP A 89 -70.70 5.56 -40.36
N GLN A 90 -71.85 6.20 -40.15
CA GLN A 90 -72.91 6.13 -41.14
C GLN A 90 -72.72 7.13 -42.27
N LEU A 91 -71.69 7.97 -42.18
CA LEU A 91 -71.36 8.91 -43.23
C LEU A 91 -70.92 8.18 -44.49
N GLN A 92 -70.93 8.91 -45.60
CA GLN A 92 -70.38 8.44 -46.87
C GLN A 92 -68.99 9.04 -47.09
N ASN A 93 -68.24 8.42 -47.99
CA ASN A 93 -66.87 8.83 -48.32
C ASN A 93 -65.98 8.89 -47.07
N LYS A 94 -66.14 7.92 -46.17
CA LYS A 94 -65.26 7.84 -45.02
C LYS A 94 -63.84 7.55 -45.48
N PRO A 95 -62.83 8.24 -44.94
CA PRO A 95 -61.45 7.96 -45.38
C PRO A 95 -60.96 6.64 -44.82
N ASP A 96 -60.16 5.94 -45.62
CA ASP A 96 -59.61 4.65 -45.19
C ASP A 96 -58.51 4.90 -44.17
N LEU A 97 -58.74 4.46 -42.94
CA LEU A 97 -57.76 4.64 -41.88
C LEU A 97 -56.67 3.59 -41.88
N GLY A 98 -56.87 2.48 -42.60
CA GLY A 98 -55.87 1.43 -42.63
C GLY A 98 -54.53 1.90 -43.18
N ALA A 99 -54.55 2.79 -44.16
CA ALA A 99 -53.32 3.22 -44.85
C ALA A 99 -52.49 4.19 -44.02
N PHE A 100 -52.73 4.24 -42.72
CA PHE A 100 -52.00 5.12 -41.82
C PHE A 100 -51.23 4.27 -40.81
N ALA A 101 -49.99 4.65 -40.56
CA ALA A 101 -49.14 3.87 -39.67
C ALA A 101 -49.61 4.00 -38.23
N GLN A 102 -49.73 2.87 -37.55
CA GLN A 102 -50.10 2.88 -36.15
C GLN A 102 -48.97 3.48 -35.32
N LYS A 103 -49.34 4.19 -34.26
CA LYS A 103 -48.36 4.91 -33.47
C LYS A 103 -47.48 3.93 -32.68
N GLU A 104 -48.10 3.08 -31.86
CA GLU A 104 -47.33 2.23 -30.95
C GLU A 104 -46.46 1.24 -31.71
N GLU A 105 -47.00 0.59 -32.74
CA GLU A 105 -46.21 -0.39 -33.49
C GLU A 105 -44.97 0.25 -34.11
N THR A 106 -45.07 1.52 -34.52
CA THR A 106 -43.96 2.18 -35.17
C THR A 106 -42.89 2.58 -34.14
N ASN A 107 -43.30 3.24 -33.06
CA ASN A 107 -42.35 3.63 -32.02
C ASN A 107 -41.66 2.42 -31.40
N SER A 108 -42.28 1.24 -31.45
CA SER A 108 -41.62 0.03 -30.98
C SER A 108 -40.57 -0.48 -31.97
N LYS A 109 -40.90 -0.47 -33.27
CA LYS A 109 -39.92 -0.86 -34.28
C LYS A 109 -38.67 0.01 -34.20
N ILE A 110 -38.84 1.32 -34.03
CA ILE A 110 -37.71 2.23 -33.96
C ILE A 110 -36.94 2.02 -32.67
N THR A 111 -37.66 1.79 -31.56
CA THR A 111 -36.99 1.57 -30.28
C THR A 111 -36.08 0.34 -30.34
N LYS A 112 -36.58 -0.75 -30.93
CA LYS A 112 -35.73 -1.93 -31.12
C LYS A 112 -34.55 -1.62 -32.03
N LEU A 113 -34.68 -0.65 -32.93
CA LEU A 113 -33.57 -0.34 -33.84
C LEU A 113 -32.44 0.39 -33.11
N GLU A 114 -32.78 1.42 -32.34
CA GLU A 114 -31.73 2.15 -31.62
C GLU A 114 -31.02 1.28 -30.61
N SER A 115 -31.68 0.24 -30.11
CA SER A 115 -31.07 -0.66 -29.14
C SER A 115 -30.35 -1.83 -29.78
N SER A 116 -30.77 -2.27 -30.97
CA SER A 116 -30.19 -3.44 -31.62
C SER A 116 -29.14 -3.11 -32.66
N LYS A 117 -28.92 -1.84 -33.00
CA LYS A 117 -28.03 -1.48 -34.08
C LYS A 117 -26.80 -0.74 -33.57
N ALA A 118 -25.75 -0.77 -34.40
CA ALA A 118 -24.38 -0.42 -34.03
C ALA A 118 -24.08 1.02 -34.41
N ASP A 119 -24.17 1.92 -33.43
CA ASP A 119 -23.76 3.32 -33.58
C ASP A 119 -22.46 3.44 -34.36
N LYS A 120 -22.34 4.51 -35.16
CA LYS A 120 -21.13 4.74 -35.93
C LYS A 120 -19.92 4.90 -35.02
N SER A 121 -20.10 5.57 -33.88
CA SER A 121 -19.01 5.89 -32.96
C SER A 121 -18.51 4.69 -32.18
N ALA A 122 -19.05 3.50 -32.41
CA ALA A 122 -18.67 2.30 -31.68
C ALA A 122 -18.21 1.19 -32.63
N VAL A 123 -17.80 1.54 -33.84
CA VAL A 123 -17.35 0.57 -34.84
C VAL A 123 -16.24 1.20 -35.65
N TYR A 124 -15.20 0.41 -35.92
CA TYR A 124 -14.15 0.84 -36.82
C TYR A 124 -14.62 0.77 -38.27
N SER A 125 -14.35 1.82 -39.04
CA SER A 125 -14.64 1.78 -40.47
C SER A 125 -13.72 0.76 -41.14
N LYS A 126 -13.94 0.56 -42.43
CA LYS A 126 -13.04 -0.33 -43.18
C LYS A 126 -11.62 0.21 -43.19
N ALA A 127 -11.48 1.52 -43.47
CA ALA A 127 -10.15 2.13 -43.50
C ALA A 127 -9.59 2.35 -42.11
N GLU A 128 -10.44 2.61 -41.12
CA GLU A 128 -9.98 2.72 -39.74
C GLU A 128 -9.45 1.39 -39.22
N SER A 129 -10.18 0.31 -39.49
CA SER A 129 -9.71 -1.02 -39.13
C SER A 129 -8.37 -1.33 -39.80
N LYS A 130 -8.23 -0.97 -41.07
CA LYS A 130 -7.00 -1.27 -41.79
C LYS A 130 -5.81 -0.51 -41.22
N ILE A 131 -5.98 0.79 -40.96
CA ILE A 131 -4.86 1.62 -40.52
C ILE A 131 -4.30 1.12 -39.20
N GLU A 132 -5.17 0.64 -38.31
CA GLU A 132 -4.71 0.11 -37.03
C GLU A 132 -4.11 -1.28 -37.18
N LEU A 133 -4.49 -2.02 -38.22
CA LEU A 133 -3.90 -3.33 -38.47
C LEU A 133 -2.47 -3.20 -38.98
N ASP A 134 -2.24 -2.25 -39.90
CA ASP A 134 -0.92 -2.07 -40.48
C ASP A 134 0.12 -1.62 -39.46
N LYS A 135 -0.29 -1.15 -38.29
CA LYS A 135 0.62 -0.89 -37.19
C LYS A 135 1.06 -2.17 -36.49
N LYS A 136 0.56 -3.32 -36.94
CA LYS A 136 0.82 -4.62 -36.34
C LYS A 136 1.54 -5.55 -37.30
N LEU A 137 2.39 -6.42 -36.75
CA LEU A 137 3.15 -7.35 -37.57
C LEU A 137 2.25 -8.43 -38.16
N SER A 138 2.50 -8.80 -39.42
CA SER A 138 1.80 -9.88 -40.08
C SER A 138 2.70 -11.11 -40.15
N LEU A 139 2.09 -12.28 -40.35
CA LEU A 139 2.85 -13.51 -40.43
C LEU A 139 3.43 -13.76 -41.83
N THR A 140 2.99 -12.98 -42.82
CA THR A 140 3.53 -13.07 -44.17
C THR A 140 4.73 -12.14 -44.36
N GLY A 141 5.06 -11.37 -43.35
CA GLY A 141 6.18 -10.45 -43.40
C GLY A 141 5.89 -9.21 -42.60
N GLY A 142 6.89 -8.34 -42.52
CA GLY A 142 6.75 -7.10 -41.79
C GLY A 142 8.11 -6.46 -41.58
N ILE A 143 8.07 -5.29 -40.96
CA ILE A 143 9.28 -4.48 -40.73
C ILE A 143 9.20 -3.89 -39.33
N VAL A 144 9.98 -4.43 -38.40
CA VAL A 144 10.01 -3.94 -37.03
C VAL A 144 11.04 -2.83 -36.91
N THR A 145 10.61 -1.67 -36.40
CA THR A 145 11.49 -0.55 -36.18
C THR A 145 11.93 -0.40 -34.73
N GLY A 146 11.19 -0.98 -33.79
CA GLY A 146 11.47 -0.85 -32.38
C GLY A 146 12.20 -2.05 -31.81
N GLN A 147 12.16 -2.16 -30.48
CA GLN A 147 12.84 -3.20 -29.75
C GLN A 147 11.87 -4.35 -29.46
N LEU A 148 12.18 -5.54 -29.98
CA LEU A 148 11.37 -6.73 -29.77
C LEU A 148 11.99 -7.53 -28.62
N GLN A 149 11.44 -7.36 -27.42
CA GLN A 149 11.90 -8.10 -26.25
C GLN A 149 11.19 -9.45 -26.16
N PHE A 150 11.91 -10.44 -25.62
CA PHE A 150 11.34 -11.72 -25.23
C PHE A 150 11.52 -11.88 -23.73
N LYS A 151 10.44 -12.21 -23.03
CA LYS A 151 10.46 -12.35 -21.58
C LYS A 151 9.60 -13.55 -21.16
N PRO A 152 9.97 -14.75 -21.59
CA PRO A 152 9.17 -15.93 -21.25
C PRO A 152 9.14 -16.19 -19.75
N ASN A 153 8.08 -16.85 -19.29
CA ASN A 153 7.90 -17.09 -17.86
C ASN A 153 6.98 -18.29 -17.70
N LYS A 154 7.54 -19.42 -17.23
CA LYS A 154 6.82 -20.67 -17.05
C LYS A 154 5.97 -21.03 -18.27
N SER A 155 6.44 -20.68 -19.46
CA SER A 155 5.71 -20.91 -20.69
C SER A 155 6.09 -22.22 -21.36
N GLY A 156 6.84 -23.08 -20.69
CA GLY A 156 7.25 -24.36 -21.24
C GLY A 156 8.10 -24.27 -22.48
N ILE A 157 9.15 -23.46 -22.45
CA ILE A 157 10.09 -23.39 -23.55
C ILE A 157 11.07 -24.55 -23.40
N LYS A 158 11.08 -25.44 -24.38
CA LYS A 158 11.94 -26.59 -24.20
C LYS A 158 13.30 -26.36 -24.85
N PRO A 159 14.35 -27.03 -24.35
CA PRO A 159 15.71 -26.78 -24.84
C PRO A 159 16.14 -27.61 -26.05
N SER A 160 15.25 -28.38 -26.67
CA SER A 160 15.65 -29.25 -27.76
C SER A 160 16.35 -28.46 -28.86
N SER A 161 17.43 -29.04 -29.39
CA SER A 161 18.18 -28.45 -30.48
C SER A 161 17.51 -28.65 -31.84
N SER A 162 16.27 -29.08 -31.86
CA SER A 162 15.54 -29.36 -33.09
C SER A 162 14.24 -28.60 -33.20
N VAL A 163 13.53 -28.41 -32.09
CA VAL A 163 12.26 -27.68 -32.10
C VAL A 163 12.18 -26.59 -31.04
N GLY A 164 12.96 -26.66 -29.97
CA GLY A 164 12.82 -25.76 -28.85
C GLY A 164 13.36 -24.35 -29.09
N GLY A 165 13.62 -23.63 -28.00
CA GLY A 165 14.11 -22.28 -28.06
C GLY A 165 13.02 -21.24 -28.03
N ALA A 166 13.27 -20.11 -27.35
CA ALA A 166 12.31 -19.01 -27.34
C ALA A 166 12.03 -18.53 -28.76
N ILE A 167 13.05 -18.47 -29.60
CA ILE A 167 12.90 -18.32 -31.04
C ILE A 167 13.34 -19.63 -31.69
N ASN A 168 12.59 -20.06 -32.69
CA ASN A 168 12.96 -21.25 -33.45
C ASN A 168 12.85 -20.95 -34.94
N ILE A 169 13.96 -21.06 -35.66
CA ILE A 169 13.99 -20.94 -37.11
C ILE A 169 14.29 -22.32 -37.67
N ASP A 170 13.42 -22.78 -38.58
CA ASP A 170 13.58 -24.09 -39.22
C ASP A 170 13.60 -23.86 -40.72
N MET A 171 14.77 -24.08 -41.34
CA MET A 171 14.96 -23.87 -42.76
C MET A 171 15.05 -25.19 -43.53
N SER A 172 14.55 -26.28 -42.95
CA SER A 172 14.59 -27.58 -43.62
C SER A 172 13.76 -27.61 -44.89
N LYS A 173 12.85 -26.66 -45.08
CA LYS A 173 11.97 -26.64 -46.24
C LYS A 173 12.06 -25.33 -47.02
N SER A 174 13.11 -24.55 -46.79
CA SER A 174 13.26 -23.26 -47.44
C SER A 174 14.74 -23.00 -47.67
N GLU A 175 15.11 -22.68 -48.90
CA GLU A 175 16.46 -22.21 -49.20
C GLU A 175 16.73 -20.90 -48.46
N GLY A 176 18.00 -20.60 -48.28
CA GLY A 176 18.44 -19.35 -47.69
C GLY A 176 18.93 -19.53 -46.27
N ALA A 177 19.22 -18.41 -45.64
CA ALA A 177 19.80 -18.37 -44.31
C ALA A 177 18.72 -18.15 -43.26
N ALA A 178 19.03 -18.54 -42.02
CA ALA A 178 18.10 -18.32 -40.92
C ALA A 178 18.09 -16.86 -40.49
N MET A 179 19.26 -16.31 -40.20
CA MET A 179 19.35 -14.93 -39.72
C MET A 179 20.64 -14.30 -40.24
N VAL A 180 20.57 -13.00 -40.52
CA VAL A 180 21.71 -12.19 -40.91
C VAL A 180 21.72 -10.94 -40.06
N MET A 181 22.90 -10.57 -39.56
CA MET A 181 23.08 -9.32 -38.84
C MET A 181 24.09 -8.50 -39.62
N TYR A 182 23.59 -7.44 -40.26
CA TYR A 182 24.38 -6.61 -41.16
C TYR A 182 24.46 -5.20 -40.60
N THR A 183 25.62 -4.56 -40.80
CA THR A 183 25.81 -3.17 -40.41
C THR A 183 26.70 -2.47 -41.43
N ASN A 184 26.27 -1.29 -41.89
CA ASN A 184 27.07 -0.44 -42.76
C ASN A 184 27.54 0.81 -42.03
N LYS A 185 27.52 0.78 -40.70
CA LYS A 185 27.87 1.93 -39.89
C LYS A 185 29.39 2.11 -39.83
N ASP A 186 29.82 3.37 -39.84
CA ASP A 186 31.23 3.66 -39.68
C ASP A 186 31.70 3.35 -38.26
N THR A 187 30.87 3.66 -37.26
CA THR A 187 31.17 3.30 -35.88
C THR A 187 29.87 3.24 -35.09
N THR A 188 29.93 2.57 -33.94
CA THR A 188 28.81 2.50 -33.01
C THR A 188 29.37 2.37 -31.60
N ASP A 189 28.49 2.08 -30.65
CA ASP A 189 28.87 2.00 -29.23
C ASP A 189 28.67 0.60 -28.65
N GLY A 190 28.58 -0.42 -29.49
CA GLY A 190 28.41 -1.77 -29.01
C GLY A 190 28.52 -2.80 -30.12
N PRO A 191 28.67 -4.07 -29.75
CA PRO A 191 28.79 -5.13 -30.77
C PRO A 191 27.47 -5.39 -31.47
N LEU A 192 27.38 -6.51 -32.19
CA LEU A 192 26.12 -6.90 -32.78
C LEU A 192 25.41 -7.90 -31.86
N MET A 193 25.79 -9.17 -31.93
CA MET A 193 25.24 -10.17 -31.04
C MET A 193 26.05 -10.27 -29.76
N ILE A 194 25.34 -10.53 -28.65
CA ILE A 194 25.96 -10.64 -27.33
C ILE A 194 25.29 -11.78 -26.59
N LEU A 195 26.11 -12.69 -26.05
CA LEU A 195 25.65 -13.73 -25.14
C LEU A 195 26.24 -13.50 -23.77
N ARG A 196 25.44 -13.71 -22.73
CA ARG A 196 25.88 -13.38 -21.38
C ARG A 196 25.19 -14.26 -20.36
N SER A 197 25.98 -14.89 -19.50
CA SER A 197 25.50 -15.57 -18.31
C SER A 197 26.23 -14.94 -17.12
N ASP A 198 25.48 -14.56 -16.09
CA ASP A 198 26.07 -13.83 -14.98
C ASP A 198 26.21 -14.62 -13.69
N LYS A 199 25.46 -15.70 -13.52
CA LYS A 199 25.57 -16.52 -12.31
C LYS A 199 26.56 -17.65 -12.59
N ASP A 200 27.66 -17.66 -11.84
CA ASP A 200 28.74 -18.63 -12.02
C ASP A 200 28.34 -20.05 -11.66
N THR A 201 27.08 -20.31 -11.32
CA THR A 201 26.59 -21.67 -11.15
C THR A 201 25.96 -22.20 -12.43
N PHE A 202 26.00 -21.43 -13.51
CA PHE A 202 25.33 -21.76 -14.77
C PHE A 202 25.97 -23.00 -15.38
N ASP A 203 25.21 -24.10 -15.43
CA ASP A 203 25.73 -25.39 -15.83
C ASP A 203 25.58 -25.67 -17.33
N GLN A 204 25.62 -24.63 -18.17
CA GLN A 204 25.48 -24.85 -19.61
C GLN A 204 26.35 -23.88 -20.39
N SER A 205 26.47 -24.17 -21.68
CA SER A 205 27.28 -23.39 -22.61
C SER A 205 26.56 -22.12 -23.04
N ALA A 206 27.31 -21.22 -23.67
CA ALA A 206 26.73 -20.02 -24.26
C ALA A 206 26.29 -20.27 -25.69
N GLN A 207 27.13 -20.92 -26.50
CA GLN A 207 26.80 -21.25 -27.88
C GLN A 207 27.11 -22.72 -28.13
N PHE A 208 26.27 -23.36 -28.94
CA PHE A 208 26.37 -24.79 -29.21
C PHE A 208 26.16 -25.00 -30.70
N VAL A 209 27.07 -25.74 -31.33
CA VAL A 209 27.05 -25.99 -32.77
C VAL A 209 27.13 -27.50 -32.98
N ASP A 210 26.02 -28.11 -33.39
CA ASP A 210 25.97 -29.54 -33.69
C ASP A 210 25.94 -29.69 -35.20
N TYR A 211 27.12 -29.63 -35.80
CA TYR A 211 27.24 -29.57 -37.25
C TYR A 211 27.36 -30.96 -37.86
N SER A 212 26.58 -31.20 -38.91
CA SER A 212 26.80 -32.31 -39.83
C SER A 212 26.69 -31.75 -41.23
N GLY A 213 27.73 -31.95 -42.04
CA GLY A 213 27.74 -31.36 -43.36
C GLY A 213 29.03 -31.62 -44.09
N LYS A 214 29.35 -30.74 -45.04
CA LYS A 214 30.44 -30.95 -45.97
C LYS A 214 31.38 -29.75 -46.08
N THR A 215 31.37 -28.84 -45.11
CA THR A 215 32.27 -27.69 -45.17
C THR A 215 32.48 -27.17 -43.75
N ASN A 216 33.11 -26.01 -43.65
CA ASN A 216 33.46 -25.42 -42.36
C ASN A 216 32.20 -25.09 -41.57
N ALA A 217 32.12 -25.60 -40.34
CA ALA A 217 30.95 -25.39 -39.50
C ALA A 217 30.80 -23.92 -39.12
N VAL A 218 31.73 -23.42 -38.31
CA VAL A 218 31.78 -22.01 -37.95
C VAL A 218 32.95 -21.36 -38.68
N ASN A 219 32.72 -20.17 -39.20
CA ASN A 219 33.67 -19.52 -40.10
C ASN A 219 33.79 -18.05 -39.71
N ILE A 220 35.01 -17.64 -39.40
CA ILE A 220 35.31 -16.26 -39.02
C ILE A 220 36.26 -15.70 -40.07
N VAL A 221 35.96 -14.48 -40.53
CA VAL A 221 36.71 -13.86 -41.62
C VAL A 221 36.93 -12.39 -41.31
N MET A 222 38.19 -11.96 -41.27
CA MET A 222 38.52 -10.54 -41.31
C MET A 222 38.94 -10.17 -42.72
N ARG A 223 38.37 -9.10 -43.25
CA ARG A 223 38.67 -8.67 -44.60
C ARG A 223 39.84 -7.70 -44.60
N GLN A 224 40.44 -7.53 -45.78
CA GLN A 224 41.64 -6.72 -45.93
C GLN A 224 41.34 -5.26 -45.62
N PRO A 225 41.87 -4.73 -44.52
CA PRO A 225 41.58 -3.34 -44.16
C PRO A 225 42.35 -2.35 -45.01
N SER A 226 41.89 -1.10 -44.98
CA SER A 226 42.58 -0.04 -45.73
C SER A 226 44.01 0.14 -45.23
N ALA A 227 44.16 0.40 -43.93
CA ALA A 227 45.45 0.46 -43.28
C ALA A 227 45.54 -0.66 -42.26
N PRO A 228 46.58 -1.49 -42.29
CA PRO A 228 46.70 -2.56 -41.29
C PRO A 228 46.80 -2.00 -39.89
N ASN A 229 46.32 -2.77 -38.92
CA ASN A 229 46.27 -2.39 -37.52
C ASN A 229 46.13 -3.65 -36.70
N PHE A 230 46.26 -3.51 -35.37
CA PHE A 230 46.21 -4.67 -34.49
C PHE A 230 44.75 -5.03 -34.20
N SER A 231 44.22 -5.92 -35.03
CA SER A 231 42.86 -6.44 -34.87
C SER A 231 42.89 -7.91 -35.22
N SER A 232 42.30 -8.74 -34.36
CA SER A 232 42.27 -10.18 -34.57
C SER A 232 40.86 -10.63 -34.96
N ALA A 233 40.79 -11.70 -35.77
CA ALA A 233 39.50 -12.24 -36.15
C ALA A 233 38.82 -12.97 -35.00
N LEU A 234 39.60 -13.47 -34.04
CA LEU A 234 39.06 -14.15 -32.88
C LEU A 234 40.00 -13.93 -31.71
N ASN A 235 39.43 -13.68 -30.53
CA ASN A 235 40.21 -13.41 -29.33
C ASN A 235 39.57 -14.16 -28.16
N ILE A 236 40.35 -15.03 -27.53
CA ILE A 236 39.89 -15.82 -26.39
C ILE A 236 40.67 -15.38 -25.15
N THR A 237 39.97 -15.34 -24.01
CA THR A 237 40.59 -14.98 -22.74
C THR A 237 39.85 -15.69 -21.63
N SER A 238 40.61 -16.26 -20.69
CA SER A 238 40.04 -17.04 -19.60
C SER A 238 40.65 -16.61 -18.28
N ALA A 239 39.84 -16.63 -17.23
CA ALA A 239 40.29 -16.35 -15.87
C ALA A 239 40.08 -17.53 -14.94
N ASN A 240 39.76 -18.70 -15.48
CA ASN A 240 39.60 -19.91 -14.69
C ASN A 240 40.93 -20.64 -14.65
N GLU A 241 41.59 -20.62 -13.50
CA GLU A 241 42.93 -21.20 -13.35
C GLU A 241 42.90 -22.72 -13.32
N GLY A 242 41.74 -23.35 -13.20
CA GLY A 242 41.62 -24.79 -13.14
C GLY A 242 41.27 -25.45 -14.44
N GLY A 243 41.32 -24.74 -15.56
CA GLY A 243 40.97 -25.33 -16.84
C GLY A 243 41.65 -24.59 -17.98
N SER A 244 41.96 -25.34 -19.04
CA SER A 244 42.56 -24.76 -20.23
C SER A 244 41.63 -23.69 -20.81
N ALA A 245 42.23 -22.75 -21.54
CA ALA A 245 41.43 -21.73 -22.20
C ALA A 245 40.71 -22.26 -23.42
N MET A 246 41.27 -23.29 -24.07
CA MET A 246 40.70 -23.80 -25.31
C MET A 246 41.09 -25.27 -25.48
N GLN A 247 40.19 -26.04 -26.10
CA GLN A 247 40.38 -27.47 -26.31
C GLN A 247 40.12 -27.81 -27.77
N ILE A 248 41.02 -28.59 -28.36
CA ILE A 248 40.88 -29.08 -29.73
C ILE A 248 41.11 -30.58 -29.72
N ARG A 249 40.16 -31.32 -30.30
CA ARG A 249 40.27 -32.76 -30.48
C ARG A 249 40.03 -33.11 -31.93
N GLY A 250 40.78 -34.08 -32.44
CA GLY A 250 40.66 -34.47 -33.83
C GLY A 250 40.94 -35.94 -34.03
N VAL A 251 40.52 -36.44 -35.19
CA VAL A 251 40.70 -37.84 -35.55
C VAL A 251 41.28 -37.93 -36.96
N GLU A 252 42.22 -37.03 -37.28
CA GLU A 252 42.74 -36.97 -38.63
C GLU A 252 43.60 -38.18 -38.94
N LYS A 253 43.53 -38.65 -40.19
CA LYS A 253 44.33 -39.79 -40.64
C LYS A 253 45.70 -39.36 -41.14
N ALA A 254 45.73 -38.48 -42.14
CA ALA A 254 46.97 -37.91 -42.64
C ALA A 254 46.70 -36.42 -42.87
N LEU A 255 47.08 -35.61 -41.88
CA LEU A 255 46.81 -34.18 -41.73
C LEU A 255 46.93 -33.83 -40.25
N GLY A 256 47.21 -32.56 -39.95
CA GLY A 256 47.28 -32.11 -38.57
C GLY A 256 45.90 -31.72 -38.06
N THR A 257 45.65 -32.01 -36.78
CA THR A 257 44.39 -31.61 -36.15
C THR A 257 44.20 -30.10 -36.23
N LEU A 258 45.20 -29.34 -35.80
CA LEU A 258 45.20 -27.88 -35.92
C LEU A 258 46.20 -27.48 -36.99
N LYS A 259 45.71 -26.86 -38.05
CA LYS A 259 46.55 -26.44 -39.18
C LYS A 259 46.75 -24.93 -39.12
N ILE A 260 47.99 -24.51 -38.87
CA ILE A 260 48.37 -23.10 -38.91
C ILE A 260 49.15 -22.88 -40.20
N THR A 261 48.83 -21.80 -40.90
CA THR A 261 49.50 -21.45 -42.15
C THR A 261 49.77 -19.95 -42.13
N HIS A 262 50.94 -19.55 -42.61
CA HIS A 262 51.32 -18.15 -42.67
C HIS A 262 51.60 -17.78 -44.12
N GLU A 263 50.75 -16.94 -44.69
CA GLU A 263 50.94 -16.41 -46.03
C GLU A 263 51.63 -15.07 -45.95
N ASN A 264 52.67 -14.89 -46.75
CA ASN A 264 53.43 -13.64 -46.75
C ASN A 264 52.55 -12.49 -47.25
N PRO A 265 52.43 -11.40 -46.50
CA PRO A 265 51.68 -10.24 -47.01
C PRO A 265 52.29 -9.63 -48.26
N ASN A 266 53.61 -9.78 -48.46
CA ASN A 266 54.30 -9.16 -49.57
C ASN A 266 54.93 -10.21 -50.46
N VAL A 267 55.21 -9.82 -51.71
CA VAL A 267 55.88 -10.73 -52.62
C VAL A 267 57.37 -10.86 -52.30
N GLU A 268 58.00 -9.80 -51.80
CA GLU A 268 59.43 -9.85 -51.50
C GLU A 268 59.66 -10.72 -50.27
N ALA A 269 60.64 -11.62 -50.38
CA ALA A 269 60.79 -12.71 -49.42
C ALA A 269 61.10 -12.25 -48.00
N LYS A 270 61.70 -11.06 -47.83
CA LYS A 270 62.17 -10.65 -46.52
C LYS A 270 61.30 -9.57 -45.87
N TYR A 271 60.05 -9.43 -46.31
CA TYR A 271 59.14 -8.51 -45.63
C TYR A 271 58.75 -9.04 -44.26
N ASP A 272 58.40 -10.33 -44.19
CA ASP A 272 57.90 -10.97 -42.97
C ASP A 272 59.00 -11.65 -42.16
N GLU A 273 60.18 -11.06 -42.04
CA GLU A 273 61.27 -11.76 -41.36
C GLU A 273 61.04 -11.89 -39.87
N ASN A 274 60.22 -11.02 -39.29
CA ASN A 274 59.84 -11.10 -37.88
C ASN A 274 58.50 -11.77 -37.68
N ALA A 275 57.87 -12.26 -38.76
CA ALA A 275 56.57 -12.88 -38.65
C ALA A 275 56.73 -14.33 -38.23
N ALA A 276 55.83 -14.80 -37.36
CA ALA A 276 55.83 -16.19 -36.95
C ALA A 276 54.47 -16.83 -37.21
N ALA A 277 54.47 -18.16 -37.22
CA ALA A 277 53.21 -18.90 -37.31
C ALA A 277 52.58 -19.08 -35.93
N LEU A 278 53.39 -19.44 -34.94
CA LEU A 278 52.94 -19.54 -33.56
C LEU A 278 53.88 -18.72 -32.70
N SER A 279 53.35 -17.74 -31.99
CA SER A 279 54.11 -16.89 -31.10
C SER A 279 53.67 -17.14 -29.67
N ILE A 280 54.62 -17.35 -28.77
CA ILE A 280 54.34 -17.57 -27.37
C ILE A 280 55.05 -16.50 -26.55
N ASP A 281 54.39 -16.04 -25.48
CA ASP A 281 54.99 -15.14 -24.52
C ASP A 281 54.43 -15.53 -23.16
N ILE A 282 55.30 -15.79 -22.21
CA ILE A 282 54.93 -16.13 -20.84
C ILE A 282 55.23 -14.92 -19.97
N VAL A 283 54.24 -14.49 -19.19
CA VAL A 283 54.36 -13.29 -18.39
C VAL A 283 53.99 -13.63 -16.95
N LYS A 284 54.28 -12.68 -16.07
CA LYS A 284 54.00 -12.78 -14.66
C LYS A 284 52.61 -12.20 -14.39
N LYS A 285 52.20 -12.21 -13.12
CA LYS A 285 50.96 -11.57 -12.76
C LYS A 285 51.06 -10.08 -13.07
N GLN A 286 49.99 -9.55 -13.64
CA GLN A 286 49.94 -8.18 -14.13
C GLN A 286 49.76 -7.14 -13.03
N LYS A 287 50.47 -7.30 -11.91
CA LYS A 287 50.22 -6.48 -10.72
C LYS A 287 51.16 -6.87 -9.58
N GLY A 288 50.66 -7.61 -8.60
CA GLY A 288 51.47 -8.06 -7.49
C GLY A 288 52.43 -9.18 -7.80
N GLY A 289 52.52 -9.61 -9.05
CA GLY A 289 53.34 -10.74 -9.44
C GLY A 289 54.82 -10.66 -9.13
N LYS A 290 55.35 -11.72 -8.55
CA LYS A 290 56.78 -11.86 -8.29
C LYS A 290 57.50 -12.50 -9.48
N GLY A 291 56.85 -13.42 -10.18
CA GLY A 291 57.45 -14.02 -11.36
C GLY A 291 56.56 -15.12 -11.89
N THR A 292 57.16 -16.00 -12.69
CA THR A 292 56.46 -17.16 -13.22
C THR A 292 57.47 -18.26 -13.52
N ALA A 293 57.07 -19.51 -13.26
CA ALA A 293 57.85 -20.69 -13.61
C ALA A 293 57.16 -21.53 -14.68
N ALA A 294 56.34 -20.90 -15.51
CA ALA A 294 55.52 -21.61 -16.47
C ALA A 294 56.36 -22.04 -17.68
N GLN A 295 55.82 -23.01 -18.42
CA GLN A 295 56.48 -23.62 -19.55
C GLN A 295 55.86 -23.15 -20.86
N GLY A 296 56.57 -23.40 -21.95
CA GLY A 296 56.15 -22.94 -23.26
C GLY A 296 55.31 -23.94 -24.03
N ILE A 297 55.93 -25.07 -24.37
CA ILE A 297 55.26 -26.13 -25.13
C ILE A 297 55.39 -27.43 -24.36
N TYR A 298 54.32 -28.22 -24.34
CA TYR A 298 54.30 -29.49 -23.62
C TYR A 298 53.76 -30.53 -24.61
N ILE A 299 54.66 -31.33 -25.16
CA ILE A 299 54.30 -32.44 -26.03
C ILE A 299 54.30 -33.71 -25.20
N ASN A 300 53.33 -34.57 -25.46
CA ASN A 300 53.20 -35.83 -24.75
C ASN A 300 52.30 -36.74 -25.56
N SER A 301 52.31 -38.02 -25.20
CA SER A 301 51.44 -39.02 -25.79
C SER A 301 51.14 -40.00 -24.64
N THR A 302 50.19 -39.60 -23.80
CA THR A 302 49.88 -40.36 -22.58
C THR A 302 49.58 -41.82 -22.86
N SER A 303 49.09 -42.12 -24.07
CA SER A 303 48.89 -43.51 -24.49
C SER A 303 50.10 -44.10 -25.17
N GLY A 304 51.01 -43.27 -25.68
CA GLY A 304 52.22 -43.78 -26.33
C GLY A 304 52.13 -43.81 -27.84
N THR A 305 53.07 -43.13 -28.49
CA THR A 305 53.13 -43.04 -29.94
C THR A 305 54.42 -43.65 -30.48
N ALA A 306 54.41 -43.96 -31.77
CA ALA A 306 55.61 -44.37 -32.49
C ALA A 306 56.11 -43.29 -33.43
N GLY A 307 55.30 -42.29 -33.74
CA GLY A 307 55.71 -41.21 -34.60
C GLY A 307 56.66 -40.25 -33.92
N LYS A 308 57.07 -39.24 -34.68
CA LYS A 308 58.06 -38.27 -34.22
C LYS A 308 57.36 -37.12 -33.50
N MET A 309 57.87 -36.78 -32.31
CA MET A 309 57.23 -35.77 -31.49
C MET A 309 57.35 -34.38 -32.08
N LEU A 310 58.27 -34.18 -33.00
CA LEU A 310 58.46 -32.90 -33.67
C LEU A 310 59.24 -33.17 -34.94
N ARG A 311 58.75 -32.66 -36.07
CA ARG A 311 59.39 -32.92 -37.37
C ARG A 311 59.43 -31.62 -38.15
N ILE A 312 60.60 -31.01 -38.19
CA ILE A 312 60.81 -29.78 -38.92
C ILE A 312 61.14 -30.12 -40.37
N ARG A 313 60.52 -29.40 -41.30
CA ARG A 313 60.76 -29.59 -42.72
C ARG A 313 60.85 -28.24 -43.42
N ASN A 314 61.27 -28.27 -44.68
CA ASN A 314 61.36 -27.08 -45.52
C ASN A 314 61.38 -27.51 -46.97
N LYS A 315 60.45 -26.99 -47.77
CA LYS A 315 60.17 -27.50 -49.11
C LYS A 315 60.06 -29.03 -49.12
N ASN A 316 59.29 -29.55 -48.15
CA ASN A 316 59.00 -30.97 -48.03
C ASN A 316 60.24 -31.80 -47.74
N GLU A 317 61.39 -31.15 -47.60
CA GLU A 317 62.64 -31.84 -47.28
C GLU A 317 62.91 -31.76 -45.78
N ASP A 318 63.16 -32.93 -45.17
CA ASP A 318 63.45 -33.00 -43.75
C ASP A 318 64.66 -32.16 -43.38
N LYS A 319 64.59 -31.51 -42.21
CA LYS A 319 65.73 -30.76 -41.68
C LYS A 319 65.97 -30.95 -40.18
N PHE A 320 64.96 -31.36 -39.40
CA PHE A 320 65.14 -31.59 -37.97
C PHE A 320 63.95 -32.39 -37.47
N TYR A 321 64.20 -33.37 -36.60
CA TYR A 321 63.11 -34.12 -36.00
C TYR A 321 63.56 -34.75 -34.69
N VAL A 322 62.61 -34.87 -33.76
CA VAL A 322 62.78 -35.61 -32.51
C VAL A 322 61.90 -36.85 -32.56
N GLY A 323 62.44 -37.98 -32.10
CA GLY A 323 61.72 -39.23 -32.11
C GLY A 323 61.19 -39.62 -30.74
N PRO A 324 60.44 -40.72 -30.68
CA PRO A 324 59.90 -41.16 -29.38
C PRO A 324 60.98 -41.53 -28.38
N ASP A 325 62.14 -41.99 -28.86
CA ASP A 325 63.26 -42.31 -27.98
C ASP A 325 63.81 -41.07 -27.30
N GLY A 326 63.56 -39.88 -27.87
CA GLY A 326 64.17 -38.66 -27.42
C GLY A 326 65.37 -38.24 -28.23
N GLY A 327 65.79 -39.07 -29.19
CA GLY A 327 66.95 -38.76 -29.99
C GLY A 327 66.62 -37.95 -31.22
N PHE A 328 67.18 -36.75 -31.28
CA PHE A 328 66.93 -35.85 -32.40
C PHE A 328 67.82 -36.21 -33.58
N HIS A 329 67.65 -35.48 -34.68
CA HIS A 329 68.49 -35.68 -35.87
C HIS A 329 68.53 -34.34 -36.59
N SER A 330 69.61 -33.58 -36.39
CA SER A 330 69.72 -32.30 -37.05
C SER A 330 70.03 -32.49 -38.54
N GLY A 331 70.25 -31.38 -39.23
CA GLY A 331 70.35 -31.38 -40.67
C GLY A 331 71.64 -30.76 -41.20
N ALA A 332 72.12 -29.72 -40.52
CA ALA A 332 73.25 -28.96 -41.01
C ALA A 332 74.12 -28.61 -39.80
N ASN A 333 74.95 -27.57 -39.94
CA ASN A 333 75.96 -27.28 -38.94
C ASN A 333 75.31 -26.58 -37.76
N SER A 334 75.68 -27.01 -36.55
CA SER A 334 75.04 -26.46 -35.37
C SER A 334 76.05 -25.77 -34.46
N THR A 335 75.72 -25.66 -33.18
CA THR A 335 76.54 -24.97 -32.19
C THR A 335 75.96 -25.26 -30.81
N VAL A 336 76.86 -25.37 -29.83
CA VAL A 336 76.47 -25.50 -28.42
C VAL A 336 77.39 -24.60 -27.62
N ALA A 337 76.83 -23.56 -27.01
CA ALA A 337 77.59 -22.66 -26.15
C ALA A 337 77.83 -23.32 -24.78
N GLY A 338 78.54 -24.45 -24.82
CA GLY A 338 78.79 -25.22 -23.63
C GLY A 338 79.39 -26.57 -23.97
N ASN A 339 79.29 -27.49 -23.02
CA ASN A 339 79.85 -28.82 -23.13
C ASN A 339 78.73 -29.85 -23.20
N LEU A 340 78.89 -30.86 -24.05
CA LEU A 340 77.86 -31.84 -24.32
C LEU A 340 78.22 -33.18 -23.71
N THR A 341 77.53 -33.54 -22.63
CA THR A 341 77.69 -34.86 -22.01
C THR A 341 77.16 -35.95 -22.94
N VAL A 342 78.02 -36.90 -23.33
CA VAL A 342 77.65 -38.00 -24.19
C VAL A 342 78.16 -39.30 -23.59
N LYS A 343 77.93 -40.41 -24.30
CA LYS A 343 78.41 -41.72 -23.92
C LYS A 343 79.75 -42.01 -24.59
N ASP A 344 80.38 -43.09 -24.16
CA ASP A 344 81.69 -43.45 -24.68
C ASP A 344 81.56 -43.94 -26.12
N PRO A 345 82.41 -43.46 -27.04
CA PRO A 345 82.22 -43.81 -28.46
C PRO A 345 82.50 -45.29 -28.71
N THR A 346 81.44 -46.05 -29.02
CA THR A 346 81.56 -47.47 -29.32
C THR A 346 81.49 -47.77 -30.82
N SER A 347 81.58 -46.76 -31.67
CA SER A 347 81.67 -47.00 -33.11
C SER A 347 82.23 -45.75 -33.78
N GLY A 348 82.93 -45.96 -34.89
CA GLY A 348 83.78 -44.97 -35.54
C GLY A 348 83.28 -43.53 -35.63
N LYS A 349 81.97 -43.33 -35.55
CA LYS A 349 81.39 -41.99 -35.65
C LYS A 349 80.91 -41.42 -34.32
N HIS A 350 80.36 -42.25 -33.43
CA HIS A 350 79.90 -41.79 -32.12
C HIS A 350 80.86 -40.78 -31.49
N ALA A 351 80.29 -39.64 -31.12
CA ALA A 351 80.97 -38.60 -30.33
C ALA A 351 82.00 -39.19 -29.38
N ALA A 352 83.18 -38.55 -29.31
CA ALA A 352 84.24 -38.97 -28.42
C ALA A 352 84.16 -38.25 -27.09
N THR A 353 84.16 -39.02 -26.00
CA THR A 353 84.15 -38.43 -24.67
C THR A 353 85.54 -37.87 -24.33
N LYS A 354 85.81 -37.74 -23.03
CA LYS A 354 87.17 -37.48 -22.56
C LYS A 354 87.83 -38.73 -22.02
N ASP A 355 87.04 -39.61 -21.38
CA ASP A 355 87.56 -40.89 -20.91
C ASP A 355 87.93 -41.83 -22.05
N TYR A 356 87.69 -41.44 -23.29
CA TYR A 356 88.25 -42.11 -24.46
C TYR A 356 89.54 -41.47 -24.94
N VAL A 357 89.53 -40.15 -25.14
CA VAL A 357 90.73 -39.45 -25.61
C VAL A 357 91.87 -39.62 -24.63
N ASP A 358 91.59 -39.55 -23.34
CA ASP A 358 92.62 -39.76 -22.33
C ASP A 358 93.15 -41.19 -22.36
N GLU A 359 92.26 -42.17 -22.18
CA GLU A 359 92.67 -43.57 -22.06
C GLU A 359 93.52 -44.00 -23.25
N LYS A 360 93.18 -43.54 -24.46
CA LYS A 360 93.97 -43.91 -25.63
C LYS A 360 95.22 -43.05 -25.79
N ILE A 361 95.36 -41.98 -25.01
CA ILE A 361 96.61 -41.22 -25.00
C ILE A 361 97.61 -41.86 -24.04
N ALA A 362 97.12 -42.38 -22.92
CA ALA A 362 98.00 -42.99 -21.92
C ALA A 362 98.23 -44.48 -22.16
N GLU A 363 97.28 -45.18 -22.77
CA GLU A 363 97.46 -46.61 -23.01
C GLU A 363 98.66 -46.90 -23.91
N LEU A 364 99.12 -45.92 -24.68
CA LEU A 364 100.37 -46.06 -25.43
C LEU A 364 101.55 -45.72 -24.52
N LYS A 365 101.62 -46.44 -23.40
CA LYS A 365 102.72 -46.29 -22.47
C LYS A 365 104.02 -46.70 -23.16
N LYS A 366 104.32 -46.03 -24.28
CA LYS A 366 105.23 -46.48 -25.34
C LYS A 366 105.15 -47.98 -25.59
N LEU A 367 105.25 -48.80 -24.55
CA LEU A 367 105.12 -50.24 -24.67
C LEU A 367 103.70 -50.64 -25.09
N PRO B 6 -177.68 41.25 0.99
CA PRO B 6 -176.28 41.14 1.40
C PRO B 6 -175.98 39.81 2.09
N LEU B 7 -176.28 38.71 1.41
CA LEU B 7 -176.15 37.38 2.01
C LEU B 7 -174.68 37.04 2.20
N ARG B 8 -174.20 37.22 3.42
CA ARG B 8 -172.81 36.94 3.77
C ARG B 8 -172.57 35.44 3.80
N VAL B 9 -171.79 34.94 2.85
CA VAL B 9 -171.58 33.51 2.66
C VAL B 9 -170.28 33.12 3.34
N GLN B 10 -170.32 32.06 4.15
CA GLN B 10 -169.13 31.46 4.72
C GLN B 10 -168.80 30.18 3.97
N PHE B 11 -167.51 29.83 3.95
CA PHE B 11 -167.04 28.70 3.17
C PHE B 11 -166.53 27.58 4.06
N LYS B 12 -166.32 26.42 3.44
CA LYS B 12 -165.78 25.27 4.16
C LYS B 12 -164.31 25.48 4.48
N ARG B 13 -163.94 25.15 5.72
CA ARG B 13 -162.63 25.54 6.25
C ARG B 13 -162.22 24.55 7.32
N MET B 14 -160.93 24.21 7.34
CA MET B 14 -160.35 23.37 8.38
C MET B 14 -158.94 23.83 8.68
N SER B 15 -158.34 23.22 9.70
CA SER B 15 -156.91 23.39 9.91
C SER B 15 -156.15 22.63 8.81
N ALA B 16 -154.87 22.95 8.66
CA ALA B 16 -154.07 22.34 7.60
C ALA B 16 -154.02 20.82 7.73
N ASP B 17 -154.00 20.29 8.96
CA ASP B 17 -154.00 18.85 9.15
C ASP B 17 -155.39 18.24 8.98
N GLU B 18 -156.40 18.88 9.57
CA GLU B 18 -157.76 18.35 9.52
C GLU B 18 -158.25 18.14 8.10
N TRP B 19 -157.75 18.92 7.14
CA TRP B 19 -158.14 18.71 5.75
C TRP B 19 -157.66 17.36 5.23
N ALA B 20 -156.40 17.01 5.50
CA ALA B 20 -155.83 15.78 4.97
C ALA B 20 -156.58 14.54 5.46
N ARG B 21 -157.10 14.57 6.68
CA ARG B 21 -157.80 13.42 7.24
C ARG B 21 -159.32 13.52 7.15
N SER B 22 -159.84 14.52 6.45
CA SER B 22 -161.28 14.71 6.35
C SER B 22 -161.79 14.19 5.01
N ASP B 23 -163.02 13.66 5.04
CA ASP B 23 -163.64 13.05 3.87
C ASP B 23 -164.54 14.03 3.13
N VAL B 24 -164.50 15.32 3.48
CA VAL B 24 -165.42 16.27 2.88
C VAL B 24 -165.12 16.39 1.39
N ILE B 25 -166.16 16.29 0.58
CA ILE B 25 -166.05 16.34 -0.87
C ILE B 25 -166.58 17.69 -1.31
N LEU B 26 -165.69 18.52 -1.83
CA LEU B 26 -166.10 19.81 -2.37
C LEU B 26 -166.77 19.61 -3.71
N LEU B 27 -167.81 20.40 -3.97
CA LEU B 27 -168.54 20.29 -5.22
C LEU B 27 -167.72 20.91 -6.35
N GLU B 28 -168.11 20.59 -7.59
CA GLU B 28 -167.39 21.08 -8.76
C GLU B 28 -167.43 22.61 -8.77
N GLY B 29 -166.38 23.25 -8.26
CA GLY B 29 -166.30 24.69 -8.19
C GLY B 29 -166.32 25.27 -6.79
N GLU B 30 -166.60 24.47 -5.75
CA GLU B 30 -166.66 25.02 -4.40
C GLU B 30 -165.26 25.12 -3.81
N ILE B 31 -165.04 26.20 -3.05
CA ILE B 31 -163.72 26.55 -2.54
C ILE B 31 -163.49 25.94 -1.16
N GLY B 32 -162.26 25.55 -0.91
CA GLY B 32 -161.87 25.03 0.39
C GLY B 32 -160.68 25.80 0.95
N PHE B 33 -160.70 26.00 2.26
CA PHE B 33 -159.73 26.88 2.92
C PHE B 33 -158.85 26.10 3.89
N GLU B 34 -157.63 26.60 4.05
CA GLU B 34 -156.73 26.14 5.11
C GLU B 34 -156.62 27.29 6.11
N THR B 35 -157.27 27.14 7.26
CA THR B 35 -157.25 28.18 8.27
C THR B 35 -155.83 28.42 8.79
N ASP B 36 -154.90 27.52 8.49
CA ASP B 36 -153.49 27.67 8.81
C ASP B 36 -152.86 28.45 7.66
N THR B 37 -151.84 27.87 7.01
CA THR B 37 -151.15 28.40 5.83
C THR B 37 -151.92 29.40 4.96
N GLY B 38 -153.24 29.43 5.05
CA GLY B 38 -154.01 30.27 4.15
C GLY B 38 -154.14 29.74 2.74
N PHE B 39 -153.68 28.52 2.47
CA PHE B 39 -153.74 27.94 1.15
C PHE B 39 -155.18 27.58 0.79
N ALA B 40 -155.41 27.27 -0.49
CA ALA B 40 -156.76 26.90 -0.89
C ALA B 40 -156.72 26.09 -2.18
N LYS B 41 -157.75 25.26 -2.35
CA LYS B 41 -157.99 24.54 -3.60
C LYS B 41 -159.47 24.63 -3.93
N PHE B 42 -159.79 24.32 -5.18
CA PHE B 42 -161.17 24.27 -5.62
C PHE B 42 -161.66 22.82 -5.58
N GLY B 43 -162.82 22.56 -6.19
CA GLY B 43 -163.43 21.25 -6.08
C GLY B 43 -163.63 20.45 -7.35
N ASP B 44 -163.70 19.13 -7.19
CA ASP B 44 -163.93 18.20 -8.28
C ASP B 44 -165.25 17.44 -8.16
N GLY B 45 -166.11 17.81 -7.21
CA GLY B 45 -167.22 16.98 -6.76
C GLY B 45 -167.12 15.52 -7.14
N GLN B 46 -166.05 14.89 -6.65
CA GLN B 46 -165.71 13.48 -6.87
C GLN B 46 -164.29 13.23 -6.40
N ASN B 47 -163.86 13.89 -5.32
CA ASN B 47 -162.48 13.74 -4.86
C ASN B 47 -162.32 14.35 -3.47
N THR B 48 -161.48 13.72 -2.66
CA THR B 48 -161.10 14.25 -1.35
C THR B 48 -160.19 15.47 -1.54
N PHE B 49 -160.00 16.23 -0.45
CA PHE B 49 -159.17 17.43 -0.54
C PHE B 49 -157.75 17.11 -0.94
N SER B 50 -157.23 15.95 -0.55
CA SER B 50 -155.83 15.63 -0.81
C SER B 50 -155.53 15.57 -2.30
N LYS B 51 -156.53 15.24 -3.11
CA LYS B 51 -156.35 14.89 -4.51
C LYS B 51 -156.88 15.96 -5.46
N LEU B 52 -156.80 17.25 -5.09
CA LEU B 52 -157.48 18.29 -5.85
C LEU B 52 -156.57 19.37 -6.43
N LYS B 53 -155.25 19.19 -6.39
CA LYS B 53 -154.27 20.15 -6.86
C LYS B 53 -154.35 21.46 -6.07
N TYR B 54 -153.23 21.91 -5.53
CA TYR B 54 -153.14 23.23 -4.93
C TYR B 54 -153.14 24.30 -6.02
N LEU B 55 -153.12 25.55 -5.59
CA LEU B 55 -152.98 26.66 -6.54
C LEU B 55 -151.53 27.13 -6.44
N THR B 56 -150.65 26.31 -7.03
CA THR B 56 -149.24 26.59 -6.95
C THR B 56 -148.89 27.84 -7.75
N GLY B 57 -147.65 28.29 -7.60
CA GLY B 57 -147.14 29.35 -8.43
C GLY B 57 -146.46 28.81 -9.66
N PRO B 58 -145.90 29.69 -10.48
CA PRO B 58 -145.19 29.24 -11.67
C PRO B 58 -143.83 28.67 -11.29
N LYS B 59 -143.15 28.12 -12.29
CA LYS B 59 -141.84 27.55 -12.04
C LYS B 59 -140.79 28.65 -12.02
N GLY B 60 -139.76 28.45 -11.20
CA GLY B 60 -138.68 29.41 -11.09
C GLY B 60 -137.90 29.47 -12.39
N PRO B 61 -136.98 30.42 -12.50
CA PRO B 61 -136.21 30.54 -13.73
C PRO B 61 -135.06 29.54 -13.76
N LYS B 62 -134.53 29.36 -14.97
CA LYS B 62 -133.48 28.37 -15.18
C LYS B 62 -132.16 28.83 -14.57
N GLY B 63 -131.47 27.90 -13.94
CA GLY B 63 -130.21 28.20 -13.28
C GLY B 63 -129.14 28.70 -14.24
N ASP B 64 -128.09 29.27 -13.65
CA ASP B 64 -127.00 29.83 -14.43
C ASP B 64 -126.30 28.74 -15.23
N THR B 65 -125.76 29.14 -16.38
CA THR B 65 -124.96 28.24 -17.20
C THR B 65 -123.68 27.86 -16.45
N GLY B 66 -123.22 26.64 -16.69
CA GLY B 66 -122.06 26.12 -15.99
C GLY B 66 -120.80 26.91 -16.33
N LEU B 67 -119.73 26.56 -15.62
CA LEU B 67 -118.44 27.24 -15.78
C LEU B 67 -117.81 26.90 -17.13
N GLN B 68 -116.49 26.73 -17.16
CA GLN B 68 -115.80 26.42 -18.40
C GLN B 68 -114.77 25.33 -18.10
N GLY B 69 -114.67 24.37 -19.01
CA GLY B 69 -113.81 23.22 -18.74
C GLY B 69 -112.35 23.63 -18.58
N LYS B 70 -111.63 22.82 -17.82
CA LYS B 70 -110.21 23.05 -17.60
C LYS B 70 -109.43 22.89 -18.90
N THR B 71 -108.40 23.71 -19.08
CA THR B 71 -107.63 23.71 -20.32
C THR B 71 -106.96 22.37 -20.55
N GLY B 72 -106.78 22.03 -21.82
CA GLY B 72 -106.23 20.74 -22.19
C GLY B 72 -104.77 20.61 -21.81
N GLY B 73 -104.32 19.36 -21.76
CA GLY B 73 -102.93 19.10 -21.42
C GLY B 73 -101.99 19.59 -22.52
N THR B 74 -100.76 19.92 -22.10
CA THR B 74 -99.76 20.35 -23.06
C THR B 74 -99.46 19.23 -24.06
N GLY B 75 -99.12 19.63 -25.28
CA GLY B 75 -98.99 18.69 -26.36
C GLY B 75 -97.72 17.87 -26.23
N PRO B 76 -97.54 16.93 -27.16
CA PRO B 76 -96.34 16.09 -27.16
C PRO B 76 -95.19 16.72 -27.94
N ARG B 77 -93.98 16.36 -27.53
CA ARG B 77 -92.77 16.85 -28.18
C ARG B 77 -92.69 16.33 -29.61
N GLY B 78 -92.39 17.23 -30.55
CA GLY B 78 -92.19 16.86 -31.94
C GLY B 78 -91.02 15.91 -32.09
N PRO B 79 -90.87 15.30 -33.25
CA PRO B 79 -89.76 14.36 -33.44
C PRO B 79 -88.42 15.08 -33.45
N ALA B 80 -87.37 14.30 -33.21
CA ALA B 80 -86.03 14.85 -33.14
C ALA B 80 -85.56 15.26 -34.53
N GLY B 81 -84.69 16.26 -34.59
CA GLY B 81 -84.20 16.72 -35.87
C GLY B 81 -83.35 15.69 -36.58
N LYS B 82 -83.41 15.75 -37.91
CA LYS B 82 -82.62 14.90 -38.77
C LYS B 82 -81.15 15.32 -38.70
N PRO B 83 -80.22 14.42 -38.99
CA PRO B 83 -78.81 14.78 -38.86
C PRO B 83 -78.42 15.79 -39.94
N GLY B 84 -77.31 16.47 -39.71
CA GLY B 84 -76.87 17.48 -40.64
C GLY B 84 -76.56 16.95 -42.02
N THR B 85 -75.30 16.67 -42.30
CA THR B 85 -74.88 16.12 -43.58
C THR B 85 -74.49 14.66 -43.43
N THR B 86 -74.65 13.90 -44.50
CA THR B 86 -74.32 12.47 -44.51
C THR B 86 -73.15 12.17 -45.42
N ASP B 87 -72.60 13.18 -46.08
CA ASP B 87 -71.39 13.05 -46.88
C ASP B 87 -70.23 13.60 -46.06
N TYR B 88 -69.14 12.83 -45.97
CA TYR B 88 -67.96 13.28 -45.24
C TYR B 88 -67.44 14.61 -45.78
N ASP B 89 -67.39 14.75 -47.10
CA ASP B 89 -66.69 15.88 -47.73
C ASP B 89 -67.21 17.23 -47.27
N GLN B 90 -68.51 17.34 -46.99
CA GLN B 90 -69.10 18.64 -46.68
C GLN B 90 -68.96 19.05 -45.22
N LEU B 91 -68.41 18.20 -44.35
CA LEU B 91 -68.25 18.56 -42.96
C LEU B 91 -67.31 19.74 -42.79
N GLN B 92 -67.39 20.38 -41.62
CA GLN B 92 -66.50 21.46 -41.25
C GLN B 92 -65.40 20.95 -40.32
N ASN B 93 -64.32 21.72 -40.22
CA ASN B 93 -63.16 21.37 -39.41
C ASN B 93 -62.64 19.97 -39.75
N LYS B 94 -62.65 19.65 -41.03
CA LYS B 94 -62.13 18.35 -41.47
C LYS B 94 -60.65 18.25 -41.10
N PRO B 95 -60.21 17.12 -40.57
CA PRO B 95 -58.82 17.00 -40.11
C PRO B 95 -57.83 16.90 -41.26
N ASP B 96 -56.67 17.51 -41.06
CA ASP B 96 -55.58 17.43 -42.03
C ASP B 96 -54.93 16.06 -41.90
N LEU B 97 -55.11 15.22 -42.91
CA LEU B 97 -54.50 13.89 -42.90
C LEU B 97 -53.06 13.90 -43.37
N GLY B 98 -52.61 14.98 -44.00
CA GLY B 98 -51.23 15.04 -44.45
C GLY B 98 -50.22 14.83 -43.33
N ALA B 99 -50.55 15.30 -42.13
CA ALA B 99 -49.66 15.20 -40.97
C ALA B 99 -49.60 13.79 -40.39
N PHE B 100 -50.03 12.77 -41.13
CA PHE B 100 -50.00 11.39 -40.69
C PHE B 100 -49.08 10.58 -41.60
N ALA B 101 -48.25 9.74 -41.00
CA ALA B 101 -47.30 8.94 -41.77
C ALA B 101 -48.02 7.82 -42.49
N GLN B 102 -47.72 7.65 -43.77
CA GLN B 102 -48.27 6.54 -44.54
C GLN B 102 -47.70 5.22 -44.03
N LYS B 103 -48.53 4.18 -44.06
CA LYS B 103 -48.11 2.91 -43.47
C LYS B 103 -47.05 2.21 -44.31
N GLU B 104 -47.37 1.89 -45.58
CA GLU B 104 -46.45 1.10 -46.38
C GLU B 104 -45.16 1.86 -46.66
N GLU B 105 -45.28 3.16 -46.98
CA GLU B 105 -44.10 3.97 -47.24
C GLU B 105 -43.17 4.01 -46.02
N THR B 106 -43.74 3.99 -44.81
CA THR B 106 -42.92 4.07 -43.60
C THR B 106 -42.29 2.73 -43.28
N ASN B 107 -43.10 1.66 -43.25
CA ASN B 107 -42.57 0.33 -42.96
C ASN B 107 -41.52 -0.10 -43.97
N SER B 108 -41.56 0.46 -45.18
CA SER B 108 -40.50 0.22 -46.15
C SER B 108 -39.25 1.01 -45.80
N LYS B 109 -39.43 2.27 -45.38
CA LYS B 109 -38.30 3.07 -44.92
C LYS B 109 -37.56 2.39 -43.78
N ILE B 110 -38.32 1.83 -42.83
CA ILE B 110 -37.72 1.18 -41.67
C ILE B 110 -37.05 -0.14 -42.08
N THR B 111 -37.70 -0.89 -42.98
CA THR B 111 -37.15 -2.17 -43.42
C THR B 111 -35.79 -1.99 -44.10
N LYS B 112 -35.67 -0.97 -44.96
CA LYS B 112 -34.38 -0.70 -45.59
C LYS B 112 -33.30 -0.42 -44.57
N LEU B 113 -33.67 0.10 -43.39
CA LEU B 113 -32.69 0.33 -42.34
C LEU B 113 -32.27 -0.98 -41.68
N GLU B 114 -33.25 -1.85 -41.39
CA GLU B 114 -32.93 -3.13 -40.76
C GLU B 114 -32.04 -3.99 -41.64
N SER B 115 -32.10 -3.79 -42.95
CA SER B 115 -31.27 -4.55 -43.88
C SER B 115 -29.95 -3.85 -44.19
N SER B 116 -29.90 -2.52 -44.08
CA SER B 116 -28.71 -1.77 -44.46
C SER B 116 -27.77 -1.49 -43.29
N LYS B 117 -28.18 -1.75 -42.05
CA LYS B 117 -27.36 -1.43 -40.90
C LYS B 117 -26.93 -2.70 -40.17
N ALA B 118 -25.83 -2.57 -39.44
CA ALA B 118 -25.08 -3.68 -38.88
C ALA B 118 -25.47 -3.90 -37.42
N ASP B 119 -26.33 -4.89 -37.18
CA ASP B 119 -26.65 -5.28 -35.80
C ASP B 119 -25.41 -5.32 -34.94
N LYS B 120 -25.57 -4.94 -33.67
CA LYS B 120 -24.44 -4.93 -32.74
C LYS B 120 -23.88 -6.34 -32.56
N SER B 121 -24.74 -7.35 -32.56
CA SER B 121 -24.32 -8.72 -32.27
C SER B 121 -23.49 -9.33 -33.39
N ALA B 122 -23.18 -8.59 -34.46
CA ALA B 122 -22.40 -9.13 -35.57
C ALA B 122 -21.19 -8.26 -35.89
N VAL B 123 -20.74 -7.44 -34.95
CA VAL B 123 -19.60 -6.55 -35.17
C VAL B 123 -18.86 -6.37 -33.86
N TYR B 124 -17.53 -6.38 -33.91
CA TYR B 124 -16.73 -6.04 -32.75
C TYR B 124 -16.80 -4.54 -32.50
N SER B 125 -17.04 -4.15 -31.26
CA SER B 125 -17.04 -2.75 -30.91
C SER B 125 -15.62 -2.18 -31.04
N LYS B 126 -15.49 -0.86 -30.84
CA LYS B 126 -14.16 -0.28 -30.80
C LYS B 126 -13.35 -0.87 -29.67
N ALA B 127 -13.94 -0.99 -28.48
CA ALA B 127 -13.26 -1.58 -27.34
C ALA B 127 -13.14 -3.09 -27.46
N GLU B 128 -14.11 -3.75 -28.09
CA GLU B 128 -13.99 -5.17 -28.35
C GLU B 128 -12.86 -5.44 -29.35
N SER B 129 -12.82 -4.67 -30.43
CA SER B 129 -11.70 -4.75 -31.37
C SER B 129 -10.38 -4.37 -30.71
N LYS B 130 -10.40 -3.36 -29.84
CA LYS B 130 -9.16 -2.88 -29.23
C LYS B 130 -8.48 -3.95 -28.39
N ILE B 131 -9.23 -4.65 -27.54
CA ILE B 131 -8.61 -5.63 -26.66
C ILE B 131 -7.91 -6.72 -27.47
N GLU B 132 -8.46 -7.08 -28.63
CA GLU B 132 -7.81 -8.07 -29.48
C GLU B 132 -6.64 -7.47 -30.26
N LEU B 133 -6.65 -6.16 -30.49
CA LEU B 133 -5.54 -5.52 -31.19
C LEU B 133 -4.30 -5.45 -30.30
N ASP B 134 -4.48 -5.07 -29.03
CA ASP B 134 -3.35 -4.95 -28.12
C ASP B 134 -2.72 -6.29 -27.76
N LYS B 135 -3.43 -7.40 -27.99
CA LYS B 135 -2.87 -8.74 -27.82
C LYS B 135 -1.95 -9.18 -28.95
N LYS B 136 -1.71 -8.32 -29.94
CA LYS B 136 -0.88 -8.68 -31.09
C LYS B 136 0.37 -7.81 -31.10
N LEU B 137 1.37 -8.26 -31.85
CA LEU B 137 2.64 -7.55 -31.93
C LEU B 137 2.52 -6.27 -32.73
N SER B 138 3.12 -5.20 -32.22
CA SER B 138 3.19 -3.91 -32.89
C SER B 138 4.60 -3.69 -33.42
N LEU B 139 4.73 -2.74 -34.35
CA LEU B 139 6.03 -2.44 -34.93
C LEU B 139 6.87 -1.50 -34.06
N THR B 140 6.27 -0.88 -33.05
CA THR B 140 6.98 0.01 -32.13
C THR B 140 7.56 -0.71 -30.92
N GLY B 141 7.27 -1.99 -30.74
CA GLY B 141 7.78 -2.72 -29.60
C GLY B 141 6.78 -3.75 -29.13
N GLY B 142 7.19 -4.50 -28.11
CA GLY B 142 6.32 -5.51 -27.54
C GLY B 142 7.10 -6.44 -26.63
N ILE B 143 6.35 -7.37 -26.05
CA ILE B 143 6.89 -8.33 -25.09
C ILE B 143 6.27 -9.69 -25.41
N VAL B 144 7.07 -10.58 -25.99
CA VAL B 144 6.59 -11.91 -26.37
C VAL B 144 6.75 -12.84 -25.17
N THR B 145 5.66 -13.50 -24.79
CA THR B 145 5.68 -14.45 -23.68
C THR B 145 5.74 -15.90 -24.13
N GLY B 146 5.34 -16.19 -25.37
CA GLY B 146 5.35 -17.52 -25.90
C GLY B 146 6.53 -17.78 -26.81
N GLN B 147 6.43 -18.84 -27.60
CA GLN B 147 7.48 -19.23 -28.52
C GLN B 147 7.14 -18.72 -29.92
N LEU B 148 8.03 -17.89 -30.47
CA LEU B 148 7.86 -17.36 -31.81
C LEU B 148 8.63 -18.28 -32.76
N GLN B 149 7.92 -19.21 -33.39
CA GLN B 149 8.55 -20.13 -34.32
C GLN B 149 8.67 -19.51 -35.70
N PHE B 150 9.70 -19.92 -36.42
CA PHE B 150 9.86 -19.60 -37.84
C PHE B 150 9.83 -20.90 -38.61
N LYS B 151 8.96 -20.95 -39.63
CA LYS B 151 8.81 -22.13 -40.48
C LYS B 151 8.58 -21.67 -41.92
N PRO B 152 9.55 -20.97 -42.51
CA PRO B 152 9.36 -20.48 -43.87
C PRO B 152 9.23 -21.64 -44.86
N ASN B 153 8.48 -21.40 -45.92
CA ASN B 153 8.20 -22.44 -46.90
C ASN B 153 7.77 -21.74 -48.19
N LYS B 154 8.62 -21.84 -49.21
CA LYS B 154 8.40 -21.15 -50.49
C LYS B 154 8.10 -19.66 -50.29
N SER B 155 8.69 -19.08 -49.25
CA SER B 155 8.49 -17.68 -48.89
C SER B 155 9.55 -16.75 -49.45
N GLY B 156 10.42 -17.25 -50.33
CA GLY B 156 11.44 -16.42 -50.93
C GLY B 156 12.45 -15.84 -49.95
N ILE B 157 13.05 -16.69 -49.11
CA ILE B 157 14.09 -16.25 -48.20
C ILE B 157 15.40 -16.17 -48.98
N LYS B 158 15.99 -15.01 -49.02
CA LYS B 158 17.18 -14.96 -49.84
C LYS B 158 18.42 -15.28 -48.99
N PRO B 159 19.46 -15.83 -49.60
CA PRO B 159 20.66 -16.20 -48.84
C PRO B 159 21.68 -15.08 -48.67
N SER B 160 21.33 -13.87 -49.12
CA SER B 160 22.25 -12.75 -49.09
C SER B 160 22.77 -12.49 -47.68
N SER B 161 24.06 -12.22 -47.57
CA SER B 161 24.66 -11.82 -46.31
C SER B 161 24.37 -10.36 -45.98
N SER B 162 23.46 -9.73 -46.71
CA SER B 162 23.15 -8.31 -46.57
C SER B 162 21.67 -8.04 -46.34
N VAL B 163 20.78 -8.81 -46.96
CA VAL B 163 19.35 -8.60 -46.80
C VAL B 163 18.58 -9.85 -46.43
N GLY B 164 19.07 -11.04 -46.73
CA GLY B 164 18.26 -12.24 -46.58
C GLY B 164 18.06 -12.72 -45.16
N GLY B 165 17.64 -13.99 -45.04
CA GLY B 165 17.36 -14.57 -43.73
C GLY B 165 15.92 -14.39 -43.32
N ALA B 166 15.35 -15.39 -42.65
CA ALA B 166 13.99 -15.24 -42.12
C ALA B 166 13.92 -14.04 -41.17
N ILE B 167 14.98 -13.84 -40.39
CA ILE B 167 15.20 -12.59 -39.66
C ILE B 167 16.40 -11.89 -40.29
N ASN B 168 16.28 -10.59 -40.48
CA ASN B 168 17.39 -9.76 -40.93
C ASN B 168 17.40 -8.51 -40.05
N ILE B 169 18.51 -8.29 -39.35
CA ILE B 169 18.69 -7.10 -38.53
C ILE B 169 19.69 -6.19 -39.23
N ASP B 170 19.28 -4.95 -39.44
CA ASP B 170 20.12 -3.94 -40.09
C ASP B 170 20.21 -2.75 -39.15
N MET B 171 21.40 -2.53 -38.60
CA MET B 171 21.64 -1.43 -37.67
C MET B 171 22.46 -0.31 -38.30
N SER B 172 22.47 -0.24 -39.64
CA SER B 172 23.25 0.78 -40.34
C SER B 172 22.76 2.19 -40.05
N LYS B 173 21.56 2.34 -39.48
CA LYS B 173 21.01 3.66 -39.19
C LYS B 173 20.66 3.81 -37.72
N SER B 174 21.18 2.94 -36.87
CA SER B 174 20.84 2.96 -35.45
C SER B 174 22.05 2.49 -34.64
N GLU B 175 22.44 3.30 -33.66
CA GLU B 175 23.40 2.87 -32.66
C GLU B 175 22.86 1.69 -31.86
N GLY B 176 23.77 0.95 -31.25
CA GLY B 176 23.41 -0.15 -30.39
C GLY B 176 23.69 -1.49 -31.03
N ALA B 177 23.26 -2.54 -30.34
CA ALA B 177 23.54 -3.91 -30.74
C ALA B 177 22.38 -4.50 -31.53
N ALA B 178 22.71 -5.51 -32.34
CA ALA B 178 21.69 -6.21 -33.12
C ALA B 178 20.86 -7.14 -32.25
N MET B 179 21.52 -7.98 -31.47
CA MET B 179 20.82 -8.96 -30.65
C MET B 179 21.58 -9.16 -29.34
N VAL B 180 20.83 -9.39 -28.27
CA VAL B 180 21.39 -9.72 -26.96
C VAL B 180 20.63 -10.92 -26.42
N MET B 181 21.35 -11.91 -25.90
CA MET B 181 20.77 -13.08 -25.25
C MET B 181 21.29 -13.15 -23.82
N TYR B 182 20.40 -12.91 -22.85
CA TYR B 182 20.78 -12.85 -21.45
C TYR B 182 20.08 -13.94 -20.67
N THR B 183 20.81 -14.51 -19.70
CA THR B 183 20.24 -15.44 -18.72
C THR B 183 20.93 -15.19 -17.39
N ASN B 184 20.14 -15.03 -16.34
CA ASN B 184 20.66 -14.88 -14.97
C ASN B 184 20.32 -16.09 -14.11
N LYS B 185 20.00 -17.21 -14.74
CA LYS B 185 19.55 -18.39 -14.01
C LYS B 185 20.71 -19.14 -13.40
N ASP B 186 20.47 -19.72 -12.22
CA ASP B 186 21.49 -20.53 -11.56
C ASP B 186 21.79 -21.79 -12.37
N THR B 187 20.77 -22.41 -12.95
CA THR B 187 20.97 -23.56 -13.81
C THR B 187 19.79 -23.70 -14.76
N THR B 188 20.03 -24.45 -15.84
CA THR B 188 19.00 -24.76 -16.81
C THR B 188 19.31 -26.12 -17.41
N ASP B 189 18.59 -26.48 -18.47
CA ASP B 189 18.75 -27.78 -19.11
C ASP B 189 19.23 -27.65 -20.56
N GLY B 190 19.77 -26.51 -20.93
CA GLY B 190 20.27 -26.29 -22.28
C GLY B 190 20.98 -24.97 -22.42
N PRO B 191 21.73 -24.81 -23.52
CA PRO B 191 22.47 -23.56 -23.74
C PRO B 191 21.56 -22.39 -24.10
N LEU B 192 22.16 -21.32 -24.63
CA LEU B 192 21.40 -20.18 -25.11
C LEU B 192 21.12 -20.34 -26.60
N MET B 193 22.10 -20.02 -27.43
CA MET B 193 21.98 -20.17 -28.86
C MET B 193 22.40 -21.58 -29.26
N ILE B 194 21.73 -22.11 -30.28
CA ILE B 194 21.97 -23.46 -30.76
C ILE B 194 21.90 -23.47 -32.28
N LEU B 195 22.96 -23.99 -32.91
CA LEU B 195 22.99 -24.24 -34.34
C LEU B 195 23.15 -25.73 -34.58
N ARG B 196 22.42 -26.26 -35.56
CA ARG B 196 22.41 -27.70 -35.81
C ARG B 196 22.10 -27.98 -37.28
N SER B 197 22.91 -28.83 -37.88
CA SER B 197 22.64 -29.38 -39.21
C SER B 197 22.59 -30.90 -39.08
N ASP B 198 21.55 -31.50 -39.67
CA ASP B 198 21.33 -32.94 -39.50
C ASP B 198 21.62 -33.78 -40.73
N LYS B 199 21.66 -33.18 -41.92
CA LYS B 199 21.96 -33.91 -43.14
C LYS B 199 23.45 -33.82 -43.43
N ASP B 200 24.14 -34.95 -43.42
CA ASP B 200 25.58 -34.93 -43.67
C ASP B 200 25.92 -34.61 -45.13
N THR B 201 24.92 -34.30 -45.96
CA THR B 201 25.15 -33.78 -47.30
C THR B 201 25.08 -32.25 -47.33
N PHE B 202 24.93 -31.61 -46.18
CA PHE B 202 24.71 -30.17 -46.09
C PHE B 202 25.95 -29.43 -46.57
N ASP B 203 25.82 -28.73 -47.69
CA ASP B 203 26.95 -28.09 -48.36
C ASP B 203 27.17 -26.64 -47.94
N GLN B 204 26.83 -26.28 -46.70
CA GLN B 204 27.00 -24.90 -46.25
C GLN B 204 27.42 -24.88 -44.79
N SER B 205 27.85 -23.70 -44.35
CA SER B 205 28.32 -23.49 -42.99
C SER B 205 27.14 -23.34 -42.02
N ALA B 206 27.46 -23.41 -40.73
CA ALA B 206 26.47 -23.13 -39.70
C ALA B 206 26.47 -21.65 -39.33
N GLN B 207 27.66 -21.07 -39.12
CA GLN B 207 27.81 -19.67 -38.79
C GLN B 207 28.87 -19.05 -39.69
N PHE B 208 28.64 -17.80 -40.08
CA PHE B 208 29.53 -17.09 -40.99
C PHE B 208 29.69 -15.67 -40.47
N VAL B 209 30.95 -15.22 -40.34
CA VAL B 209 31.26 -13.89 -39.81
C VAL B 209 32.18 -13.20 -40.81
N ASP B 210 31.65 -12.21 -41.52
CA ASP B 210 32.40 -11.42 -42.50
C ASP B 210 32.67 -10.05 -41.88
N TYR B 211 33.74 -9.97 -41.08
CA TYR B 211 34.03 -8.77 -40.32
C TYR B 211 34.94 -7.84 -41.11
N SER B 212 34.60 -6.55 -41.12
CA SER B 212 35.50 -5.48 -41.55
C SER B 212 35.47 -4.40 -40.49
N GLY B 213 36.63 -4.04 -39.96
CA GLY B 213 36.68 -3.08 -38.88
C GLY B 213 38.07 -2.83 -38.36
N LYS B 214 38.16 -2.39 -37.09
CA LYS B 214 39.41 -1.94 -36.50
C LYS B 214 39.66 -2.59 -35.13
N THR B 215 39.02 -3.71 -34.83
CA THR B 215 39.23 -4.37 -33.55
C THR B 215 38.88 -5.86 -33.70
N ASN B 216 38.82 -6.56 -32.57
CA ASN B 216 38.58 -7.99 -32.57
C ASN B 216 37.20 -8.32 -33.13
N ALA B 217 37.17 -9.21 -34.13
CA ALA B 217 35.92 -9.59 -34.76
C ALA B 217 35.02 -10.33 -33.77
N VAL B 218 35.42 -11.53 -33.39
CA VAL B 218 34.73 -12.30 -32.35
C VAL B 218 35.60 -12.34 -31.10
N ASN B 219 34.97 -12.17 -29.94
CA ASN B 219 35.69 -12.05 -28.69
C ASN B 219 34.96 -12.87 -27.64
N ILE B 220 35.63 -13.87 -27.09
CA ILE B 220 35.05 -14.76 -26.08
C ILE B 220 35.87 -14.64 -24.81
N VAL B 221 35.18 -14.51 -23.67
CA VAL B 221 35.82 -14.32 -22.38
C VAL B 221 35.04 -15.13 -21.34
N MET B 222 35.74 -16.00 -20.62
CA MET B 222 35.20 -16.60 -19.41
C MET B 222 35.69 -15.79 -18.23
N ARG B 223 34.77 -15.43 -17.33
CA ARG B 223 35.11 -14.58 -16.21
C ARG B 223 35.58 -15.41 -15.02
N GLN B 224 36.25 -14.74 -14.09
CA GLN B 224 36.86 -15.41 -12.95
C GLN B 224 35.81 -16.07 -12.08
N PRO B 225 35.77 -17.39 -12.02
CA PRO B 225 34.78 -18.07 -11.18
C PRO B 225 35.19 -18.01 -9.72
N SER B 226 34.21 -18.20 -8.85
CA SER B 226 34.49 -18.24 -7.42
C SER B 226 35.40 -19.41 -7.07
N ALA B 227 35.03 -20.62 -7.48
CA ALA B 227 35.89 -21.78 -7.30
C ALA B 227 36.36 -22.28 -8.65
N PRO B 228 37.66 -22.41 -8.86
CA PRO B 228 38.15 -22.91 -10.15
C PRO B 228 37.74 -24.35 -10.41
N ASN B 229 37.63 -24.68 -11.69
CA ASN B 229 37.24 -26.02 -12.13
C ASN B 229 37.67 -26.16 -13.58
N PHE B 230 37.57 -27.38 -14.10
CA PHE B 230 38.00 -27.65 -15.47
C PHE B 230 36.89 -27.28 -16.45
N SER B 231 36.94 -26.04 -16.93
CA SER B 231 36.02 -25.51 -17.93
C SER B 231 36.82 -24.63 -18.87
N SER B 232 36.61 -24.81 -20.17
CA SER B 232 37.33 -24.04 -21.18
C SER B 232 36.43 -23.00 -21.83
N ALA B 233 37.04 -21.90 -22.25
CA ALA B 233 36.28 -20.84 -22.90
C ALA B 233 35.80 -21.24 -24.30
N LEU B 234 36.48 -22.19 -24.94
CA LEU B 234 36.06 -22.70 -26.24
C LEU B 234 36.55 -24.13 -26.35
N ASN B 235 35.67 -25.00 -26.87
CA ASN B 235 35.96 -26.43 -26.98
C ASN B 235 35.61 -26.90 -28.38
N ILE B 236 36.61 -27.35 -29.12
CA ILE B 236 36.45 -27.83 -30.49
C ILE B 236 36.54 -29.35 -30.48
N THR B 237 35.74 -29.99 -31.33
CA THR B 237 35.73 -31.43 -31.45
C THR B 237 35.35 -31.80 -32.88
N SER B 238 36.09 -32.74 -33.46
CA SER B 238 35.88 -33.16 -34.83
C SER B 238 35.86 -34.67 -34.91
N ALA B 239 34.97 -35.20 -35.75
CA ALA B 239 34.91 -36.63 -36.03
C ALA B 239 35.09 -36.91 -37.51
N ASN B 240 35.52 -35.91 -38.28
CA ASN B 240 35.80 -36.08 -39.70
C ASN B 240 37.29 -36.40 -39.81
N GLU B 241 37.59 -37.66 -40.15
CA GLU B 241 38.97 -38.13 -40.18
C GLU B 241 39.77 -37.60 -41.36
N GLY B 242 39.12 -37.00 -42.35
CA GLY B 242 39.80 -36.48 -43.52
C GLY B 242 40.09 -35.00 -43.52
N GLY B 243 39.91 -34.31 -42.40
CA GLY B 243 40.14 -32.89 -42.34
C GLY B 243 40.48 -32.44 -40.95
N SER B 244 41.31 -31.39 -40.87
CA SER B 244 41.69 -30.81 -39.61
C SER B 244 40.46 -30.33 -38.82
N ALA B 245 40.62 -30.27 -37.49
CA ALA B 245 39.55 -29.77 -36.66
C ALA B 245 39.42 -28.26 -36.76
N MET B 246 40.50 -27.58 -37.11
CA MET B 246 40.51 -26.12 -37.13
C MET B 246 41.54 -25.63 -38.13
N GLN B 247 41.27 -24.46 -38.72
CA GLN B 247 42.15 -23.86 -39.71
C GLN B 247 42.45 -22.43 -39.30
N ILE B 248 43.73 -22.06 -39.32
CA ILE B 248 44.17 -20.70 -39.03
C ILE B 248 45.12 -20.26 -40.12
N ARG B 249 44.82 -19.13 -40.74
CA ARG B 249 45.70 -18.50 -41.71
C ARG B 249 45.91 -17.05 -41.30
N GLY B 250 47.13 -16.55 -41.49
CA GLY B 250 47.45 -15.20 -41.10
C GLY B 250 48.46 -14.61 -42.06
N VAL B 251 48.56 -13.28 -42.02
CA VAL B 251 49.45 -12.54 -42.90
C VAL B 251 50.26 -11.55 -42.09
N GLU B 252 50.73 -11.97 -40.92
CA GLU B 252 51.37 -11.03 -40.01
C GLU B 252 52.68 -10.54 -40.60
N LYS B 253 52.85 -9.22 -40.58
CA LYS B 253 54.05 -8.58 -41.17
C LYS B 253 55.21 -8.79 -40.20
N ALA B 254 54.94 -8.60 -38.91
CA ALA B 254 55.96 -8.78 -37.86
C ALA B 254 55.30 -8.90 -36.49
N GLY B 256 52.92 -12.68 -34.39
CA GLY B 256 52.69 -14.13 -34.50
C GLY B 256 51.26 -14.40 -34.95
N THR B 257 51.06 -15.40 -35.81
CA THR B 257 49.72 -15.69 -36.31
C THR B 257 48.78 -16.06 -35.17
N LEU B 258 49.17 -17.04 -34.36
CA LEU B 258 48.44 -17.40 -33.15
C LEU B 258 49.31 -17.02 -31.96
N LYS B 259 48.80 -16.11 -31.14
CA LYS B 259 49.54 -15.62 -29.98
C LYS B 259 48.96 -16.27 -28.73
N ILE B 260 49.77 -17.12 -28.10
CA ILE B 260 49.41 -17.74 -26.83
C ILE B 260 50.19 -17.06 -25.72
N THR B 261 49.51 -16.72 -24.63
CA THR B 261 50.12 -16.07 -23.49
C THR B 261 49.59 -16.70 -22.22
N HIS B 262 50.48 -16.91 -21.26
CA HIS B 262 50.11 -17.48 -19.95
C HIS B 262 50.46 -16.46 -18.89
N GLU B 263 49.44 -15.90 -18.24
CA GLU B 263 49.62 -14.98 -17.13
C GLU B 263 49.56 -15.78 -15.83
N ASN B 264 50.51 -15.52 -14.93
CA ASN B 264 50.54 -16.25 -13.67
C ASN B 264 49.28 -15.96 -12.86
N PRO B 265 48.54 -16.98 -12.44
CA PRO B 265 47.36 -16.73 -11.60
C PRO B 265 47.68 -16.10 -10.26
N ASN B 266 48.89 -16.30 -9.74
CA ASN B 266 49.26 -15.87 -8.40
C ASN B 266 50.41 -14.88 -8.46
N VAL B 267 50.59 -14.15 -7.34
CA VAL B 267 51.72 -13.24 -7.25
C VAL B 267 53.01 -14.03 -7.06
N GLU B 268 52.95 -15.18 -6.39
CA GLU B 268 54.14 -15.96 -6.12
C GLU B 268 54.69 -16.59 -7.39
N ALA B 269 56.00 -16.46 -7.59
CA ALA B 269 56.61 -16.81 -8.88
C ALA B 269 56.49 -18.28 -9.23
N LYS B 270 56.35 -19.16 -8.23
CA LYS B 270 56.37 -20.60 -8.48
C LYS B 270 55.01 -21.25 -8.35
N TYR B 271 53.92 -20.49 -8.45
CA TYR B 271 52.60 -21.09 -8.43
C TYR B 271 52.35 -21.89 -9.72
N ASP B 272 52.73 -21.32 -10.86
CA ASP B 272 52.52 -21.92 -12.17
C ASP B 272 53.72 -22.74 -12.63
N GLU B 273 54.34 -23.48 -11.71
CA GLU B 273 55.59 -24.17 -12.03
C GLU B 273 55.36 -25.35 -12.98
N ASN B 274 54.16 -25.92 -12.98
CA ASN B 274 53.82 -27.02 -13.87
C ASN B 274 53.05 -26.57 -15.10
N ALA B 275 52.77 -25.28 -15.23
CA ALA B 275 51.92 -24.79 -16.31
C ALA B 275 52.70 -24.58 -17.60
N ALA B 276 52.05 -24.88 -18.71
CA ALA B 276 52.59 -24.65 -20.04
C ALA B 276 51.63 -23.77 -20.81
N ALA B 277 52.13 -23.18 -21.91
CA ALA B 277 51.27 -22.38 -22.76
C ALA B 277 50.48 -23.25 -23.73
N LEU B 278 51.12 -24.24 -24.33
CA LEU B 278 50.47 -25.15 -25.26
C LEU B 278 50.65 -26.59 -24.78
N SER B 279 49.54 -27.32 -24.66
CA SER B 279 49.55 -28.71 -24.22
C SER B 279 49.13 -29.60 -25.37
N ILE B 280 49.91 -30.64 -25.62
CA ILE B 280 49.65 -31.60 -26.70
C ILE B 280 49.53 -32.99 -26.10
N ASP B 281 48.64 -33.81 -26.66
CA ASP B 281 48.53 -35.21 -26.27
C ASP B 281 48.15 -36.03 -27.49
N ILE B 282 48.89 -37.11 -27.71
CA ILE B 282 48.59 -38.05 -28.79
C ILE B 282 48.04 -39.31 -28.13
N VAL B 283 46.84 -39.73 -28.57
CA VAL B 283 46.17 -40.87 -27.97
C VAL B 283 45.67 -41.81 -29.07
N LYS B 284 45.24 -42.99 -28.63
CA LYS B 284 44.67 -44.04 -29.46
C LYS B 284 43.15 -43.91 -29.50
N LYS B 285 42.50 -44.80 -30.25
CA LYS B 285 41.04 -44.84 -30.25
C LYS B 285 40.52 -45.18 -28.87
N GLN B 286 39.48 -44.45 -28.44
CA GLN B 286 38.98 -44.55 -27.07
C GLN B 286 38.07 -45.76 -26.84
N LYS B 287 37.71 -46.51 -27.88
CA LYS B 287 36.74 -47.59 -27.75
C LYS B 287 37.25 -48.87 -28.39
N GLY B 288 38.53 -49.19 -28.18
CA GLY B 288 39.11 -50.40 -28.74
C GLY B 288 40.46 -50.19 -29.40
N GLY B 289 40.99 -48.97 -29.29
CA GLY B 289 42.26 -48.62 -29.91
C GLY B 289 43.45 -49.47 -29.48
N LYS B 290 44.22 -49.93 -30.45
CA LYS B 290 45.44 -50.68 -30.17
C LYS B 290 46.65 -49.77 -29.98
N GLY B 291 46.70 -48.65 -30.69
CA GLY B 291 47.79 -47.71 -30.51
C GLY B 291 47.67 -46.56 -31.49
N THR B 292 48.79 -45.86 -31.68
CA THR B 292 48.82 -44.75 -32.63
C THR B 292 50.26 -44.54 -33.11
N ALA B 293 50.39 -44.19 -34.39
CA ALA B 293 51.66 -43.81 -34.98
C ALA B 293 51.71 -42.34 -35.33
N ALA B 294 50.92 -41.52 -34.64
CA ALA B 294 50.79 -40.11 -34.96
C ALA B 294 51.96 -39.30 -34.43
N GLN B 295 52.11 -38.10 -34.98
CA GLN B 295 53.21 -37.19 -34.67
C GLN B 295 52.70 -36.05 -33.82
N GLY B 296 53.63 -35.30 -33.24
CA GLY B 296 53.27 -34.23 -32.33
C GLY B 296 53.10 -32.88 -33.03
N ILE B 297 54.19 -32.34 -33.55
CA ILE B 297 54.18 -31.07 -34.26
C ILE B 297 54.84 -31.26 -35.62
N TYR B 298 54.27 -30.63 -36.64
CA TYR B 298 54.75 -30.75 -38.02
C TYR B 298 54.92 -29.35 -38.59
N ILE B 299 56.16 -28.90 -38.66
CA ILE B 299 56.52 -27.63 -39.28
C ILE B 299 57.01 -27.88 -40.70
N ASN B 300 56.67 -26.98 -41.61
CA ASN B 300 57.07 -27.11 -43.01
C ASN B 300 56.98 -25.75 -43.66
N SER B 301 57.56 -25.63 -44.87
CA SER B 301 57.48 -24.39 -45.64
C SER B 301 57.53 -24.78 -47.13
N THR B 302 56.36 -25.14 -47.66
CA THR B 302 56.27 -25.66 -49.03
C THR B 302 56.87 -24.70 -50.05
N SER B 303 56.84 -23.39 -49.79
CA SER B 303 57.48 -22.43 -50.67
C SER B 303 58.95 -22.20 -50.32
N GLY B 304 59.34 -22.49 -49.09
CA GLY B 304 60.71 -22.33 -48.67
C GLY B 304 60.91 -21.02 -47.93
N THR B 305 61.40 -21.08 -46.70
CA THR B 305 61.62 -19.88 -45.91
C THR B 305 63.10 -19.75 -45.56
N ALA B 306 63.48 -18.54 -45.19
CA ALA B 306 64.82 -18.25 -44.68
C ALA B 306 64.84 -18.01 -43.19
N GLY B 307 63.69 -17.78 -42.56
CA GLY B 307 63.63 -17.58 -41.14
C GLY B 307 63.86 -18.87 -40.38
N LYS B 308 63.84 -18.75 -39.06
CA LYS B 308 64.12 -19.87 -38.18
C LYS B 308 62.84 -20.64 -37.87
N MET B 309 62.90 -21.96 -38.03
CA MET B 309 61.71 -22.80 -37.85
C MET B 309 61.30 -22.88 -36.39
N LEU B 310 62.18 -22.52 -35.47
CA LEU B 310 61.89 -22.51 -34.04
C LEU B 310 62.90 -21.61 -33.38
N ARG B 311 62.42 -20.66 -32.58
CA ARG B 311 63.27 -19.65 -31.97
C ARG B 311 62.86 -19.47 -30.51
N ILE B 312 63.60 -20.08 -29.61
CA ILE B 312 63.35 -19.96 -28.18
C ILE B 312 64.09 -18.73 -27.65
N ARG B 313 63.42 -17.98 -26.77
CA ARG B 313 64.01 -16.83 -26.12
C ARG B 313 63.59 -16.84 -24.66
N ASN B 314 64.23 -15.97 -23.87
CA ASN B 314 63.91 -15.85 -22.45
C ASN B 314 64.40 -14.50 -21.98
N LYS B 315 63.49 -13.71 -21.42
CA LYS B 315 63.72 -12.27 -21.24
C LYS B 315 64.27 -11.67 -22.52
N ASN B 316 63.65 -12.05 -23.65
CA ASN B 316 63.99 -11.56 -24.98
C ASN B 316 65.42 -11.95 -25.38
N GLU B 317 66.09 -12.73 -24.53
CA GLU B 317 67.44 -13.21 -24.79
C GLU B 317 67.39 -14.61 -25.41
N ASP B 318 68.07 -14.77 -26.54
CA ASP B 318 68.12 -16.07 -27.20
C ASP B 318 68.76 -17.11 -26.29
N LYS B 319 68.22 -18.33 -26.34
CA LYS B 319 68.77 -19.47 -25.61
C LYS B 319 68.78 -20.75 -26.41
N PHE B 320 67.96 -20.89 -27.44
CA PHE B 320 67.92 -22.07 -28.30
C PHE B 320 67.19 -21.68 -29.57
N TYR B 321 67.69 -22.15 -30.71
CA TYR B 321 66.98 -21.89 -31.95
C TYR B 321 67.37 -22.94 -32.98
N VAL B 322 66.41 -23.25 -33.85
CA VAL B 322 66.65 -24.08 -35.03
C VAL B 322 66.55 -23.17 -36.25
N GLY B 323 67.47 -23.36 -37.19
CA GLY B 323 67.51 -22.52 -38.37
C GLY B 323 66.93 -23.20 -39.60
N PRO B 324 66.83 -22.44 -40.70
CA PRO B 324 66.30 -23.03 -41.94
C PRO B 324 67.16 -24.17 -42.46
N ASP B 325 68.46 -24.13 -42.20
CA ASP B 325 69.36 -25.19 -42.61
C ASP B 325 69.07 -26.51 -41.91
N GLY B 326 68.40 -26.46 -40.76
CA GLY B 326 68.21 -27.63 -39.92
C GLY B 326 69.18 -27.72 -38.77
N GLY B 327 70.14 -26.79 -38.69
CA GLY B 327 71.14 -26.80 -37.65
C GLY B 327 70.70 -26.01 -36.43
N PHE B 328 70.62 -26.65 -35.28
CA PHE B 328 70.20 -25.99 -34.06
C PHE B 328 71.37 -25.20 -33.47
N HIS B 329 71.11 -24.49 -32.39
CA HIS B 329 72.17 -23.71 -31.74
C HIS B 329 71.78 -23.56 -30.28
N SER B 330 72.35 -24.40 -29.42
CA SER B 330 72.04 -24.34 -28.00
C SER B 330 72.73 -23.15 -27.34
N GLY B 331 72.55 -23.05 -26.03
CA GLY B 331 72.96 -21.91 -25.25
C GLY B 331 73.83 -22.28 -24.07
N ALA B 332 73.55 -23.42 -23.45
CA ALA B 332 74.20 -23.81 -22.20
C ALA B 332 74.45 -25.32 -22.25
N ASN B 333 74.63 -25.93 -21.08
CA ASN B 333 75.12 -27.30 -21.00
C ASN B 333 73.97 -28.26 -21.27
N SER B 334 74.26 -29.30 -22.05
CA SER B 334 73.20 -30.25 -22.41
C SER B 334 73.52 -31.64 -21.89
N THR B 335 72.95 -32.65 -22.55
CA THR B 335 73.10 -34.05 -22.14
C THR B 335 72.56 -34.92 -23.25
N VAL B 336 73.21 -36.07 -23.46
CA VAL B 336 72.72 -37.09 -24.39
C VAL B 336 72.90 -38.43 -23.70
N ALA B 337 71.79 -39.09 -23.37
CA ALA B 337 71.84 -40.44 -22.81
C ALA B 337 72.08 -41.44 -23.94
N GLY B 338 73.20 -41.25 -24.62
CA GLY B 338 73.52 -42.05 -25.78
C GLY B 338 74.72 -41.47 -26.51
N ASN B 339 74.85 -41.85 -27.78
CA ASN B 339 75.97 -41.46 -28.61
C ASN B 339 75.51 -40.56 -29.75
N LEU B 340 76.30 -39.53 -30.05
CA LEU B 340 75.96 -38.52 -31.05
C LEU B 340 76.87 -38.70 -32.26
N THR B 341 76.31 -39.21 -33.35
CA THR B 341 77.04 -39.33 -34.61
C THR B 341 77.29 -37.94 -35.21
N VAL B 342 78.56 -37.60 -35.45
CA VAL B 342 78.94 -36.32 -36.03
C VAL B 342 79.91 -36.56 -37.19
N LYS B 343 80.32 -35.46 -37.82
CA LYS B 343 81.29 -35.48 -38.91
C LYS B 343 82.70 -35.19 -38.38
N ASP B 344 83.69 -35.41 -39.24
CA ASP B 344 85.08 -35.21 -38.84
C ASP B 344 85.36 -33.72 -38.67
N PRO B 345 86.01 -33.31 -37.58
CA PRO B 345 86.16 -31.87 -37.30
C PRO B 345 87.11 -31.15 -38.25
N THR B 346 86.57 -30.29 -39.11
CA THR B 346 87.38 -29.47 -40.02
C THR B 346 87.50 -28.02 -39.53
N SER B 347 87.77 -27.84 -38.23
CA SER B 347 88.01 -26.50 -37.68
C SER B 347 88.66 -26.67 -36.32
N GLY B 348 89.27 -25.58 -35.84
CA GLY B 348 89.99 -25.64 -34.57
C GLY B 348 89.15 -26.11 -33.41
N LYS B 349 87.84 -25.96 -33.49
CA LYS B 349 86.92 -26.43 -32.47
C LYS B 349 86.21 -27.68 -33.00
N HIS B 350 84.89 -27.78 -32.92
CA HIS B 350 84.12 -28.92 -33.42
C HIS B 350 84.42 -30.19 -32.62
N ALA B 351 83.36 -30.83 -32.09
CA ALA B 351 83.41 -32.16 -31.49
C ALA B 351 84.42 -33.10 -32.13
N ALA B 352 84.86 -34.12 -31.38
CA ALA B 352 85.74 -35.13 -31.90
C ALA B 352 84.95 -36.41 -32.19
N THR B 353 85.16 -36.97 -33.38
CA THR B 353 84.62 -38.31 -33.64
C THR B 353 85.55 -39.34 -33.04
N LYS B 354 85.52 -40.57 -33.56
CA LYS B 354 86.54 -41.55 -33.22
C LYS B 354 87.59 -41.69 -34.32
N ASP B 355 87.17 -41.54 -35.57
CA ASP B 355 88.00 -41.54 -36.76
C ASP B 355 88.92 -40.33 -36.84
N TYR B 356 88.92 -39.44 -35.85
CA TYR B 356 89.95 -38.43 -35.74
C TYR B 356 90.75 -38.49 -34.45
N VAL B 357 90.20 -39.10 -33.39
CA VAL B 357 91.03 -39.47 -32.26
C VAL B 357 92.02 -40.54 -32.68
N ASP B 358 91.55 -41.54 -33.43
CA ASP B 358 92.37 -42.66 -33.86
C ASP B 358 93.12 -42.40 -35.16
N GLU B 359 92.79 -41.32 -35.87
CA GLU B 359 93.65 -40.92 -36.99
C GLU B 359 94.95 -40.29 -36.49
N LYS B 360 94.95 -39.77 -35.26
CA LYS B 360 96.15 -39.22 -34.64
C LYS B 360 96.79 -40.16 -33.63
N ILE B 361 95.98 -40.90 -32.86
CA ILE B 361 96.52 -41.92 -31.97
C ILE B 361 97.32 -42.96 -32.76
N ALA B 362 96.96 -43.17 -34.02
CA ALA B 362 97.73 -44.04 -34.91
C ALA B 362 98.83 -43.30 -35.65
N GLU B 363 98.62 -42.04 -36.02
CA GLU B 363 99.62 -41.33 -36.82
C GLU B 363 100.86 -40.94 -36.01
N LEU B 364 101.02 -41.33 -34.75
CA LEU B 364 102.30 -41.17 -34.07
C LEU B 364 102.96 -42.55 -33.98
N LYS B 365 103.50 -42.97 -35.11
CA LYS B 365 104.43 -44.10 -35.10
C LYS B 365 105.77 -43.65 -34.52
N LYS B 366 106.63 -44.63 -34.26
CA LYS B 366 107.90 -44.34 -33.58
C LYS B 366 108.67 -43.24 -34.30
N LEU B 367 108.72 -43.28 -35.62
CA LEU B 367 109.38 -42.23 -36.39
C LEU B 367 108.42 -41.07 -36.65
N PRO C 6 -178.95 26.79 4.12
CA PRO C 6 -177.76 25.93 4.19
C PRO C 6 -177.21 25.62 2.80
N LEU C 7 -177.00 26.65 1.99
CA LEU C 7 -176.72 26.46 0.58
C LEU C 7 -175.22 26.53 0.29
N ARG C 8 -174.80 25.67 -0.63
CA ARG C 8 -173.39 25.52 -1.03
C ARG C 8 -173.20 26.10 -2.41
N VAL C 9 -172.32 27.11 -2.52
CA VAL C 9 -172.17 27.87 -3.75
C VAL C 9 -171.04 27.29 -4.56
N GLN C 10 -171.31 27.05 -5.84
CA GLN C 10 -170.35 26.69 -6.86
C GLN C 10 -170.09 27.93 -7.71
N PHE C 11 -168.95 27.95 -8.39
CA PHE C 11 -168.55 29.15 -9.11
C PHE C 11 -168.71 28.93 -10.61
N LYS C 12 -168.64 30.03 -11.35
CA LYS C 12 -168.75 29.95 -12.80
C LYS C 12 -167.50 29.30 -13.37
N ARG C 13 -167.70 28.40 -14.32
CA ARG C 13 -166.65 27.50 -14.75
C ARG C 13 -166.88 27.12 -16.19
N MET C 14 -165.78 27.03 -16.95
CA MET C 14 -165.77 26.62 -18.34
C MET C 14 -164.52 25.77 -18.51
N SER C 15 -164.31 25.20 -19.69
CA SER C 15 -163.00 24.62 -19.90
C SER C 15 -161.96 25.74 -19.96
N ALA C 16 -160.69 25.37 -19.75
CA ALA C 16 -159.64 26.37 -19.70
C ALA C 16 -159.54 27.16 -20.99
N ASP C 17 -159.82 26.53 -22.13
CA ASP C 17 -159.80 27.25 -23.40
C ASP C 17 -161.08 28.05 -23.60
N GLU C 18 -162.23 27.45 -23.29
CA GLU C 18 -163.52 28.10 -23.51
C GLU C 18 -163.61 29.44 -22.79
N TRP C 19 -162.89 29.61 -21.68
CA TRP C 19 -162.87 30.90 -21.00
C TRP C 19 -162.26 31.98 -21.88
N ALA C 20 -161.12 31.67 -22.51
CA ALA C 20 -160.44 32.66 -23.33
C ALA C 20 -161.30 33.11 -24.50
N ARG C 21 -162.15 32.23 -25.01
CA ARG C 21 -163.01 32.54 -26.14
C ARG C 21 -164.43 32.92 -25.73
N SER C 22 -164.69 33.07 -24.44
CA SER C 22 -166.01 33.44 -23.94
C SER C 22 -166.02 34.93 -23.59
N ASP C 23 -167.18 35.56 -23.78
CA ASP C 23 -167.34 36.99 -23.59
C ASP C 23 -167.86 37.36 -22.20
N VAL C 24 -167.96 36.39 -21.29
CA VAL C 24 -168.52 36.65 -19.97
C VAL C 24 -167.61 37.59 -19.18
N ILE C 25 -168.21 38.61 -18.57
CA ILE C 25 -167.49 39.61 -17.80
C ILE C 25 -167.73 39.30 -16.32
N LEU C 26 -166.66 38.94 -15.61
CA LEU C 26 -166.79 38.67 -14.19
C LEU C 26 -166.98 39.98 -13.42
N LEU C 27 -167.81 39.93 -12.40
CA LEU C 27 -168.10 41.09 -11.57
C LEU C 27 -166.96 41.37 -10.61
N GLU C 28 -166.97 42.59 -10.05
CA GLU C 28 -165.94 43.00 -9.10
C GLU C 28 -165.97 42.08 -7.89
N GLY C 29 -165.10 41.07 -7.87
CA GLY C 29 -165.04 40.13 -6.78
C GLY C 29 -165.54 38.75 -7.13
N GLU C 30 -166.15 38.58 -8.30
CA GLU C 30 -166.69 37.28 -8.66
C GLU C 30 -165.57 36.40 -9.18
N ILE C 31 -165.56 35.15 -8.74
CA ILE C 31 -164.48 34.23 -9.04
C ILE C 31 -164.90 33.40 -10.25
N GLY C 32 -163.95 33.11 -11.12
CA GLY C 32 -164.20 32.28 -12.29
C GLY C 32 -163.27 31.09 -12.25
N PHE C 33 -163.79 29.94 -12.67
CA PHE C 33 -163.10 28.66 -12.50
C PHE C 33 -162.74 28.07 -13.85
N GLU C 34 -161.64 27.33 -13.88
CA GLU C 34 -161.24 26.55 -15.04
C GLU C 34 -161.42 25.08 -14.70
N THR C 35 -162.42 24.45 -15.32
CA THR C 35 -162.71 23.04 -15.08
C THR C 35 -161.54 22.15 -15.46
N ASP C 36 -160.54 22.68 -16.18
CA ASP C 36 -159.34 21.94 -16.53
C ASP C 36 -158.34 22.06 -15.39
N THR C 37 -157.16 22.59 -15.70
CA THR C 37 -156.07 22.88 -14.75
C THR C 37 -156.47 23.09 -13.28
N GLY C 38 -157.75 23.34 -13.01
CA GLY C 38 -158.19 23.65 -11.66
C GLY C 38 -157.86 25.06 -11.20
N PHE C 39 -157.32 25.92 -12.07
CA PHE C 39 -157.02 27.29 -11.69
C PHE C 39 -158.30 28.13 -11.60
N ALA C 40 -158.14 29.32 -11.04
CA ALA C 40 -159.23 30.26 -10.89
C ALA C 40 -158.68 31.66 -10.77
N LYS C 41 -159.51 32.64 -11.12
CA LYS C 41 -159.16 34.03 -10.97
C LYS C 41 -160.34 34.78 -10.37
N PHE C 42 -160.08 36.01 -9.95
CA PHE C 42 -161.12 36.89 -9.44
C PHE C 42 -161.71 37.66 -10.62
N GLY C 43 -162.48 38.70 -10.30
CA GLY C 43 -163.18 39.44 -11.33
C GLY C 43 -162.68 40.86 -11.38
N ASP C 44 -162.85 41.50 -12.54
CA ASP C 44 -162.44 42.87 -12.73
C ASP C 44 -163.63 43.80 -12.89
N GLY C 45 -164.85 43.27 -12.94
CA GLY C 45 -166.03 44.02 -13.26
C GLY C 45 -166.07 44.64 -14.65
N GLN C 46 -165.01 44.47 -15.45
CA GLN C 46 -164.98 45.08 -16.78
C GLN C 46 -163.84 44.50 -17.63
N ASN C 47 -163.56 43.21 -17.48
CA ASN C 47 -162.49 42.60 -18.27
C ASN C 47 -162.85 41.19 -18.68
N THR C 48 -162.43 40.78 -19.87
CA THR C 48 -162.60 39.40 -20.29
C THR C 48 -161.66 38.51 -19.47
N PHE C 49 -161.96 37.21 -19.45
CA PHE C 49 -161.15 36.29 -18.66
C PHE C 49 -159.71 36.20 -19.16
N SER C 50 -159.49 36.37 -20.47
CA SER C 50 -158.17 36.17 -21.04
C SER C 50 -157.13 37.14 -20.46
N LYS C 51 -157.56 38.32 -20.05
CA LYS C 51 -156.68 39.41 -19.67
C LYS C 51 -156.67 39.66 -18.16
N LEU C 52 -156.81 38.59 -17.39
CA LEU C 52 -156.97 38.66 -15.94
C LEU C 52 -155.86 37.87 -15.26
N LYS C 53 -155.18 38.53 -14.32
CA LYS C 53 -154.11 37.90 -13.57
C LYS C 53 -154.63 36.60 -12.95
N TYR C 54 -153.84 35.54 -13.03
CA TYR C 54 -154.24 34.32 -12.33
C TYR C 54 -154.09 34.52 -10.82
N LEU C 55 -154.64 33.57 -10.07
CA LEU C 55 -154.52 33.60 -8.62
C LEU C 55 -153.63 32.45 -8.17
N THR C 56 -152.34 32.61 -8.45
CA THR C 56 -151.30 31.65 -8.09
C THR C 56 -150.56 32.13 -6.85
N GLY C 57 -149.59 31.33 -6.42
CA GLY C 57 -148.66 31.74 -5.40
C GLY C 57 -147.48 32.43 -6.05
N PRO C 58 -146.45 32.76 -5.27
CA PRO C 58 -145.28 33.45 -5.84
C PRO C 58 -144.41 32.58 -6.72
N LYS C 59 -143.33 33.15 -7.23
CA LYS C 59 -142.45 32.47 -8.16
C LYS C 59 -141.54 31.47 -7.45
N GLY C 60 -141.25 30.37 -8.15
CA GLY C 60 -140.34 29.37 -7.64
C GLY C 60 -138.92 29.90 -7.60
N PRO C 61 -138.01 29.16 -6.98
CA PRO C 61 -136.62 29.60 -6.92
C PRO C 61 -135.85 29.21 -8.18
N LYS C 62 -134.69 29.85 -8.35
CA LYS C 62 -133.86 29.60 -9.52
C LYS C 62 -133.15 28.26 -9.40
N GLY C 63 -133.10 27.53 -10.52
CA GLY C 63 -132.45 26.23 -10.54
C GLY C 63 -130.97 26.31 -10.22
N ASP C 64 -130.41 25.14 -9.90
CA ASP C 64 -129.00 25.03 -9.57
C ASP C 64 -128.13 25.38 -10.77
N THR C 65 -126.93 25.88 -10.47
CA THR C 65 -125.95 26.16 -11.53
C THR C 65 -125.54 24.85 -12.20
N GLY C 66 -125.30 24.93 -13.51
CA GLY C 66 -124.97 23.75 -14.28
C GLY C 66 -123.61 23.17 -13.92
N LEU C 67 -123.34 22.00 -14.49
CA LEU C 67 -122.10 21.28 -14.25
C LEU C 67 -120.97 22.01 -14.97
N GLN C 68 -119.78 21.43 -14.97
CA GLN C 68 -118.60 22.04 -15.56
C GLN C 68 -118.28 21.35 -16.88
N GLY C 69 -117.91 22.15 -17.88
CA GLY C 69 -117.70 21.63 -19.21
C GLY C 69 -116.59 20.59 -19.27
N LYS C 70 -116.67 19.76 -20.30
CA LYS C 70 -115.67 18.72 -20.50
C LYS C 70 -114.31 19.37 -20.72
N THR C 71 -113.27 18.75 -20.15
CA THR C 71 -111.93 19.31 -20.25
C THR C 71 -111.48 19.36 -21.70
N GLY C 72 -110.63 20.35 -22.00
CA GLY C 72 -110.21 20.56 -23.36
C GLY C 72 -109.32 19.46 -23.90
N GLY C 73 -109.25 19.39 -25.22
CA GLY C 73 -108.43 18.39 -25.88
C GLY C 73 -106.96 18.67 -25.69
N THR C 74 -106.16 17.60 -25.74
CA THR C 74 -104.72 17.73 -25.67
C THR C 74 -104.20 18.54 -26.85
N GLY C 75 -103.11 19.27 -26.62
CA GLY C 75 -102.62 20.20 -27.59
C GLY C 75 -102.00 19.53 -28.79
N PRO C 76 -101.52 20.33 -29.74
CA PRO C 76 -100.90 19.78 -30.94
C PRO C 76 -99.42 19.48 -30.74
N ARG C 77 -98.93 18.55 -31.55
CA ARG C 77 -97.54 18.11 -31.44
C ARG C 77 -96.58 19.25 -31.76
N GLY C 78 -95.56 19.38 -30.92
CA GLY C 78 -94.55 20.41 -31.05
C GLY C 78 -93.77 20.36 -32.34
N PRO C 79 -93.00 21.42 -32.60
CA PRO C 79 -92.20 21.50 -33.82
C PRO C 79 -91.02 20.54 -33.80
N ALA C 80 -90.46 20.33 -34.99
CA ALA C 80 -89.34 19.41 -35.13
C ALA C 80 -88.06 19.98 -34.51
N GLY C 81 -87.20 19.07 -34.06
CA GLY C 81 -85.95 19.46 -33.44
C GLY C 81 -84.98 20.12 -34.41
N LYS C 82 -84.05 20.87 -33.83
CA LYS C 82 -83.01 21.51 -34.62
C LYS C 82 -82.11 20.45 -35.24
N PRO C 83 -81.51 20.74 -36.40
CA PRO C 83 -80.70 19.73 -37.10
C PRO C 83 -79.37 19.46 -36.40
N GLY C 84 -78.76 18.36 -36.82
CA GLY C 84 -77.48 17.90 -36.34
C GLY C 84 -76.35 18.88 -36.60
N THR C 85 -75.15 18.57 -36.12
CA THR C 85 -74.01 19.45 -36.24
C THR C 85 -73.10 19.01 -37.40
N THR C 86 -72.41 20.00 -37.98
CA THR C 86 -71.54 19.79 -39.13
C THR C 86 -70.08 20.06 -38.78
N ASP C 87 -69.75 20.08 -37.50
CA ASP C 87 -68.38 20.26 -37.05
C ASP C 87 -67.81 18.90 -36.68
N TYR C 88 -66.59 18.63 -37.16
CA TYR C 88 -65.90 17.38 -36.85
C TYR C 88 -65.80 17.15 -35.35
N ASP C 89 -65.41 18.18 -34.60
CA ASP C 89 -65.11 18.01 -33.19
C ASP C 89 -66.32 17.51 -32.40
N GLN C 90 -67.52 17.97 -32.78
CA GLN C 90 -68.75 17.60 -32.09
C GLN C 90 -69.38 16.31 -32.60
N LEU C 91 -68.80 15.67 -33.61
CA LEU C 91 -69.39 14.43 -34.12
C LEU C 91 -69.44 13.36 -33.04
N GLN C 92 -70.27 12.34 -33.29
CA GLN C 92 -70.36 11.18 -32.42
C GLN C 92 -69.56 10.02 -33.01
N ASN C 93 -69.17 9.10 -32.13
CA ASN C 93 -68.33 7.96 -32.50
C ASN C 93 -67.10 8.43 -33.28
N LYS C 94 -66.53 9.55 -32.84
CA LYS C 94 -65.34 10.07 -33.50
C LYS C 94 -64.21 9.07 -33.39
N PRO C 95 -63.48 8.80 -34.46
CA PRO C 95 -62.37 7.85 -34.38
C PRO C 95 -61.20 8.44 -33.61
N ASP C 96 -60.54 7.60 -32.83
CA ASP C 96 -59.39 8.05 -32.04
C ASP C 96 -58.19 8.19 -32.97
N LEU C 97 -57.73 9.43 -33.15
CA LEU C 97 -56.57 9.70 -33.99
C LEU C 97 -55.25 9.50 -33.25
N GLY C 98 -55.29 9.40 -31.92
CA GLY C 98 -54.07 9.24 -31.16
C GLY C 98 -53.24 8.04 -31.56
N ALA C 99 -53.90 6.94 -31.94
CA ALA C 99 -53.22 5.70 -32.28
C ALA C 99 -52.55 5.74 -33.65
N PHE C 100 -52.32 6.93 -34.21
CA PHE C 100 -51.68 7.07 -35.51
C PHE C 100 -50.35 7.82 -35.36
N ALA C 101 -49.33 7.31 -36.05
CA ALA C 101 -48.00 7.89 -35.98
C ALA C 101 -47.95 9.20 -36.75
N GLN C 102 -47.34 10.23 -36.14
CA GLN C 102 -47.15 11.51 -36.82
C GLN C 102 -46.17 11.35 -37.99
N LYS C 103 -46.41 12.08 -39.07
CA LYS C 103 -45.58 11.94 -40.26
C LYS C 103 -44.21 12.50 -40.02
N GLU C 104 -44.16 13.80 -39.76
CA GLU C 104 -42.90 14.57 -39.56
C GLU C 104 -42.08 14.06 -38.36
N GLU C 105 -42.72 13.72 -37.25
CA GLU C 105 -41.96 13.32 -36.06
C GLU C 105 -41.24 12.02 -36.35
N THR C 106 -41.86 11.19 -37.18
CA THR C 106 -41.28 9.92 -37.57
C THR C 106 -40.20 10.11 -38.64
N ASN C 107 -40.52 10.87 -39.69
CA ASN C 107 -39.53 11.13 -40.75
C ASN C 107 -38.29 11.82 -40.19
N SER C 108 -38.43 12.53 -39.08
CA SER C 108 -37.26 13.07 -38.38
C SER C 108 -36.52 11.98 -37.61
N LYS C 109 -37.27 11.12 -36.92
CA LYS C 109 -36.67 9.99 -36.22
C LYS C 109 -35.89 9.09 -37.18
N ILE C 110 -36.47 8.81 -38.34
CA ILE C 110 -35.83 7.88 -39.29
C ILE C 110 -34.58 8.50 -39.89
N THR C 111 -34.63 9.78 -40.23
CA THR C 111 -33.47 10.45 -40.79
C THR C 111 -32.30 10.46 -39.83
N LYS C 112 -32.56 10.75 -38.54
CA LYS C 112 -31.51 10.72 -37.54
C LYS C 112 -30.89 9.34 -37.38
N LEU C 113 -31.65 8.28 -37.68
CA LEU C 113 -31.11 6.93 -37.53
C LEU C 113 -30.16 6.56 -38.66
N GLU C 114 -30.54 6.84 -39.91
CA GLU C 114 -29.69 6.47 -41.04
C GLU C 114 -28.34 7.18 -40.99
N SER C 115 -28.27 8.33 -40.31
CA SER C 115 -27.03 9.06 -40.18
C SER C 115 -26.23 8.63 -38.95
N SER C 116 -26.90 8.09 -37.92
CA SER C 116 -26.25 7.75 -36.66
C SER C 116 -25.80 6.30 -36.57
N LYS C 117 -26.18 5.44 -37.51
CA LYS C 117 -25.85 4.02 -37.43
C LYS C 117 -24.96 3.59 -38.59
N ALA C 118 -24.30 2.45 -38.38
CA ALA C 118 -23.17 2.00 -39.21
C ALA C 118 -23.67 1.01 -40.27
N ASP C 119 -23.90 1.51 -41.48
CA ASP C 119 -24.25 0.69 -42.62
C ASP C 119 -23.40 -0.58 -42.71
N LYS C 120 -24.03 -1.67 -43.19
CA LYS C 120 -23.35 -2.96 -43.28
C LYS C 120 -22.14 -2.90 -44.20
N SER C 121 -22.25 -2.20 -45.32
CA SER C 121 -21.21 -2.21 -46.34
C SER C 121 -19.98 -1.39 -45.97
N ALA C 122 -19.93 -0.77 -44.78
CA ALA C 122 -18.79 0.08 -44.43
C ALA C 122 -18.12 -0.34 -43.13
N VAL C 123 -18.30 -1.58 -42.69
CA VAL C 123 -17.71 -2.06 -41.44
C VAL C 123 -17.42 -3.54 -41.60
N TYR C 124 -16.25 -3.96 -41.11
CA TYR C 124 -15.93 -5.38 -41.08
C TYR C 124 -16.75 -6.08 -39.99
N SER C 125 -17.33 -7.23 -40.33
CA SER C 125 -18.11 -8.01 -39.39
C SER C 125 -17.23 -8.56 -38.27
N LYS C 126 -17.89 -9.25 -37.34
CA LYS C 126 -17.16 -9.96 -36.29
C LYS C 126 -16.25 -11.02 -36.88
N ALA C 127 -16.75 -11.78 -37.85
CA ALA C 127 -15.97 -12.83 -38.47
C ALA C 127 -14.89 -12.32 -39.42
N GLU C 128 -15.13 -11.21 -40.11
CA GLU C 128 -14.09 -10.63 -40.95
C GLU C 128 -12.96 -10.05 -40.12
N SER C 129 -13.27 -9.34 -39.04
CA SER C 129 -12.22 -8.82 -38.18
C SER C 129 -11.34 -9.93 -37.63
N LYS C 130 -11.97 -11.04 -37.20
CA LYS C 130 -11.17 -12.16 -36.67
C LYS C 130 -10.31 -12.77 -37.75
N ILE C 131 -10.88 -13.01 -38.94
CA ILE C 131 -10.13 -13.65 -40.02
C ILE C 131 -8.93 -12.79 -40.40
N GLU C 132 -9.08 -11.47 -40.35
CA GLU C 132 -7.97 -10.57 -40.60
C GLU C 132 -7.06 -10.41 -39.38
N LEU C 133 -7.59 -10.66 -38.18
CA LEU C 133 -6.76 -10.60 -36.98
C LEU C 133 -5.80 -11.79 -36.92
N ASP C 134 -6.29 -12.99 -37.25
CA ASP C 134 -5.47 -14.19 -37.16
C ASP C 134 -4.33 -14.22 -38.17
N LYS C 135 -4.37 -13.37 -39.20
CA LYS C 135 -3.23 -13.22 -40.10
C LYS C 135 -2.10 -12.40 -39.49
N LYS C 136 -2.24 -11.98 -38.24
CA LYS C 136 -1.27 -11.15 -37.54
C LYS C 136 -0.68 -11.93 -36.37
N LEU C 137 0.60 -11.67 -36.10
CA LEU C 137 1.31 -12.38 -35.03
C LEU C 137 0.76 -12.00 -33.67
N SER C 138 0.63 -12.99 -32.80
CA SER C 138 0.23 -12.77 -31.42
C SER C 138 1.46 -12.86 -30.52
N LEU C 139 1.36 -12.28 -29.33
CA LEU C 139 2.48 -12.29 -28.40
C LEU C 139 2.55 -13.58 -27.58
N THR C 140 1.50 -14.39 -27.62
CA THR C 140 1.47 -15.68 -26.92
C THR C 140 2.00 -16.83 -27.79
N GLY C 141 2.34 -16.56 -29.03
CA GLY C 141 2.86 -17.57 -29.93
C GLY C 141 2.42 -17.29 -31.35
N GLY C 142 2.95 -18.10 -32.26
CA GLY C 142 2.63 -17.95 -33.66
C GLY C 142 3.60 -18.70 -34.54
N ILE C 143 3.36 -18.58 -35.85
CA ILE C 143 4.18 -19.24 -36.86
C ILE C 143 4.44 -18.24 -37.98
N VAL C 144 5.65 -17.69 -38.03
CA VAL C 144 6.01 -16.71 -39.04
C VAL C 144 6.51 -17.46 -40.27
N THR C 145 5.90 -17.18 -41.42
CA THR C 145 6.30 -17.82 -42.66
C THR C 145 7.17 -16.95 -43.55
N GLY C 146 7.14 -15.63 -43.38
CA GLY C 146 7.88 -14.71 -44.21
C GLY C 146 9.15 -14.23 -43.56
N GLN C 147 9.70 -13.16 -44.11
CA GLN C 147 10.94 -12.57 -43.61
C GLN C 147 10.61 -11.41 -42.70
N LEU C 148 11.05 -11.51 -41.44
CA LEU C 148 10.83 -10.45 -40.45
C LEU C 148 12.07 -9.56 -40.46
N GLN C 149 11.97 -8.44 -41.17
CA GLN C 149 13.08 -7.50 -41.23
C GLN C 149 13.08 -6.56 -40.03
N PHE C 150 14.27 -6.13 -39.64
CA PHE C 150 14.46 -5.08 -38.66
C PHE C 150 15.15 -3.91 -39.34
N LYS C 151 14.59 -2.71 -39.17
CA LYS C 151 15.13 -1.50 -39.80
C LYS C 151 15.03 -0.35 -38.80
N PRO C 152 15.71 -0.46 -37.66
CA PRO C 152 15.62 0.60 -36.65
C PRO C 152 16.20 1.91 -37.14
N ASN C 153 15.63 3.00 -36.64
CA ASN C 153 16.02 4.35 -37.03
C ASN C 153 15.52 5.28 -35.93
N LYS C 154 16.43 5.90 -35.20
CA LYS C 154 16.08 6.75 -34.04
C LYS C 154 15.16 6.00 -33.09
N SER C 155 15.33 4.69 -32.97
CA SER C 155 14.44 3.88 -32.16
C SER C 155 14.94 3.66 -30.74
N GLY C 156 16.02 4.33 -30.35
CA GLY C 156 16.54 4.16 -29.00
C GLY C 156 16.93 2.72 -28.77
N ILE C 157 17.69 2.15 -29.70
CA ILE C 157 18.17 0.78 -29.56
C ILE C 157 19.38 0.80 -28.63
N LYS C 158 19.27 0.12 -27.56
CA LYS C 158 20.38 0.24 -26.62
C LYS C 158 21.42 -0.86 -26.85
N PRO C 159 22.69 -0.56 -26.61
CA PRO C 159 23.76 -1.54 -26.82
C PRO C 159 24.11 -2.37 -25.58
N SER C 160 23.41 -2.17 -24.47
CA SER C 160 23.77 -2.85 -23.23
C SER C 160 23.77 -4.36 -23.39
N SER C 161 24.75 -5.02 -22.80
CA SER C 161 24.81 -6.48 -22.77
C SER C 161 23.85 -7.08 -21.76
N SER C 162 22.92 -6.28 -21.23
CA SER C 162 21.98 -6.71 -20.22
C SER C 162 20.53 -6.49 -20.60
N VAL C 163 20.22 -5.38 -21.27
CA VAL C 163 18.85 -5.10 -21.70
C VAL C 163 18.74 -4.70 -23.16
N GLY C 164 19.80 -4.20 -23.79
CA GLY C 164 19.72 -3.61 -25.12
C GLY C 164 19.59 -4.60 -26.25
N GLY C 165 19.92 -4.11 -27.45
CA GLY C 165 19.82 -4.92 -28.66
C GLY C 165 18.49 -4.76 -29.36
N ALA C 166 18.49 -4.77 -30.69
CA ALA C 166 17.24 -4.73 -31.45
C ALA C 166 16.34 -5.89 -31.05
N ILE C 167 16.93 -7.06 -30.82
CA ILE C 167 16.26 -8.16 -30.14
C ILE C 167 16.95 -8.36 -28.80
N ASN C 168 16.15 -8.58 -27.76
CA ASN C 168 16.67 -8.92 -26.43
C ASN C 168 15.87 -10.10 -25.91
N ILE C 169 16.57 -11.19 -25.61
CA ILE C 169 15.97 -12.39 -25.05
C ILE C 169 16.41 -12.52 -23.60
N ASP C 170 15.45 -12.71 -22.70
CA ASP C 170 15.70 -12.87 -21.28
C ASP C 170 15.10 -14.20 -20.85
N MET C 171 15.96 -15.17 -20.54
CA MET C 171 15.53 -16.50 -20.11
C MET C 171 15.77 -16.71 -18.61
N SER C 172 15.93 -15.63 -17.85
CA SER C 172 16.13 -15.72 -16.41
C SER C 172 14.93 -16.32 -15.69
N LYS C 173 13.78 -16.41 -16.35
CA LYS C 173 12.56 -16.89 -15.73
C LYS C 173 11.98 -18.09 -16.47
N SER C 174 12.78 -18.73 -17.34
CA SER C 174 12.31 -19.85 -18.13
C SER C 174 13.47 -20.79 -18.40
N GLU C 175 13.28 -22.06 -18.09
CA GLU C 175 14.20 -23.10 -18.54
C GLU C 175 14.18 -23.19 -20.06
N GLY C 176 15.25 -23.77 -20.62
CA GLY C 176 15.33 -23.98 -22.04
C GLY C 176 16.28 -23.02 -22.73
N ALA C 177 16.29 -23.09 -24.05
CA ALA C 177 17.23 -22.33 -24.85
C ALA C 177 16.60 -21.03 -25.35
N ALA C 178 17.46 -20.05 -25.63
CA ALA C 178 17.02 -18.76 -26.15
C ALA C 178 16.68 -18.84 -27.63
N MET C 179 17.56 -19.42 -28.44
CA MET C 179 17.40 -19.44 -29.88
C MET C 179 17.89 -20.76 -30.44
N VAL C 180 17.20 -21.25 -31.48
CA VAL C 180 17.57 -22.48 -32.17
C VAL C 180 17.54 -22.23 -33.67
N MET C 181 18.59 -22.67 -34.37
CA MET C 181 18.66 -22.64 -35.82
C MET C 181 18.92 -24.06 -36.30
N TYR C 182 17.90 -24.68 -36.89
CA TYR C 182 17.95 -26.06 -37.34
C TYR C 182 17.78 -26.11 -38.86
N THR C 183 18.46 -27.05 -39.49
CA THR C 183 18.29 -27.32 -40.91
C THR C 183 18.39 -28.81 -41.16
N ASN C 184 17.41 -29.35 -41.88
CA ASN C 184 17.41 -30.74 -42.31
C ASN C 184 17.53 -30.88 -43.82
N LYS C 185 17.99 -29.83 -44.49
CA LYS C 185 18.06 -29.83 -45.94
C LYS C 185 19.26 -30.61 -46.45
N ASP C 186 19.08 -31.31 -47.56
CA ASP C 186 20.19 -32.01 -48.19
C ASP C 186 21.21 -31.02 -48.74
N THR C 187 20.74 -29.92 -49.31
CA THR C 187 21.63 -28.84 -49.75
C THR C 187 20.84 -27.54 -49.77
N THR C 188 21.56 -26.43 -49.71
CA THR C 188 20.95 -25.10 -49.79
C THR C 188 21.98 -24.15 -50.40
N ASP C 189 21.69 -22.85 -50.33
CA ASP C 189 22.53 -21.83 -50.95
C ASP C 189 23.16 -20.87 -49.95
N GLY C 190 23.18 -21.22 -48.66
CA GLY C 190 23.78 -20.36 -47.68
C GLY C 190 23.83 -20.95 -46.29
N PRO C 191 24.64 -20.34 -45.41
CA PRO C 191 24.72 -20.83 -44.02
C PRO C 191 23.46 -20.49 -43.23
N LEU C 192 23.52 -20.62 -41.91
CA LEU C 192 22.38 -20.22 -41.08
C LEU C 192 22.53 -18.79 -40.58
N MET C 193 23.30 -18.59 -39.52
CA MET C 193 23.54 -17.25 -39.00
C MET C 193 24.70 -16.60 -39.72
N ILE C 194 24.59 -15.29 -39.95
CA ILE C 194 25.60 -14.52 -40.66
C ILE C 194 25.76 -13.18 -39.95
N LEU C 195 26.99 -12.83 -39.62
CA LEU C 195 27.33 -11.51 -39.11
C LEU C 195 28.23 -10.83 -40.12
N ARG C 196 27.98 -9.55 -40.38
CA ARG C 196 28.72 -8.86 -41.42
C ARG C 196 28.80 -7.38 -41.11
N SER C 197 30.02 -6.85 -41.17
CA SER C 197 30.26 -5.42 -41.16
C SER C 197 31.02 -5.08 -42.43
N ASP C 198 30.58 -4.04 -43.13
CA ASP C 198 31.14 -3.72 -44.43
C ASP C 198 32.06 -2.51 -44.42
N LYS C 199 31.99 -1.67 -43.39
CA LYS C 199 32.86 -0.52 -43.28
C LYS C 199 34.08 -0.93 -42.47
N ASP C 200 35.26 -0.88 -43.09
CA ASP C 200 36.49 -1.27 -42.40
C ASP C 200 36.89 -0.30 -41.31
N THR C 201 36.08 0.72 -41.05
CA THR C 201 36.24 1.60 -39.91
C THR C 201 35.42 1.16 -38.71
N PHE C 202 34.73 0.03 -38.79
CA PHE C 202 33.83 -0.42 -37.75
C PHE C 202 34.64 -0.71 -36.48
N ASP C 203 34.47 0.13 -35.46
CA ASP C 203 35.33 0.11 -34.29
C ASP C 203 34.81 -0.77 -33.16
N GLN C 204 34.05 -1.82 -33.47
CA GLN C 204 33.53 -2.69 -32.42
C GLN C 204 33.49 -4.13 -32.94
N SER C 205 33.26 -5.05 -32.02
CA SER C 205 33.25 -6.46 -32.36
C SER C 205 31.93 -6.85 -33.04
N ALA C 206 31.93 -8.02 -33.66
CA ALA C 206 30.72 -8.58 -34.25
C ALA C 206 29.95 -9.44 -33.26
N GLN C 207 30.63 -10.33 -32.54
CA GLN C 207 30.01 -11.18 -31.55
C GLN C 207 30.82 -11.13 -30.26
N PHE C 208 30.11 -11.14 -29.13
CA PHE C 208 30.73 -11.02 -27.81
C PHE C 208 30.07 -12.01 -26.87
N VAL C 209 30.88 -12.76 -26.13
CA VAL C 209 30.41 -13.78 -25.19
C VAL C 209 31.00 -13.45 -23.83
N ASP C 210 30.16 -12.97 -22.92
CA ASP C 210 30.57 -12.65 -21.55
C ASP C 210 30.03 -13.77 -20.66
N TYR C 211 30.78 -14.87 -20.64
CA TYR C 211 30.32 -16.09 -19.99
C TYR C 211 30.77 -16.16 -18.53
N SER C 212 29.83 -16.51 -17.66
CA SER C 212 30.12 -16.96 -16.30
C SER C 212 29.33 -18.23 -16.06
N GLY C 213 30.02 -19.30 -15.67
CA GLY C 213 29.34 -20.57 -15.51
C GLY C 213 30.32 -21.66 -15.10
N LYS C 214 29.95 -22.90 -15.41
CA LYS C 214 30.67 -24.05 -14.91
C LYS C 214 31.01 -25.07 -15.99
N THR C 215 31.00 -24.65 -17.26
CA THR C 215 31.34 -25.56 -18.35
C THR C 215 31.83 -24.73 -19.54
N ASN C 216 31.98 -25.40 -20.68
CA ASN C 216 32.53 -24.77 -21.87
C ASN C 216 31.61 -23.64 -22.35
N ALA C 217 32.19 -22.46 -22.56
CA ALA C 217 31.42 -21.30 -22.98
C ALA C 217 30.82 -21.52 -24.36
N VAL C 218 31.68 -21.60 -25.39
CA VAL C 218 31.25 -21.90 -26.75
C VAL C 218 31.66 -23.32 -27.09
N ASN C 219 30.77 -24.04 -27.76
CA ASN C 219 30.95 -25.47 -28.00
C ASN C 219 30.63 -25.76 -29.46
N ILE C 220 31.62 -26.25 -30.19
CA ILE C 220 31.49 -26.57 -31.60
C ILE C 220 31.78 -28.06 -31.81
N VAL C 221 30.94 -28.71 -32.61
CA VAL C 221 31.04 -30.15 -32.82
C VAL C 221 30.78 -30.45 -34.29
N MET C 222 31.73 -31.10 -34.96
CA MET C 222 31.48 -31.76 -36.23
C MET C 222 31.29 -33.25 -35.98
N ARG C 223 30.20 -33.80 -36.53
CA ARG C 223 29.89 -35.21 -36.33
C ARG C 223 30.51 -36.04 -37.44
N GLN C 224 30.63 -37.33 -37.18
CA GLN C 224 31.31 -38.24 -38.11
C GLN C 224 30.53 -38.33 -39.42
N PRO C 225 31.07 -37.85 -40.53
CA PRO C 225 30.34 -37.90 -41.80
C PRO C 225 30.37 -39.30 -42.40
N SER C 226 29.47 -39.51 -43.35
CA SER C 226 29.43 -40.80 -44.05
C SER C 226 30.75 -41.05 -44.77
N ALA C 227 31.17 -40.12 -45.61
CA ALA C 227 32.48 -40.19 -46.25
C ALA C 227 33.36 -39.06 -45.75
N PRO C 228 34.56 -39.35 -45.25
CA PRO C 228 35.44 -38.27 -44.79
C PRO C 228 35.82 -37.33 -45.92
N ASN C 229 36.07 -36.08 -45.57
CA ASN C 229 36.40 -35.03 -46.53
C ASN C 229 37.08 -33.90 -45.77
N PHE C 230 37.57 -32.92 -46.53
CA PHE C 230 38.25 -31.77 -45.92
C PHE C 230 37.18 -30.79 -45.43
N SER C 231 36.81 -30.96 -44.17
CA SER C 231 35.86 -30.07 -43.52
C SER C 231 36.34 -29.84 -42.09
N SER C 232 36.41 -28.57 -41.70
CA SER C 232 36.89 -28.20 -40.38
C SER C 232 35.75 -27.71 -39.50
N ALA C 233 35.88 -27.95 -38.20
CA ALA C 233 34.87 -27.50 -37.26
C ALA C 233 34.92 -25.99 -37.05
N LEU C 234 36.07 -25.37 -37.28
CA LEU C 234 36.23 -23.93 -37.15
C LEU C 234 37.31 -23.49 -38.12
N ASN C 235 37.12 -22.31 -38.71
CA ASN C 235 38.01 -21.83 -39.77
C ASN C 235 38.25 -20.35 -39.58
N ILE C 236 39.50 -19.98 -39.32
CA ILE C 236 39.91 -18.58 -39.17
C ILE C 236 40.72 -18.18 -40.39
N THR C 237 40.52 -16.94 -40.84
CA THR C 237 41.26 -16.40 -41.97
C THR C 237 41.37 -14.90 -41.78
N SER C 238 42.57 -14.36 -41.98
CA SER C 238 42.84 -12.95 -41.74
C SER C 238 43.60 -12.36 -42.92
N ALA C 239 43.29 -11.10 -43.25
CA ALA C 239 44.01 -10.34 -44.27
C ALA C 239 44.64 -9.08 -43.70
N ASN C 240 44.72 -8.96 -42.38
CA ASN C 240 45.35 -7.82 -41.72
C ASN C 240 46.81 -8.14 -41.46
N GLU C 241 47.70 -7.47 -42.20
CA GLU C 241 49.13 -7.75 -42.05
C GLU C 241 49.70 -7.17 -40.76
N GLY C 242 48.95 -6.30 -40.07
CA GLY C 242 49.38 -5.68 -38.85
C GLY C 242 48.83 -6.28 -37.57
N GLY C 243 48.18 -7.44 -37.63
CA GLY C 243 47.59 -8.02 -36.44
C GLY C 243 47.48 -9.53 -36.55
N SER C 244 47.59 -10.19 -35.41
CA SER C 244 47.45 -11.64 -35.35
C SER C 244 46.07 -12.08 -35.83
N ALA C 245 46.00 -13.31 -36.34
CA ALA C 245 44.72 -13.87 -36.75
C ALA C 245 43.89 -14.33 -35.56
N MET C 246 44.54 -14.71 -34.46
CA MET C 246 43.83 -15.26 -33.32
C MET C 246 44.63 -15.01 -32.04
N GLN C 247 43.93 -14.76 -30.93
CA GLN C 247 44.63 -14.49 -29.63
C GLN C 247 44.02 -15.33 -28.50
N ILE C 248 44.88 -16.05 -27.78
CA ILE C 248 44.53 -16.87 -26.61
C ILE C 248 45.39 -16.41 -25.44
N ARG C 249 44.72 -16.10 -24.33
CA ARG C 249 45.37 -15.76 -23.07
C ARG C 249 44.81 -16.62 -21.95
N GLY C 250 45.66 -17.03 -21.02
CA GLY C 250 45.22 -17.88 -19.94
C GLY C 250 45.96 -17.60 -18.65
N VAL C 251 45.38 -18.06 -17.55
CA VAL C 251 45.93 -17.87 -16.22
C VAL C 251 45.92 -19.21 -15.51
N GLU C 252 46.24 -20.27 -16.24
CA GLU C 252 46.11 -21.62 -15.70
C GLU C 252 47.13 -21.88 -14.60
N LYS C 253 46.71 -22.67 -13.63
CA LYS C 253 47.58 -23.12 -12.55
C LYS C 253 48.38 -24.32 -13.02
N ALA C 254 47.68 -25.29 -13.58
CA ALA C 254 48.25 -26.44 -14.26
C ALA C 254 47.49 -26.59 -15.56
N LEU C 255 47.94 -27.53 -16.39
CA LEU C 255 47.43 -27.74 -17.75
C LEU C 255 47.85 -26.60 -18.67
N GLY C 256 47.88 -26.90 -19.97
CA GLY C 256 48.22 -25.89 -20.96
C GLY C 256 47.02 -25.03 -21.30
N THR C 257 47.31 -23.76 -21.61
CA THR C 257 46.26 -22.82 -21.99
C THR C 257 45.44 -23.36 -23.15
N LEU C 258 46.10 -23.81 -24.21
CA LEU C 258 45.44 -24.45 -25.34
C LEU C 258 45.78 -25.93 -25.32
N LYS C 259 44.76 -26.78 -25.21
CA LYS C 259 44.94 -28.23 -25.16
C LYS C 259 44.58 -28.81 -26.53
N ILE C 260 45.58 -29.35 -27.21
CA ILE C 260 45.38 -30.04 -28.48
C ILE C 260 45.46 -31.53 -28.21
N THR C 261 44.53 -32.29 -28.77
CA THR C 261 44.50 -33.73 -28.59
C THR C 261 44.19 -34.38 -29.93
N HIS C 262 44.89 -35.49 -30.22
CA HIS C 262 44.69 -36.24 -31.46
C HIS C 262 44.32 -37.67 -31.12
N GLU C 263 43.08 -38.05 -31.43
CA GLU C 263 42.59 -39.42 -31.26
C GLU C 263 42.68 -40.17 -32.58
N ASN C 264 43.23 -41.38 -32.54
CA ASN C 264 43.32 -42.21 -33.74
C ASN C 264 41.91 -42.63 -34.17
N PRO C 265 41.52 -42.38 -35.41
CA PRO C 265 40.20 -42.85 -35.88
C PRO C 265 40.05 -44.36 -35.89
N ASN C 266 41.14 -45.10 -36.02
CA ASN C 266 41.09 -46.55 -36.21
C ASN C 266 41.80 -47.27 -35.07
N VAL C 267 41.48 -48.56 -34.94
CA VAL C 267 42.12 -49.40 -33.93
C VAL C 267 43.56 -49.71 -34.31
N GLU C 268 43.88 -49.76 -35.60
CA GLU C 268 45.22 -50.13 -36.02
C GLU C 268 46.23 -49.06 -35.62
N ALA C 269 47.32 -49.49 -34.98
CA ALA C 269 48.27 -48.56 -34.38
C ALA C 269 48.97 -47.71 -35.42
N LYS C 270 49.07 -48.19 -36.66
CA LYS C 270 49.82 -47.49 -37.71
C LYS C 270 48.89 -46.87 -38.75
N TYR C 271 47.62 -46.65 -38.40
CA TYR C 271 46.71 -45.98 -39.33
C TYR C 271 47.07 -44.50 -39.47
N ASP C 272 47.33 -43.82 -38.36
CA ASP C 272 47.58 -42.39 -38.33
C ASP C 272 49.06 -42.03 -38.38
N GLU C 273 49.87 -42.73 -39.20
CA GLU C 273 51.30 -42.50 -39.15
C GLU C 273 51.70 -41.13 -39.69
N ASN C 274 50.87 -40.51 -40.52
CA ASN C 274 51.17 -39.17 -41.04
C ASN C 274 50.48 -38.06 -40.26
N ALA C 275 49.68 -38.39 -39.25
CA ALA C 275 48.88 -37.40 -38.55
C ALA C 275 49.68 -36.73 -37.44
N ALA C 276 49.47 -35.42 -37.29
CA ALA C 276 50.06 -34.62 -36.23
C ALA C 276 48.97 -33.90 -35.47
N ALA C 277 49.32 -33.40 -34.29
CA ALA C 277 48.38 -32.60 -33.52
C ALA C 277 48.35 -31.15 -34.00
N LEU C 278 49.53 -30.57 -34.23
CA LEU C 278 49.66 -29.21 -34.74
C LEU C 278 50.50 -29.23 -36.01
N SER C 279 49.95 -28.68 -37.08
CA SER C 279 50.63 -28.59 -38.37
C SER C 279 50.92 -27.14 -38.71
N ILE C 280 52.16 -26.86 -39.08
CA ILE C 280 52.59 -25.51 -39.45
C ILE C 280 53.13 -25.55 -40.88
N ASP C 281 52.84 -24.51 -41.64
CA ASP C 281 53.41 -24.35 -42.98
C ASP C 281 53.60 -22.87 -43.23
N ILE C 282 54.80 -22.50 -43.66
CA ILE C 282 55.13 -21.12 -44.02
C ILE C 282 55.20 -21.04 -45.54
N VAL C 283 54.41 -20.15 -46.13
CA VAL C 283 54.33 -20.03 -47.58
C VAL C 283 54.46 -18.56 -47.95
N LYS C 284 54.56 -18.33 -49.25
CA LYS C 284 54.66 -16.99 -49.81
C LYS C 284 53.27 -16.44 -50.11
N LYS C 285 53.23 -15.22 -50.62
CA LYS C 285 51.99 -14.65 -51.13
C LYS C 285 51.50 -15.48 -52.32
N GLN C 286 50.18 -15.64 -52.43
CA GLN C 286 49.62 -16.50 -53.45
C GLN C 286 49.72 -15.90 -54.86
N LYS C 287 50.13 -14.64 -54.99
CA LYS C 287 50.04 -13.94 -56.27
C LYS C 287 51.39 -13.45 -56.80
N GLY C 288 52.50 -14.01 -56.33
CA GLY C 288 53.75 -13.52 -56.87
C GLY C 288 54.95 -13.60 -55.94
N GLY C 289 54.76 -14.21 -54.78
CA GLY C 289 55.82 -14.28 -53.80
C GLY C 289 57.10 -14.89 -54.30
N LYS C 290 58.22 -14.24 -53.98
CA LYS C 290 59.53 -14.79 -54.28
C LYS C 290 59.96 -15.74 -53.17
N GLY C 291 59.50 -15.48 -51.96
CA GLY C 291 59.77 -16.36 -50.85
C GLY C 291 59.15 -15.77 -49.60
N THR C 292 59.62 -16.22 -48.45
CA THR C 292 59.16 -15.70 -47.18
C THR C 292 60.27 -15.90 -46.16
N ALA C 293 60.41 -14.94 -45.25
CA ALA C 293 61.36 -15.05 -44.16
C ALA C 293 60.67 -15.22 -42.81
N ALA C 294 59.46 -15.76 -42.82
CA ALA C 294 58.69 -15.87 -41.59
C ALA C 294 59.22 -17.02 -40.74
N GLN C 295 58.87 -17.00 -39.47
CA GLN C 295 59.38 -17.97 -38.52
C GLN C 295 58.30 -18.99 -38.20
N GLY C 296 58.72 -20.11 -37.63
CA GLY C 296 57.77 -21.19 -37.38
C GLY C 296 57.16 -21.13 -36.00
N ILE C 297 57.97 -21.32 -34.98
CA ILE C 297 57.52 -21.26 -33.59
C ILE C 297 58.43 -20.29 -32.87
N TYR C 298 57.84 -19.45 -32.03
CA TYR C 298 58.57 -18.41 -31.30
C TYR C 298 58.12 -18.48 -29.84
N ILE C 299 58.97 -19.03 -28.98
CA ILE C 299 58.76 -19.01 -27.55
C ILE C 299 59.58 -17.88 -26.95
N ASN C 300 58.99 -17.19 -25.96
CA ASN C 300 59.65 -16.12 -25.23
C ASN C 300 58.88 -15.94 -23.94
N SER C 301 59.48 -15.21 -23.00
CA SER C 301 58.83 -14.93 -21.73
C SER C 301 59.33 -13.57 -21.26
N THR C 302 58.68 -12.50 -21.75
CA THR C 302 59.13 -11.14 -21.48
C THR C 302 59.30 -10.88 -19.99
N SER C 303 58.57 -11.61 -19.14
CA SER C 303 58.78 -11.50 -17.71
C SER C 303 59.87 -12.43 -17.19
N GLY C 304 60.18 -13.50 -17.91
CA GLY C 304 61.23 -14.40 -17.47
C GLY C 304 60.68 -15.59 -16.71
N THR C 305 61.00 -16.80 -17.15
CA THR C 305 60.52 -18.00 -16.50
C THR C 305 61.68 -18.81 -15.94
N ALA C 306 61.35 -19.68 -14.99
CA ALA C 306 62.30 -20.67 -14.47
C ALA C 306 62.01 -22.08 -14.94
N GLY C 307 60.81 -22.33 -15.47
CA GLY C 307 60.47 -23.61 -16.00
C GLY C 307 61.12 -23.87 -17.34
N LYS C 308 60.83 -25.05 -17.88
CA LYS C 308 61.44 -25.50 -19.13
C LYS C 308 60.61 -25.03 -20.32
N MET C 309 61.29 -24.45 -21.32
CA MET C 309 60.58 -23.88 -22.47
C MET C 309 59.91 -24.93 -23.34
N LEU C 310 60.29 -26.20 -23.19
CA LEU C 310 59.71 -27.27 -23.99
C LEU C 310 59.98 -28.58 -23.27
N ARG C 311 58.95 -29.41 -23.12
CA ARG C 311 59.08 -30.67 -22.39
C ARG C 311 58.35 -31.75 -23.19
N ILE C 312 59.11 -32.54 -23.92
CA ILE C 312 58.57 -33.65 -24.69
C ILE C 312 58.51 -34.89 -23.81
N ARG C 313 57.40 -35.61 -23.90
CA ARG C 313 57.23 -36.86 -23.16
C ARG C 313 56.56 -37.89 -24.07
N ASN C 314 56.57 -39.14 -23.59
CA ASN C 314 55.92 -40.25 -24.27
C ASN C 314 55.73 -41.35 -23.24
N LYS C 315 54.49 -41.80 -23.07
CA LYS C 315 54.08 -42.60 -21.91
C LYS C 315 54.53 -41.95 -20.61
N ASN C 316 54.29 -40.63 -20.53
CA ASN C 316 54.49 -39.81 -19.34
C ASN C 316 55.92 -39.71 -18.85
N GLU C 317 56.87 -40.36 -19.52
CA GLU C 317 58.28 -40.27 -19.16
C GLU C 317 58.98 -39.25 -20.05
N ASP C 318 59.75 -38.35 -19.44
CA ASP C 318 60.49 -37.35 -20.20
C ASP C 318 61.36 -38.01 -21.26
N LYS C 319 61.46 -37.35 -22.41
CA LYS C 319 62.29 -37.85 -23.50
C LYS C 319 63.17 -36.78 -24.13
N PHE C 320 62.80 -35.50 -24.03
CA PHE C 320 63.57 -34.39 -24.54
C PHE C 320 63.00 -33.13 -23.90
N TYR C 321 63.89 -32.21 -23.51
CA TYR C 321 63.41 -30.96 -22.95
C TYR C 321 64.46 -29.87 -23.14
N VAL C 322 63.98 -28.65 -23.29
CA VAL C 322 64.81 -27.45 -23.26
C VAL C 322 64.51 -26.70 -21.98
N GLY C 323 65.55 -26.21 -21.31
CA GLY C 323 65.40 -25.50 -20.08
C GLY C 323 65.50 -24.01 -20.30
N PRO C 324 65.30 -23.22 -19.24
CA PRO C 324 65.41 -21.76 -19.39
C PRO C 324 66.79 -21.32 -19.83
N ASP C 325 67.82 -22.07 -19.45
CA ASP C 325 69.19 -21.78 -19.88
C ASP C 325 69.39 -21.98 -21.37
N GLY C 326 68.53 -22.75 -22.02
CA GLY C 326 68.74 -23.12 -23.41
C GLY C 326 69.36 -24.48 -23.61
N GLY C 327 69.69 -25.19 -22.53
CA GLY C 327 70.34 -26.48 -22.65
C GLY C 327 69.35 -27.62 -22.79
N PHE C 328 69.46 -28.34 -23.90
CA PHE C 328 68.56 -29.44 -24.19
C PHE C 328 69.00 -30.69 -23.42
N HIS C 329 68.21 -31.76 -23.55
CA HIS C 329 68.53 -33.02 -22.89
C HIS C 329 67.90 -34.13 -23.72
N SER C 330 68.71 -34.78 -24.55
CA SER C 330 68.21 -35.88 -25.35
C SER C 330 68.03 -37.11 -24.45
N GLY C 331 67.64 -38.21 -25.09
CA GLY C 331 67.26 -39.43 -24.39
C GLY C 331 68.05 -40.61 -24.91
N ALA C 332 68.29 -40.61 -26.21
CA ALA C 332 68.91 -41.73 -26.89
C ALA C 332 69.86 -41.17 -27.95
N ASN C 333 70.19 -42.00 -28.94
CA ASN C 333 71.23 -41.66 -29.90
C ASN C 333 70.71 -40.73 -30.97
N SER C 334 71.52 -39.74 -31.34
CA SER C 334 71.09 -38.76 -32.31
C SER C 334 71.96 -38.79 -33.55
N THR C 335 72.03 -37.67 -34.28
CA THR C 335 72.76 -37.56 -35.52
C THR C 335 72.84 -36.09 -35.90
N VAL C 336 73.96 -35.68 -36.49
CA VAL C 336 74.14 -34.32 -36.98
C VAL C 336 74.81 -34.38 -38.34
N ALA C 337 74.09 -33.96 -39.38
CA ALA C 337 74.67 -33.87 -40.73
C ALA C 337 75.51 -32.60 -40.86
N GLY C 338 76.55 -32.53 -40.03
CA GLY C 338 77.40 -31.35 -39.99
C GLY C 338 78.35 -31.41 -38.82
N ASN C 339 78.87 -30.25 -38.45
CA ASN C 339 79.84 -30.11 -37.37
C ASN C 339 79.22 -29.35 -36.21
N LEU C 340 79.50 -29.81 -34.99
CA LEU C 340 78.91 -29.25 -33.78
C LEU C 340 79.97 -28.51 -32.98
N THR C 341 79.91 -27.18 -33.03
CA THR C 341 80.78 -26.34 -32.20
C THR C 341 80.39 -26.45 -30.73
N VAL C 342 81.33 -26.88 -29.89
CA VAL C 342 81.11 -27.01 -28.45
C VAL C 342 82.27 -26.33 -27.72
N LYS C 343 82.21 -26.39 -26.38
CA LYS C 343 83.26 -25.82 -25.54
C LYS C 343 84.29 -26.90 -25.18
N ASP C 344 85.40 -26.45 -24.62
CA ASP C 344 86.47 -27.38 -24.25
C ASP C 344 86.10 -28.20 -23.01
N PRO C 345 86.28 -29.52 -23.03
CA PRO C 345 85.80 -30.36 -21.93
C PRO C 345 86.61 -30.22 -20.65
N THR C 346 86.01 -29.69 -19.59
CA THR C 346 86.66 -29.65 -18.28
C THR C 346 86.19 -30.78 -17.37
N SER C 347 85.72 -31.88 -17.96
CA SER C 347 85.29 -33.06 -17.22
C SER C 347 85.43 -34.28 -18.11
N GLY C 348 85.28 -35.46 -17.49
CA GLY C 348 85.61 -36.72 -18.13
C GLY C 348 84.63 -37.22 -19.16
N LYS C 349 83.39 -36.73 -19.13
CA LYS C 349 82.36 -37.17 -20.08
C LYS C 349 82.11 -36.18 -21.19
N HIS C 350 82.15 -34.88 -20.89
CA HIS C 350 82.00 -33.81 -21.87
C HIS C 350 82.74 -34.13 -23.16
N ALA C 351 82.02 -34.07 -24.28
CA ALA C 351 82.57 -34.11 -25.64
C ALA C 351 83.94 -33.45 -25.75
N ALA C 352 84.80 -33.96 -26.63
CA ALA C 352 86.12 -33.40 -26.87
C ALA C 352 86.14 -32.65 -28.19
N THR C 353 86.81 -31.49 -28.20
CA THR C 353 86.88 -30.67 -29.40
C THR C 353 88.03 -31.14 -30.28
N LYS C 354 88.56 -30.25 -31.13
CA LYS C 354 89.78 -30.55 -31.87
C LYS C 354 91.02 -29.90 -31.27
N ASP C 355 90.91 -28.65 -30.80
CA ASP C 355 92.07 -28.07 -30.13
C ASP C 355 92.34 -28.71 -28.78
N TYR C 356 91.52 -29.67 -28.36
CA TYR C 356 91.85 -30.55 -27.25
C TYR C 356 92.52 -31.84 -27.70
N VAL C 357 92.25 -32.28 -28.93
CA VAL C 357 92.93 -33.44 -29.49
C VAL C 357 94.16 -33.05 -30.31
N ASP C 358 94.24 -31.81 -30.79
CA ASP C 358 95.53 -31.28 -31.21
C ASP C 358 96.40 -30.96 -30.01
N GLU C 359 95.79 -30.76 -28.85
CA GLU C 359 96.50 -30.45 -27.61
C GLU C 359 97.27 -31.67 -27.11
N LYS C 360 96.55 -32.62 -26.50
CA LYS C 360 97.18 -33.76 -25.85
C LYS C 360 97.85 -34.72 -26.83
N ILE C 361 98.26 -34.21 -27.99
CA ILE C 361 99.03 -34.99 -28.95
C ILE C 361 100.42 -34.39 -29.08
N ALA C 362 100.47 -33.09 -29.37
CA ALA C 362 101.75 -32.38 -29.43
C ALA C 362 102.38 -32.22 -28.05
N GLU C 363 101.66 -32.56 -26.98
CA GLU C 363 102.28 -32.78 -25.68
C GLU C 363 102.93 -34.15 -25.59
N LEU C 364 102.91 -34.90 -26.69
CA LEU C 364 103.79 -36.04 -26.91
C LEU C 364 104.75 -35.79 -28.07
N LYS C 365 105.01 -34.52 -28.40
CA LYS C 365 106.07 -34.13 -29.33
C LYS C 365 107.45 -34.17 -28.68
N LYS C 366 107.67 -35.16 -27.82
CA LYS C 366 108.86 -35.23 -27.00
C LYS C 366 109.37 -36.66 -26.90
N LEU D 7 -238.15 10.84 41.61
CA LEU D 7 -237.64 11.79 42.59
C LEU D 7 -236.19 12.17 42.33
N ARG D 8 -235.96 13.12 41.43
CA ARG D 8 -234.64 13.73 41.30
C ARG D 8 -234.37 14.52 42.57
N VAL D 9 -233.42 14.06 43.38
CA VAL D 9 -233.18 14.58 44.72
C VAL D 9 -232.05 15.60 44.69
N GLN D 10 -232.28 16.75 45.33
CA GLN D 10 -231.25 17.73 45.60
C GLN D 10 -230.82 17.66 47.07
N PHE D 11 -229.60 18.12 47.32
CA PHE D 11 -228.97 18.00 48.63
C PHE D 11 -228.81 19.37 49.27
N LYS D 12 -228.38 19.38 50.53
CA LYS D 12 -228.10 20.65 51.19
C LYS D 12 -226.86 21.26 50.56
N ARG D 13 -226.93 22.56 50.26
CA ARG D 13 -225.91 23.18 49.44
C ARG D 13 -225.79 24.66 49.76
N MET D 14 -224.55 25.13 49.82
CA MET D 14 -224.22 26.53 50.04
C MET D 14 -222.99 26.84 49.19
N SER D 15 -222.55 28.09 49.24
CA SER D 15 -221.26 28.41 48.65
C SER D 15 -220.14 27.74 49.43
N ALA D 16 -218.99 27.59 48.77
CA ALA D 16 -217.86 26.94 49.42
C ALA D 16 -217.41 27.73 50.65
N ASP D 17 -217.53 29.05 50.59
CA ASP D 17 -217.19 29.88 51.75
C ASP D 17 -218.32 29.87 52.77
N GLU D 18 -219.58 29.97 52.31
CA GLU D 18 -220.70 29.97 53.24
C GLU D 18 -220.71 28.72 54.09
N TRP D 19 -220.20 27.60 53.57
CA TRP D 19 -220.10 26.38 54.36
C TRP D 19 -219.11 26.55 55.52
N ALA D 20 -217.94 27.14 55.23
CA ALA D 20 -216.92 27.30 56.26
C ALA D 20 -217.41 28.16 57.41
N ARG D 21 -218.28 29.13 57.13
CA ARG D 21 -218.81 30.02 58.16
C ARG D 21 -220.19 29.61 58.66
N SER D 22 -220.70 28.45 58.26
CA SER D 22 -222.03 28.03 58.67
C SER D 22 -221.93 27.03 59.81
N ASP D 23 -222.88 27.10 60.74
CA ASP D 23 -222.87 26.27 61.94
C ASP D 23 -223.76 25.03 61.81
N VAL D 24 -224.33 24.78 60.63
CA VAL D 24 -225.26 23.65 60.46
C VAL D 24 -224.50 22.34 60.58
N ILE D 25 -225.03 21.42 61.36
CA ILE D 25 -224.43 20.10 61.56
C ILE D 25 -225.25 19.09 60.79
N LEU D 26 -224.63 18.50 59.77
CA LEU D 26 -225.29 17.48 58.98
C LEU D 26 -225.38 16.17 59.76
N LEU D 27 -226.45 15.42 59.52
CA LEU D 27 -226.61 14.17 60.23
C LEU D 27 -225.63 13.14 59.68
N GLU D 28 -225.36 12.11 60.49
CA GLU D 28 -224.43 11.07 60.08
C GLU D 28 -224.97 10.33 58.87
N GLY D 29 -224.47 10.69 57.70
CA GLY D 29 -224.93 10.13 56.44
C GLY D 29 -225.60 11.13 55.52
N GLU D 30 -225.89 12.34 56.01
CA GLU D 30 -226.48 13.35 55.15
C GLU D 30 -225.37 14.05 54.39
N ILE D 31 -225.59 14.26 53.10
CA ILE D 31 -224.57 14.80 52.21
C ILE D 31 -224.76 16.30 52.10
N GLY D 32 -223.65 17.02 52.05
CA GLY D 32 -223.66 18.46 51.86
C GLY D 32 -222.85 18.82 50.64
N PHE D 33 -223.31 19.82 49.91
CA PHE D 33 -222.74 20.13 48.60
C PHE D 33 -222.09 21.50 48.62
N GLU D 34 -221.07 21.65 47.80
CA GLU D 34 -220.40 22.93 47.55
C GLU D 34 -220.78 23.40 46.15
N THR D 35 -221.63 24.42 46.09
CA THR D 35 -222.07 24.95 44.81
C THR D 35 -220.90 25.50 43.98
N ASP D 36 -219.73 25.66 44.58
CA ASP D 36 -218.54 26.12 43.90
C ASP D 36 -217.82 24.93 43.28
N THR D 37 -216.54 24.75 43.63
CA THR D 37 -215.67 23.64 43.24
C THR D 37 -216.35 22.33 42.82
N GLY D 38 -217.63 22.15 43.14
CA GLY D 38 -218.31 20.90 42.87
C GLY D 38 -217.97 19.78 43.84
N PHE D 39 -217.20 20.06 44.88
CA PHE D 39 -216.86 19.05 45.88
C PHE D 39 -218.06 18.78 46.79
N ALA D 40 -217.96 17.72 47.58
CA ALA D 40 -219.02 17.36 48.52
C ALA D 40 -218.42 16.55 49.66
N LYS D 41 -219.08 16.63 50.82
CA LYS D 41 -218.69 15.86 51.99
C LYS D 41 -219.93 15.31 52.68
N PHE D 42 -219.70 14.40 53.62
CA PHE D 42 -220.76 13.79 54.42
C PHE D 42 -220.96 14.60 55.69
N GLY D 43 -221.74 14.05 56.62
CA GLY D 43 -222.00 14.68 57.89
C GLY D 43 -221.53 13.76 59.00
N ASP D 44 -221.10 14.36 60.11
CA ASP D 44 -220.64 13.60 61.27
C ASP D 44 -221.50 13.86 62.50
N GLY D 45 -222.80 14.05 62.31
CA GLY D 45 -223.73 14.53 63.32
C GLY D 45 -223.16 15.03 64.64
N GLN D 46 -222.30 16.04 64.56
CA GLN D 46 -221.62 16.68 65.71
C GLN D 46 -220.42 17.49 65.25
N ASN D 47 -220.29 17.74 63.95
CA ASN D 47 -219.14 18.49 63.44
C ASN D 47 -219.57 19.46 62.35
N THR D 48 -218.90 20.61 62.32
CA THR D 48 -219.11 21.58 61.25
C THR D 48 -218.55 21.04 59.94
N PHE D 49 -218.92 21.71 58.84
CA PHE D 49 -218.48 21.28 57.53
C PHE D 49 -216.95 21.27 57.41
N SER D 50 -216.28 22.17 58.13
CA SER D 50 -214.83 22.33 57.97
C SER D 50 -214.05 21.08 58.39
N LYS D 51 -214.54 20.32 59.37
CA LYS D 51 -213.72 19.28 60.01
C LYS D 51 -214.14 17.86 59.65
N LEU D 52 -214.74 17.67 58.48
CA LEU D 52 -215.26 16.36 58.07
C LEU D 52 -214.71 16.00 56.69
N LYS D 53 -214.13 14.81 56.57
CA LYS D 53 -213.52 14.35 55.33
C LYS D 53 -214.46 14.49 54.13
N TYR D 54 -213.86 14.81 52.99
CA TYR D 54 -214.55 14.89 51.70
C TYR D 54 -215.04 13.53 51.25
N LEU D 55 -215.79 13.54 50.15
CA LEU D 55 -216.28 12.33 49.50
C LEU D 55 -215.52 12.13 48.19
N THR D 56 -214.25 11.74 48.33
CA THR D 56 -213.42 11.43 47.18
C THR D 56 -213.25 9.91 47.06
N GLY D 57 -212.64 9.51 45.96
CA GLY D 57 -212.18 8.15 45.79
C GLY D 57 -210.73 8.03 46.18
N PRO D 58 -210.12 6.89 45.90
CA PRO D 58 -208.69 6.72 46.22
C PRO D 58 -207.82 7.51 45.27
N LYS D 59 -206.51 7.49 45.49
CA LYS D 59 -205.61 8.24 44.64
C LYS D 59 -205.35 7.49 43.34
N GLY D 60 -205.17 8.25 42.26
CA GLY D 60 -204.92 7.67 40.97
C GLY D 60 -203.60 6.94 40.90
N PRO D 61 -203.36 6.22 39.80
CA PRO D 61 -202.11 5.48 39.67
C PRO D 61 -200.98 6.36 39.14
N LYS D 62 -199.77 5.84 39.27
CA LYS D 62 -198.57 6.57 38.85
C LYS D 62 -198.51 6.63 37.33
N GLY D 63 -198.13 7.80 36.82
CA GLY D 63 -198.05 7.97 35.38
C GLY D 63 -197.07 7.01 34.73
N ASP D 64 -197.18 6.91 33.40
CA ASP D 64 -196.32 6.01 32.64
C ASP D 64 -194.86 6.44 32.79
N THR D 65 -193.97 5.45 32.69
CA THR D 65 -192.54 5.75 32.76
C THR D 65 -192.15 6.64 31.58
N GLY D 66 -191.24 7.57 31.82
CA GLY D 66 -190.86 8.51 30.80
C GLY D 66 -190.13 7.85 29.65
N LEU D 67 -189.94 8.62 28.58
CA LEU D 67 -189.26 8.11 27.40
C LEU D 67 -187.77 7.98 27.70
N GLN D 68 -187.00 7.60 26.68
CA GLN D 68 -185.58 7.37 26.84
C GLN D 68 -184.81 8.50 26.21
N GLY D 69 -183.77 8.95 26.91
CA GLY D 69 -183.00 10.09 26.47
C GLY D 69 -182.32 9.86 25.13
N LYS D 70 -182.00 10.98 24.48
CA LYS D 70 -181.30 10.93 23.19
C LYS D 70 -179.94 10.27 23.37
N THR D 71 -179.53 9.51 22.36
CA THR D 71 -178.28 8.78 22.43
C THR D 71 -177.10 9.74 22.53
N GLY D 72 -176.03 9.27 23.16
CA GLY D 72 -174.88 10.13 23.38
C GLY D 72 -174.18 10.48 22.08
N GLY D 73 -173.39 11.55 22.13
CA GLY D 73 -172.70 11.99 20.95
C GLY D 73 -171.64 11.01 20.50
N THR D 74 -171.39 10.98 19.20
CA THR D 74 -170.34 10.14 18.66
C THR D 74 -168.98 10.59 19.19
N GLY D 75 -168.07 9.63 19.34
CA GLY D 75 -166.81 9.92 19.97
C GLY D 75 -165.90 10.74 19.09
N PRO D 76 -164.73 11.07 19.63
CA PRO D 76 -163.75 11.84 18.86
C PRO D 76 -162.86 10.93 18.01
N ARG D 77 -162.30 11.53 16.97
CA ARG D 77 -161.41 10.78 16.08
C ARG D 77 -160.23 10.25 16.86
N GLY D 78 -159.94 8.96 16.68
CA GLY D 78 -158.82 8.35 17.37
C GLY D 78 -157.50 8.97 16.98
N PRO D 79 -156.46 8.72 17.78
CA PRO D 79 -155.14 9.26 17.46
C PRO D 79 -154.50 8.54 16.29
N ALA D 80 -153.52 9.22 15.68
CA ALA D 80 -152.81 8.69 14.54
C ALA D 80 -151.80 7.63 14.96
N GLY D 81 -151.52 6.71 14.05
CA GLY D 81 -150.53 5.69 14.30
C GLY D 81 -149.13 6.24 14.42
N LYS D 82 -148.27 5.48 15.11
CA LYS D 82 -146.88 5.87 15.26
C LYS D 82 -146.19 5.84 13.89
N PRO D 83 -145.14 6.64 13.69
CA PRO D 83 -144.61 6.82 12.33
C PRO D 83 -143.90 5.58 11.77
N GLY D 84 -143.87 5.53 10.45
CA GLY D 84 -143.25 4.43 9.73
C GLY D 84 -141.74 4.39 9.84
N THR D 85 -141.21 3.29 10.35
CA THR D 85 -139.78 3.04 10.41
C THR D 85 -139.40 1.91 9.46
N THR D 86 -138.17 1.95 8.95
CA THR D 86 -137.66 0.95 8.03
C THR D 86 -136.50 0.23 8.72
N ASP D 87 -136.51 -1.09 8.68
CA ASP D 87 -135.45 -1.89 9.28
C ASP D 87 -134.47 -2.41 8.23
N TYR D 88 -133.18 -2.23 8.51
CA TYR D 88 -132.14 -2.83 7.67
C TYR D 88 -132.31 -4.34 7.60
N ASP D 89 -132.55 -4.97 8.76
CA ASP D 89 -132.55 -6.43 8.86
C ASP D 89 -133.61 -7.05 7.97
N GLN D 90 -134.76 -6.40 7.83
CA GLN D 90 -135.90 -6.94 7.10
C GLN D 90 -135.86 -6.66 5.60
N LEU D 91 -134.86 -5.91 5.13
CA LEU D 91 -134.74 -5.58 3.72
C LEU D 91 -134.51 -6.83 2.87
N GLN D 92 -134.71 -6.67 1.56
CA GLN D 92 -134.42 -7.71 0.59
C GLN D 92 -133.08 -7.45 -0.08
N ASN D 93 -132.50 -8.51 -0.64
CA ASN D 93 -131.23 -8.44 -1.37
C ASN D 93 -130.16 -7.69 -0.57
N LYS D 94 -130.10 -7.95 0.73
CA LYS D 94 -129.10 -7.30 1.56
C LYS D 94 -127.71 -7.70 1.07
N PRO D 95 -126.78 -6.75 0.97
CA PRO D 95 -125.44 -7.09 0.48
C PRO D 95 -124.69 -7.92 1.50
N ASP D 96 -123.89 -8.85 1.00
CA ASP D 96 -123.13 -9.75 1.87
C ASP D 96 -121.97 -9.01 2.50
N LEU D 97 -122.04 -8.78 3.81
CA LEU D 97 -120.96 -8.15 4.55
C LEU D 97 -119.89 -9.15 4.97
N GLY D 98 -120.20 -10.45 4.93
CA GLY D 98 -119.23 -11.46 5.34
C GLY D 98 -117.95 -11.39 4.55
N ALA D 99 -118.03 -11.06 3.26
CA ALA D 99 -116.88 -11.02 2.37
C ALA D 99 -116.01 -9.78 2.57
N PHE D 100 -116.16 -9.08 3.71
CA PHE D 100 -115.37 -7.90 4.00
C PHE D 100 -114.50 -8.15 5.22
N ALA D 101 -113.25 -7.70 5.13
CA ALA D 101 -112.28 -7.93 6.20
C ALA D 101 -112.59 -7.04 7.40
N GLN D 102 -112.57 -7.64 8.59
CA GLN D 102 -112.76 -6.88 9.82
C GLN D 102 -111.57 -5.94 10.05
N LYS D 103 -111.86 -4.77 10.62
CA LYS D 103 -110.81 -3.78 10.85
C LYS D 103 -109.85 -4.23 11.95
N GLU D 104 -110.39 -4.55 13.12
CA GLU D 104 -109.55 -4.82 14.30
C GLU D 104 -108.63 -6.02 14.08
N GLU D 105 -109.18 -7.11 13.54
CA GLU D 105 -108.36 -8.30 13.30
C GLU D 105 -107.23 -8.02 12.31
N THR D 106 -107.49 -7.17 11.31
CA THR D 106 -106.49 -6.94 10.27
C THR D 106 -105.37 -6.02 10.74
N ASN D 107 -105.72 -4.84 11.27
CA ASN D 107 -104.69 -3.91 11.73
C ASN D 107 -103.85 -4.50 12.86
N SER D 108 -104.37 -5.46 13.61
CA SER D 108 -103.56 -6.14 14.61
C SER D 108 -102.61 -7.14 13.97
N LYS D 109 -103.10 -7.93 13.01
CA LYS D 109 -102.23 -8.83 12.26
C LYS D 109 -101.14 -8.07 11.52
N ILE D 110 -101.47 -6.91 10.94
CA ILE D 110 -100.49 -6.17 10.15
C ILE D 110 -99.41 -5.59 11.05
N THR D 111 -99.81 -5.06 12.23
CA THR D 111 -98.82 -4.51 13.15
C THR D 111 -97.85 -5.59 13.65
N LYS D 112 -98.37 -6.77 13.99
CA LYS D 112 -97.52 -7.87 14.42
C LYS D 112 -96.49 -8.24 13.35
N LEU D 113 -96.81 -7.98 12.08
CA LEU D 113 -95.86 -8.31 11.01
C LEU D 113 -94.70 -7.31 10.97
N GLU D 114 -95.00 -6.01 10.99
CA GLU D 114 -93.93 -5.02 10.95
C GLU D 114 -93.04 -5.09 12.18
N SER D 115 -93.57 -5.60 13.29
CA SER D 115 -92.78 -5.69 14.51
C SER D 115 -92.00 -6.99 14.61
N SER D 116 -92.49 -8.06 13.99
CA SER D 116 -91.85 -9.36 14.08
C SER D 116 -90.94 -9.68 12.90
N LYS D 117 -90.94 -8.86 11.85
CA LYS D 117 -90.22 -9.16 10.62
C LYS D 117 -89.10 -8.15 10.39
N ALA D 118 -88.14 -8.56 9.55
CA ALA D 118 -86.82 -7.93 9.45
C ALA D 118 -86.76 -6.91 8.30
N ASP D 119 -86.85 -5.63 8.65
CA ASP D 119 -86.63 -4.53 7.71
C ASP D 119 -85.42 -4.75 6.81
N LYS D 120 -85.49 -4.28 5.55
CA LYS D 120 -84.36 -4.44 4.64
C LYS D 120 -83.12 -3.72 5.16
N SER D 121 -83.32 -2.53 5.75
CA SER D 121 -82.23 -1.66 6.14
C SER D 121 -81.43 -2.17 7.34
N ALA D 122 -81.78 -3.33 7.90
CA ALA D 122 -81.08 -3.84 9.07
C ALA D 122 -80.54 -5.25 8.83
N VAL D 123 -80.40 -5.65 7.58
CA VAL D 123 -79.88 -6.98 7.21
C VAL D 123 -79.15 -6.85 5.89
N TYR D 124 -77.98 -7.49 5.80
CA TYR D 124 -77.26 -7.58 4.54
C TYR D 124 -77.93 -8.58 3.60
N SER D 125 -78.07 -8.19 2.34
CA SER D 125 -78.62 -9.09 1.32
C SER D 125 -77.66 -10.25 1.09
N LYS D 126 -78.05 -11.21 0.26
CA LYS D 126 -77.15 -12.30 -0.08
C LYS D 126 -75.90 -11.79 -0.77
N ALA D 127 -76.07 -10.89 -1.74
CA ALA D 127 -74.91 -10.35 -2.44
C ALA D 127 -74.13 -9.41 -1.55
N GLU D 128 -74.82 -8.72 -0.64
CA GLU D 128 -74.13 -7.91 0.36
C GLU D 128 -73.35 -8.80 1.32
N SER D 129 -73.97 -9.88 1.79
CA SER D 129 -73.27 -10.83 2.65
C SER D 129 -72.08 -11.46 1.93
N LYS D 130 -72.25 -11.87 0.67
CA LYS D 130 -71.14 -12.46 -0.06
C LYS D 130 -70.04 -11.44 -0.31
N ILE D 131 -70.42 -10.23 -0.73
CA ILE D 131 -69.42 -9.21 -1.05
C ILE D 131 -68.56 -8.90 0.16
N GLU D 132 -69.17 -8.92 1.36
CA GLU D 132 -68.39 -8.71 2.57
C GLU D 132 -67.64 -9.97 2.99
N LEU D 133 -68.15 -11.15 2.61
CA LEU D 133 -67.44 -12.38 2.89
C LEU D 133 -66.22 -12.53 1.98
N ASP D 134 -66.37 -12.18 0.70
CA ASP D 134 -65.27 -12.30 -0.24
C ASP D 134 -64.13 -11.35 0.11
N LYS D 135 -64.37 -10.36 0.96
CA LYS D 135 -63.33 -9.51 1.51
C LYS D 135 -62.55 -10.19 2.62
N LYS D 136 -62.90 -11.44 2.95
CA LYS D 136 -62.31 -12.20 4.04
C LYS D 136 -61.61 -13.46 3.55
N LEU D 137 -60.47 -13.77 4.17
CA LEU D 137 -59.68 -14.93 3.80
C LEU D 137 -60.40 -16.23 4.19
N SER D 138 -60.32 -17.21 3.30
CA SER D 138 -60.92 -18.53 3.52
C SER D 138 -59.85 -19.56 3.87
N LEU D 139 -60.30 -20.69 4.41
CA LEU D 139 -59.40 -21.76 4.80
C LEU D 139 -59.00 -22.65 3.63
N THR D 140 -59.66 -22.51 2.48
CA THR D 140 -59.30 -23.25 1.28
C THR D 140 -58.25 -22.54 0.43
N GLY D 141 -57.88 -21.32 0.80
CA GLY D 141 -56.88 -20.58 0.06
C GLY D 141 -57.19 -19.10 0.08
N GLY D 142 -56.27 -18.34 -0.50
CA GLY D 142 -56.43 -16.90 -0.60
C GLY D 142 -55.13 -16.25 -1.00
N ILE D 143 -55.20 -14.94 -1.17
CA ILE D 143 -54.06 -14.14 -1.62
C ILE D 143 -54.06 -12.84 -0.81
N VAL D 144 -53.14 -12.72 0.13
CA VAL D 144 -53.04 -11.55 0.99
C VAL D 144 -52.22 -10.48 0.29
N THR D 145 -52.79 -9.27 0.20
CA THR D 145 -52.11 -8.15 -0.45
C THR D 145 -51.43 -7.21 0.53
N GLY D 146 -51.86 -7.19 1.79
CA GLY D 146 -51.30 -6.33 2.80
C GLY D 146 -50.33 -7.06 3.70
N GLN D 147 -50.04 -6.46 4.84
CA GLN D 147 -49.13 -7.06 5.81
C GLN D 147 -49.95 -7.77 6.85
N LEU D 148 -49.75 -9.08 6.97
CA LEU D 148 -50.44 -9.88 7.97
C LEU D 148 -49.54 -9.91 9.19
N GLN D 149 -49.86 -9.05 10.15
CA GLN D 149 -49.09 -9.00 11.38
C GLN D 149 -49.56 -10.09 12.32
N PHE D 150 -48.62 -10.61 13.10
CA PHE D 150 -48.94 -11.51 14.21
C PHE D 150 -48.54 -10.80 15.48
N LYS D 151 -49.46 -10.76 16.44
CA LYS D 151 -49.25 -10.06 17.71
C LYS D 151 -49.81 -10.89 18.84
N PRO D 152 -49.28 -12.09 19.06
CA PRO D 152 -49.79 -12.94 20.13
C PRO D 152 -49.55 -12.29 21.49
N ASN D 153 -50.45 -12.56 22.42
CA ASN D 153 -50.38 -11.93 23.74
C ASN D 153 -51.20 -12.79 24.69
N LYS D 154 -50.51 -13.45 25.63
CA LYS D 154 -51.15 -14.34 26.59
C LYS D 154 -52.08 -15.34 25.92
N SER D 155 -51.72 -15.77 24.71
CA SER D 155 -52.55 -16.67 23.92
C SER D 155 -52.20 -18.13 24.11
N GLY D 156 -51.33 -18.46 25.08
CA GLY D 156 -50.96 -19.84 25.30
C GLY D 156 -50.27 -20.45 24.10
N ILE D 157 -49.28 -19.75 23.55
CA ILE D 157 -48.51 -20.26 22.42
C ILE D 157 -47.44 -21.21 22.96
N LYS D 158 -47.51 -22.47 22.52
CA LYS D 158 -46.53 -23.37 23.09
C LYS D 158 -45.28 -23.47 22.22
N PRO D 159 -44.12 -23.73 22.82
CA PRO D 159 -42.87 -23.77 22.06
C PRO D 159 -42.47 -25.12 21.47
N SER D 160 -43.31 -26.15 21.58
CA SER D 160 -42.92 -27.47 21.11
C SER D 160 -42.50 -27.44 19.65
N SER D 161 -41.44 -28.18 19.33
CA SER D 161 -40.94 -28.28 17.96
C SER D 161 -41.78 -29.20 17.08
N SER D 162 -42.98 -29.59 17.52
CA SER D 162 -43.82 -30.51 16.78
C SER D 162 -45.21 -29.95 16.51
N VAL D 163 -45.77 -29.21 17.47
CA VAL D 163 -47.10 -28.62 17.29
C VAL D 163 -47.13 -27.14 17.62
N GLY D 164 -46.20 -26.62 18.42
CA GLY D 164 -46.25 -25.26 18.91
C GLY D 164 -45.88 -24.21 17.89
N GLY D 165 -45.54 -23.03 18.38
CA GLY D 165 -45.18 -21.94 17.48
C GLY D 165 -46.38 -21.08 17.13
N ALA D 166 -46.11 -19.77 17.01
CA ALA D 166 -47.15 -18.85 16.56
C ALA D 166 -47.70 -19.29 15.20
N ILE D 167 -46.84 -19.80 14.34
CA ILE D 167 -47.23 -20.54 13.14
C ILE D 167 -46.79 -21.98 13.31
N ASN D 168 -47.66 -22.91 12.90
CA ASN D 168 -47.31 -24.33 12.89
C ASN D 168 -47.69 -24.89 11.53
N ILE D 169 -46.69 -25.40 10.81
CA ILE D 169 -46.91 -26.05 9.52
C ILE D 169 -46.64 -27.53 9.69
N ASP D 170 -47.61 -28.36 9.31
CA ASP D 170 -47.49 -29.81 9.40
C ASP D 170 -47.76 -30.40 8.02
N MET D 171 -46.71 -30.95 7.40
CA MET D 171 -46.81 -31.55 6.07
C MET D 171 -46.73 -33.07 6.11
N SER D 172 -47.01 -33.68 7.27
CA SER D 172 -46.94 -35.13 7.40
C SER D 172 -47.94 -35.86 6.53
N LYS D 173 -48.97 -35.18 6.01
CA LYS D 173 -49.99 -35.83 5.20
C LYS D 173 -50.16 -35.18 3.83
N SER D 174 -49.21 -34.36 3.41
CA SER D 174 -49.35 -33.62 2.15
C SER D 174 -47.98 -33.42 1.51
N GLU D 175 -47.89 -33.80 0.23
CA GLU D 175 -46.73 -33.47 -0.58
C GLU D 175 -46.57 -31.95 -0.71
N GLY D 176 -45.36 -31.54 -1.05
CA GLY D 176 -45.03 -30.15 -1.31
C GLY D 176 -44.21 -29.55 -0.18
N ALA D 177 -43.98 -28.26 -0.31
CA ALA D 177 -43.12 -27.51 0.61
C ALA D 177 -43.96 -26.81 1.68
N ALA D 178 -43.31 -26.52 2.81
CA ALA D 178 -43.99 -25.81 3.88
C ALA D 178 -44.17 -24.35 3.54
N MET D 179 -43.09 -23.67 3.16
CA MET D 179 -43.15 -22.26 2.83
C MET D 179 -42.13 -21.96 1.75
N VAL D 180 -42.46 -20.99 0.89
CA VAL D 180 -41.58 -20.55 -0.18
C VAL D 180 -41.46 -19.03 -0.10
N MET D 181 -40.23 -18.53 -0.21
CA MET D 181 -39.95 -17.11 -0.27
C MET D 181 -39.19 -16.84 -1.56
N TYR D 182 -39.86 -16.18 -2.50
CA TYR D 182 -39.32 -15.92 -3.83
C TYR D 182 -39.15 -14.43 -4.05
N THR D 183 -38.11 -14.08 -4.81
CA THR D 183 -37.93 -12.70 -5.23
C THR D 183 -37.38 -12.65 -6.65
N ASN D 184 -38.04 -11.88 -7.50
CA ASN D 184 -37.57 -11.59 -8.86
C ASN D 184 -37.20 -10.12 -9.00
N LYS D 185 -36.97 -9.44 -7.89
CA LYS D 185 -36.73 -8.01 -7.89
C LYS D 185 -35.30 -7.72 -8.33
N ASP D 186 -35.14 -6.64 -9.10
CA ASP D 186 -33.80 -6.22 -9.48
C ASP D 186 -33.05 -5.69 -8.27
N THR D 187 -33.73 -4.95 -7.41
CA THR D 187 -33.17 -4.51 -6.14
C THR D 187 -34.33 -4.20 -5.20
N THR D 188 -34.03 -4.18 -3.91
CA THR D 188 -35.01 -3.83 -2.89
C THR D 188 -34.27 -3.18 -1.73
N ASP D 189 -34.96 -3.01 -0.60
CA ASP D 189 -34.39 -2.33 0.55
C ASP D 189 -34.26 -3.25 1.77
N GLY D 190 -34.31 -4.57 1.56
CA GLY D 190 -34.17 -5.50 2.65
C GLY D 190 -34.10 -6.95 2.23
N PRO D 191 -33.70 -7.83 3.14
CA PRO D 191 -33.62 -9.25 2.82
C PRO D 191 -35.00 -9.88 2.71
N LEU D 192 -35.08 -11.21 2.73
CA LEU D 192 -36.37 -11.88 2.73
C LEU D 192 -36.80 -12.21 4.16
N MET D 193 -36.29 -13.30 4.70
CA MET D 193 -36.56 -13.68 6.08
C MET D 193 -35.56 -13.00 7.01
N ILE D 194 -36.01 -12.67 8.21
CA ILE D 194 -35.19 -11.95 9.19
C ILE D 194 -35.42 -12.53 10.57
N LEU D 195 -34.33 -12.89 11.25
CA LEU D 195 -34.33 -13.26 12.66
C LEU D 195 -33.50 -12.26 13.44
N ARG D 196 -34.01 -11.85 14.60
CA ARG D 196 -33.35 -10.82 15.40
C ARG D 196 -33.72 -11.00 16.87
N SER D 197 -32.70 -10.98 17.74
CA SER D 197 -32.89 -10.89 19.18
C SER D 197 -32.13 -9.67 19.68
N ASP D 198 -32.80 -8.84 20.48
CA ASP D 198 -32.21 -7.58 20.94
C ASP D 198 -31.84 -7.58 22.41
N LYS D 199 -32.42 -8.46 23.22
CA LYS D 199 -32.14 -8.50 24.64
C LYS D 199 -31.01 -9.51 24.90
N ASP D 200 -29.88 -9.03 25.42
CA ASP D 200 -28.74 -9.88 25.69
C ASP D 200 -28.98 -10.89 26.82
N THR D 201 -30.18 -10.95 27.38
CA THR D 201 -30.56 -11.98 28.33
C THR D 201 -31.29 -13.15 27.67
N PHE D 202 -31.43 -13.13 26.35
CA PHE D 202 -32.21 -14.12 25.62
C PHE D 202 -31.55 -15.50 25.73
N ASP D 203 -32.22 -16.43 26.44
CA ASP D 203 -31.63 -17.71 26.78
C ASP D 203 -31.95 -18.82 25.76
N GLN D 204 -32.16 -18.48 24.49
CA GLN D 204 -32.48 -19.49 23.49
C GLN D 204 -31.84 -19.13 22.16
N SER D 205 -31.90 -20.08 21.23
CA SER D 205 -31.33 -19.91 19.90
C SER D 205 -32.24 -19.06 19.02
N ALA D 206 -31.69 -18.61 17.89
CA ALA D 206 -32.45 -17.89 16.88
C ALA D 206 -33.12 -18.83 15.89
N GLN D 207 -32.37 -19.82 15.41
CA GLN D 207 -32.87 -20.82 14.48
C GLN D 207 -32.51 -22.20 14.97
N PHE D 208 -33.42 -23.16 14.77
CA PHE D 208 -33.23 -24.52 15.25
C PHE D 208 -33.64 -25.48 14.15
N VAL D 209 -32.76 -26.45 13.85
CA VAL D 209 -32.98 -27.44 12.81
C VAL D 209 -32.77 -28.81 13.44
N ASP D 210 -33.86 -29.55 13.65
CA ASP D 210 -33.80 -30.89 14.21
C ASP D 210 -34.03 -31.87 13.05
N TYR D 211 -32.97 -32.10 12.30
CA TYR D 211 -33.07 -32.87 11.06
C TYR D 211 -32.77 -34.35 11.30
N SER D 212 -33.63 -35.20 10.75
CA SER D 212 -33.35 -36.63 10.58
C SER D 212 -33.75 -36.97 9.15
N GLY D 213 -32.83 -37.57 8.40
CA GLY D 213 -33.13 -37.83 7.00
C GLY D 213 -32.02 -38.47 6.22
N LYS D 214 -32.02 -38.25 4.89
CA LYS D 214 -31.16 -38.98 3.96
C LYS D 214 -30.40 -38.06 3.01
N THR D 215 -30.30 -36.77 3.32
CA THR D 215 -29.55 -35.85 2.47
C THR D 215 -29.12 -34.66 3.31
N ASN D 216 -28.58 -33.64 2.64
CA ASN D 216 -28.08 -32.46 3.33
C ASN D 216 -29.23 -31.73 3.99
N ALA D 217 -29.10 -31.47 5.29
CA ALA D 217 -30.15 -30.83 6.08
C ALA D 217 -30.42 -29.41 5.61
N VAL D 218 -29.44 -28.52 5.78
CA VAL D 218 -29.52 -27.15 5.30
C VAL D 218 -28.61 -27.04 4.09
N ASN D 219 -29.07 -26.32 3.07
CA ASN D 219 -28.41 -26.30 1.76
C ASN D 219 -28.33 -24.86 1.28
N ILE D 220 -27.11 -24.37 1.07
CA ILE D 220 -26.87 -23.00 0.62
C ILE D 220 -26.18 -23.07 -0.73
N VAL D 221 -26.66 -22.26 -1.68
CA VAL D 221 -26.13 -22.24 -3.04
C VAL D 221 -26.12 -20.80 -3.52
N MET D 222 -24.94 -20.32 -3.93
CA MET D 222 -24.83 -19.11 -4.73
C MET D 222 -24.67 -19.51 -6.19
N ARG D 223 -25.45 -18.89 -7.07
CA ARG D 223 -25.41 -19.28 -8.47
C ARG D 223 -24.33 -18.48 -9.19
N GLN D 224 -23.90 -19.02 -10.32
CA GLN D 224 -22.81 -18.44 -11.08
C GLN D 224 -23.26 -17.10 -11.66
N PRO D 225 -22.73 -15.97 -11.20
CA PRO D 225 -23.19 -14.68 -11.72
C PRO D 225 -22.58 -14.39 -13.08
N SER D 226 -23.20 -13.43 -13.78
CA SER D 226 -22.67 -13.00 -15.06
C SER D 226 -21.27 -12.43 -14.90
N ALA D 227 -21.12 -11.47 -13.99
CA ALA D 227 -19.81 -10.96 -13.65
C ALA D 227 -19.47 -11.36 -12.22
N PRO D 228 -18.34 -12.00 -11.98
CA PRO D 228 -17.97 -12.37 -10.61
C PRO D 228 -17.77 -11.15 -9.73
N ASN D 229 -17.96 -11.35 -8.43
CA ASN D 229 -17.86 -10.28 -7.45
C ASN D 229 -17.59 -10.92 -6.10
N PHE D 230 -17.24 -10.09 -5.12
CA PHE D 230 -16.92 -10.62 -3.79
C PHE D 230 -18.22 -10.79 -3.03
N SER D 231 -18.80 -11.98 -3.13
CA SER D 231 -20.03 -12.32 -2.41
C SER D 231 -19.92 -13.77 -1.94
N SER D 232 -20.22 -14.00 -0.68
CA SER D 232 -20.17 -15.33 -0.11
C SER D 232 -21.57 -15.86 0.14
N ALA D 233 -21.72 -17.18 0.01
CA ALA D 233 -23.02 -17.82 0.20
C ALA D 233 -23.44 -17.85 1.67
N LEU D 234 -22.49 -17.80 2.60
CA LEU D 234 -22.81 -17.80 4.01
C LEU D 234 -21.72 -17.05 4.75
N ASN D 235 -22.11 -16.06 5.56
CA ASN D 235 -21.16 -15.22 6.27
C ASN D 235 -21.39 -15.32 7.78
N ILE D 236 -20.29 -15.40 8.52
CA ILE D 236 -20.29 -15.45 9.98
C ILE D 236 -19.46 -14.30 10.51
N THR D 237 -19.91 -13.71 11.62
CA THR D 237 -19.20 -12.63 12.29
C THR D 237 -19.56 -12.70 13.77
N SER D 238 -18.56 -12.60 14.64
CA SER D 238 -18.77 -12.74 16.07
C SER D 238 -18.09 -11.62 16.83
N ALA D 239 -18.74 -11.15 17.90
CA ALA D 239 -18.17 -10.16 18.79
C ALA D 239 -18.10 -10.62 20.25
N ASN D 240 -18.35 -11.90 20.51
CA ASN D 240 -18.25 -12.44 21.87
C ASN D 240 -16.85 -13.02 22.05
N GLU D 241 -16.03 -12.36 22.87
CA GLU D 241 -14.64 -12.75 23.04
C GLU D 241 -14.47 -14.04 23.85
N GLY D 242 -15.53 -14.52 24.50
CA GLY D 242 -15.45 -15.71 25.32
C GLY D 242 -15.92 -17.00 24.68
N GLY D 243 -16.15 -17.01 23.39
CA GLY D 243 -16.63 -18.21 22.72
C GLY D 243 -16.25 -18.22 21.27
N SER D 244 -16.04 -19.42 20.74
CA SER D 244 -15.70 -19.59 19.33
C SER D 244 -16.79 -19.00 18.44
N ALA D 245 -16.38 -18.59 17.23
CA ALA D 245 -17.35 -18.08 16.27
C ALA D 245 -18.18 -19.19 15.64
N MET D 246 -17.66 -20.40 15.58
CA MET D 246 -18.34 -21.49 14.92
C MET D 246 -17.90 -22.82 15.52
N GLN D 247 -18.83 -23.78 15.54
CA GLN D 247 -18.58 -25.11 16.10
C GLN D 247 -19.01 -26.17 15.09
N ILE D 248 -18.15 -27.15 14.87
CA ILE D 248 -18.46 -28.31 14.06
C ILE D 248 -18.07 -29.54 14.84
N ARG D 249 -19.02 -30.45 15.02
CA ARG D 249 -18.76 -31.74 15.67
C ARG D 249 -19.28 -32.84 14.78
N GLY D 250 -18.51 -33.94 14.69
CA GLY D 250 -18.87 -35.03 13.81
C GLY D 250 -18.40 -36.36 14.36
N VAL D 251 -18.95 -37.42 13.78
CA VAL D 251 -18.60 -38.78 14.19
C VAL D 251 -18.26 -39.58 12.94
N GLU D 252 -17.54 -38.96 12.01
CA GLU D 252 -17.26 -39.61 10.73
C GLU D 252 -16.31 -40.78 10.90
N LYS D 253 -16.55 -41.83 10.13
CA LYS D 253 -15.75 -43.05 10.15
C LYS D 253 -14.57 -43.03 9.18
N ALA D 254 -14.83 -42.77 7.89
CA ALA D 254 -13.78 -42.72 6.88
C ALA D 254 -13.96 -41.50 5.97
N LEU D 255 -13.92 -40.32 6.59
CA LEU D 255 -14.17 -39.04 5.94
C LEU D 255 -13.80 -37.95 6.95
N GLY D 256 -13.51 -36.76 6.42
CA GLY D 256 -13.22 -35.64 7.28
C GLY D 256 -14.50 -34.97 7.76
N THR D 257 -14.48 -34.52 9.02
CA THR D 257 -15.64 -33.83 9.57
C THR D 257 -16.02 -32.63 8.71
N LEU D 258 -15.07 -31.76 8.43
CA LEU D 258 -15.27 -30.65 7.50
C LEU D 258 -14.44 -30.91 6.25
N LYS D 259 -15.11 -31.07 5.13
CA LYS D 259 -14.45 -31.31 3.86
C LYS D 259 -14.50 -30.04 3.02
N ILE D 260 -13.33 -29.48 2.74
CA ILE D 260 -13.20 -28.31 1.89
C ILE D 260 -12.76 -28.78 0.51
N THR D 261 -13.39 -28.23 -0.52
CA THR D 261 -13.04 -28.60 -1.89
C THR D 261 -12.95 -27.33 -2.72
N HIS D 262 -11.93 -27.28 -3.59
CA HIS D 262 -11.70 -26.14 -4.46
C HIS D 262 -11.73 -26.62 -5.90
N GLU D 263 -12.74 -26.19 -6.64
CA GLU D 263 -12.85 -26.49 -8.06
C GLU D 263 -12.26 -25.33 -8.86
N ASN D 264 -11.39 -25.64 -9.81
CA ASN D 264 -10.83 -24.59 -10.66
C ASN D 264 -11.97 -24.03 -11.51
N PRO D 265 -12.23 -22.73 -11.46
CA PRO D 265 -13.30 -22.16 -12.31
C PRO D 265 -13.02 -22.29 -13.79
N ASN D 266 -11.77 -22.32 -14.21
CA ASN D 266 -11.42 -22.30 -15.62
C ASN D 266 -10.63 -23.57 -15.97
N VAL D 267 -10.57 -23.84 -17.28
CA VAL D 267 -9.83 -25.01 -17.76
C VAL D 267 -8.32 -24.82 -17.66
N GLU D 268 -7.84 -23.58 -17.79
CA GLU D 268 -6.39 -23.35 -17.76
C GLU D 268 -5.85 -23.63 -16.36
N ALA D 269 -4.80 -24.45 -16.30
CA ALA D 269 -4.36 -25.01 -15.02
C ALA D 269 -3.83 -23.96 -14.05
N LYS D 270 -3.32 -22.84 -14.55
CA LYS D 270 -2.66 -21.87 -13.69
C LYS D 270 -3.48 -20.60 -13.49
N TYR D 271 -4.80 -20.69 -13.71
CA TYR D 271 -5.69 -19.56 -13.44
C TYR D 271 -5.80 -19.31 -11.94
N ASP D 272 -5.93 -20.37 -11.15
CA ASP D 272 -6.13 -20.31 -9.70
C ASP D 272 -4.82 -20.34 -8.95
N GLU D 273 -3.79 -19.64 -9.45
CA GLU D 273 -2.46 -19.75 -8.89
C GLU D 273 -2.33 -19.12 -7.51
N ASN D 274 -3.16 -18.12 -7.20
CA ASN D 274 -3.14 -17.49 -5.88
C ASN D 274 -4.25 -17.98 -4.96
N ALA D 275 -5.12 -18.87 -5.44
CA ALA D 275 -6.28 -19.30 -4.67
C ALA D 275 -5.93 -20.44 -3.72
N ALA D 276 -6.56 -20.40 -2.55
CA ALA D 276 -6.46 -21.47 -1.56
C ALA D 276 -7.85 -21.96 -1.23
N ALA D 277 -7.92 -23.14 -0.61
CA ALA D 277 -9.21 -23.65 -0.13
C ALA D 277 -9.56 -23.04 1.22
N LEU D 278 -8.59 -22.96 2.13
CA LEU D 278 -8.78 -22.36 3.45
C LEU D 278 -7.77 -21.24 3.63
N SER D 279 -8.28 -20.04 3.92
CA SER D 279 -7.46 -18.86 4.14
C SER D 279 -7.61 -18.42 5.59
N ILE D 280 -6.49 -18.12 6.24
CA ILE D 280 -6.46 -17.68 7.63
C ILE D 280 -5.84 -16.30 7.68
N ASP D 281 -6.34 -15.46 8.59
CA ASP D 281 -5.76 -14.14 8.82
C ASP D 281 -5.88 -13.81 10.31
N ILE D 282 -4.76 -13.41 10.91
CA ILE D 282 -4.73 -12.95 12.28
C ILE D 282 -4.50 -11.44 12.26
N VAL D 283 -5.39 -10.69 12.89
CA VAL D 283 -5.32 -9.24 12.89
C VAL D 283 -5.48 -8.72 14.32
N LYS D 284 -5.20 -7.43 14.47
CA LYS D 284 -5.36 -6.71 15.72
C LYS D 284 -6.76 -6.08 15.78
N LYS D 285 -7.05 -5.40 16.89
CA LYS D 285 -8.29 -4.64 16.97
C LYS D 285 -8.27 -3.51 15.94
N GLN D 286 -9.36 -3.37 15.19
CA GLN D 286 -9.45 -2.37 14.12
C GLN D 286 -9.77 -0.97 14.62
N LYS D 287 -9.17 -0.55 15.74
CA LYS D 287 -9.58 0.68 16.41
C LYS D 287 -8.77 0.91 17.68
N GLY D 288 -7.46 0.75 17.57
CA GLY D 288 -6.55 0.98 18.69
C GLY D 288 -5.70 -0.22 19.04
N GLY D 289 -5.82 -1.33 18.31
CA GLY D 289 -5.06 -2.51 18.60
C GLY D 289 -3.57 -2.29 18.50
N LYS D 290 -2.83 -2.71 19.51
CA LYS D 290 -1.37 -2.63 19.46
C LYS D 290 -0.76 -3.86 18.82
N GLY D 291 -1.39 -5.02 18.99
CA GLY D 291 -0.91 -6.22 18.33
C GLY D 291 -1.74 -7.41 18.76
N THR D 292 -1.18 -8.61 18.56
CA THR D 292 -1.91 -9.86 18.90
C THR D 292 -0.95 -11.04 19.04
N ALA D 293 -1.03 -11.75 20.16
CA ALA D 293 -0.20 -12.92 20.43
C ALA D 293 -0.96 -14.20 20.12
N ALA D 294 -1.93 -14.12 19.22
CA ALA D 294 -2.81 -15.22 18.91
C ALA D 294 -2.09 -16.21 17.98
N GLN D 295 -2.63 -17.42 17.91
CA GLN D 295 -2.02 -18.51 17.18
C GLN D 295 -2.77 -18.74 15.87
N GLY D 296 -2.14 -19.49 14.98
CA GLY D 296 -2.68 -19.72 13.66
C GLY D 296 -3.56 -20.95 13.59
N ILE D 297 -2.97 -22.12 13.80
CA ILE D 297 -3.69 -23.38 13.77
C ILE D 297 -3.44 -24.09 15.09
N TYR D 298 -4.49 -24.70 15.65
CA TYR D 298 -4.39 -25.36 16.95
C TYR D 298 -5.00 -26.76 16.87
N ILE D 299 -4.14 -27.77 16.78
CA ILE D 299 -4.55 -29.17 16.84
C ILE D 299 -4.26 -29.70 18.24
N ASN D 300 -5.16 -30.54 18.75
CA ASN D 300 -4.98 -31.16 20.05
C ASN D 300 -5.90 -32.37 20.11
N SER D 301 -5.67 -33.23 21.12
CA SER D 301 -6.49 -34.42 21.31
C SER D 301 -6.56 -34.70 22.81
N THR D 302 -7.49 -34.03 23.49
CA THR D 302 -7.59 -34.10 24.95
C THR D 302 -7.69 -35.53 25.46
N SER D 303 -8.25 -36.43 24.66
CA SER D 303 -8.26 -37.84 25.02
C SER D 303 -7.04 -38.60 24.51
N GLY D 304 -6.37 -38.07 23.48
CA GLY D 304 -5.19 -38.71 22.94
C GLY D 304 -5.47 -39.55 21.72
N THR D 305 -4.80 -39.26 20.60
CA THR D 305 -4.98 -39.99 19.37
C THR D 305 -3.68 -40.67 18.97
N ALA D 306 -3.80 -41.68 18.12
CA ALA D 306 -2.65 -42.36 17.53
C ALA D 306 -2.46 -42.02 16.06
N GLY D 307 -3.46 -41.44 15.40
CA GLY D 307 -3.33 -41.07 14.02
C GLY D 307 -2.42 -39.87 13.84
N LYS D 308 -2.25 -39.48 12.58
CA LYS D 308 -1.33 -38.41 12.22
C LYS D 308 -2.04 -37.07 12.26
N MET D 309 -1.41 -36.10 12.92
CA MET D 309 -2.04 -34.80 13.15
C MET D 309 -2.21 -33.99 11.88
N LEU D 310 -1.49 -34.34 10.82
CA LEU D 310 -1.58 -33.63 9.55
C LEU D 310 -1.02 -34.55 8.47
N ARG D 311 -1.75 -34.71 7.37
CA ARG D 311 -1.36 -35.64 6.31
C ARG D 311 -1.59 -34.96 4.97
N ILE D 312 -0.50 -34.48 4.37
CA ILE D 312 -0.55 -33.83 3.06
C ILE D 312 -0.44 -34.90 1.97
N ARG D 313 -1.26 -34.76 0.93
CA ARG D 313 -1.23 -35.66 -0.21
C ARG D 313 -1.37 -34.84 -1.48
N ASN D 314 -1.16 -35.52 -2.62
CA ASN D 314 -1.29 -34.87 -3.92
C ASN D 314 -1.54 -35.98 -4.95
N LYS D 315 -2.64 -35.87 -5.69
CA LYS D 315 -3.16 -36.98 -6.47
C LYS D 315 -3.19 -38.25 -5.63
N ASN D 316 -3.69 -38.10 -4.40
CA ASN D 316 -3.86 -39.20 -3.44
C ASN D 316 -2.51 -39.79 -3.01
N GLU D 317 -1.41 -39.22 -3.49
CA GLU D 317 -0.07 -39.70 -3.14
C GLU D 317 0.50 -38.87 -1.98
N ASP D 318 0.98 -39.57 -0.95
CA ASP D 318 1.55 -38.92 0.22
C ASP D 318 2.74 -38.02 -0.15
N LYS D 319 2.85 -36.88 0.54
CA LYS D 319 4.01 -36.01 0.37
C LYS D 319 4.55 -35.42 1.67
N PHE D 320 3.77 -35.32 2.75
CA PHE D 320 4.25 -34.83 4.03
C PHE D 320 3.24 -35.16 5.10
N TYR D 321 3.73 -35.53 6.29
CA TYR D 321 2.84 -35.78 7.42
C TYR D 321 3.62 -35.60 8.72
N VAL D 322 2.91 -35.17 9.74
CA VAL D 322 3.40 -35.15 11.11
C VAL D 322 2.62 -36.20 11.90
N GLY D 323 3.33 -36.96 12.73
CA GLY D 323 2.72 -38.03 13.49
C GLY D 323 2.44 -37.63 14.92
N PRO D 324 1.83 -38.54 15.68
CA PRO D 324 1.52 -38.23 17.09
C PRO D 324 2.77 -37.93 17.89
N ASP D 325 3.91 -38.54 17.55
CA ASP D 325 5.15 -38.21 18.21
C ASP D 325 5.60 -36.78 17.91
N GLY D 326 5.12 -36.20 16.81
CA GLY D 326 5.60 -34.92 16.36
C GLY D 326 6.67 -35.00 15.29
N GLY D 327 7.09 -36.21 14.91
CA GLY D 327 8.17 -36.33 13.95
C GLY D 327 7.64 -36.29 12.53
N PHE D 328 8.09 -35.29 11.78
CA PHE D 328 7.63 -35.08 10.43
C PHE D 328 8.37 -35.99 9.44
N HIS D 329 7.92 -35.94 8.18
CA HIS D 329 8.52 -36.73 7.11
C HIS D 329 8.22 -35.97 5.81
N SER D 330 9.19 -35.19 5.36
CA SER D 330 9.08 -34.38 4.16
C SER D 330 9.21 -35.23 2.90
N GLY D 331 9.37 -34.56 1.77
CA GLY D 331 9.40 -35.18 0.47
C GLY D 331 10.68 -34.83 -0.27
N ALA D 332 10.61 -33.96 -1.29
CA ALA D 332 11.78 -33.65 -2.10
C ALA D 332 12.72 -32.69 -1.40
N ASN D 333 13.19 -31.66 -2.09
CA ASN D 333 14.23 -30.79 -1.55
C ASN D 333 13.83 -29.33 -1.73
N SER D 334 13.94 -28.55 -0.66
CA SER D 334 13.61 -27.12 -0.72
C SER D 334 14.72 -26.26 -0.13
N THR D 335 14.49 -25.73 1.09
CA THR D 335 15.40 -24.79 1.75
C THR D 335 15.09 -24.74 3.24
N VAL D 336 16.15 -24.54 4.04
CA VAL D 336 16.01 -24.26 5.47
C VAL D 336 16.99 -23.13 5.77
N ALA D 337 16.45 -21.93 6.04
CA ALA D 337 17.23 -20.75 6.38
C ALA D 337 17.61 -20.68 7.87
N GLY D 338 18.41 -21.65 8.32
CA GLY D 338 18.76 -21.65 9.73
C GLY D 338 19.51 -22.91 10.14
N ASN D 339 19.55 -23.12 11.46
CA ASN D 339 20.28 -24.20 12.09
C ASN D 339 19.32 -25.19 12.74
N LEU D 340 19.62 -26.47 12.60
CA LEU D 340 18.74 -27.54 13.05
C LEU D 340 19.34 -28.28 14.25
N THR D 341 18.76 -28.07 15.43
CA THR D 341 19.14 -28.81 16.62
C THR D 341 18.72 -30.28 16.49
N VAL D 342 19.69 -31.20 16.57
CA VAL D 342 19.44 -32.63 16.50
C VAL D 342 20.13 -33.34 17.65
N LYS D 343 19.96 -34.66 17.71
CA LYS D 343 20.62 -35.53 18.66
C LYS D 343 21.87 -36.15 18.02
N ASP D 344 22.66 -36.82 18.85
CA ASP D 344 23.87 -37.45 18.33
C ASP D 344 23.48 -38.69 17.52
N PRO D 345 24.05 -38.87 16.32
CA PRO D 345 23.58 -39.95 15.43
C PRO D 345 23.93 -41.35 15.91
N THR D 346 22.91 -42.14 16.27
CA THR D 346 23.12 -43.53 16.65
C THR D 346 22.77 -44.50 15.52
N SER D 347 22.71 -44.01 14.29
CA SER D 347 22.59 -44.85 13.10
C SER D 347 23.16 -44.07 11.92
N GLY D 348 23.23 -44.73 10.77
CA GLY D 348 24.12 -44.24 9.71
C GLY D 348 23.66 -42.98 9.02
N LYS D 349 22.34 -42.70 9.03
CA LYS D 349 21.83 -41.48 8.40
C LYS D 349 21.36 -40.43 9.39
N HIS D 350 21.18 -40.77 10.67
CA HIS D 350 20.79 -39.84 11.72
C HIS D 350 21.51 -38.50 11.72
N ALA D 351 22.62 -38.41 10.99
CA ALA D 351 23.35 -37.15 10.77
C ALA D 351 24.06 -36.67 12.04
N THR D 353 26.78 -34.56 14.41
CA THR D 353 26.50 -33.25 14.99
C THR D 353 27.68 -32.30 14.80
N LYS D 354 28.25 -31.85 15.93
CA LYS D 354 29.49 -31.09 15.92
C LYS D 354 30.71 -31.92 16.27
N ASP D 355 30.55 -32.93 17.15
CA ASP D 355 31.57 -33.89 17.54
C ASP D 355 32.64 -34.13 16.48
N TYR D 356 33.85 -33.60 16.74
CA TYR D 356 35.09 -33.88 16.00
C TYR D 356 34.96 -34.67 14.70
N ARG E 8 -234.85 14.67 53.41
CA ARG E 8 -233.70 14.52 54.29
C ARG E 8 -233.27 13.05 54.37
N VAL E 9 -232.46 12.63 53.40
CA VAL E 9 -232.09 11.23 53.23
C VAL E 9 -230.70 10.99 53.80
N GLN E 10 -230.55 9.90 54.54
CA GLN E 10 -229.26 9.40 54.96
C GLN E 10 -228.89 8.21 54.08
N PHE E 11 -227.61 7.94 53.95
CA PHE E 11 -227.12 6.91 53.04
C PHE E 11 -226.52 5.75 53.81
N LYS E 12 -226.31 4.65 53.09
CA LYS E 12 -225.71 3.47 53.69
C LYS E 12 -224.23 3.71 53.95
N ARG E 13 -223.76 3.30 55.14
CA ARG E 13 -222.46 3.72 55.62
C ARG E 13 -221.89 2.67 56.56
N MET E 14 -220.59 2.40 56.43
CA MET E 14 -219.89 1.47 57.29
C MET E 14 -218.45 1.95 57.49
N SER E 15 -217.73 1.23 58.35
CA SER E 15 -216.28 1.38 58.43
C SER E 15 -215.65 0.80 57.16
N ALA E 16 -214.39 1.17 56.92
CA ALA E 16 -213.72 0.71 55.71
C ALA E 16 -213.62 -0.81 55.66
N ASP E 17 -213.42 -1.45 56.81
CA ASP E 17 -213.37 -2.91 56.86
C ASP E 17 -214.77 -3.53 56.86
N GLU E 18 -215.69 -2.95 57.63
CA GLU E 18 -217.03 -3.52 57.78
C GLU E 18 -217.73 -3.74 56.44
N TRP E 19 -217.39 -2.93 55.43
CA TRP E 19 -217.97 -3.14 54.10
C TRP E 19 -217.52 -4.47 53.49
N ALA E 20 -216.23 -4.76 53.56
CA ALA E 20 -215.71 -5.96 52.90
C ALA E 20 -216.34 -7.24 53.46
N ARG E 21 -216.71 -7.24 54.74
CA ARG E 21 -217.30 -8.41 55.37
C ARG E 21 -218.82 -8.35 55.47
N SER E 22 -219.44 -7.35 54.86
CA SER E 22 -220.88 -7.18 54.93
C SER E 22 -221.53 -7.72 53.67
N ASP E 23 -222.75 -8.26 53.83
CA ASP E 23 -223.49 -8.87 52.74
C ASP E 23 -224.42 -7.88 52.05
N VAL E 24 -224.34 -6.60 52.41
CA VAL E 24 -225.27 -5.62 51.87
C VAL E 24 -225.03 -5.44 50.38
N ILE E 25 -226.09 -5.55 49.59
CA ILE E 25 -226.03 -5.35 48.15
C ILE E 25 -226.71 -4.04 47.85
N LEU E 26 -225.94 -3.07 47.37
CA LEU E 26 -226.51 -1.79 47.00
C LEU E 26 -227.31 -1.94 45.71
N LEU E 27 -228.41 -1.21 45.61
CA LEU E 27 -229.21 -1.28 44.40
C LEU E 27 -228.50 -0.53 43.28
N GLU E 28 -228.94 -0.79 42.05
CA GLU E 28 -228.29 -0.18 40.90
C GLU E 28 -228.36 1.35 40.99
N GLY E 29 -227.28 1.96 41.47
CA GLY E 29 -227.21 3.40 41.64
C GLY E 29 -227.15 3.89 43.06
N GLU E 30 -227.34 3.02 44.07
CA GLU E 30 -227.33 3.48 45.45
C GLU E 30 -225.90 3.61 45.96
N ILE E 31 -225.65 4.66 46.74
CA ILE E 31 -224.31 5.04 47.17
C ILE E 31 -223.98 4.41 48.52
N GLY E 32 -222.71 4.05 48.67
CA GLY E 32 -222.22 3.49 49.93
C GLY E 32 -221.04 4.28 50.45
N PHE E 33 -220.94 4.35 51.78
CA PHE E 33 -219.98 5.21 52.44
C PHE E 33 -218.92 4.39 53.16
N GLU E 34 -217.73 4.94 53.24
CA GLU E 34 -216.68 4.42 54.12
C GLU E 34 -216.51 5.47 55.21
N THR E 35 -217.04 5.19 56.40
CA THR E 35 -216.94 6.14 57.50
C THR E 35 -215.49 6.40 57.89
N ASP E 36 -214.57 5.56 57.42
CA ASP E 36 -213.13 5.73 57.60
C ASP E 36 -212.67 6.66 56.48
N THR E 37 -211.75 6.16 55.64
CA THR E 37 -211.23 6.82 54.43
C THR E 37 -212.10 7.90 53.79
N GLY E 38 -213.40 7.88 54.03
CA GLY E 38 -214.28 8.80 53.33
C GLY E 38 -214.54 8.42 51.89
N PHE E 39 -214.09 7.24 51.46
CA PHE E 39 -214.28 6.78 50.10
C PHE E 39 -215.74 6.38 49.89
N ALA E 40 -216.10 6.17 48.63
CA ALA E 40 -217.45 5.75 48.32
C ALA E 40 -217.49 5.05 46.97
N LYS E 41 -218.48 4.18 46.81
CA LYS E 41 -218.74 3.53 45.53
C LYS E 41 -220.23 3.53 45.29
N PHE E 42 -220.58 3.29 44.03
CA PHE E 42 -221.97 3.09 43.64
C PHE E 42 -222.20 1.59 43.60
N GLY E 43 -223.35 1.16 43.09
CA GLY E 43 -223.65 -0.26 43.12
C GLY E 43 -224.60 -0.69 42.03
N ASP E 44 -224.50 -1.97 41.67
CA ASP E 44 -225.42 -2.64 40.77
C ASP E 44 -226.09 -3.76 41.56
N GLY E 45 -227.39 -3.94 41.36
CA GLY E 45 -228.15 -4.83 42.23
C GLY E 45 -227.84 -6.31 42.08
N GLN E 46 -226.59 -6.71 42.34
CA GLN E 46 -226.20 -8.11 42.20
C GLN E 46 -224.83 -8.41 42.79
N ASN E 47 -224.11 -7.40 43.28
CA ASN E 47 -222.77 -7.65 43.78
C ASN E 47 -222.52 -6.93 45.10
N THR E 48 -221.75 -7.58 45.97
CA THR E 48 -221.36 -7.03 47.25
C THR E 48 -220.38 -5.87 47.06
N PHE E 49 -220.16 -5.14 48.15
CA PHE E 49 -219.29 -3.96 48.12
C PHE E 49 -217.88 -4.29 47.66
N SER E 50 -217.40 -5.50 47.94
CA SER E 50 -216.02 -5.85 47.63
C SER E 50 -215.73 -5.78 46.13
N LYS E 51 -216.73 -6.06 45.29
CA LYS E 51 -216.54 -6.22 43.86
C LYS E 51 -217.13 -5.05 43.07
N LEU E 52 -217.08 -3.85 43.63
CA LEU E 52 -217.69 -2.66 43.06
C LEU E 52 -216.59 -1.65 42.80
N LYS E 53 -216.52 -1.14 41.57
CA LYS E 53 -215.48 -0.19 41.21
C LYS E 53 -215.47 0.99 42.17
N TYR E 54 -214.27 1.35 42.62
CA TYR E 54 -214.06 2.58 43.38
C TYR E 54 -214.18 3.78 42.46
N LEU E 55 -214.07 4.97 43.04
CA LEU E 55 -214.03 6.20 42.27
C LEU E 55 -212.59 6.69 42.29
N THR E 56 -211.73 6.00 41.55
CA THR E 56 -210.33 6.38 41.55
C THR E 56 -210.17 7.70 40.79
N GLY E 57 -208.96 8.24 40.84
CA GLY E 57 -208.66 9.41 40.05
C GLY E 57 -208.12 9.04 38.68
N PRO E 58 -207.78 10.06 37.91
CA PRO E 58 -207.22 9.83 36.58
C PRO E 58 -205.77 9.36 36.69
N LYS E 59 -205.16 9.09 35.55
CA LYS E 59 -203.78 8.64 35.56
C LYS E 59 -202.85 9.84 35.75
N GLY E 60 -201.73 9.60 36.41
CA GLY E 60 -200.75 10.63 36.62
C GLY E 60 -200.12 11.02 35.30
N PRO E 61 -199.33 12.07 35.28
CA PRO E 61 -198.69 12.50 34.03
C PRO E 61 -197.44 11.68 33.73
N LYS E 62 -197.02 11.78 32.48
CA LYS E 62 -195.87 11.00 32.02
C LYS E 62 -194.58 11.59 32.59
N GLY E 63 -193.69 10.71 33.04
CA GLY E 63 -192.44 11.17 33.62
C GLY E 63 -191.58 11.92 32.63
N ASP E 64 -190.61 12.66 33.19
CA ASP E 64 -189.70 13.44 32.37
C ASP E 64 -188.84 12.52 31.50
N THR E 65 -188.43 13.05 30.34
CA THR E 65 -187.55 12.30 29.47
C THR E 65 -186.21 12.05 30.14
N GLY E 66 -185.64 10.88 29.90
CA GLY E 66 -184.41 10.50 30.54
C GLY E 66 -183.22 11.33 30.09
N LEU E 67 -182.11 11.12 30.79
CA LEU E 67 -180.89 11.85 30.49
C LEU E 67 -180.28 11.37 29.18
N GLN E 68 -179.12 11.91 28.85
CA GLN E 68 -178.44 11.60 27.59
C GLN E 68 -177.27 10.67 27.86
N GLY E 69 -177.10 9.68 26.98
CA GLY E 69 -176.05 8.71 27.19
C GLY E 69 -174.69 9.36 27.18
N LYS E 70 -173.75 8.73 27.88
CA LYS E 70 -172.39 9.25 27.92
C LYS E 70 -171.77 9.23 26.53
N THR E 71 -170.96 10.23 26.24
CA THR E 71 -170.37 10.35 24.91
C THR E 71 -169.52 9.13 24.60
N GLY E 72 -169.42 8.81 23.32
CA GLY E 72 -168.76 7.58 22.92
C GLY E 72 -167.26 7.60 23.20
N GLY E 73 -166.70 6.41 23.27
CA GLY E 73 -165.28 6.28 23.52
C GLY E 73 -164.45 6.77 22.36
N THR E 74 -163.24 7.23 22.67
CA THR E 74 -162.33 7.65 21.63
C THR E 74 -161.99 6.48 20.71
N GLY E 75 -161.75 6.79 19.43
CA GLY E 75 -161.59 5.77 18.44
C GLY E 75 -160.28 5.03 18.61
N PRO E 76 -160.05 4.05 17.73
CA PRO E 76 -158.80 3.29 17.81
C PRO E 76 -157.68 3.99 17.05
N ARG E 77 -156.46 3.75 17.53
CA ARG E 77 -155.28 4.36 16.93
C ARG E 77 -155.09 3.83 15.51
N GLY E 78 -154.82 4.74 14.57
CA GLY E 78 -154.59 4.37 13.20
C GLY E 78 -153.41 3.43 13.07
N PRO E 79 -153.25 2.82 11.90
CA PRO E 79 -152.14 1.89 11.70
C PRO E 79 -150.81 2.63 11.65
N ALA E 80 -149.75 1.87 11.90
CA ALA E 80 -148.42 2.44 11.88
C ALA E 80 -148.03 2.76 10.44
N GLY E 81 -147.16 3.75 10.27
CA GLY E 81 -146.75 4.13 8.93
C GLY E 81 -146.00 3.00 8.25
N LYS E 82 -146.14 2.95 6.93
CA LYS E 82 -145.44 1.96 6.14
C LYS E 82 -143.94 2.27 6.08
N PRO E 83 -143.11 1.24 5.98
CA PRO E 83 -141.67 1.47 5.87
C PRO E 83 -141.30 1.95 4.47
N GLY E 84 -140.10 2.51 4.37
CA GLY E 84 -139.58 2.90 3.09
C GLY E 84 -139.39 1.68 2.20
N THR E 85 -139.12 1.93 0.91
CA THR E 85 -138.86 0.89 -0.07
C THR E 85 -138.07 -0.27 0.54
N THR E 86 -138.25 -1.48 0.02
CA THR E 86 -137.71 -2.66 0.68
C THR E 86 -136.57 -3.31 -0.08
N ASP E 87 -136.06 -2.69 -1.13
CA ASP E 87 -134.86 -3.16 -1.80
C ASP E 87 -133.69 -2.27 -1.41
N TYR E 88 -132.56 -2.89 -1.06
CA TYR E 88 -131.36 -2.14 -0.73
C TYR E 88 -130.97 -1.18 -1.85
N ASP E 89 -130.99 -1.67 -3.10
CA ASP E 89 -130.45 -0.92 -4.22
C ASP E 89 -131.15 0.42 -4.43
N GLN E 90 -132.45 0.50 -4.11
CA GLN E 90 -133.22 1.70 -4.43
C GLN E 90 -133.07 2.80 -3.38
N LEU E 91 -132.34 2.54 -2.30
CA LEU E 91 -132.12 3.53 -1.25
C LEU E 91 -131.30 4.72 -1.78
N GLN E 92 -131.38 5.83 -1.05
CA GLN E 92 -130.54 6.99 -1.28
C GLN E 92 -129.43 7.02 -0.22
N ASN E 93 -128.39 7.80 -0.52
CA ASN E 93 -127.19 7.87 0.34
C ASN E 93 -126.61 6.48 0.57
N LYS E 94 -126.64 5.65 -0.46
CA LYS E 94 -126.08 4.31 -0.34
C LYS E 94 -124.57 4.42 -0.08
N PRO E 95 -124.04 3.64 0.85
CA PRO E 95 -122.61 3.74 1.17
C PRO E 95 -121.74 3.12 0.08
N ASP E 96 -120.58 3.74 -0.15
CA ASP E 96 -119.63 3.21 -1.12
C ASP E 96 -118.96 2.00 -0.51
N LEU E 97 -119.24 0.82 -1.05
CA LEU E 97 -118.64 -0.41 -0.55
C LEU E 97 -117.25 -0.68 -1.13
N GLY E 98 -116.89 -0.01 -2.22
CA GLY E 98 -115.59 -0.23 -2.83
C GLY E 98 -114.44 0.06 -1.87
N ALA E 99 -114.59 1.08 -1.02
CA ALA E 99 -113.55 1.50 -0.11
C ALA E 99 -113.41 0.56 1.09
N PHE E 100 -113.95 -0.65 1.01
CA PHE E 100 -113.86 -1.63 2.09
C PHE E 100 -113.08 -2.84 1.58
N ALA E 101 -112.17 -3.33 2.43
CA ALA E 101 -111.29 -4.42 2.03
C ALA E 101 -112.03 -5.75 1.95
N GLN E 102 -111.79 -6.48 0.86
CA GLN E 102 -112.33 -7.82 0.74
C GLN E 102 -111.65 -8.74 1.76
N LYS E 103 -112.43 -9.68 2.29
CA LYS E 103 -111.90 -10.56 3.33
C LYS E 103 -110.85 -11.52 2.77
N GLU E 104 -111.25 -12.30 1.75
CA GLU E 104 -110.37 -13.34 1.24
C GLU E 104 -109.10 -12.74 0.61
N GLU E 105 -109.25 -11.65 -0.14
CA GLU E 105 -108.09 -11.00 -0.74
C GLU E 105 -107.08 -10.54 0.31
N THR E 106 -107.57 -10.10 1.48
CA THR E 106 -106.66 -9.58 2.50
C THR E 106 -105.94 -10.71 3.24
N ASN E 107 -106.70 -11.68 3.75
CA ASN E 107 -106.11 -12.81 4.46
C ASN E 107 -105.18 -13.64 3.58
N SER E 108 -105.34 -13.60 2.26
CA SER E 108 -104.41 -14.32 1.39
C SER E 108 -103.09 -13.58 1.29
N LYS E 109 -103.14 -12.26 1.08
CA LYS E 109 -101.92 -11.46 1.11
C LYS E 109 -101.23 -11.57 2.47
N ILE E 110 -102.00 -11.58 3.56
CA ILE E 110 -101.43 -11.57 4.90
C ILE E 110 -100.70 -12.88 5.17
N THR E 111 -101.29 -14.01 4.79
CA THR E 111 -100.59 -15.29 4.96
C THR E 111 -99.34 -15.34 4.09
N LYS E 112 -99.45 -14.88 2.84
CA LYS E 112 -98.27 -14.79 1.98
C LYS E 112 -97.19 -13.91 2.60
N LEU E 113 -97.58 -12.94 3.44
CA LEU E 113 -96.60 -12.06 4.07
C LEU E 113 -95.85 -12.80 5.18
N GLU E 114 -96.58 -13.49 6.05
CA GLU E 114 -95.95 -14.20 7.16
C GLU E 114 -95.05 -15.33 6.70
N SER E 115 -95.33 -15.92 5.53
CA SER E 115 -94.54 -17.05 5.05
C SER E 115 -93.36 -16.62 4.19
N SER E 116 -93.44 -15.47 3.52
CA SER E 116 -92.40 -15.04 2.61
C SER E 116 -91.39 -14.10 3.25
N LYS E 117 -91.63 -13.65 4.47
CA LYS E 117 -90.78 -12.65 5.12
C LYS E 117 -90.09 -13.23 6.35
N ALA E 118 -88.99 -12.57 6.73
CA ALA E 118 -87.99 -13.09 7.66
C ALA E 118 -88.24 -12.54 9.06
N ASP E 119 -88.81 -13.38 9.93
CA ASP E 119 -88.94 -13.05 11.35
C ASP E 119 -87.67 -12.40 11.88
N LYS E 120 -87.84 -11.42 12.78
CA LYS E 120 -86.68 -10.74 13.36
C LYS E 120 -85.82 -11.71 14.18
N SER E 121 -86.46 -12.63 14.90
CA SER E 121 -85.76 -13.52 15.83
C SER E 121 -84.93 -14.60 15.15
N ALA E 122 -84.89 -14.66 13.81
CA ALA E 122 -84.17 -15.73 13.13
C ALA E 122 -83.13 -15.22 12.14
N VAL E 123 -82.66 -13.98 12.30
CA VAL E 123 -81.69 -13.38 11.39
C VAL E 123 -80.78 -12.45 12.17
N TYR E 124 -79.49 -12.48 11.84
CA TYR E 124 -78.54 -11.53 12.38
C TYR E 124 -78.80 -10.15 11.80
N SER E 125 -78.73 -9.12 12.66
CA SER E 125 -78.91 -7.77 12.16
C SER E 125 -77.77 -7.40 11.21
N LYS E 126 -77.89 -6.22 10.60
CA LYS E 126 -76.83 -5.72 9.73
C LYS E 126 -75.55 -5.50 10.52
N ALA E 127 -75.65 -4.88 11.70
CA ALA E 127 -74.49 -4.64 12.53
C ALA E 127 -74.01 -5.90 13.25
N GLU E 128 -74.94 -6.81 13.58
CA GLU E 128 -74.54 -8.09 14.16
C GLU E 128 -73.73 -8.91 13.17
N SER E 129 -74.17 -8.93 11.91
CA SER E 129 -73.37 -9.56 10.86
C SER E 129 -71.99 -8.92 10.76
N LYS E 130 -71.94 -7.59 10.92
CA LYS E 130 -70.67 -6.86 10.83
C LYS E 130 -69.71 -7.25 11.94
N ILE E 131 -70.19 -7.29 13.19
CA ILE E 131 -69.29 -7.53 14.33
C ILE E 131 -68.60 -8.89 14.21
N GLU E 132 -69.29 -9.89 13.67
CA GLU E 132 -68.66 -11.19 13.46
C GLU E 132 -67.71 -11.16 12.27
N LEU E 133 -67.91 -10.23 11.34
CA LEU E 133 -66.97 -10.10 10.23
C LEU E 133 -65.65 -9.50 10.72
N ASP E 134 -65.72 -8.52 11.62
CA ASP E 134 -64.50 -7.90 12.13
C ASP E 134 -63.67 -8.88 12.95
N LYS E 135 -64.26 -10.00 13.39
CA LYS E 135 -63.51 -11.09 14.00
C LYS E 135 -62.78 -11.95 12.98
N LYS E 136 -62.89 -11.61 11.70
CA LYS E 136 -62.32 -12.36 10.59
C LYS E 136 -61.25 -11.56 9.84
N LEU E 137 -60.18 -12.27 9.46
CA LEU E 137 -59.07 -11.67 8.74
C LEU E 137 -59.45 -11.27 7.31
N SER E 138 -58.98 -10.10 6.88
CA SER E 138 -59.16 -9.60 5.53
C SER E 138 -57.86 -9.73 4.75
N LEU E 139 -57.97 -9.61 3.43
CA LEU E 139 -56.79 -9.74 2.56
C LEU E 139 -55.96 -8.46 2.48
N THR E 140 -56.46 -7.34 3.00
CA THR E 140 -55.70 -6.10 3.03
C THR E 140 -54.86 -5.96 4.30
N GLY E 141 -54.96 -6.90 5.21
CA GLY E 141 -54.21 -6.85 6.45
C GLY E 141 -55.01 -7.45 7.59
N GLY E 142 -54.36 -7.49 8.75
CA GLY E 142 -55.00 -8.00 9.94
C GLY E 142 -53.98 -8.24 11.04
N ILE E 143 -54.49 -8.67 12.19
CA ILE E 143 -53.68 -8.88 13.38
C ILE E 143 -54.13 -10.17 14.05
N VAL E 144 -53.34 -11.22 13.91
CA VAL E 144 -53.66 -12.53 14.49
C VAL E 144 -53.14 -12.59 15.92
N THR E 145 -54.02 -12.93 16.85
CA THR E 145 -53.64 -13.07 18.26
C THR E 145 -53.40 -14.51 18.69
N GLY E 146 -53.93 -15.48 17.96
CA GLY E 146 -53.79 -16.88 18.30
C GLY E 146 -52.74 -17.59 17.47
N GLN E 147 -52.81 -18.92 17.49
CA GLN E 147 -51.85 -19.77 16.77
C GLN E 147 -52.46 -20.17 15.42
N LEU E 148 -51.77 -19.82 14.34
CA LEU E 148 -52.22 -20.19 13.00
C LEU E 148 -51.53 -21.49 12.59
N GLN E 149 -52.21 -22.61 12.79
CA GLN E 149 -51.69 -23.91 12.38
C GLN E 149 -52.06 -24.19 10.92
N PHE E 150 -51.20 -24.94 10.25
CA PHE E 150 -51.46 -25.43 8.90
C PHE E 150 -51.54 -26.95 8.89
N LYS E 151 -52.58 -27.50 8.27
CA LYS E 151 -52.77 -28.94 8.15
C LYS E 151 -53.30 -29.29 6.77
N PRO E 152 -52.55 -28.95 5.71
CA PRO E 152 -53.02 -29.28 4.35
C PRO E 152 -53.06 -30.79 4.13
N ASN E 153 -53.95 -31.21 3.23
CA ASN E 153 -54.13 -32.63 2.98
C ASN E 153 -54.74 -32.79 1.59
N LYS E 154 -53.95 -33.33 0.66
CA LYS E 154 -54.34 -33.49 -0.74
C LYS E 154 -54.95 -32.21 -1.31
N SER E 155 -54.43 -31.06 -0.87
CA SER E 155 -54.89 -29.75 -1.31
C SER E 155 -54.08 -29.23 -2.49
N GLY E 156 -53.28 -30.11 -3.12
CA GLY E 156 -52.46 -29.74 -4.23
C GLY E 156 -51.35 -28.76 -3.90
N ILE E 157 -50.59 -29.06 -2.85
CA ILE E 157 -49.44 -28.24 -2.49
C ILE E 157 -48.26 -28.64 -3.37
N LYS E 158 -47.77 -27.70 -4.17
CA LYS E 158 -46.68 -27.96 -5.09
C LYS E 158 -45.34 -27.56 -4.49
N PRO E 159 -44.25 -28.21 -4.87
CA PRO E 159 -42.94 -27.92 -4.27
C PRO E 159 -42.12 -26.83 -4.95
N SER E 160 -42.65 -26.17 -5.97
CA SER E 160 -41.87 -25.21 -6.75
C SER E 160 -41.29 -24.11 -5.86
N SER E 161 -40.02 -23.76 -6.11
CA SER E 161 -39.35 -22.68 -5.42
C SER E 161 -39.73 -21.31 -5.96
N SER E 162 -40.74 -21.24 -6.80
CA SER E 162 -41.20 -20.01 -7.43
C SER E 162 -42.68 -19.75 -7.18
N VAL E 163 -43.50 -20.80 -7.13
CA VAL E 163 -44.94 -20.66 -6.90
C VAL E 163 -45.46 -21.57 -5.80
N GLY E 164 -44.78 -22.68 -5.48
CA GLY E 164 -45.29 -23.68 -4.58
C GLY E 164 -45.24 -23.29 -3.11
N GLY E 165 -45.35 -24.30 -2.26
CA GLY E 165 -45.35 -24.10 -0.82
C GLY E 165 -46.73 -23.93 -0.22
N ALA E 166 -46.95 -24.47 0.98
CA ALA E 166 -48.22 -24.26 1.68
C ALA E 166 -48.47 -22.77 1.90
N ILE E 167 -47.40 -22.02 2.19
CA ILE E 167 -47.40 -20.57 2.13
C ILE E 167 -46.49 -20.19 0.97
N ASN E 168 -46.91 -19.19 0.19
CA ASN E 168 -46.09 -18.67 -0.91
C ASN E 168 -46.01 -17.16 -0.79
N ILE E 169 -44.80 -16.66 -0.66
CA ILE E 169 -44.53 -15.22 -0.64
C ILE E 169 -43.84 -14.86 -1.94
N ASP E 170 -44.38 -13.88 -2.66
CA ASP E 170 -43.81 -13.38 -3.89
C ASP E 170 -43.60 -11.88 -3.69
N MET E 171 -42.33 -11.48 -3.60
CA MET E 171 -41.99 -10.08 -3.37
C MET E 171 -41.43 -9.42 -4.63
N SER E 172 -41.71 -10.00 -5.79
CA SER E 172 -41.24 -9.43 -7.06
C SER E 172 -41.84 -8.06 -7.34
N LYS E 173 -42.90 -7.67 -6.61
CA LYS E 173 -43.60 -6.42 -6.86
C LYS E 173 -43.65 -5.52 -5.64
N SER E 174 -42.80 -5.75 -4.64
CA SER E 174 -42.86 -4.98 -3.40
C SER E 174 -41.47 -4.83 -2.81
N GLU E 175 -41.09 -3.60 -2.51
CA GLU E 175 -39.93 -3.36 -1.66
C GLU E 175 -40.16 -3.98 -0.30
N GLY E 176 -39.07 -4.29 0.39
CA GLY E 176 -39.17 -4.79 1.75
C GLY E 176 -38.90 -6.28 1.83
N ALA E 177 -39.12 -6.80 3.04
CA ALA E 177 -38.82 -8.19 3.37
C ALA E 177 -40.08 -9.04 3.27
N ALA E 178 -39.85 -10.35 3.10
CA ALA E 178 -40.95 -11.30 3.07
C ALA E 178 -41.50 -11.53 4.47
N MET E 179 -40.62 -11.84 5.42
CA MET E 179 -41.02 -12.13 6.79
C MET E 179 -39.96 -11.63 7.75
N VAL E 180 -40.41 -11.20 8.92
CA VAL E 180 -39.52 -10.76 9.99
C VAL E 180 -39.94 -11.47 11.27
N MET E 181 -38.96 -11.99 12.01
CA MET E 181 -39.18 -12.60 13.31
C MET E 181 -38.34 -11.83 14.32
N TYR E 182 -39.01 -11.05 15.16
CA TYR E 182 -38.37 -10.18 16.13
C TYR E 182 -38.76 -10.62 17.53
N THR E 183 -37.82 -10.48 18.46
CA THR E 183 -38.09 -10.69 19.86
C THR E 183 -37.32 -9.66 20.67
N ASN E 184 -38.03 -8.96 21.55
CA ASN E 184 -37.44 -8.03 22.50
C ASN E 184 -37.59 -8.57 23.91
N LYS E 185 -37.83 -9.87 24.03
CA LYS E 185 -38.09 -10.50 25.31
C LYS E 185 -36.79 -10.70 26.07
N ASP E 186 -36.86 -10.53 27.39
CA ASP E 186 -35.69 -10.78 28.23
C ASP E 186 -35.32 -12.26 28.23
N THR E 187 -36.32 -13.14 28.22
CA THR E 187 -36.07 -14.57 28.14
C THR E 187 -37.29 -15.25 27.53
N THR E 188 -37.10 -16.49 27.09
CA THR E 188 -38.20 -17.28 26.55
C THR E 188 -37.96 -18.75 26.87
N ASP E 189 -38.81 -19.61 26.30
CA ASP E 189 -38.75 -21.05 26.54
C ASP E 189 -38.51 -21.83 25.25
N GLY E 190 -38.06 -21.17 24.19
CA GLY E 190 -37.81 -21.82 22.93
C GLY E 190 -37.20 -20.87 21.92
N PRO E 191 -36.68 -21.42 20.82
CA PRO E 191 -36.08 -20.56 19.79
C PRO E 191 -37.13 -19.77 19.02
N LEU E 192 -36.74 -19.20 17.88
CA LEU E 192 -37.69 -18.52 17.01
C LEU E 192 -38.19 -19.47 15.94
N MET E 193 -37.40 -19.67 14.89
CA MET E 193 -37.75 -20.59 13.83
C MET E 193 -37.30 -22.01 14.18
N ILE E 194 -38.09 -22.99 13.76
CA ILE E 194 -37.84 -24.39 14.07
C ILE E 194 -38.14 -25.24 12.85
N LEU E 195 -37.17 -26.05 12.43
CA LEU E 195 -37.34 -27.06 11.40
C LEU E 195 -37.10 -28.44 12.00
N ARG E 196 -37.92 -29.40 11.62
CA ARG E 196 -37.82 -30.74 12.20
C ARG E 196 -38.33 -31.79 11.22
N SER E 197 -37.52 -32.82 11.00
CA SER E 197 -37.93 -34.02 10.28
C SER E 197 -37.72 -35.22 11.19
N ASP E 198 -38.73 -36.09 11.29
CA ASP E 198 -38.68 -37.21 12.21
C ASP E 198 -38.49 -38.56 11.53
N LYS E 199 -38.79 -38.66 10.25
CA LYS E 199 -38.62 -39.92 9.51
C LYS E 199 -37.26 -39.92 8.84
N ASP E 200 -36.40 -40.86 9.23
CA ASP E 200 -35.07 -40.95 8.65
C ASP E 200 -35.08 -41.42 7.19
N THR E 201 -36.25 -41.63 6.61
CA THR E 201 -36.39 -41.89 5.18
C THR E 201 -36.69 -40.62 4.39
N PHE E 202 -36.69 -39.47 5.05
CA PHE E 202 -37.08 -38.20 4.43
C PHE E 202 -36.08 -37.85 3.34
N ASP E 203 -36.52 -37.91 2.08
CA ASP E 203 -35.62 -37.77 0.94
C ASP E 203 -35.47 -36.35 0.44
N GLN E 204 -35.59 -35.36 1.32
CA GLN E 204 -35.45 -33.97 0.93
C GLN E 204 -34.76 -33.20 2.05
N SER E 205 -34.32 -31.99 1.73
CA SER E 205 -33.65 -31.13 2.68
C SER E 205 -34.66 -30.46 3.61
N ALA E 206 -34.14 -29.86 4.68
CA ALA E 206 -34.97 -29.08 5.58
C ALA E 206 -35.10 -27.63 5.11
N GLN E 207 -33.97 -27.01 4.73
CA GLN E 207 -33.95 -25.65 4.25
C GLN E 207 -33.15 -25.60 2.95
N PHE E 208 -33.60 -24.76 2.01
CA PHE E 208 -33.00 -24.68 0.68
C PHE E 208 -32.86 -23.22 0.29
N VAL E 209 -31.68 -22.84 -0.19
CA VAL E 209 -31.35 -21.47 -0.54
C VAL E 209 -30.82 -21.43 -1.97
N ASP E 210 -31.62 -20.89 -2.89
CA ASP E 210 -31.23 -20.74 -4.29
C ASP E 210 -30.92 -19.26 -4.51
N TYR E 211 -29.69 -18.87 -4.16
CA TYR E 211 -29.32 -17.46 -4.13
C TYR E 211 -28.75 -16.99 -5.46
N SER E 212 -29.25 -15.84 -5.93
CA SER E 212 -28.60 -15.05 -6.96
C SER E 212 -28.63 -13.60 -6.51
N GLY E 213 -27.48 -12.97 -6.45
CA GLY E 213 -27.40 -11.61 -5.96
C GLY E 213 -25.96 -11.13 -5.92
N LYS E 214 -25.70 -10.12 -5.08
CA LYS E 214 -24.40 -9.48 -5.10
C LYS E 214 -23.82 -9.28 -3.70
N THR E 215 -24.30 -10.02 -2.71
CA THR E 215 -23.76 -9.92 -1.35
C THR E 215 -24.01 -11.24 -0.64
N ASN E 216 -23.79 -11.27 0.67
CA ASN E 216 -23.91 -12.49 1.44
C ASN E 216 -25.34 -13.02 1.40
N ALA E 217 -25.49 -14.28 0.99
CA ALA E 217 -26.81 -14.89 0.85
C ALA E 217 -27.50 -15.04 2.20
N VAL E 218 -26.95 -15.90 3.06
CA VAL E 218 -27.43 -16.08 4.42
C VAL E 218 -26.39 -15.46 5.35
N ASN E 219 -26.86 -14.73 6.36
CA ASN E 219 -25.97 -13.91 7.18
C ASN E 219 -26.33 -14.07 8.65
N ILE E 220 -25.36 -14.51 9.45
CA ILE E 220 -25.52 -14.72 10.88
C ILE E 220 -24.57 -13.76 11.60
N VAL E 221 -25.06 -13.13 12.65
CA VAL E 221 -24.30 -12.11 13.37
C VAL E 221 -24.51 -12.31 14.86
N MET E 222 -23.41 -12.49 15.60
CA MET E 222 -23.42 -12.42 17.05
C MET E 222 -22.95 -11.04 17.50
N ARG E 223 -23.74 -10.40 18.36
CA ARG E 223 -23.43 -9.06 18.82
C ARG E 223 -22.65 -9.10 20.14
N GLN E 224 -22.00 -8.00 20.46
CA GLN E 224 -21.13 -7.90 21.63
C GLN E 224 -21.93 -8.06 22.92
N PRO E 225 -21.76 -9.15 23.67
CA PRO E 225 -22.55 -9.35 24.89
C PRO E 225 -22.03 -8.51 26.06
N SER E 226 -22.92 -8.37 27.05
CA SER E 226 -22.55 -7.66 28.27
C SER E 226 -21.46 -8.41 29.04
N ALA E 227 -21.70 -9.69 29.33
CA ALA E 227 -20.75 -10.55 30.02
C ALA E 227 -20.25 -11.63 29.08
N PRO E 228 -18.93 -11.84 28.99
CA PRO E 228 -18.42 -12.89 28.10
C PRO E 228 -18.92 -14.26 28.54
N ASN E 229 -19.07 -15.15 27.56
CA ASN E 229 -19.59 -16.49 27.81
C ASN E 229 -19.24 -17.35 26.60
N PHE E 230 -19.46 -18.65 26.76
CA PHE E 230 -19.21 -19.58 25.66
C PHE E 230 -20.46 -19.60 24.79
N SER E 231 -20.44 -18.77 23.75
CA SER E 231 -21.56 -18.68 22.82
C SER E 231 -21.02 -18.60 21.41
N SER E 232 -21.58 -19.43 20.53
CA SER E 232 -21.16 -19.51 19.14
C SER E 232 -22.22 -18.91 18.22
N ALA E 233 -21.76 -18.32 17.12
CA ALA E 233 -22.69 -17.77 16.15
C ALA E 233 -23.38 -18.86 15.35
N LEU E 234 -22.73 -20.03 15.22
CA LEU E 234 -23.30 -21.15 14.50
C LEU E 234 -22.71 -22.43 15.07
N ASN E 235 -23.56 -23.45 15.26
CA ASN E 235 -23.15 -24.71 15.85
C ASN E 235 -23.62 -25.86 14.95
N ILE E 236 -22.67 -26.50 14.29
CA ILE E 236 -22.94 -27.69 13.49
C ILE E 236 -22.76 -28.92 14.36
N THR E 237 -23.63 -29.92 14.17
CA THR E 237 -23.53 -31.15 14.93
C THR E 237 -24.11 -32.29 14.10
N SER E 238 -23.38 -33.39 14.03
CA SER E 238 -23.79 -34.54 13.23
C SER E 238 -23.58 -35.83 14.01
N ALA E 239 -24.51 -36.78 13.83
CA ALA E 239 -24.38 -38.11 14.38
C ALA E 239 -24.40 -39.17 13.29
N ASN E 240 -24.33 -38.76 12.02
CA ASN E 240 -24.29 -39.68 10.88
C ASN E 240 -22.83 -39.95 10.53
N GLU E 241 -22.36 -41.16 10.83
CA GLU E 241 -20.95 -41.51 10.64
C GLU E 241 -20.55 -41.72 9.19
N GLY E 242 -21.51 -41.80 8.27
CA GLY E 242 -21.19 -42.06 6.88
C GLY E 242 -21.09 -40.82 6.01
N GLY E 243 -21.10 -39.64 6.61
CA GLY E 243 -21.00 -38.40 5.84
C GLY E 243 -20.44 -37.30 6.71
N SER E 244 -19.70 -36.39 6.08
CA SER E 244 -19.18 -35.24 6.79
C SER E 244 -20.32 -34.42 7.39
N ALA E 245 -19.99 -33.66 8.44
CA ALA E 245 -20.98 -32.77 9.02
C ALA E 245 -21.23 -31.57 8.14
N MET E 246 -20.24 -31.18 7.33
CA MET E 246 -20.36 -29.98 6.53
C MET E 246 -19.50 -30.11 5.28
N GLN E 247 -19.97 -29.50 4.19
CA GLN E 247 -19.32 -29.51 2.89
C GLN E 247 -19.21 -28.08 2.39
N ILE E 248 -18.04 -27.71 1.90
CA ILE E 248 -17.81 -26.39 1.32
C ILE E 248 -17.17 -26.57 -0.06
N ARG E 249 -17.78 -25.96 -1.07
CA ARG E 249 -17.23 -25.95 -2.42
C ARG E 249 -17.14 -24.52 -2.90
N GLY E 250 -16.05 -24.21 -3.59
CA GLY E 250 -15.83 -22.87 -4.08
C GLY E 250 -15.05 -22.91 -5.39
N VAL E 251 -15.09 -21.79 -6.08
CA VAL E 251 -14.41 -21.65 -7.37
C VAL E 251 -13.58 -20.38 -7.34
N GLU E 252 -12.92 -20.11 -6.21
CA GLU E 252 -12.23 -18.85 -6.05
C GLU E 252 -11.04 -18.77 -7.00
N LYS E 253 -10.79 -17.57 -7.51
CA LYS E 253 -9.67 -17.35 -8.42
C LYS E 253 -8.40 -17.05 -7.63
N ALA E 254 -8.44 -16.03 -6.77
CA ALA E 254 -7.34 -15.74 -5.85
C ALA E 254 -7.96 -15.33 -4.53
N LEU E 255 -8.07 -16.29 -3.60
CA LEU E 255 -8.76 -16.16 -2.31
C LEU E 255 -9.03 -17.55 -1.73
N GLY E 256 -9.20 -17.64 -0.41
CA GLY E 256 -9.57 -18.89 0.21
C GLY E 256 -11.07 -19.09 0.17
N THR E 257 -11.49 -20.33 -0.08
CA THR E 257 -12.92 -20.64 -0.08
C THR E 257 -13.54 -20.34 1.27
N LEU E 258 -12.93 -20.84 2.34
CA LEU E 258 -13.34 -20.55 3.71
C LEU E 258 -12.28 -19.64 4.31
N LYS E 259 -12.66 -18.43 4.66
CA LYS E 259 -11.75 -17.43 5.21
C LYS E 259 -11.98 -17.28 6.71
N ILE E 260 -10.96 -17.60 7.49
CA ILE E 260 -10.97 -17.42 8.94
C ILE E 260 -10.19 -16.16 9.28
N THR E 261 -10.74 -15.33 10.16
CA THR E 261 -10.09 -14.10 10.58
C THR E 261 -10.22 -13.96 12.09
N HIS E 262 -9.15 -13.54 12.75
CA HIS E 262 -9.13 -13.35 14.19
C HIS E 262 -8.72 -11.92 14.51
N GLU E 263 -9.66 -11.15 15.06
CA GLU E 263 -9.39 -9.80 15.55
C GLU E 263 -9.11 -9.86 17.05
N ASN E 264 -8.07 -9.17 17.49
CA ASN E 264 -7.76 -9.13 18.91
C ASN E 264 -8.90 -8.48 19.68
N PRO E 265 -9.46 -9.14 20.70
CA PRO E 265 -10.53 -8.51 21.48
C PRO E 265 -10.08 -7.25 22.20
N ASN E 266 -8.79 -7.13 22.52
CA ASN E 266 -8.27 -6.03 23.29
C ASN E 266 -7.18 -5.31 22.50
N VAL E 267 -6.90 -4.07 22.91
CA VAL E 267 -5.81 -3.32 22.31
C VAL E 267 -4.46 -3.88 22.74
N GLU E 268 -4.39 -4.48 23.93
CA GLU E 268 -3.12 -4.98 24.44
C GLU E 268 -2.66 -6.17 23.62
N ALA E 269 -1.39 -6.12 23.18
CA ALA E 269 -0.89 -7.08 22.21
C ALA E 269 -0.82 -8.51 22.75
N LYS E 270 -0.71 -8.67 24.07
CA LYS E 270 -0.51 -9.99 24.67
C LYS E 270 -1.77 -10.49 25.38
N TYR E 271 -2.93 -9.93 25.05
CA TYR E 271 -4.18 -10.40 25.64
C TYR E 271 -4.57 -11.77 25.12
N ASP E 272 -4.48 -11.97 23.80
CA ASP E 272 -4.93 -13.19 23.15
C ASP E 272 -3.82 -14.22 22.98
N GLU E 273 -2.99 -14.40 24.00
CA GLU E 273 -1.82 -15.27 23.88
C GLU E 273 -2.19 -16.74 23.72
N ASN E 274 -3.39 -17.13 24.16
CA ASN E 274 -3.88 -18.49 23.97
C ASN E 274 -4.83 -18.63 22.80
N ALA E 275 -5.10 -17.55 22.06
CA ALA E 275 -6.10 -17.58 21.01
C ALA E 275 -5.54 -18.16 19.72
N ALA E 276 -6.35 -18.92 19.02
CA ALA E 276 -6.01 -19.46 17.71
C ALA E 276 -7.08 -19.03 16.71
N ALA E 277 -6.72 -19.11 15.43
CA ALA E 277 -7.68 -18.83 14.37
C ALA E 277 -8.53 -20.06 14.06
N LEU E 278 -7.92 -21.22 13.98
CA LEU E 278 -8.60 -22.48 13.73
C LEU E 278 -8.28 -23.44 14.86
N SER E 279 -9.31 -23.98 15.50
CA SER E 279 -9.16 -24.91 16.60
C SER E 279 -9.62 -26.30 16.19
N ILE E 280 -8.79 -27.30 16.44
CA ILE E 280 -9.07 -28.69 16.12
C ILE E 280 -8.98 -29.50 17.41
N ASP E 281 -9.85 -30.49 17.55
CA ASP E 281 -9.76 -31.40 18.69
C ASP E 281 -10.20 -32.79 18.26
N ILE E 282 -9.37 -33.79 18.57
CA ILE E 282 -9.69 -35.19 18.32
C ILE E 282 -10.01 -35.83 19.66
N VAL E 283 -11.19 -36.43 19.78
CA VAL E 283 -11.65 -37.00 21.04
C VAL E 283 -12.19 -38.40 20.78
N LYS E 284 -12.43 -39.11 21.88
CA LYS E 284 -13.02 -40.43 21.86
C LYS E 284 -14.53 -40.34 21.99
N LYS E 285 -15.20 -41.50 21.96
CA LYS E 285 -16.63 -41.55 22.21
C LYS E 285 -16.93 -41.07 23.63
N GLN E 286 -17.95 -40.22 23.75
CA GLN E 286 -18.27 -39.60 25.04
C GLN E 286 -19.05 -40.47 26.02
N LYS E 287 -18.85 -41.79 26.02
CA LYS E 287 -19.73 -42.71 26.76
C LYS E 287 -19.29 -44.16 26.57
N GLY E 288 -17.99 -44.39 26.66
CA GLY E 288 -17.45 -45.74 26.56
C GLY E 288 -16.23 -45.78 25.67
N GLY E 289 -15.85 -44.62 25.15
CA GLY E 289 -14.70 -44.53 24.26
C GLY E 289 -13.43 -44.96 24.96
N LYS E 290 -12.67 -45.84 24.32
CA LYS E 290 -11.36 -46.23 24.83
C LYS E 290 -10.27 -45.32 24.31
N GLY E 291 -10.44 -44.81 23.10
CA GLY E 291 -9.50 -43.88 22.52
C GLY E 291 -9.92 -43.57 21.11
N THR E 292 -8.99 -43.04 20.33
CA THR E 292 -9.27 -42.75 18.93
C THR E 292 -7.96 -42.75 18.16
N ALA E 293 -8.02 -43.22 16.92
CA ALA E 293 -6.88 -43.17 16.00
C ALA E 293 -7.13 -42.17 14.87
N ALA E 294 -7.97 -41.17 15.14
CA ALA E 294 -8.37 -40.24 14.09
C ALA E 294 -7.25 -39.23 13.84
N GLN E 295 -7.32 -38.61 12.67
CA GLN E 295 -6.30 -37.70 12.18
C GLN E 295 -6.80 -36.25 12.25
N GLY E 296 -5.87 -35.32 12.12
CA GLY E 296 -6.21 -33.91 12.28
C GLY E 296 -6.61 -33.19 11.01
N ILE E 297 -5.67 -33.05 10.07
CA ILE E 297 -5.92 -32.37 8.81
C ILE E 297 -5.53 -33.30 7.67
N TYR E 298 -6.33 -33.30 6.61
CA TYR E 298 -6.14 -34.17 5.45
C TYR E 298 -6.18 -33.29 4.21
N ILE E 299 -5.01 -32.98 3.67
CA ILE E 299 -4.88 -32.22 2.43
C ILE E 299 -4.65 -33.20 1.29
N ASN E 300 -5.25 -32.91 0.14
CA ASN E 300 -5.13 -33.77 -1.03
C ASN E 300 -5.50 -32.95 -2.25
N SER E 301 -5.18 -33.50 -3.43
CA SER E 301 -5.54 -32.85 -4.69
C SER E 301 -5.78 -33.98 -5.70
N THR E 302 -7.00 -34.54 -5.62
CA THR E 302 -7.36 -35.71 -6.42
C THR E 302 -7.17 -35.47 -7.92
N SER E 303 -7.29 -34.23 -8.37
CA SER E 303 -7.01 -33.90 -9.77
C SER E 303 -5.56 -33.52 -10.00
N GLY E 304 -4.84 -33.12 -8.96
CA GLY E 304 -3.44 -32.75 -9.07
C GLY E 304 -3.26 -31.26 -9.15
N THR E 305 -2.49 -30.70 -8.23
CA THR E 305 -2.25 -29.27 -8.18
C THR E 305 -0.76 -28.97 -8.37
N ALA E 306 -0.47 -27.73 -8.76
CA ALA E 306 0.91 -27.25 -8.84
C ALA E 306 1.29 -26.25 -7.77
N GLY E 307 0.32 -25.63 -7.10
CA GLY E 307 0.60 -24.71 -6.04
C GLY E 307 1.06 -25.41 -4.78
N LYS E 308 1.34 -24.61 -3.76
CA LYS E 308 1.84 -25.13 -2.49
C LYS E 308 0.66 -25.51 -1.61
N MET E 309 0.73 -26.72 -1.03
CA MET E 309 -0.37 -27.21 -0.21
C MET E 309 -0.53 -26.42 1.08
N LEU E 310 0.49 -25.65 1.44
CA LEU E 310 0.46 -24.84 2.66
C LEU E 310 1.51 -23.75 2.52
N ARG E 311 1.11 -22.50 2.76
CA ARG E 311 2.01 -21.36 2.64
C ARG E 311 1.74 -20.42 3.81
N ILE E 312 2.61 -20.43 4.79
CA ILE E 312 2.49 -19.55 5.94
C ILE E 312 3.12 -18.21 5.57
N ARG E 313 2.50 -17.13 5.99
CA ARG E 313 3.04 -15.80 5.76
C ARG E 313 2.94 -14.96 7.03
N ASN E 314 3.64 -13.84 7.03
CA ASN E 314 3.65 -12.92 8.16
C ASN E 314 4.16 -11.58 7.65
N LYS E 315 3.36 -10.53 7.82
CA LYS E 315 3.60 -9.26 7.14
C LYS E 315 3.91 -9.47 5.67
N ASN E 316 3.15 -10.36 5.01
CA ASN E 316 3.31 -10.65 3.59
C ASN E 316 4.67 -11.24 3.25
N GLU E 317 5.51 -11.47 4.26
CA GLU E 317 6.81 -12.10 4.06
C GLU E 317 6.70 -13.59 4.30
N ASP E 318 7.11 -14.39 3.32
CA ASP E 318 7.11 -15.83 3.49
C ASP E 318 8.00 -16.22 4.64
N LYS E 319 7.54 -17.19 5.44
CA LYS E 319 8.33 -17.70 6.56
C LYS E 319 8.27 -19.22 6.70
N PHE E 320 7.27 -19.89 6.14
CA PHE E 320 7.18 -21.34 6.15
C PHE E 320 6.19 -21.75 5.07
N TYR E 321 6.51 -22.81 4.34
CA TYR E 321 5.60 -23.34 3.35
C TYR E 321 5.92 -24.80 3.07
N VAL E 322 4.90 -25.56 2.71
CA VAL E 322 5.06 -26.90 2.15
C VAL E 322 4.62 -26.84 0.70
N GLY E 323 5.41 -27.45 -0.19
CA GLY E 323 5.11 -27.43 -1.59
C GLY E 323 4.54 -28.75 -2.07
N PRO E 324 4.10 -28.80 -3.33
CA PRO E 324 3.57 -30.06 -3.87
C PRO E 324 4.60 -31.17 -3.92
N ASP E 325 5.87 -30.83 -4.10
CA ASP E 325 6.94 -31.82 -4.11
C ASP E 325 7.13 -32.51 -2.77
N GLY E 326 6.66 -31.90 -1.68
CA GLY E 326 6.88 -32.42 -0.34
C GLY E 326 7.98 -31.75 0.44
N GLY E 327 8.70 -30.80 -0.15
CA GLY E 327 9.79 -30.14 0.54
C GLY E 327 9.37 -28.90 1.31
N PHE E 328 9.55 -28.89 2.62
CA PHE E 328 9.16 -27.76 3.44
C PHE E 328 10.23 -26.66 3.38
N HIS E 329 9.97 -25.55 4.05
CA HIS E 329 10.86 -24.38 3.97
C HIS E 329 10.80 -23.61 5.28
N SER E 330 11.84 -23.78 6.11
CA SER E 330 11.92 -23.05 7.36
C SER E 330 12.29 -21.59 7.10
N GLY E 331 12.43 -20.83 8.19
CA GLY E 331 12.66 -19.40 8.13
C GLY E 331 13.85 -18.99 8.96
N ALA E 332 13.99 -19.64 10.11
CA ALA E 332 15.00 -19.33 11.12
C ALA E 332 15.48 -20.65 11.72
N ASN E 333 16.03 -20.58 12.93
CA ASN E 333 16.65 -21.76 13.52
C ASN E 333 15.56 -22.68 14.04
N SER E 334 15.73 -23.98 13.78
CA SER E 334 14.68 -24.90 14.18
C SER E 334 15.14 -25.88 15.25
N THR E 335 14.49 -27.02 15.35
CA THR E 335 14.78 -28.00 16.39
C THR E 335 14.06 -29.30 16.07
N VAL E 336 14.72 -30.41 16.39
CA VAL E 336 14.14 -31.75 16.31
C VAL E 336 14.57 -32.51 17.55
N ALA E 337 13.62 -32.88 18.40
CA ALA E 337 13.96 -33.66 19.59
C ALA E 337 14.28 -35.10 19.17
N GLY E 338 15.30 -35.25 18.35
CA GLY E 338 15.64 -36.55 17.81
C GLY E 338 16.66 -36.43 16.70
N ASN E 339 16.72 -37.47 15.88
CA ASN E 339 17.66 -37.57 14.77
C ASN E 339 16.91 -37.50 13.45
N LEU E 340 17.48 -36.80 12.48
CA LEU E 340 16.83 -36.55 11.20
C LEU E 340 17.50 -37.40 10.13
N THR E 341 16.80 -38.43 9.67
CA THR E 341 17.28 -39.25 8.57
C THR E 341 17.32 -38.41 7.30
N VAL E 342 18.50 -38.29 6.69
CA VAL E 342 18.70 -37.50 5.49
C VAL E 342 19.44 -38.33 4.44
N LYS E 343 19.69 -37.73 3.29
CA LYS E 343 20.43 -38.33 2.20
C LYS E 343 21.90 -37.97 2.29
N ASP E 344 22.72 -38.68 1.51
CA ASP E 344 24.14 -38.38 1.48
C ASP E 344 24.35 -37.09 0.69
N PRO E 345 25.17 -36.17 1.19
CA PRO E 345 25.22 -34.80 0.65
C PRO E 345 25.80 -34.73 -0.75
N THR E 346 24.97 -34.28 -1.70
CA THR E 346 25.41 -34.00 -3.06
C THR E 346 25.64 -32.50 -3.19
N GLY E 348 26.62 -28.15 -2.44
CA GLY E 348 27.51 -27.38 -1.58
C GLY E 348 26.90 -27.00 -0.25
N LYS E 349 25.58 -27.00 -0.19
CA LYS E 349 24.80 -26.64 0.99
C LYS E 349 24.21 -27.84 1.72
N HIS E 350 23.79 -28.86 0.97
CA HIS E 350 23.18 -30.06 1.52
C HIS E 350 23.90 -30.57 2.77
N ALA E 351 23.14 -30.70 3.86
CA ALA E 351 23.50 -31.32 5.14
C ALA E 351 24.44 -32.51 5.06
N ALA E 352 25.02 -32.89 6.21
CA ALA E 352 25.95 -34.01 6.29
C ALA E 352 25.34 -35.16 7.08
N THR E 353 25.57 -36.39 6.62
CA THR E 353 25.01 -37.56 7.29
C THR E 353 25.98 -38.09 8.35
N LYS E 354 25.80 -39.35 8.74
CA LYS E 354 26.80 -40.09 9.51
C LYS E 354 27.57 -41.05 8.62
N ASP E 355 26.91 -41.61 7.62
CA ASP E 355 27.57 -42.38 6.57
C ASP E 355 28.44 -41.49 5.72
N TYR E 356 28.57 -40.22 6.12
CA TYR E 356 29.56 -39.32 5.55
C TYR E 356 30.64 -38.87 6.53
N VAL E 357 30.50 -39.14 7.83
CA VAL E 357 31.56 -38.78 8.78
C VAL E 357 32.55 -39.94 8.93
N ASP E 358 32.12 -41.04 9.55
CA ASP E 358 33.01 -42.19 9.70
C ASP E 358 33.43 -42.74 8.35
N GLU E 359 32.53 -42.70 7.36
CA GLU E 359 32.89 -43.08 6.01
C GLU E 359 34.04 -42.23 5.48
N LYS E 360 34.05 -40.94 5.82
CA LYS E 360 35.12 -40.02 5.42
C LYS E 360 36.02 -39.65 6.59
N ILE E 361 36.08 -40.49 7.62
CA ILE E 361 36.94 -40.24 8.77
C ILE E 361 38.17 -41.14 8.68
N ALA E 362 38.04 -42.25 7.97
CA ALA E 362 39.06 -43.31 7.97
C ALA E 362 39.98 -43.20 6.76
N GLU E 363 40.39 -41.99 6.40
CA GLU E 363 41.41 -41.81 5.37
C GLU E 363 42.79 -41.97 6.02
N LEU E 364 42.86 -42.85 7.03
CA LEU E 364 44.07 -43.02 7.83
C LEU E 364 45.28 -43.30 6.95
N LYS E 365 46.41 -42.69 7.31
CA LYS E 365 47.67 -42.85 6.60
C LYS E 365 47.53 -42.51 5.12
N GLU F 3 -228.10 -0.09 62.19
CA GLU F 3 -227.48 0.92 61.35
C GLU F 3 -228.30 1.15 60.08
N ASN F 4 -229.53 0.63 60.08
CA ASN F 4 -230.39 0.73 58.91
C ASN F 4 -230.81 2.18 58.65
N ILE F 5 -231.28 2.44 57.44
CA ILE F 5 -231.57 3.79 56.98
C ILE F 5 -233.03 3.82 56.52
N PRO F 6 -233.65 5.02 56.50
CA PRO F 6 -235.05 5.11 56.07
C PRO F 6 -235.29 4.66 54.63
N LEU F 7 -235.01 5.52 53.66
CA LEU F 7 -235.25 5.22 52.26
C LEU F 7 -233.92 4.99 51.54
N ARG F 8 -233.87 3.92 50.76
CA ARG F 8 -232.69 3.56 49.97
C ARG F 8 -232.85 4.17 48.59
N VAL F 9 -231.99 5.13 48.26
CA VAL F 9 -232.16 5.98 47.09
C VAL F 9 -231.34 5.44 45.92
N GLN F 10 -231.98 5.35 44.76
CA GLN F 10 -231.32 5.08 43.49
C GLN F 10 -231.22 6.39 42.71
N PHE F 11 -230.25 6.45 41.80
CA PHE F 11 -229.95 7.66 41.07
C PHE F 11 -230.33 7.50 39.60
N LYS F 12 -230.35 8.63 38.90
CA LYS F 12 -230.58 8.57 37.46
C LYS F 12 -229.34 8.00 36.78
N ARG F 13 -229.56 7.09 35.84
CA ARG F 13 -228.46 6.26 35.37
C ARG F 13 -228.70 5.84 33.93
N MET F 14 -227.62 5.89 33.14
CA MET F 14 -227.60 5.44 31.75
C MET F 14 -226.22 4.83 31.52
N SER F 15 -226.01 4.29 30.32
CA SER F 15 -224.64 3.94 29.96
C SER F 15 -223.83 5.21 29.76
N ALA F 16 -222.51 5.06 29.82
CA ALA F 16 -221.63 6.23 29.69
C ALA F 16 -221.80 6.90 28.34
N ASP F 17 -222.09 6.12 27.29
CA ASP F 17 -222.31 6.69 25.97
C ASP F 17 -223.69 7.35 25.86
N GLU F 18 -224.73 6.66 26.36
CA GLU F 18 -226.08 7.20 26.29
C GLU F 18 -226.18 8.56 26.98
N TRP F 19 -225.35 8.80 28.00
CA TRP F 19 -225.32 10.09 28.66
C TRP F 19 -224.87 11.19 27.70
N ALA F 20 -223.81 10.92 26.93
CA ALA F 20 -223.27 11.93 26.02
C ALA F 20 -224.30 12.38 24.99
N ARG F 21 -225.24 11.51 24.63
CA ARG F 21 -226.26 11.83 23.64
C ARG F 21 -227.57 12.27 24.29
N SER F 22 -227.60 12.42 25.61
CA SER F 22 -228.84 12.74 26.32
C SER F 22 -228.91 14.21 26.68
N ASP F 23 -230.14 14.73 26.66
CA ASP F 23 -230.41 16.12 26.97
C ASP F 23 -230.80 16.34 28.42
N VAL F 24 -230.71 15.29 29.25
CA VAL F 24 -231.14 15.39 30.64
C VAL F 24 -230.24 16.36 31.39
N ILE F 25 -230.84 17.29 32.10
CA ILE F 25 -230.13 18.30 32.86
C ILE F 25 -230.28 17.95 34.34
N LEU F 26 -229.16 17.65 34.99
CA LEU F 26 -229.21 17.35 36.41
C LEU F 26 -229.47 18.63 37.20
N LEU F 27 -230.24 18.51 38.28
CA LEU F 27 -230.50 19.69 39.07
C LEU F 27 -229.27 20.05 39.88
N GLU F 28 -229.23 21.31 40.33
CA GLU F 28 -228.07 21.80 41.07
C GLU F 28 -227.92 21.04 42.38
N GLY F 29 -227.03 20.04 42.38
CA GLY F 29 -226.80 19.19 43.51
C GLY F 29 -227.22 17.74 43.31
N GLU F 30 -227.91 17.45 42.20
CA GLU F 30 -228.36 16.10 41.91
C GLU F 30 -227.25 15.28 41.26
N ILE F 31 -227.16 14.01 41.65
CA ILE F 31 -226.08 13.12 41.21
C ILE F 31 -226.57 12.32 40.01
N GLY F 32 -225.68 12.07 39.07
CA GLY F 32 -225.98 11.26 37.89
C GLY F 32 -225.03 10.10 37.79
N PHE F 33 -225.55 8.96 37.31
CA PHE F 33 -224.82 7.70 37.34
C PHE F 33 -224.52 7.20 35.94
N GLU F 34 -223.39 6.49 35.82
CA GLU F 34 -222.97 5.79 34.61
C GLU F 34 -223.04 4.28 34.85
N THR F 35 -224.02 3.63 34.22
CA THR F 35 -224.18 2.19 34.38
C THR F 35 -222.96 1.41 33.88
N ASP F 36 -222.09 2.05 33.09
CA ASP F 36 -220.84 1.43 32.62
C ASP F 36 -219.74 1.67 33.64
N THR F 37 -218.67 2.35 33.21
CA THR F 37 -217.51 2.77 34.02
C THR F 37 -217.70 2.84 35.54
N GLY F 38 -218.93 2.91 36.01
CA GLY F 38 -219.18 3.11 37.42
C GLY F 38 -218.89 4.51 37.92
N PHE F 39 -218.51 5.42 37.04
CA PHE F 39 -218.25 6.80 37.40
C PHE F 39 -219.56 7.54 37.66
N ALA F 40 -219.44 8.73 38.23
CA ALA F 40 -220.60 9.55 38.52
C ALA F 40 -220.17 11.00 38.63
N LYS F 41 -221.11 11.90 38.38
CA LYS F 41 -220.87 13.33 38.52
C LYS F 41 -222.04 13.96 39.24
N PHE F 42 -221.83 15.20 39.67
CA PHE F 42 -222.85 15.99 40.34
C PHE F 42 -223.65 16.78 39.31
N GLY F 43 -224.44 17.74 39.78
CA GLY F 43 -225.32 18.48 38.93
C GLY F 43 -224.97 19.95 38.88
N ASP F 44 -225.34 20.61 37.78
CA ASP F 44 -225.11 22.04 37.60
C ASP F 44 -226.38 22.85 37.57
N GLY F 45 -227.47 22.30 37.06
CA GLY F 45 -228.69 23.05 36.82
C GLY F 45 -228.55 23.97 35.63
N GLN F 46 -228.26 23.37 34.45
CA GLN F 46 -228.06 24.03 33.16
C GLN F 46 -227.20 23.21 32.22
N ASN F 47 -225.93 23.03 32.56
CA ASN F 47 -225.04 22.30 31.68
C ASN F 47 -225.46 20.85 31.55
N THR F 48 -225.32 20.31 30.33
CA THR F 48 -225.62 18.92 30.07
C THR F 48 -224.57 18.01 30.72
N PHE F 49 -224.89 16.72 30.77
CA PHE F 49 -223.99 15.76 31.40
C PHE F 49 -222.61 15.75 30.76
N SER F 50 -222.54 16.01 29.45
CA SER F 50 -221.28 15.91 28.73
C SER F 50 -220.25 16.92 29.21
N LYS F 51 -220.67 18.08 29.69
CA LYS F 51 -219.75 19.21 29.90
C LYS F 51 -219.50 19.55 31.37
N LEU F 52 -219.63 18.59 32.28
CA LEU F 52 -219.45 18.88 33.70
C LEU F 52 -218.46 17.93 34.34
N LYS F 53 -217.76 18.44 35.37
CA LYS F 53 -216.70 17.71 36.06
C LYS F 53 -217.17 16.37 36.62
N TYR F 54 -216.31 15.35 36.48
CA TYR F 54 -216.52 14.07 37.15
C TYR F 54 -216.30 14.21 38.66
N LEU F 55 -216.66 13.16 39.39
CA LEU F 55 -216.43 13.08 40.83
C LEU F 55 -215.40 11.97 41.10
N THR F 56 -214.14 12.26 40.78
CA THR F 56 -213.04 11.34 40.99
C THR F 56 -212.24 11.71 42.24
N GLY F 57 -211.23 10.90 42.53
CA GLY F 57 -210.26 11.22 43.56
C GLY F 57 -209.17 12.07 42.94
N PRO F 58 -208.08 12.30 43.68
CA PRO F 58 -207.02 13.17 43.14
C PRO F 58 -206.27 12.50 42.01
N LYS F 59 -205.40 13.28 41.38
CA LYS F 59 -204.64 12.81 40.24
C LYS F 59 -203.42 12.01 40.71
N GLY F 60 -203.03 11.02 39.91
CA GLY F 60 -201.92 10.18 40.26
C GLY F 60 -200.60 10.93 40.28
N PRO F 61 -199.56 10.28 40.79
CA PRO F 61 -198.24 10.92 40.86
C PRO F 61 -197.49 10.80 39.55
N LYS F 62 -196.41 11.57 39.44
CA LYS F 62 -195.61 11.58 38.23
C LYS F 62 -194.87 10.26 38.11
N GLY F 63 -194.89 9.68 36.90
CA GLY F 63 -194.17 8.44 36.68
C GLY F 63 -192.67 8.62 36.88
N ASP F 64 -191.98 7.49 37.01
CA ASP F 64 -190.54 7.56 37.18
C ASP F 64 -189.91 8.18 35.95
N THR F 65 -188.78 8.85 36.16
CA THR F 65 -188.06 9.44 35.04
C THR F 65 -187.61 8.35 34.08
N GLY F 66 -187.62 8.68 32.80
CA GLY F 66 -187.32 7.69 31.79
C GLY F 66 -185.90 7.18 31.89
N LEU F 67 -185.61 6.17 31.07
CA LEU F 67 -184.30 5.55 31.13
C LEU F 67 -183.26 6.52 30.57
N GLN F 68 -182.02 6.06 30.49
CA GLN F 68 -180.91 6.91 30.06
C GLN F 68 -180.52 6.55 28.63
N GLY F 69 -180.22 7.56 27.84
CA GLY F 69 -179.93 7.34 26.44
C GLY F 69 -178.76 6.40 26.24
N LYS F 70 -178.77 5.76 25.08
CA LYS F 70 -177.70 4.83 24.75
C LYS F 70 -176.37 5.57 24.65
N THR F 71 -175.30 4.91 25.12
CA THR F 71 -173.99 5.53 25.07
C THR F 71 -173.59 5.76 23.63
N GLY F 72 -172.77 6.78 23.40
CA GLY F 72 -172.44 7.15 22.04
C GLY F 72 -171.58 6.11 21.35
N GLY F 73 -171.62 6.14 20.02
CA GLY F 73 -170.84 5.20 19.25
C GLY F 73 -169.35 5.47 19.35
N THR F 74 -168.57 4.41 19.21
CA THR F 74 -167.12 4.57 19.21
C THR F 74 -166.69 5.38 17.99
N GLY F 75 -165.61 6.15 18.17
CA GLY F 75 -165.18 7.07 17.16
C GLY F 75 -164.54 6.37 15.99
N PRO F 76 -164.13 7.16 14.99
CA PRO F 76 -163.46 6.58 13.81
C PRO F 76 -161.97 6.42 14.05
N ARG F 77 -161.40 5.46 13.32
CA ARG F 77 -159.97 5.19 13.44
C ARG F 77 -159.16 6.38 12.95
N GLY F 78 -158.15 6.75 13.74
CA GLY F 78 -157.28 7.86 13.42
C GLY F 78 -156.54 7.68 12.09
N PRO F 79 -155.91 8.75 11.62
CA PRO F 79 -155.18 8.66 10.35
C PRO F 79 -153.93 7.80 10.48
N ALA F 80 -153.45 7.36 9.32
CA ALA F 80 -152.30 6.47 9.28
C ALA F 80 -151.01 7.20 9.61
N GLY F 81 -150.05 6.44 10.16
CA GLY F 81 -148.75 6.99 10.46
C GLY F 81 -147.99 7.37 9.20
N LYS F 82 -147.05 8.31 9.38
CA LYS F 82 -146.23 8.73 8.24
C LYS F 82 -145.33 7.60 7.77
N PRO F 83 -145.02 7.55 6.48
CA PRO F 83 -144.23 6.43 5.94
C PRO F 83 -142.74 6.52 6.28
N GLY F 84 -142.09 5.37 6.12
CA GLY F 84 -140.67 5.23 6.35
C GLY F 84 -139.82 6.09 5.43
N THR F 85 -138.53 6.15 5.75
CA THR F 85 -137.55 6.90 5.00
C THR F 85 -136.72 5.98 4.11
N THR F 86 -136.23 6.53 3.00
CA THR F 86 -135.54 5.74 1.98
C THR F 86 -134.07 6.13 1.82
N ASP F 87 -133.48 6.79 2.79
CA ASP F 87 -132.05 7.06 2.77
C ASP F 87 -131.34 6.10 3.72
N TYR F 88 -130.21 5.56 3.25
CA TYR F 88 -129.41 4.66 4.07
C TYR F 88 -129.10 5.27 5.43
N ASP F 89 -128.75 6.56 5.45
CA ASP F 89 -128.25 7.19 6.67
C ASP F 89 -129.25 7.12 7.82
N GLN F 90 -130.54 7.24 7.53
CA GLN F 90 -131.57 7.32 8.55
C GLN F 90 -132.12 5.97 9.00
N LEU F 91 -131.67 4.86 8.43
CA LEU F 91 -132.22 3.56 8.81
C LEU F 91 -131.97 3.26 10.28
N GLN F 92 -132.74 2.31 10.80
CA GLN F 92 -132.56 1.79 12.15
C GLN F 92 -131.80 0.47 12.08
N ASN F 93 -131.19 0.11 13.23
CA ASN F 93 -130.32 -1.06 13.33
C ASN F 93 -129.32 -1.06 12.18
N LYS F 94 -128.87 0.14 11.83
CA LYS F 94 -127.89 0.33 10.77
C LYS F 94 -126.58 -0.36 11.13
N PRO F 95 -125.95 -1.07 10.18
CA PRO F 95 -124.69 -1.74 10.50
C PRO F 95 -123.55 -0.74 10.63
N ASP F 96 -122.68 -0.99 11.61
CA ASP F 96 -121.52 -0.16 11.86
C ASP F 96 -120.42 -0.48 10.86
N LEU F 97 -120.07 0.50 10.03
CA LEU F 97 -119.00 0.33 9.04
C LEU F 97 -117.61 0.51 9.64
N GLY F 98 -117.51 1.06 10.85
CA GLY F 98 -116.20 1.31 11.44
C GLY F 98 -115.35 0.05 11.58
N ALA F 99 -115.99 -1.08 11.89
CA ALA F 99 -115.26 -2.33 12.10
C ALA F 99 -114.82 -2.99 10.80
N PHE F 100 -114.82 -2.28 9.67
CA PHE F 100 -114.42 -2.84 8.39
C PHE F 100 -113.20 -2.10 7.85
N ALA F 101 -112.24 -2.86 7.34
CA ALA F 101 -110.98 -2.28 6.88
C ALA F 101 -111.16 -1.53 5.56
N GLN F 102 -110.61 -0.32 5.51
CA GLN F 102 -110.59 0.44 4.27
C GLN F 102 -109.69 -0.22 3.24
N LYS F 103 -110.09 -0.12 1.98
CA LYS F 103 -109.33 -0.77 0.91
C LYS F 103 -108.00 -0.06 0.69
N GLU F 104 -108.06 1.25 0.44
CA GLU F 104 -106.85 2.00 0.09
C GLU F 104 -105.86 2.02 1.24
N GLU F 105 -106.34 2.27 2.46
CA GLU F 105 -105.46 2.29 3.63
C GLU F 105 -104.79 0.93 3.85
N THR F 106 -105.49 -0.16 3.55
CA THR F 106 -104.95 -1.49 3.82
C THR F 106 -103.91 -1.89 2.78
N ASN F 107 -104.25 -1.78 1.49
CA ASN F 107 -103.29 -2.11 0.44
C ASN F 107 -102.03 -1.26 0.51
N SER F 108 -102.12 -0.06 1.10
CA SER F 108 -100.91 0.74 1.30
C SER F 108 -100.04 0.21 2.43
N LYS F 109 -100.66 -0.17 3.56
CA LYS F 109 -99.89 -0.80 4.63
C LYS F 109 -99.23 -2.07 4.14
N ILE F 110 -99.95 -2.88 3.35
CA ILE F 110 -99.39 -4.12 2.84
C ILE F 110 -98.31 -3.81 1.81
N THR F 111 -98.54 -2.79 0.97
CA THR F 111 -97.51 -2.38 0.01
C THR F 111 -96.26 -1.89 0.73
N LYS F 112 -96.44 -1.09 1.78
CA LYS F 112 -95.29 -0.66 2.58
C LYS F 112 -94.56 -1.84 3.21
N LEU F 113 -95.28 -2.93 3.50
CA LEU F 113 -94.65 -4.11 4.09
C LEU F 113 -93.88 -4.92 3.06
N GLU F 114 -94.48 -5.16 1.90
CA GLU F 114 -93.82 -5.94 0.85
C GLU F 114 -92.56 -5.24 0.35
N SER F 115 -92.50 -3.93 0.48
CA SER F 115 -91.36 -3.16 0.01
C SER F 115 -90.27 -2.97 1.05
N SER F 116 -90.62 -2.96 2.34
CA SER F 116 -89.65 -2.64 3.37
C SER F 116 -88.99 -3.87 4.00
N LYS F 117 -89.46 -5.07 3.70
CA LYS F 117 -88.91 -6.26 4.33
C LYS F 117 -88.22 -7.11 3.27
N ALA F 118 -87.26 -7.92 3.71
CA ALA F 118 -86.24 -8.48 2.84
C ALA F 118 -86.51 -9.92 2.37
N ASP F 119 -87.73 -10.43 2.55
CA ASP F 119 -88.12 -11.75 2.05
C ASP F 119 -87.37 -12.88 2.75
N LYS F 120 -88.03 -14.01 2.98
CA LYS F 120 -87.38 -15.14 3.62
C LYS F 120 -86.26 -15.72 2.73
N SER F 121 -86.52 -15.82 1.44
CA SER F 121 -85.63 -16.48 0.48
C SER F 121 -84.40 -15.66 0.09
N ALA F 122 -84.18 -14.48 0.66
CA ALA F 122 -83.08 -13.63 0.20
C ALA F 122 -82.11 -13.25 1.32
N VAL F 123 -82.07 -14.01 2.42
CA VAL F 123 -81.16 -13.73 3.52
C VAL F 123 -80.78 -15.05 4.17
N TYR F 124 -79.49 -15.18 4.51
CA TYR F 124 -79.03 -16.35 5.26
C TYR F 124 -79.51 -16.25 6.70
N SER F 125 -80.03 -17.36 7.24
CA SER F 125 -80.47 -17.44 8.62
C SER F 125 -79.30 -17.31 9.59
N LYS F 126 -79.57 -17.32 10.89
CA LYS F 126 -78.50 -17.31 11.88
C LYS F 126 -77.58 -18.52 11.71
N ALA F 127 -78.18 -19.70 11.55
CA ALA F 127 -77.36 -20.90 11.35
C ALA F 127 -76.77 -20.93 9.95
N GLU F 128 -77.48 -20.38 8.97
CA GLU F 128 -76.90 -20.26 7.63
C GLU F 128 -75.76 -19.24 7.64
N SER F 129 -75.95 -18.11 8.32
CA SER F 129 -74.85 -17.17 8.51
C SER F 129 -73.69 -17.84 9.22
N LYS F 130 -73.99 -18.71 10.18
CA LYS F 130 -72.96 -19.44 10.91
C LYS F 130 -72.15 -20.34 9.98
N ILE F 131 -72.82 -21.07 9.10
CA ILE F 131 -72.14 -22.05 8.25
C ILE F 131 -71.13 -21.38 7.33
N GLU F 132 -71.45 -20.19 6.82
CA GLU F 132 -70.53 -19.48 5.93
C GLU F 132 -69.43 -18.72 6.68
N LEU F 133 -69.66 -18.37 7.94
CA LEU F 133 -68.64 -17.66 8.71
C LEU F 133 -67.48 -18.60 9.07
N ASP F 134 -67.79 -19.84 9.47
CA ASP F 134 -66.77 -20.77 9.92
C ASP F 134 -65.84 -21.23 8.79
N LYS F 135 -66.20 -21.01 7.53
CA LYS F 135 -65.27 -21.27 6.43
C LYS F 135 -64.20 -20.20 6.28
N LYS F 136 -64.22 -19.18 7.14
CA LYS F 136 -63.30 -18.05 7.09
C LYS F 136 -62.42 -18.01 8.32
N LEU F 137 -61.14 -17.69 8.11
CA LEU F 137 -60.17 -17.64 9.20
C LEU F 137 -60.47 -16.46 10.13
N SER F 138 -60.35 -16.71 11.43
CA SER F 138 -60.51 -15.71 12.46
C SER F 138 -59.16 -15.28 13.00
N LEU F 139 -59.14 -14.15 13.71
CA LEU F 139 -57.91 -13.62 14.26
C LEU F 139 -57.50 -14.30 15.56
N THR F 140 -58.36 -15.12 16.15
CA THR F 140 -58.04 -15.86 17.36
C THR F 140 -57.40 -17.22 17.10
N GLY F 141 -57.30 -17.62 15.84
CA GLY F 141 -56.73 -18.90 15.50
C GLY F 141 -57.46 -19.48 14.29
N GLY F 142 -56.99 -20.64 13.87
CA GLY F 142 -57.61 -21.30 12.73
C GLY F 142 -56.76 -22.43 12.21
N ILE F 143 -57.29 -23.08 11.17
CA ILE F 143 -56.69 -24.27 10.56
C ILE F 143 -56.81 -24.09 9.06
N VAL F 144 -55.70 -23.78 8.40
CA VAL F 144 -55.68 -23.54 6.97
C VAL F 144 -55.51 -24.87 6.23
N THR F 145 -56.41 -25.14 5.29
CA THR F 145 -56.34 -26.36 4.50
C THR F 145 -55.74 -26.12 3.11
N GLY F 146 -55.80 -24.90 2.60
CA GLY F 146 -55.30 -24.58 1.28
C GLY F 146 -53.97 -23.86 1.33
N GLN F 147 -53.60 -23.26 0.20
CA GLN F 147 -52.35 -22.53 0.05
C GLN F 147 -52.64 -21.03 0.17
N LEU F 148 -52.00 -20.39 1.14
CA LEU F 148 -52.16 -18.95 1.39
C LEU F 148 -51.04 -18.21 0.65
N GLN F 149 -51.38 -17.63 -0.49
CA GLN F 149 -50.41 -16.90 -1.31
C GLN F 149 -50.19 -15.49 -0.77
N PHE F 150 -48.97 -14.99 -0.96
CA PHE F 150 -48.65 -13.59 -0.73
C PHE F 150 -48.18 -12.95 -2.02
N LYS F 151 -48.80 -11.82 -2.39
CA LYS F 151 -48.43 -11.08 -3.59
C LYS F 151 -48.54 -9.58 -3.33
N PRO F 152 -47.79 -9.06 -2.36
CA PRO F 152 -47.90 -7.63 -2.06
C PRO F 152 -47.42 -6.76 -3.21
N ASN F 153 -48.00 -5.56 -3.31
CA ASN F 153 -47.68 -4.65 -4.40
C ASN F 153 -48.11 -3.25 -3.98
N LYS F 154 -47.13 -2.35 -3.81
CA LYS F 154 -47.38 -0.98 -3.34
C LYS F 154 -48.23 -0.98 -2.07
N SER F 155 -48.04 -1.99 -1.23
CA SER F 155 -48.78 -2.13 0.01
C SER F 155 -48.05 -1.49 1.19
N GLY F 156 -47.00 -0.73 0.91
CA GLY F 156 -46.21 -0.08 1.95
C GLY F 156 -45.57 -1.08 2.88
N ILE F 157 -44.93 -2.10 2.30
CA ILE F 157 -44.20 -3.09 3.08
C ILE F 157 -42.81 -2.55 3.38
N LYS F 158 -42.50 -2.36 4.65
CA LYS F 158 -41.16 -1.88 4.93
C LYS F 158 -40.23 -3.05 5.22
N PRO F 159 -38.93 -2.89 4.98
CA PRO F 159 -37.99 -4.00 5.20
C PRO F 159 -37.43 -4.09 6.61
N SER F 160 -37.93 -3.26 7.54
CA SER F 160 -37.37 -3.20 8.88
C SER F 160 -37.35 -4.57 9.54
N SER F 161 -36.25 -4.86 10.22
CA SER F 161 -36.08 -6.09 10.99
C SER F 161 -36.86 -6.07 12.29
N SER F 162 -37.77 -5.12 12.45
CA SER F 162 -38.53 -4.94 13.69
C SER F 162 -40.04 -4.96 13.48
N VAL F 163 -40.53 -4.39 12.39
CA VAL F 163 -41.97 -4.39 12.13
C VAL F 163 -42.33 -4.83 10.72
N GLY F 164 -41.43 -4.74 9.75
CA GLY F 164 -41.81 -4.94 8.36
C GLY F 164 -42.05 -6.37 7.94
N GLY F 165 -42.05 -6.59 6.62
CA GLY F 165 -42.32 -7.91 6.08
C GLY F 165 -43.80 -8.12 5.79
N ALA F 166 -44.11 -8.84 4.70
CA ALA F 166 -45.50 -9.19 4.44
C ALA F 166 -46.11 -9.95 5.61
N ILE F 167 -45.32 -10.82 6.24
CA ILE F 167 -45.63 -11.37 7.55
C ILE F 167 -44.62 -10.82 8.54
N ASN F 168 -45.10 -10.41 9.71
CA ASN F 168 -44.21 -10.06 10.81
C ASN F 168 -44.79 -10.68 12.07
N ILE F 169 -44.01 -11.55 12.70
CA ILE F 169 -44.40 -12.16 13.97
C ILE F 169 -43.57 -11.50 15.06
N ASP F 170 -44.24 -11.00 16.08
CA ASP F 170 -43.60 -10.31 17.18
C ASP F 170 -43.94 -11.04 18.48
N MET F 171 -42.94 -11.66 19.08
CA MET F 171 -43.09 -12.42 20.31
C MET F 171 -42.52 -11.69 21.52
N SER F 172 -42.41 -10.36 21.44
CA SER F 172 -41.87 -9.58 22.54
C SER F 172 -42.71 -9.70 23.81
N LYS F 173 -43.94 -10.21 23.70
CA LYS F 173 -44.84 -10.32 24.84
C LYS F 173 -45.35 -11.75 25.04
N SER F 174 -44.69 -12.75 24.46
CA SER F 174 -45.22 -14.10 24.53
C SER F 174 -44.11 -15.15 24.58
N GLU F 175 -44.22 -16.06 25.54
CA GLU F 175 -43.41 -17.26 25.56
C GLU F 175 -43.68 -18.08 24.29
N GLY F 176 -42.73 -18.96 23.97
CA GLY F 176 -42.87 -19.87 22.86
C GLY F 176 -42.03 -19.48 21.66
N ALA F 177 -42.23 -20.23 20.59
CA ALA F 177 -41.44 -20.09 19.36
C ALA F 177 -42.18 -19.22 18.35
N ALA F 178 -41.41 -18.64 17.43
CA ALA F 178 -42.01 -17.82 16.38
C ALA F 178 -42.72 -18.67 15.35
N MET F 179 -42.03 -19.67 14.78
CA MET F 179 -42.63 -20.52 13.77
C MET F 179 -42.04 -21.91 13.88
N VAL F 180 -42.85 -22.92 13.54
CA VAL F 180 -42.42 -24.31 13.53
C VAL F 180 -42.79 -24.92 12.19
N MET F 181 -41.84 -25.64 11.59
CA MET F 181 -42.07 -26.41 10.37
C MET F 181 -41.71 -27.86 10.68
N TYR F 182 -42.74 -28.70 10.77
CA TYR F 182 -42.59 -30.10 11.14
C TYR F 182 -43.06 -30.98 10.00
N THR F 183 -42.39 -32.12 9.81
CA THR F 183 -42.83 -33.12 8.86
C THR F 183 -42.51 -34.51 9.41
N ASN F 184 -43.52 -35.37 9.43
CA ASN F 184 -43.35 -36.78 9.80
C ASN F 184 -43.56 -37.71 8.61
N LYS F 185 -43.45 -37.16 7.40
CA LYS F 185 -43.71 -37.92 6.19
C LYS F 185 -42.57 -38.87 5.88
N ASP F 186 -42.91 -40.04 5.34
CA ASP F 186 -41.89 -40.98 4.92
C ASP F 186 -41.06 -40.42 3.77
N THR F 187 -41.72 -39.73 2.84
CA THR F 187 -41.03 -39.03 1.76
C THR F 187 -41.96 -37.94 1.23
N THR F 188 -41.38 -36.98 0.51
CA THR F 188 -42.13 -35.94 -0.15
C THR F 188 -41.39 -35.55 -1.43
N ASP F 189 -41.84 -34.46 -2.06
CA ASP F 189 -41.27 -34.04 -3.34
C ASP F 189 -40.59 -32.67 -3.26
N GLY F 190 -40.26 -32.21 -2.05
CA GLY F 190 -39.59 -30.94 -1.89
C GLY F 190 -39.23 -30.69 -0.44
N PRO F 191 -38.36 -29.70 -0.19
CA PRO F 191 -38.00 -29.39 1.19
C PRO F 191 -39.15 -28.69 1.90
N LEU F 192 -38.89 -28.10 3.06
CA LEU F 192 -39.90 -27.31 3.75
C LEU F 192 -39.78 -25.85 3.37
N MET F 193 -38.83 -25.14 3.98
CA MET F 193 -38.62 -23.74 3.65
C MET F 193 -37.72 -23.61 2.44
N ILE F 194 -37.99 -22.59 1.63
CA ILE F 194 -37.27 -22.35 0.39
C ILE F 194 -37.02 -20.85 0.26
N LEU F 195 -35.76 -20.47 0.06
CA LEU F 195 -35.41 -19.11 -0.29
C LEU F 195 -34.78 -19.11 -1.68
N ARG F 196 -35.20 -18.15 -2.51
CA ARG F 196 -34.72 -18.10 -3.88
C ARG F 196 -34.80 -16.66 -4.39
N SER F 197 -33.68 -16.18 -4.91
CA SER F 197 -33.62 -14.94 -5.67
C SER F 197 -33.00 -15.26 -7.03
N ASP F 198 -33.62 -14.76 -8.10
CA ASP F 198 -33.18 -15.09 -9.45
C ASP F 198 -32.47 -13.94 -10.14
N LYS F 199 -32.61 -12.72 -9.64
CA LYS F 199 -31.96 -11.55 -10.25
C LYS F 199 -30.59 -11.40 -9.61
N ASP F 200 -29.53 -11.56 -10.40
CA ASP F 200 -28.18 -11.43 -9.88
C ASP F 200 -27.81 -9.99 -9.54
N THR F 201 -28.76 -9.06 -9.65
CA THR F 201 -28.58 -7.70 -9.17
C THR F 201 -29.13 -7.50 -7.76
N PHE F 202 -29.61 -8.56 -7.12
CA PHE F 202 -30.24 -8.46 -5.81
C PHE F 202 -29.19 -8.03 -4.79
N ASP F 203 -29.33 -6.81 -4.27
CA ASP F 203 -28.32 -6.20 -3.42
C ASP F 203 -28.55 -6.46 -1.93
N GLN F 204 -29.17 -7.58 -1.58
CA GLN F 204 -29.45 -7.88 -0.18
C GLN F 204 -29.32 -9.39 0.06
N SER F 205 -29.34 -9.76 1.33
CA SER F 205 -29.23 -11.14 1.74
C SER F 205 -30.56 -11.86 1.55
N ALA F 206 -30.51 -13.19 1.64
CA ALA F 206 -31.73 -14.00 1.64
C ALA F 206 -32.27 -14.17 3.05
N GLN F 207 -31.39 -14.47 4.00
CA GLN F 207 -31.73 -14.61 5.40
C GLN F 207 -30.72 -13.83 6.22
N PHE F 208 -31.19 -13.20 7.30
CA PHE F 208 -30.33 -12.36 8.13
C PHE F 208 -30.64 -12.65 9.59
N VAL F 209 -29.59 -12.87 10.39
CA VAL F 209 -29.72 -13.21 11.79
C VAL F 209 -28.91 -12.20 12.59
N ASP F 210 -29.60 -11.29 13.28
CA ASP F 210 -28.99 -10.29 14.14
C ASP F 210 -29.21 -10.73 15.57
N TYR F 211 -28.36 -11.65 16.04
CA TYR F 211 -28.56 -12.30 17.32
C TYR F 211 -27.83 -11.56 18.43
N SER F 212 -28.54 -11.34 19.54
CA SER F 212 -27.95 -10.95 20.81
C SER F 212 -28.53 -11.83 21.88
N GLY F 213 -27.68 -12.51 22.64
CA GLY F 213 -28.18 -13.46 23.62
C GLY F 213 -27.05 -14.15 24.35
N LYS F 214 -27.36 -15.34 24.88
CA LYS F 214 -26.45 -16.04 25.78
C LYS F 214 -26.25 -17.50 25.41
N THR F 215 -26.49 -17.89 24.16
CA THR F 215 -26.29 -19.27 23.75
C THR F 215 -26.01 -19.29 22.24
N ASN F 216 -26.00 -20.50 21.67
CA ASN F 216 -25.67 -20.65 20.26
C ASN F 216 -26.73 -19.95 19.41
N ALA F 217 -26.28 -19.06 18.53
CA ALA F 217 -27.21 -18.27 17.73
C ALA F 217 -28.03 -19.15 16.79
N VAL F 218 -27.39 -19.73 15.78
CA VAL F 218 -28.03 -20.67 14.87
C VAL F 218 -27.46 -22.06 15.15
N ASN F 219 -28.34 -23.06 15.14
CA ASN F 219 -27.99 -24.41 15.58
C ASN F 219 -28.56 -25.43 14.62
N ILE F 220 -27.69 -26.27 14.07
CA ILE F 220 -28.06 -27.31 13.12
C ILE F 220 -27.72 -28.66 13.72
N VAL F 221 -28.64 -29.62 13.59
CA VAL F 221 -28.52 -30.93 14.20
C VAL F 221 -28.98 -31.99 13.22
N MET F 222 -28.10 -32.94 12.89
CA MET F 222 -28.49 -34.20 12.26
C MET F 222 -28.53 -35.30 13.30
N ARG F 223 -29.63 -36.05 13.33
CA ARG F 223 -29.80 -37.11 14.30
C ARG F 223 -29.32 -38.45 13.74
N GLN F 224 -29.09 -39.39 14.66
CA GLN F 224 -28.52 -40.71 14.36
C GLN F 224 -29.42 -41.54 13.46
N PRO F 225 -29.02 -41.79 12.22
CA PRO F 225 -29.85 -42.59 11.31
C PRO F 225 -29.72 -44.07 11.63
N SER F 226 -30.68 -44.84 11.10
CA SER F 226 -30.64 -46.29 11.26
C SER F 226 -29.40 -46.86 10.58
N ALA F 227 -29.25 -46.58 9.29
CA ALA F 227 -28.07 -46.93 8.52
C ALA F 227 -27.39 -45.65 8.06
N PRO F 228 -26.09 -45.49 8.31
CA PRO F 228 -25.40 -44.28 7.87
C PRO F 228 -25.44 -44.11 6.35
N ASN F 229 -25.31 -42.85 5.94
CA ASN F 229 -25.36 -42.47 4.53
C ASN F 229 -24.61 -41.15 4.39
N PHE F 230 -24.34 -40.77 3.15
CA PHE F 230 -23.57 -39.55 2.92
C PHE F 230 -24.52 -38.37 2.97
N SER F 231 -24.70 -37.82 4.16
CA SER F 231 -25.56 -36.66 4.37
C SER F 231 -24.91 -35.75 5.41
N SER F 232 -24.83 -34.47 5.09
CA SER F 232 -24.24 -33.46 5.96
C SER F 232 -25.33 -32.58 6.55
N ALA F 233 -25.09 -32.08 7.76
CA ALA F 233 -26.05 -31.19 8.38
C ALA F 233 -26.11 -29.83 7.70
N LEU F 234 -25.04 -29.44 7.02
CA LEU F 234 -24.99 -28.19 6.28
C LEU F 234 -24.01 -28.36 5.13
N ASN F 235 -24.42 -27.98 3.92
CA ASN F 235 -23.57 -28.07 2.75
C ASN F 235 -23.54 -26.74 2.03
N ILE F 236 -22.34 -26.24 1.77
CA ILE F 236 -22.15 -24.97 1.08
C ILE F 236 -21.69 -25.26 -0.35
N THR F 237 -22.15 -24.45 -1.28
CA THR F 237 -21.76 -24.59 -2.69
C THR F 237 -21.78 -23.21 -3.31
N SER F 238 -20.72 -22.89 -4.06
CA SER F 238 -20.58 -21.58 -4.68
C SER F 238 -20.19 -21.74 -6.13
N ALA F 239 -20.73 -20.86 -6.97
CA ALA F 239 -20.37 -20.80 -8.38
C ALA F 239 -19.86 -19.42 -8.76
N ASN F 240 -19.56 -18.56 -7.78
CA ASN F 240 -19.00 -17.23 -8.02
C ASN F 240 -17.49 -17.33 -7.95
N GLU F 241 -16.82 -17.20 -9.09
CA GLU F 241 -15.37 -17.35 -9.10
C GLU F 241 -14.67 -16.13 -8.51
N GLY F 242 -15.37 -15.03 -8.29
CA GLY F 242 -14.80 -13.81 -7.76
C GLY F 242 -15.01 -13.58 -6.28
N GLY F 243 -15.50 -14.56 -5.53
CA GLY F 243 -15.73 -14.38 -4.11
C GLY F 243 -15.70 -15.70 -3.39
N SER F 244 -15.22 -15.66 -2.14
CA SER F 244 -15.20 -16.85 -1.31
C SER F 244 -16.61 -17.39 -1.10
N ALA F 245 -16.70 -18.69 -0.84
CA ALA F 245 -17.99 -19.30 -0.54
C ALA F 245 -18.47 -18.98 0.87
N MET F 246 -17.54 -18.71 1.79
CA MET F 246 -17.90 -18.53 3.18
C MET F 246 -16.89 -17.62 3.87
N GLN F 247 -17.37 -16.86 4.85
CA GLN F 247 -16.55 -15.91 5.60
C GLN F 247 -16.79 -16.12 7.09
N ILE F 248 -15.71 -16.20 7.86
CA ILE F 248 -15.77 -16.32 9.32
C ILE F 248 -14.86 -15.28 9.94
N ARG F 249 -15.40 -14.51 10.88
CA ARG F 249 -14.64 -13.54 11.66
C ARG F 249 -14.90 -13.78 13.14
N GLY F 250 -13.85 -13.63 13.94
CA GLY F 250 -13.98 -13.83 15.37
C GLY F 250 -13.04 -12.93 16.14
N VAL F 251 -13.35 -12.75 17.42
CA VAL F 251 -12.56 -11.93 18.32
C VAL F 251 -12.31 -12.70 19.61
N GLU F 252 -12.04 -13.99 19.47
CA GLU F 252 -11.93 -14.87 20.63
C GLU F 252 -10.70 -14.54 21.46
N LYS F 253 -10.81 -14.67 22.78
CA LYS F 253 -9.68 -14.39 23.66
C LYS F 253 -8.78 -15.60 23.85
N ALA F 254 -9.34 -16.70 24.35
CA ALA F 254 -8.60 -17.95 24.50
C ALA F 254 -9.54 -19.07 24.05
N LEU F 255 -9.37 -19.51 22.80
CA LEU F 255 -10.21 -20.42 22.04
C LEU F 255 -10.07 -20.09 20.56
N GLY F 256 -10.33 -21.05 19.69
CA GLY F 256 -10.26 -20.81 18.26
C GLY F 256 -11.54 -20.21 17.72
N THR F 257 -11.38 -19.35 16.71
CA THR F 257 -12.55 -18.76 16.04
C THR F 257 -13.47 -19.85 15.53
N LEU F 258 -12.93 -20.81 14.79
CA LEU F 258 -13.68 -21.97 14.32
C LEU F 258 -13.18 -23.20 15.06
N LYS F 259 -14.08 -23.85 15.80
CA LYS F 259 -13.75 -25.03 16.58
C LYS F 259 -14.27 -26.26 15.83
N ILE F 260 -13.35 -27.07 15.32
CA ILE F 260 -13.66 -28.33 14.66
C ILE F 260 -13.31 -29.46 15.62
N THR F 261 -14.23 -30.41 15.77
CA THR F 261 -14.02 -31.55 16.66
C THR F 261 -14.54 -32.81 15.99
N HIS F 262 -13.81 -33.91 16.16
CA HIS F 262 -14.23 -35.21 15.64
C HIS F 262 -14.38 -36.15 16.83
N GLU F 263 -15.62 -36.55 17.11
CA GLU F 263 -15.90 -37.52 18.16
C GLU F 263 -15.97 -38.90 17.53
N ASN F 264 -15.29 -39.86 18.14
CA ASN F 264 -15.31 -41.22 17.61
C ASN F 264 -16.70 -41.79 17.71
N PRO F 265 -17.30 -42.27 16.61
CA PRO F 265 -18.63 -42.91 16.72
C PRO F 265 -18.60 -44.16 17.57
N ASN F 266 -17.46 -44.83 17.66
CA ASN F 266 -17.34 -46.11 18.32
C ASN F 266 -16.34 -46.03 19.46
N VAL F 267 -16.42 -47.01 20.36
CA VAL F 267 -15.48 -47.11 21.47
C VAL F 267 -14.12 -47.58 20.99
N GLU F 268 -14.07 -48.35 19.91
CA GLU F 268 -12.81 -48.93 19.45
C GLU F 268 -11.87 -47.84 18.93
N ALA F 269 -10.65 -47.83 19.44
CA ALA F 269 -9.74 -46.71 19.18
C ALA F 269 -9.31 -46.65 17.72
N LYS F 270 -9.28 -47.78 17.03
CA LYS F 270 -8.78 -47.84 15.66
C LYS F 270 -9.90 -48.02 14.64
N TYR F 271 -11.14 -47.72 15.04
CA TYR F 271 -12.26 -47.78 14.10
C TYR F 271 -12.18 -46.65 13.09
N ASP F 272 -11.91 -45.44 13.56
CA ASP F 272 -11.87 -44.23 12.75
C ASP F 272 -10.46 -43.86 12.31
N GLU F 273 -9.64 -44.84 11.93
CA GLU F 273 -8.24 -44.55 11.63
C GLU F 273 -8.11 -43.73 10.34
N ASN F 274 -9.11 -43.75 9.47
CA ASN F 274 -9.10 -42.97 8.25
C ASN F 274 -9.82 -41.63 8.39
N ALA F 275 -10.37 -41.35 9.57
CA ALA F 275 -11.14 -40.14 9.80
C ALA F 275 -10.23 -38.97 10.13
N ALA F 276 -10.57 -37.80 9.60
CA ALA F 276 -9.87 -36.56 9.90
C ALA F 276 -10.86 -35.52 10.40
N ALA F 277 -10.32 -34.47 11.02
CA ALA F 277 -11.17 -33.36 11.45
C ALA F 277 -11.43 -32.40 10.29
N LEU F 278 -10.39 -32.05 9.54
CA LEU F 278 -10.51 -31.17 8.39
C LEU F 278 -9.91 -31.86 7.17
N SER F 279 -10.71 -32.01 6.11
CA SER F 279 -10.27 -32.62 4.86
C SER F 279 -10.34 -31.57 3.75
N ILE F 280 -9.28 -31.49 2.95
CA ILE F 280 -9.21 -30.55 1.83
C ILE F 280 -9.03 -31.33 0.54
N ASP F 281 -9.63 -30.82 -0.54
CA ASP F 281 -9.48 -31.40 -1.86
C ASP F 281 -9.44 -30.28 -2.90
N ILE F 282 -8.42 -30.30 -3.75
CA ILE F 282 -8.30 -29.35 -4.86
C ILE F 282 -8.55 -30.12 -6.15
N VAL F 283 -9.48 -29.65 -6.97
CA VAL F 283 -9.84 -30.33 -8.20
C VAL F 283 -9.83 -29.32 -9.34
N LYS F 284 -9.89 -29.85 -10.57
CA LYS F 284 -9.96 -29.04 -11.77
C LYS F 284 -11.42 -28.82 -12.18
N LYS F 285 -11.62 -28.08 -13.26
CA LYS F 285 -12.96 -27.85 -13.77
C LYS F 285 -13.62 -29.15 -14.21
N GLN F 286 -14.88 -29.32 -13.84
CA GLN F 286 -15.64 -30.56 -14.10
C GLN F 286 -16.16 -30.69 -15.52
N LYS F 287 -15.41 -30.25 -16.53
CA LYS F 287 -15.96 -30.20 -17.88
C LYS F 287 -14.93 -29.59 -18.84
N GLY F 288 -13.67 -29.99 -18.70
CA GLY F 288 -12.63 -29.49 -19.58
C GLY F 288 -11.36 -29.08 -18.85
N GLY F 289 -11.33 -29.29 -17.54
CA GLY F 289 -10.19 -28.88 -16.74
C GLY F 289 -8.89 -29.53 -17.16
N LYS F 290 -7.84 -28.71 -17.31
CA LYS F 290 -6.50 -29.21 -17.60
C LYS F 290 -5.70 -29.47 -16.33
N GLY F 291 -5.89 -28.65 -15.30
CA GLY F 291 -5.22 -28.86 -14.04
C GLY F 291 -5.52 -27.73 -13.09
N THR F 292 -4.68 -27.61 -12.07
CA THR F 292 -4.83 -26.53 -11.10
C THR F 292 -3.48 -26.26 -10.44
N ALA F 293 -3.23 -24.98 -10.16
CA ALA F 293 -2.08 -24.57 -9.35
C ALA F 293 -2.53 -23.99 -8.01
N ALA F 294 -3.72 -24.36 -7.55
CA ALA F 294 -4.33 -23.80 -6.34
C ALA F 294 -3.75 -24.42 -5.08
N GLN F 295 -3.96 -23.75 -3.96
CA GLN F 295 -3.40 -24.13 -2.67
C GLN F 295 -4.46 -24.66 -1.71
N GLY F 296 -3.97 -25.31 -0.66
CA GLY F 296 -4.80 -25.92 0.36
C GLY F 296 -5.04 -24.99 1.54
N ILE F 297 -3.96 -24.64 2.24
CA ILE F 297 -4.03 -23.81 3.43
C ILE F 297 -3.11 -22.61 3.26
N TYR F 298 -3.60 -21.44 3.69
CA TYR F 298 -2.87 -20.17 3.58
C TYR F 298 -2.97 -19.44 4.91
N ILE F 299 -1.87 -19.42 5.66
CA ILE F 299 -1.78 -18.65 6.88
C ILE F 299 -1.09 -17.32 6.56
N ASN F 300 -1.57 -16.25 7.19
CA ASN F 300 -1.01 -14.92 7.00
C ASN F 300 -1.42 -14.08 8.20
N SER F 301 -0.73 -12.95 8.38
CA SER F 301 -1.07 -12.03 9.47
C SER F 301 -0.70 -10.62 9.00
N THR F 302 -1.63 -10.02 8.24
CA THR F 302 -1.38 -8.71 7.64
C THR F 302 -1.00 -7.66 8.67
N SER F 303 -1.47 -7.81 9.90
CA SER F 303 -1.07 -6.92 10.99
C SER F 303 0.16 -7.38 11.75
N GLY F 304 0.48 -8.67 11.70
CA GLY F 304 1.65 -9.18 12.39
C GLY F 304 1.32 -9.78 13.74
N THR F 305 1.70 -11.05 13.95
CA THR F 305 1.43 -11.75 15.19
C THR F 305 2.73 -12.13 15.88
N ALA F 306 2.63 -12.41 17.17
CA ALA F 306 3.75 -12.96 17.93
C ALA F 306 3.58 -14.43 18.30
N GLY F 307 2.35 -14.95 18.22
CA GLY F 307 2.12 -16.35 18.51
C GLY F 307 2.57 -17.27 17.39
N LYS F 308 2.38 -18.56 17.62
CA LYS F 308 2.79 -19.60 16.69
C LYS F 308 1.68 -19.91 15.70
N MET F 309 2.04 -19.98 14.41
CA MET F 309 1.06 -20.19 13.36
C MET F 309 0.45 -21.59 13.40
N LEU F 310 1.04 -22.52 14.14
CA LEU F 310 0.51 -23.86 14.28
C LEU F 310 1.13 -24.48 15.52
N ARG F 311 0.29 -25.05 16.38
CA ARG F 311 0.75 -25.64 17.63
C ARG F 311 0.01 -26.96 17.81
N ILE F 312 0.67 -28.06 17.46
CA ILE F 312 0.12 -29.40 17.58
C ILE F 312 0.40 -29.94 18.97
N ARG F 313 -0.60 -30.62 19.53
CA ARG F 313 -0.49 -31.22 20.85
C ARG F 313 -1.09 -32.62 20.85
N ASN F 314 -0.91 -33.31 21.96
CA ASN F 314 -1.45 -34.66 22.15
C ASN F 314 -1.57 -34.87 23.66
N LYS F 315 -2.78 -35.13 24.14
CA LYS F 315 -3.11 -35.00 25.55
C LYS F 315 -2.57 -33.70 26.12
N ASN F 316 -2.82 -32.61 25.38
CA ASN F 316 -2.42 -31.26 25.76
C ASN F 316 -0.90 -31.10 25.86
N GLU F 317 -0.14 -32.12 25.48
CA GLU F 317 1.32 -32.07 25.50
C GLU F 317 1.82 -31.67 24.11
N ASP F 318 2.68 -30.66 24.05
CA ASP F 318 3.25 -30.19 22.80
C ASP F 318 4.01 -31.30 22.08
N LYS F 319 3.89 -31.33 20.76
CA LYS F 319 4.66 -32.26 19.93
C LYS F 319 5.23 -31.65 18.67
N PHE F 320 4.68 -30.56 18.14
CA PHE F 320 5.22 -29.90 16.96
C PHE F 320 4.58 -28.53 16.84
N TYR F 321 5.38 -27.53 16.46
CA TYR F 321 4.83 -26.19 16.26
C TYR F 321 5.69 -25.41 15.30
N VAL F 322 5.04 -24.51 14.56
CA VAL F 322 5.71 -23.51 13.74
C VAL F 322 5.51 -22.16 14.41
N GLY F 323 6.57 -21.37 14.47
CA GLY F 323 6.52 -20.10 15.14
C GLY F 323 6.40 -18.94 14.17
N PRO F 324 6.26 -17.73 14.70
CA PRO F 324 6.15 -16.57 13.81
C PRO F 324 7.38 -16.37 12.95
N ASP F 325 8.56 -16.75 13.45
CA ASP F 325 9.78 -16.68 12.65
C ASP F 325 9.80 -17.71 11.53
N GLY F 326 9.01 -18.77 11.64
CA GLY F 326 9.07 -19.87 10.71
C GLY F 326 9.87 -21.07 11.17
N GLY F 327 10.49 -21.00 12.35
CA GLY F 327 11.31 -22.08 12.84
C GLY F 327 10.54 -23.13 13.62
N PHE F 328 10.56 -24.37 13.13
CA PHE F 328 9.82 -25.46 13.75
C PHE F 328 10.58 -26.05 14.93
N HIS F 329 9.92 -27.00 15.61
CA HIS F 329 10.50 -27.72 16.75
C HIS F 329 9.79 -29.07 16.80
N SER F 330 10.45 -30.11 16.31
CA SER F 330 9.87 -31.44 16.29
C SER F 330 9.84 -32.03 17.70
N GLY F 331 9.44 -33.29 17.80
CA GLY F 331 9.18 -33.97 19.05
C GLY F 331 9.99 -35.25 19.12
N ALA F 332 10.14 -35.90 17.97
CA ALA F 332 10.80 -37.20 17.91
C ALA F 332 11.62 -37.26 16.63
N ASN F 333 11.96 -38.47 16.19
CA ASN F 333 12.87 -38.64 15.06
C ASN F 333 12.12 -38.41 13.76
N SER F 334 12.77 -37.72 12.81
CA SER F 334 12.08 -37.39 11.57
C SER F 334 12.68 -38.09 10.36
N THR F 335 12.46 -37.52 9.18
CA THR F 335 12.91 -38.13 7.93
C THR F 335 12.79 -37.09 6.82
N VAL F 336 13.72 -37.12 5.87
CA VAL F 336 13.66 -36.27 4.70
C VAL F 336 14.03 -37.11 3.49
N ALA F 337 13.11 -37.25 2.54
CA ALA F 337 13.50 -37.98 1.34
C ALA F 337 14.38 -37.10 0.48
N GLY F 338 15.47 -36.61 1.06
CA GLY F 338 16.39 -35.72 0.39
C GLY F 338 17.24 -35.05 1.46
N ASN F 339 17.95 -33.99 1.07
CA ASN F 339 18.70 -33.17 2.00
C ASN F 339 18.24 -31.72 1.89
N LEU F 340 18.06 -31.08 3.04
CA LEU F 340 17.50 -29.73 3.09
C LEU F 340 18.57 -28.76 3.54
N THR F 341 19.03 -27.91 2.61
CA THR F 341 19.94 -26.80 2.82
C THR F 341 19.87 -26.23 4.24
N VAL F 342 21.00 -26.18 4.94
CA VAL F 342 21.07 -25.69 6.31
C VAL F 342 22.12 -24.59 6.40
N LYS F 343 22.30 -24.07 7.61
CA LYS F 343 23.32 -23.07 7.89
C LYS F 343 24.60 -23.72 8.40
N ASP F 344 25.65 -22.91 8.43
CA ASP F 344 26.94 -23.35 8.95
C ASP F 344 26.86 -23.45 10.47
N PRO F 345 27.46 -24.48 11.07
CA PRO F 345 27.24 -24.75 12.49
C PRO F 345 27.75 -23.63 13.38
N THR F 346 26.83 -22.93 14.04
CA THR F 346 27.18 -21.83 14.92
C THR F 346 27.18 -22.25 16.40
N SER F 347 27.15 -23.56 16.69
CA SER F 347 27.40 -24.05 18.04
C SER F 347 27.58 -25.57 18.12
N GLY F 348 27.21 -26.14 19.27
CA GLY F 348 27.68 -27.45 19.67
C GLY F 348 26.92 -28.64 19.14
N LYS F 349 25.68 -28.44 18.70
CA LYS F 349 24.88 -29.53 18.14
C LYS F 349 24.75 -29.48 16.63
N HIS F 350 24.63 -28.28 16.07
CA HIS F 350 24.50 -28.05 14.65
C HIS F 350 25.43 -28.94 13.82
N ALA F 351 24.84 -29.65 12.86
CA ALA F 351 25.59 -30.32 11.81
C ALA F 351 25.65 -29.37 10.63
N ALA F 352 26.45 -29.71 9.63
CA ALA F 352 26.83 -28.67 8.70
C ALA F 352 26.56 -29.05 7.25
N THR F 353 26.71 -28.05 6.39
CA THR F 353 26.42 -28.12 4.97
C THR F 353 27.40 -29.02 4.23
N LYS F 354 27.57 -28.79 2.92
CA LYS F 354 28.65 -29.43 2.19
C LYS F 354 29.84 -28.50 1.99
N ASP F 355 29.60 -27.19 1.89
CA ASP F 355 30.71 -26.24 1.84
C ASP F 355 31.50 -26.23 3.14
N TYR F 356 31.09 -27.03 4.12
CA TYR F 356 31.88 -27.37 5.29
C TYR F 356 32.65 -28.67 5.11
N VAL F 357 31.96 -29.74 4.71
CA VAL F 357 32.61 -31.04 4.55
C VAL F 357 33.65 -30.98 3.43
N ASP F 358 33.46 -30.08 2.47
CA ASP F 358 34.40 -29.95 1.37
C ASP F 358 35.72 -29.33 1.82
N GLU F 359 35.73 -28.67 2.97
CA GLU F 359 36.83 -27.77 3.31
C GLU F 359 37.35 -27.88 4.74
N LYS F 360 36.53 -28.27 5.71
CA LYS F 360 36.86 -28.06 7.12
C LYS F 360 36.75 -29.36 7.91
N ILE F 361 37.26 -29.31 9.15
CA ILE F 361 37.24 -30.37 10.16
C ILE F 361 37.90 -31.65 9.68
N ALA F 362 37.99 -31.84 8.37
CA ALA F 362 38.67 -33.00 7.79
C ALA F 362 40.11 -32.69 7.41
N GLU F 363 40.37 -31.47 6.94
CA GLU F 363 41.73 -31.06 6.62
C GLU F 363 42.60 -31.08 7.88
N LEU F 364 43.51 -32.05 7.94
CA LEU F 364 44.38 -32.21 9.10
C LEU F 364 45.63 -32.96 8.66
N LYS F 365 46.79 -32.48 9.07
CA LYS F 365 48.05 -33.13 8.73
C LYS F 365 48.63 -33.78 9.98
N LYS F 366 49.84 -33.36 10.37
CA LYS F 366 50.41 -33.63 11.68
C LYS F 366 50.79 -35.10 11.87
N LEU F 367 51.84 -35.34 12.67
CA LEU F 367 52.37 -36.69 12.90
C LEU F 367 52.81 -37.33 11.58
N ILE F 368 53.61 -36.56 10.83
CA ILE F 368 54.05 -36.94 9.49
C ILE F 368 52.85 -37.09 8.55
N PRO G 6 244.72 42.58 -42.50
CA PRO G 6 243.42 43.13 -42.11
C PRO G 6 242.81 44.03 -43.17
N LEU G 7 242.39 43.43 -44.28
CA LEU G 7 241.75 44.15 -45.37
C LEU G 7 240.26 44.32 -45.07
N ARG G 8 239.75 45.54 -45.23
CA ARG G 8 238.31 45.66 -45.40
C ARG G 8 237.96 44.93 -46.69
N VAL G 9 237.28 43.80 -46.57
CA VAL G 9 237.06 42.89 -47.70
C VAL G 9 235.69 43.16 -48.29
N GLN G 10 235.64 43.27 -49.61
CA GLN G 10 234.41 43.35 -50.39
C GLN G 10 234.12 42.00 -51.03
N PHE G 11 232.85 41.78 -51.35
CA PHE G 11 232.39 40.51 -51.88
C PHE G 11 232.03 40.67 -53.35
N LYS G 12 231.83 39.55 -54.04
CA LYS G 12 231.38 39.61 -55.42
C LYS G 12 229.91 40.02 -55.44
N ARG G 13 229.57 40.94 -56.34
CA ARG G 13 228.30 41.64 -56.24
C ARG G 13 227.82 42.11 -57.61
N MET G 14 226.52 41.96 -57.84
CA MET G 14 225.83 42.46 -59.02
C MET G 14 224.44 42.88 -58.58
N SER G 15 223.66 43.44 -59.50
CA SER G 15 222.26 43.65 -59.23
C SER G 15 221.52 42.32 -59.16
N ALA G 16 220.35 42.34 -58.52
CA ALA G 16 219.58 41.12 -58.36
C ALA G 16 219.13 40.54 -59.70
N ASP G 17 218.86 41.41 -60.69
CA ASP G 17 218.48 40.92 -62.00
C ASP G 17 219.69 40.42 -62.78
N GLU G 18 220.80 41.17 -62.75
CA GLU G 18 222.00 40.72 -63.44
C GLU G 18 222.42 39.35 -62.94
N TRP G 19 222.09 39.03 -61.68
CA TRP G 19 222.36 37.69 -61.15
C TRP G 19 221.57 36.62 -61.88
N ALA G 20 220.27 36.87 -62.09
CA ALA G 20 219.43 35.86 -62.72
C ALA G 20 219.91 35.53 -64.13
N ARG G 21 220.53 36.48 -64.80
CA ARG G 21 221.05 36.31 -66.15
C ARG G 21 222.55 36.01 -66.18
N SER G 22 223.17 35.80 -65.03
CA SER G 22 224.60 35.56 -64.95
C SER G 22 224.91 34.08 -64.78
N ASP G 23 226.02 33.66 -65.38
CA ASP G 23 226.46 32.27 -65.37
C ASP G 23 227.50 31.98 -64.29
N VAL G 24 227.77 32.94 -63.40
CA VAL G 24 228.84 32.75 -62.43
C VAL G 24 228.46 31.66 -61.45
N ILE G 25 229.36 30.71 -61.25
CA ILE G 25 229.16 29.62 -60.31
C ILE G 25 230.09 29.89 -59.12
N LEU G 26 229.49 30.21 -57.98
CA LEU G 26 230.25 30.49 -56.78
C LEU G 26 230.82 29.22 -56.18
N LEU G 27 231.98 29.35 -55.55
CA LEU G 27 232.58 28.17 -54.93
C LEU G 27 231.80 27.83 -53.67
N GLU G 28 231.94 26.57 -53.25
CA GLU G 28 231.25 26.07 -52.08
C GLU G 28 231.68 26.80 -50.82
N GLY G 29 230.90 27.79 -50.39
CA GLY G 29 231.20 28.60 -49.24
C GLY G 29 231.46 30.06 -49.54
N GLU G 30 231.59 30.45 -50.81
CA GLU G 30 231.82 31.84 -51.16
C GLU G 30 230.49 32.58 -51.20
N ILE G 31 230.49 33.81 -50.69
CA ILE G 31 229.27 34.58 -50.50
C ILE G 31 229.02 35.46 -51.72
N GLY G 32 227.75 35.60 -52.08
CA GLY G 32 227.34 36.46 -53.18
C GLY G 32 226.34 37.49 -52.70
N PHE G 33 226.43 38.69 -53.25
CA PHE G 33 225.68 39.85 -52.76
C PHE G 33 224.71 40.33 -53.82
N GLU G 34 223.59 40.90 -53.37
CA GLU G 34 222.64 41.59 -54.22
C GLU G 34 222.78 43.08 -53.95
N THR G 35 223.40 43.80 -54.88
CA THR G 35 223.60 45.24 -54.70
C THR G 35 222.30 46.01 -54.61
N ASP G 36 221.17 45.39 -54.97
CA ASP G 36 219.86 45.98 -54.84
C ASP G 36 219.36 45.68 -53.43
N THR G 37 218.21 45.00 -53.33
CA THR G 37 217.60 44.53 -52.08
C THR G 37 218.52 44.40 -50.85
N GLY G 38 219.83 44.36 -51.04
CA GLY G 38 220.76 44.15 -49.96
C GLY G 38 220.85 42.72 -49.45
N PHE G 39 220.15 41.78 -50.06
CA PHE G 39 220.19 40.38 -49.67
C PHE G 39 221.50 39.74 -50.09
N ALA G 40 221.73 38.52 -49.60
CA ALA G 40 222.94 37.80 -49.95
C ALA G 40 222.68 36.31 -49.83
N LYS G 41 223.47 35.54 -50.58
CA LYS G 41 223.41 34.10 -50.55
C LYS G 41 224.82 33.54 -50.46
N PHE G 42 224.91 32.27 -50.10
CA PHE G 42 226.19 31.59 -50.11
C PHE G 42 226.38 30.92 -51.46
N GLY G 43 227.46 30.19 -51.62
CA GLY G 43 227.73 29.47 -52.84
C GLY G 43 227.99 28.00 -52.55
N ASP G 44 227.54 27.14 -53.45
CA ASP G 44 227.90 25.74 -53.45
C ASP G 44 228.55 25.49 -54.80
N GLY G 45 229.48 24.54 -54.84
CA GLY G 45 230.25 24.38 -56.05
C GLY G 45 229.41 24.00 -57.26
N GLN G 46 229.57 24.74 -58.35
CA GLN G 46 228.92 24.44 -59.63
C GLN G 46 227.39 24.60 -59.59
N ASN G 47 226.93 25.74 -59.11
CA ASN G 47 225.50 26.03 -59.18
C ASN G 47 225.27 27.48 -59.55
N THR G 48 224.22 27.72 -60.35
CA THR G 48 223.83 29.06 -60.75
C THR G 48 223.27 29.86 -59.57
N PHE G 49 223.15 31.17 -59.80
CA PHE G 49 222.65 32.07 -58.76
C PHE G 49 221.23 31.72 -58.31
N SER G 50 220.41 31.22 -59.24
CA SER G 50 218.99 31.01 -58.98
C SER G 50 218.72 29.99 -57.88
N LYS G 51 219.61 29.00 -57.72
CA LYS G 51 219.32 27.82 -56.91
C LYS G 51 220.09 27.81 -55.60
N LEU G 52 220.29 28.98 -54.99
CA LEU G 52 221.13 29.13 -53.81
C LEU G 52 220.34 29.71 -52.66
N LYS G 53 220.24 28.94 -51.57
CA LYS G 53 219.52 29.41 -50.38
C LYS G 53 220.12 30.73 -49.90
N TYR G 54 219.25 31.64 -49.47
CA TYR G 54 219.74 32.85 -48.85
C TYR G 54 220.38 32.52 -47.50
N LEU G 55 221.06 33.49 -46.92
CA LEU G 55 221.64 33.32 -45.58
C LEU G 55 220.87 34.21 -44.62
N THR G 56 220.14 33.57 -43.70
CA THR G 56 219.38 34.26 -42.67
C THR G 56 219.50 33.44 -41.40
N GLY G 57 218.95 33.97 -40.32
CA GLY G 57 218.78 33.20 -39.12
C GLY G 57 217.43 32.54 -39.17
N PRO G 58 217.02 31.93 -38.07
CA PRO G 58 215.69 31.28 -38.07
C PRO G 58 214.59 32.31 -38.06
N LYS G 59 213.34 31.87 -38.10
CA LYS G 59 212.23 32.81 -38.11
C LYS G 59 212.01 33.34 -36.70
N GLY G 60 211.53 34.57 -36.61
CA GLY G 60 211.33 35.20 -35.33
C GLY G 60 210.32 34.48 -34.46
N PRO G 61 210.22 34.88 -33.20
CA PRO G 61 209.31 34.22 -32.28
C PRO G 61 207.88 34.74 -32.43
N LYS G 62 206.96 34.02 -31.80
CA LYS G 62 205.55 34.37 -31.88
C LYS G 62 205.31 35.67 -31.14
N GLY G 63 204.52 36.55 -31.75
CA GLY G 63 204.21 37.83 -31.15
C GLY G 63 203.49 37.68 -29.83
N ASP G 64 203.43 38.78 -29.08
CA ASP G 64 202.77 38.77 -27.79
C ASP G 64 201.30 38.43 -27.97
N THR G 65 200.74 37.77 -26.97
CA THR G 65 199.31 37.44 -27.00
C THR G 65 198.49 38.71 -26.97
N GLY G 66 197.36 38.69 -27.67
CA GLY G 66 196.53 39.88 -27.75
C GLY G 66 195.94 40.23 -26.41
N LEU G 67 195.32 41.40 -26.36
CA LEU G 67 194.76 41.87 -25.10
C LEU G 67 193.52 41.04 -24.75
N GLN G 68 192.86 41.44 -23.68
CA GLN G 68 191.71 40.72 -23.16
C GLN G 68 190.43 41.46 -23.50
N GLY G 69 189.43 40.71 -23.93
CA GLY G 69 188.18 41.34 -24.33
C GLY G 69 187.53 42.06 -23.16
N LYS G 70 186.77 43.09 -23.49
CA LYS G 70 186.06 43.85 -22.47
C LYS G 70 185.01 42.98 -21.80
N THR G 71 184.81 43.21 -20.50
CA THR G 71 183.91 42.39 -19.71
C THR G 71 182.50 42.44 -20.27
N GLY G 72 181.75 41.36 -20.06
CA GLY G 72 180.43 41.24 -20.62
C GLY G 72 179.45 42.24 -20.02
N GLY G 73 178.36 42.45 -20.74
CA GLY G 73 177.36 43.40 -20.29
C GLY G 73 176.63 42.91 -19.07
N THR G 74 176.17 43.88 -18.26
CA THR G 74 175.37 43.57 -17.08
C THR G 74 174.06 42.92 -17.50
N GLY G 75 173.54 42.04 -16.63
CA GLY G 75 172.40 41.25 -16.97
C GLY G 75 171.13 42.07 -17.04
N PRO G 76 170.02 41.39 -17.38
CA PRO G 76 168.73 42.07 -17.47
C PRO G 76 168.02 42.16 -16.13
N ARG G 77 167.16 43.16 -16.03
CA ARG G 77 166.40 43.40 -14.81
C ARG G 77 165.49 42.20 -14.55
N GLY G 78 165.52 41.69 -13.32
CA GLY G 78 164.71 40.55 -12.97
C GLY G 78 163.23 40.83 -13.13
N PRO G 79 162.42 39.77 -13.14
CA PRO G 79 160.98 39.97 -13.26
C PRO G 79 160.39 40.53 -11.98
N ALA G 80 159.21 41.13 -12.11
CA ALA G 80 158.55 41.71 -10.96
C ALA G 80 158.01 40.62 -10.05
N GLY G 81 157.93 40.92 -8.76
CA GLY G 81 157.32 39.99 -7.83
C GLY G 81 155.86 39.78 -8.16
N LYS G 82 155.34 38.62 -7.75
CA LYS G 82 153.94 38.36 -8.04
C LYS G 82 153.10 39.40 -7.28
N PRO G 83 151.95 39.79 -7.83
CA PRO G 83 151.20 40.88 -7.22
C PRO G 83 150.55 40.47 -5.91
N GLY G 84 150.29 41.46 -5.08
CA GLY G 84 149.63 41.23 -3.82
C GLY G 84 148.18 40.80 -4.00
N THR G 85 147.64 40.25 -2.93
CA THR G 85 146.23 39.88 -2.92
C THR G 85 145.76 39.87 -1.48
N THR G 86 144.50 40.23 -1.28
CA THR G 86 143.92 40.32 0.05
C THR G 86 142.75 39.35 0.15
N ASP G 87 142.80 38.47 1.14
CA ASP G 87 141.72 37.54 1.41
C ASP G 87 140.88 38.05 2.57
N TYR G 88 139.56 37.95 2.43
CA TYR G 88 138.64 38.37 3.49
C TYR G 88 139.01 37.75 4.84
N ASP G 89 139.32 36.44 4.85
CA ASP G 89 139.49 35.73 6.11
C ASP G 89 140.57 36.34 6.98
N GLN G 90 141.64 36.87 6.38
CA GLN G 90 142.73 37.40 7.18
C GLN G 90 142.50 38.82 7.65
N LEU G 91 141.42 39.47 7.21
CA LEU G 91 141.15 40.81 7.69
C LEU G 91 140.83 40.78 9.18
N GLN G 92 141.07 41.91 9.85
CA GLN G 92 140.68 42.10 11.24
C GLN G 92 139.48 43.04 11.32
N ASN G 93 138.88 43.09 12.51
CA ASN G 93 137.65 43.84 12.76
C ASN G 93 136.55 43.40 11.80
N LYS G 94 136.52 42.11 11.50
CA LYS G 94 135.45 41.57 10.69
C LYS G 94 134.13 41.69 11.44
N PRO G 95 133.05 42.09 10.79
CA PRO G 95 131.76 42.09 11.48
C PRO G 95 131.33 40.65 11.65
N ASP G 96 130.71 40.35 12.78
CA ASP G 96 130.33 38.96 13.04
C ASP G 96 129.15 38.59 12.17
N LEU G 97 129.37 37.66 11.24
CA LEU G 97 128.32 37.21 10.33
C LEU G 97 127.40 36.19 10.97
N GLY G 98 127.82 35.60 12.09
CA GLY G 98 126.97 34.61 12.76
C GLY G 98 125.65 35.19 13.21
N ALA G 99 125.65 36.45 13.65
CA ALA G 99 124.47 37.11 14.18
C ALA G 99 123.49 37.55 13.10
N PHE G 100 123.60 36.99 11.90
CA PHE G 100 122.71 37.33 10.80
C PHE G 100 121.90 36.11 10.42
N ALA G 101 120.60 36.31 10.19
CA ALA G 101 119.72 35.18 9.92
C ALA G 101 119.95 34.64 8.52
N GLN G 102 120.15 33.33 8.42
CA GLN G 102 120.23 32.67 7.13
C GLN G 102 118.87 32.67 6.46
N LYS G 103 118.87 32.75 5.12
CA LYS G 103 117.63 32.93 4.38
C LYS G 103 116.74 31.69 4.42
N GLU G 104 117.26 30.54 3.99
CA GLU G 104 116.40 29.39 3.75
C GLU G 104 115.73 28.88 5.02
N GLU G 105 116.48 28.75 6.11
CA GLU G 105 115.86 28.27 7.35
C GLU G 105 114.74 29.17 7.82
N THR G 106 114.84 30.48 7.57
CA THR G 106 113.79 31.38 8.04
C THR G 106 112.56 31.31 7.15
N ASN G 107 112.72 31.44 5.85
CA ASN G 107 111.58 31.34 4.93
C ASN G 107 110.93 29.96 4.98
N SER G 108 111.69 28.92 5.34
CA SER G 108 111.08 27.60 5.50
C SER G 108 110.30 27.51 6.81
N LYS G 109 110.88 28.02 7.91
CA LYS G 109 110.16 28.09 9.17
C LYS G 109 108.89 28.94 9.02
N ILE G 110 108.99 30.05 8.29
CA ILE G 110 107.84 30.93 8.12
C ILE G 110 106.78 30.26 7.25
N THR G 111 107.21 29.57 6.19
CA THR G 111 106.26 28.84 5.34
C THR G 111 105.54 27.76 6.13
N LYS G 112 106.28 27.04 6.99
CA LYS G 112 105.65 26.04 7.85
C LYS G 112 104.57 26.66 8.73
N LEU G 113 104.72 27.94 9.06
CA LEU G 113 103.72 28.61 9.90
C LEU G 113 102.46 28.94 9.13
N GLU G 114 102.59 29.47 7.90
CA GLU G 114 101.41 29.82 7.12
C GLU G 114 100.57 28.60 6.81
N SER G 115 101.19 27.42 6.76
CA SER G 115 100.46 26.18 6.49
C SER G 115 99.97 25.50 7.76
N SER G 116 100.65 25.71 8.89
CA SER G 116 100.30 25.03 10.13
C SER G 116 99.40 25.83 11.05
N LYS G 117 99.15 27.11 10.75
CA LYS G 117 98.37 27.94 11.64
C LYS G 117 97.06 28.36 10.99
N ALA G 118 96.10 28.70 11.82
CA ALA G 118 94.69 28.86 11.44
C ALA G 118 94.38 30.34 11.23
N ASP G 119 94.38 30.77 9.96
CA ASP G 119 93.96 32.12 9.63
C ASP G 119 92.70 32.51 10.41
N LYS G 120 92.68 33.74 10.91
CA LYS G 120 91.54 34.19 11.70
C LYS G 120 90.29 34.31 10.84
N SER G 121 90.44 34.74 9.58
CA SER G 121 89.29 35.02 8.74
C SER G 121 88.53 33.78 8.32
N ALA G 122 88.95 32.59 8.76
CA ALA G 122 88.28 31.34 8.43
C ALA G 122 87.94 30.55 9.69
N VAL G 123 87.84 31.22 10.83
CA VAL G 123 87.55 30.59 12.11
C VAL G 123 86.76 31.56 12.97
N TYR G 124 85.75 31.03 13.67
CA TYR G 124 84.99 31.84 14.62
C TYR G 124 85.83 32.12 15.87
N SER G 125 85.84 33.37 16.31
CA SER G 125 86.52 33.74 17.54
C SER G 125 85.83 33.10 18.74
N LYS G 126 86.41 33.27 19.92
CA LYS G 126 85.77 32.78 21.14
C LYS G 126 84.46 33.50 21.39
N ALA G 127 84.43 34.82 21.23
CA ALA G 127 83.20 35.57 21.45
C ALA G 127 82.21 35.40 20.31
N GLU G 128 82.70 35.23 19.08
CA GLU G 128 81.80 34.93 17.97
C GLU G 128 81.16 33.56 18.12
N SER G 129 81.96 32.56 18.51
CA SER G 129 81.41 31.24 18.78
C SER G 129 80.35 31.31 19.87
N LYS G 130 80.63 32.07 20.93
CA LYS G 130 79.65 32.23 22.00
C LYS G 130 78.40 32.96 21.49
N ILE G 131 78.59 34.03 20.73
CA ILE G 131 77.47 34.84 20.25
C ILE G 131 76.54 34.01 19.37
N GLU G 132 77.11 33.13 18.54
CA GLU G 132 76.29 32.27 17.68
C GLU G 132 75.70 31.08 18.44
N LEU G 133 76.32 30.66 19.54
CA LEU G 133 75.79 29.55 20.33
C LEU G 133 74.53 29.97 21.08
N ASP G 134 74.50 31.20 21.60
CA ASP G 134 73.35 31.66 22.39
C ASP G 134 72.08 31.74 21.56
N LYS G 135 72.18 31.68 20.24
CA LYS G 135 71.02 31.54 19.37
C LYS G 135 70.45 30.12 19.35
N LYS G 136 70.99 29.21 20.15
CA LYS G 136 70.55 27.82 20.15
C LYS G 136 69.98 27.41 21.51
N LEU G 137 69.12 26.38 21.47
CA LEU G 137 68.51 25.82 22.67
C LEU G 137 69.53 24.98 23.45
N SER G 138 69.49 25.11 24.79
CA SER G 138 70.32 24.32 25.68
C SER G 138 69.47 23.27 26.39
N LEU G 139 70.14 22.25 26.95
CA LEU G 139 69.43 21.20 27.66
C LEU G 139 69.08 21.58 29.09
N THR G 140 69.65 22.68 29.60
CA THR G 140 69.33 23.18 30.93
C THR G 140 68.18 24.16 30.93
N GLY G 141 67.67 24.51 29.76
CA GLY G 141 66.57 25.46 29.68
C GLY G 141 66.69 26.32 28.43
N GLY G 142 65.68 27.17 28.25
CA GLY G 142 65.68 28.08 27.13
C GLY G 142 64.30 28.71 26.98
N ILE G 143 64.22 29.64 26.02
CA ILE G 143 63.02 30.41 25.77
C ILE G 143 62.84 30.52 24.25
N VAL G 144 61.87 29.79 23.71
CA VAL G 144 61.63 29.77 22.27
C VAL G 144 60.70 30.92 21.91
N THR G 145 61.12 31.74 20.95
CA THR G 145 60.32 32.85 20.46
C THR G 145 59.57 32.54 19.17
N GLY G 146 60.04 31.57 18.39
CA GLY G 146 59.45 31.23 17.13
C GLY G 146 58.58 29.98 17.21
N GLN G 147 58.30 29.41 16.04
CA GLN G 147 57.45 28.23 15.92
C GLN G 147 58.34 27.00 15.79
N LEU G 148 58.22 26.08 16.76
CA LEU G 148 58.97 24.83 16.75
C LEU G 148 58.07 23.75 16.14
N GLN G 149 58.27 23.48 14.86
CA GLN G 149 57.51 22.43 14.18
C GLN G 149 58.16 21.07 14.40
N PHE G 150 57.32 20.05 14.41
CA PHE G 150 57.78 18.65 14.41
C PHE G 150 57.31 18.01 13.11
N LYS G 151 58.23 17.34 12.41
CA LYS G 151 57.92 16.69 11.14
C LYS G 151 58.64 15.35 11.06
N PRO G 152 58.34 14.43 11.98
CA PRO G 152 58.99 13.12 11.91
C PRO G 152 58.57 12.39 10.64
N ASN G 153 59.46 11.54 10.14
CA ASN G 153 59.19 10.84 8.89
C ASN G 153 60.08 9.61 8.84
N LYS G 154 59.47 8.43 8.98
CA LYS G 154 60.18 7.16 9.05
C LYS G 154 61.33 7.23 10.06
N SER G 155 61.13 8.00 11.12
CA SER G 155 62.12 8.20 12.17
C SER G 155 61.93 7.24 13.35
N GLY G 156 61.09 6.23 13.18
CA GLY G 156 60.85 5.25 14.24
C GLY G 156 60.19 5.78 15.49
N ILE G 157 59.09 6.53 15.34
CA ILE G 157 58.31 6.99 16.48
C ILE G 157 57.37 5.86 16.90
N LYS G 158 57.48 5.42 18.17
CA LYS G 158 56.67 4.30 18.66
C LYS G 158 55.42 4.81 19.36
N PRO G 159 54.35 4.02 19.36
CA PRO G 159 53.07 4.45 19.95
C PRO G 159 52.89 4.14 21.44
N SER G 160 53.92 3.62 22.11
CA SER G 160 53.80 3.19 23.50
C SER G 160 53.29 4.33 24.38
N SER G 161 52.40 3.98 25.32
CA SER G 161 51.89 4.95 26.29
C SER G 161 52.89 5.28 27.38
N SER G 162 54.15 4.90 27.22
CA SER G 162 55.14 5.12 28.26
C SER G 162 56.38 5.86 27.78
N VAL G 163 56.85 5.58 26.57
CA VAL G 163 58.05 6.23 26.05
C VAL G 163 57.87 6.82 24.67
N GLY G 164 56.90 6.37 23.88
CA GLY G 164 56.82 6.79 22.49
C GLY G 164 56.34 8.22 22.31
N GLY G 165 55.88 8.55 21.11
CA GLY G 165 55.46 9.90 20.84
C GLY G 165 56.61 10.73 20.31
N ALA G 166 56.33 11.66 19.39
CA ALA G 166 57.37 12.56 18.90
C ALA G 166 58.01 13.33 20.05
N ILE G 167 57.22 13.73 21.03
CA ILE G 167 57.70 14.25 22.30
C ILE G 167 57.34 13.24 23.39
N ASN G 168 58.27 13.04 24.33
CA ASN G 168 58.03 12.20 25.50
C ASN G 168 58.40 12.97 26.76
N ILE G 169 57.43 13.14 27.65
CA ILE G 169 57.66 13.76 28.94
C ILE G 169 57.59 12.65 29.99
N ASP G 170 58.62 12.55 30.82
CA ASP G 170 58.69 11.56 31.88
C ASP G 170 58.87 12.30 33.20
N MET G 171 57.84 12.30 34.03
CA MET G 171 57.85 13.00 35.31
C MET G 171 57.92 12.05 36.50
N SER G 172 58.39 10.81 36.27
CA SER G 172 58.47 9.84 37.35
C SER G 172 59.45 10.25 38.45
N LYS G 173 60.34 11.21 38.17
CA LYS G 173 61.36 11.62 39.15
C LYS G 173 61.35 13.12 39.42
N SER G 174 60.27 13.82 39.10
CA SER G 174 60.27 15.27 39.21
C SER G 174 58.89 15.79 39.61
N GLU G 175 58.87 16.64 40.63
CA GLU G 175 57.67 17.38 40.98
C GLU G 175 57.25 18.28 39.81
N GLY G 176 55.97 18.63 39.79
CA GLY G 176 55.47 19.58 38.82
C GLY G 176 54.67 18.93 37.70
N ALA G 177 54.30 19.78 36.74
CA ALA G 177 53.44 19.42 35.63
C ALA G 177 54.27 19.15 34.36
N ALA G 178 53.66 18.39 33.45
CA ALA G 178 54.31 18.10 32.17
C ALA G 178 54.27 19.32 31.25
N MET G 179 53.09 19.91 31.07
CA MET G 179 52.91 21.04 30.17
C MET G 179 51.88 22.00 30.74
N VAL G 180 52.10 23.29 30.50
CA VAL G 180 51.17 24.33 30.90
C VAL G 180 50.91 25.25 29.71
N MET G 181 49.64 25.56 29.46
CA MET G 181 49.24 26.50 28.42
C MET G 181 48.40 27.62 29.04
N TYR G 182 48.98 28.81 29.12
CA TYR G 182 48.32 29.97 29.72
C TYR G 182 48.16 31.05 28.68
N THR G 183 47.05 31.80 28.78
CA THR G 183 46.83 32.96 27.92
C THR G 183 46.17 34.06 28.74
N ASN G 184 46.74 35.26 28.67
CA ASN G 184 46.19 36.45 29.30
C ASN G 184 45.67 37.46 28.28
N LYS G 185 45.45 37.02 27.05
CA LYS G 185 45.01 37.91 25.98
C LYS G 185 43.53 38.22 26.10
N ASP G 186 43.15 39.46 25.76
CA ASP G 186 41.75 39.82 25.75
C ASP G 186 40.98 39.04 24.69
N THR G 187 41.57 38.88 23.52
CA THR G 187 41.00 38.07 22.45
C THR G 187 42.10 37.64 21.50
N THR G 188 41.82 36.59 20.73
CA THR G 188 42.72 36.12 19.68
C THR G 188 41.88 35.49 18.59
N ASP G 189 42.56 34.79 17.66
CA ASP G 189 41.90 34.21 16.49
C ASP G 189 41.99 32.69 16.46
N GLY G 190 42.21 32.04 17.60
CA GLY G 190 42.30 30.60 17.63
C GLY G 190 42.37 30.02 19.03
N PRO G 191 42.17 28.70 19.13
CA PRO G 191 42.20 28.03 20.45
C PRO G 191 43.60 27.94 21.02
N LEU G 192 43.77 27.10 22.04
CA LEU G 192 45.11 26.85 22.58
C LEU G 192 45.67 25.60 21.93
N MET G 193 45.31 24.43 22.44
CA MET G 193 45.70 23.17 21.85
C MET G 193 44.68 22.73 20.80
N ILE G 194 45.15 22.06 19.76
CA ILE G 194 44.30 21.63 18.66
C ILE G 194 44.68 20.21 18.24
N LEU G 195 43.69 19.33 18.19
CA LEU G 195 43.82 17.99 17.62
C LEU G 195 42.86 17.88 16.44
N ARG G 196 43.33 17.26 15.36
CA ARG G 196 42.51 17.19 14.15
C ARG G 196 42.87 15.98 13.32
N SER G 197 41.86 15.21 12.92
CA SER G 197 42.00 14.15 11.94
C SER G 197 40.99 14.39 10.81
N ASP G 198 41.45 14.34 9.56
CA ASP G 198 40.54 14.63 8.41
C ASP G 198 40.22 13.37 7.60
N LYS G 199 41.02 12.30 7.74
CA LYS G 199 40.77 11.09 6.96
C LYS G 199 39.73 10.26 7.70
N ASP G 200 38.57 10.07 7.08
CA ASP G 200 37.51 9.29 7.73
C ASP G 200 37.84 7.81 7.81
N THR G 201 39.03 7.40 7.36
CA THR G 201 39.53 6.05 7.58
C THR G 201 40.46 5.96 8.79
N PHE G 202 40.64 7.06 9.52
CA PHE G 202 41.60 7.09 10.63
C PHE G 202 41.15 6.14 11.73
N ASP G 203 41.93 5.08 11.95
CA ASP G 203 41.55 3.98 12.84
C ASP G 203 42.02 4.19 14.28
N GLN G 204 42.15 5.43 14.73
CA GLN G 204 42.61 5.67 16.09
C GLN G 204 41.92 6.90 16.67
N SER G 205 42.06 7.06 17.98
CA SER G 205 41.48 8.18 18.70
C SER G 205 42.36 9.42 18.52
N ALA G 206 41.82 10.57 18.90
CA ALA G 206 42.59 11.80 18.89
C ALA G 206 43.35 12.00 20.20
N GLN G 207 42.68 11.81 21.32
CA GLN G 207 43.29 11.93 22.64
C GLN G 207 42.95 10.70 23.46
N PHE G 208 43.91 10.26 24.27
CA PHE G 208 43.77 9.04 25.05
C PHE G 208 44.25 9.29 26.46
N VAL G 209 43.45 8.90 27.44
CA VAL G 209 43.74 9.12 28.86
C VAL G 209 43.65 7.77 29.57
N ASP G 210 44.80 7.23 29.96
CA ASP G 210 44.87 5.97 30.70
C ASP G 210 45.18 6.34 32.16
N TYR G 211 44.14 6.79 32.86
CA TYR G 211 44.31 7.32 34.20
C TYR G 211 44.08 6.26 35.26
N SER G 212 44.96 6.21 36.25
CA SER G 212 44.74 5.51 37.51
C SER G 212 45.13 6.42 38.65
N GLY G 213 44.22 6.63 39.60
CA GLY G 213 44.50 7.56 40.68
C GLY G 213 43.32 7.67 41.63
N LYS G 214 43.27 8.81 42.34
CA LYS G 214 42.32 8.99 43.42
C LYS G 214 41.57 10.31 43.34
N THR G 215 41.51 10.93 42.16
CA THR G 215 40.76 12.15 41.97
C THR G 215 40.35 12.24 40.49
N ASN G 216 39.80 13.39 40.11
CA ASN G 216 39.29 13.53 38.75
C ASN G 216 40.41 13.43 37.71
N ALA G 217 40.23 12.51 36.76
CA ALA G 217 41.22 12.30 35.72
C ALA G 217 41.33 13.52 34.82
N VAL G 218 40.26 13.82 34.09
CA VAL G 218 40.16 15.01 33.26
C VAL G 218 39.26 15.99 33.99
N ASN G 219 39.63 17.27 33.99
CA ASN G 219 38.99 18.26 34.84
C ASN G 219 38.73 19.51 34.03
N ILE G 220 37.47 19.89 33.90
CA ILE G 220 37.04 21.06 33.14
C ILE G 220 36.34 22.03 34.08
N VAL G 221 36.69 23.30 33.97
CA VAL G 221 36.15 24.36 34.82
C VAL G 221 35.89 25.59 33.97
N MET G 222 34.65 26.06 33.95
CA MET G 222 34.33 27.40 33.46
C MET G 222 34.23 28.33 34.66
N ARG G 223 34.93 29.45 34.60
CA ARG G 223 34.93 30.37 35.73
C ARG G 223 33.81 31.39 35.57
N GLN G 224 33.44 31.99 36.69
CA GLN G 224 32.32 32.91 36.70
C GLN G 224 32.69 34.15 35.88
N PRO G 225 32.05 34.39 34.75
CA PRO G 225 32.42 35.55 33.94
C PRO G 225 31.85 36.82 34.54
N SER G 226 32.41 37.95 34.10
CA SER G 226 31.91 39.25 34.55
C SER G 226 30.47 39.44 34.12
N ALA G 227 30.19 39.24 32.84
CA ALA G 227 28.82 39.30 32.34
C ALA G 227 28.38 37.91 31.91
N PRO G 228 27.24 37.43 32.38
CA PRO G 228 26.77 36.10 31.97
C PRO G 228 26.50 36.06 30.47
N ASN G 229 26.67 34.88 29.89
CA ASN G 229 26.50 34.68 28.45
C ASN G 229 26.33 33.20 28.19
N PHE G 230 25.99 32.88 26.94
CA PHE G 230 25.81 31.49 26.56
C PHE G 230 27.16 30.88 26.23
N SER G 231 27.78 30.25 27.23
CA SER G 231 29.05 29.58 27.07
C SER G 231 29.02 28.27 27.84
N SER G 232 29.45 27.18 27.21
CA SER G 232 29.44 25.87 27.82
C SER G 232 30.86 25.44 28.18
N ALA G 233 30.98 24.68 29.27
CA ALA G 233 32.28 24.17 29.68
C ALA G 233 32.77 23.07 28.76
N LEU G 234 31.84 22.36 28.10
CA LEU G 234 32.16 21.32 27.16
C LEU G 234 31.04 21.24 26.14
N ASN G 235 31.40 21.00 24.88
CA ASN G 235 30.42 20.96 23.79
C ASN G 235 30.76 19.79 22.88
N ILE G 236 29.87 18.81 22.82
CA ILE G 236 30.00 17.69 21.91
C ILE G 236 28.92 17.83 20.85
N THR G 237 29.29 17.54 19.59
CA THR G 237 28.35 17.58 18.49
C THR G 237 28.86 16.65 17.40
N SER G 238 27.97 15.82 16.86
CA SER G 238 28.33 14.81 15.87
C SER G 238 27.35 14.83 14.70
N ALA G 239 27.87 14.49 13.53
CA ALA G 239 27.08 14.33 12.32
C ALA G 239 27.16 12.90 11.80
N ASN G 240 27.67 11.98 12.62
CA ASN G 240 27.76 10.57 12.27
C ASN G 240 26.50 9.84 12.74
N GLU G 241 25.66 9.43 11.79
CA GLU G 241 24.40 8.79 12.10
C GLU G 241 24.55 7.35 12.59
N GLY G 242 25.73 6.75 12.47
CA GLY G 242 25.93 5.37 12.85
C GLY G 242 26.53 5.13 14.21
N GLY G 243 26.63 6.15 15.06
CA GLY G 243 27.20 5.99 16.38
C GLY G 243 26.70 7.05 17.32
N SER G 244 26.57 6.67 18.58
CA SER G 244 26.17 7.63 19.61
C SER G 244 27.19 8.77 19.68
N ALA G 245 26.73 9.92 20.16
CA ALA G 245 27.65 11.05 20.30
C ALA G 245 28.59 10.87 21.49
N MET G 246 28.17 10.14 22.52
CA MET G 246 28.97 9.99 23.72
C MET G 246 28.60 8.68 24.42
N GLN G 247 29.59 8.11 25.10
CA GLN G 247 29.43 6.83 25.79
C GLN G 247 29.93 6.97 27.23
N ILE G 248 29.14 6.49 28.19
CA ILE G 248 29.52 6.48 29.60
C ILE G 248 29.29 5.08 30.15
N ARG G 249 30.31 4.51 30.78
CA ARG G 249 30.20 3.21 31.45
C ARG G 249 30.73 3.32 32.87
N GLY G 250 30.05 2.65 33.79
CA GLY G 250 30.43 2.68 35.20
C GLY G 250 30.07 1.38 35.88
N VAL G 251 30.68 1.16 37.05
CA VAL G 251 30.44 -0.03 37.85
C VAL G 251 30.16 0.38 39.29
N GLU G 252 29.38 1.44 39.46
CA GLU G 252 29.15 2.03 40.77
C GLU G 252 28.34 1.11 41.67
N LYS G 253 28.65 1.14 42.97
CA LYS G 253 27.89 0.36 43.93
C LYS G 253 26.67 1.13 44.45
N ALA G 254 26.90 2.31 45.02
CA ALA G 254 25.80 3.17 45.48
C ALA G 254 26.16 4.61 45.09
N LEU G 255 25.57 5.06 43.98
CA LEU G 255 25.81 6.32 43.28
C LEU G 255 25.43 6.14 41.81
N GLY G 256 25.09 7.24 41.14
CA GLY G 256 24.75 7.16 39.73
C GLY G 256 25.99 7.22 38.85
N THR G 257 25.94 6.48 37.74
CA THR G 257 27.02 6.53 36.77
C THR G 257 27.25 7.97 36.30
N LEU G 258 26.19 8.66 35.92
CA LEU G 258 26.23 10.07 35.58
C LEU G 258 25.53 10.85 36.68
N LYS G 259 26.28 11.72 37.35
CA LYS G 259 25.75 12.54 38.44
C LYS G 259 25.59 13.97 37.92
N ILE G 260 24.34 14.41 37.81
CA ILE G 260 24.01 15.78 37.41
C ILE G 260 23.54 16.55 38.63
N THR G 261 24.02 17.78 38.77
CA THR G 261 23.67 18.63 39.90
C THR G 261 23.40 20.04 39.39
N HIS G 262 22.36 20.68 39.93
CA HIS G 262 22.00 22.05 39.58
C HIS G 262 22.03 22.90 40.85
N GLU G 263 22.99 23.83 40.90
CA GLU G 263 23.10 24.78 42.00
C GLU G 263 22.39 26.07 41.62
N ASN G 264 21.61 26.62 42.56
CA ASN G 264 20.91 27.87 42.30
C ASN G 264 21.94 28.98 42.09
N PRO G 265 21.91 29.68 40.96
CA PRO G 265 22.86 30.79 40.77
C PRO G 265 22.64 31.93 41.74
N ASN G 266 21.42 32.09 42.24
CA ASN G 266 21.04 33.23 43.06
C ASN G 266 20.60 32.76 44.44
N VAL G 267 20.59 33.71 45.39
CA VAL G 267 20.09 33.41 46.72
C VAL G 267 18.58 33.28 46.72
N GLU G 268 17.89 34.00 45.84
CA GLU G 268 16.43 34.00 45.82
C GLU G 268 15.90 32.66 45.30
N ALA G 269 14.92 32.10 46.03
CA ALA G 269 14.49 30.73 45.81
C ALA G 269 13.81 30.53 44.45
N LYS G 270 13.20 31.56 43.87
CA LYS G 270 12.41 31.38 42.66
C LYS G 270 13.08 31.96 41.42
N TYR G 271 14.39 32.16 41.45
CA TYR G 271 15.08 32.66 40.27
C TYR G 271 15.14 31.60 39.17
N ASP G 272 15.49 30.36 39.54
CA ASP G 272 15.70 29.30 38.56
C ASP G 272 14.44 28.46 38.34
N GLU G 273 13.25 29.06 38.30
CA GLU G 273 12.04 28.26 38.18
C GLU G 273 11.93 27.62 36.80
N ASN G 274 12.61 28.18 35.81
CA ASN G 274 12.61 27.59 34.50
C ASN G 274 13.81 26.68 34.27
N ALA G 275 14.74 26.59 35.20
CA ALA G 275 15.96 25.83 35.00
C ALA G 275 15.77 24.36 35.36
N ALA G 276 16.40 23.48 34.58
CA ALA G 276 16.39 22.05 34.85
C ALA G 276 17.81 21.52 34.96
N ALA G 277 17.94 20.31 35.51
CA ALA G 277 19.25 19.66 35.58
C ALA G 277 19.61 19.02 34.25
N LEU G 278 18.64 18.34 33.61
CA LEU G 278 18.83 17.75 32.30
C LEU G 278 17.77 18.31 31.37
N SER G 279 18.20 18.90 30.27
CA SER G 279 17.29 19.45 29.26
C SER G 279 17.45 18.66 27.98
N ILE G 280 16.33 18.23 27.41
CA ILE G 280 16.32 17.47 26.18
C ILE G 280 15.50 18.23 25.15
N ASP G 281 15.92 18.13 23.89
CA ASP G 281 15.18 18.71 22.79
C ASP G 281 15.29 17.79 21.59
N ILE G 282 14.15 17.44 21.01
CA ILE G 282 14.09 16.61 19.81
C ILE G 282 13.71 17.51 18.64
N VAL G 283 14.53 17.50 17.59
CA VAL G 283 14.31 18.39 16.47
C VAL G 283 14.38 17.58 15.18
N LYS G 284 13.99 18.23 14.09
CA LYS G 284 14.07 17.64 12.77
C LYS G 284 15.43 17.97 12.15
N LYS G 285 15.67 17.41 10.97
CA LYS G 285 16.87 17.78 10.24
C LYS G 285 16.78 19.23 9.79
N GLN G 286 17.88 19.96 9.93
CA GLN G 286 17.86 21.32 9.44
C GLN G 286 18.00 21.29 7.92
N LYS G 287 17.67 22.41 7.29
CA LYS G 287 17.62 22.46 5.83
C LYS G 287 16.65 21.46 5.23
N GLY G 288 15.35 21.70 5.33
CA GLY G 288 14.37 20.87 4.67
C GLY G 288 13.69 19.79 5.49
N GLY G 289 13.91 19.72 6.80
CA GLY G 289 13.31 18.66 7.58
C GLY G 289 11.80 18.60 7.51
N LYS G 290 11.27 17.41 7.24
CA LYS G 290 9.83 17.19 7.21
C LYS G 290 9.27 16.80 8.58
N GLY G 291 10.03 16.04 9.37
CA GLY G 291 9.58 15.70 10.70
C GLY G 291 10.57 14.77 11.37
N THR G 292 10.11 14.11 12.43
CA THR G 292 10.94 13.16 13.15
C THR G 292 10.07 12.17 13.91
N ALA G 293 10.55 10.93 13.98
CA ALA G 293 9.94 9.90 14.81
C ALA G 293 10.84 9.54 15.99
N ALA G 294 11.72 10.45 16.39
CA ALA G 294 12.71 10.16 17.43
C ALA G 294 12.09 10.26 18.82
N GLN G 295 12.75 9.63 19.77
CA GLN G 295 12.28 9.54 21.15
C GLN G 295 13.14 10.40 22.07
N GLY G 296 12.63 10.60 23.28
CA GLY G 296 13.30 11.45 24.24
C GLY G 296 14.26 10.69 25.15
N ILE G 297 13.73 9.80 25.97
CA ILE G 297 14.52 8.99 26.88
C ILE G 297 14.15 7.53 26.65
N TYR G 298 15.15 6.65 26.68
CA TYR G 298 14.98 5.23 26.39
C TYR G 298 15.64 4.45 27.52
N ILE G 299 14.82 3.93 28.44
CA ILE G 299 15.29 3.09 29.53
C ILE G 299 15.09 1.64 29.17
N ASN G 300 16.09 0.81 29.50
CA ASN G 300 16.03 -0.62 29.27
C ASN G 300 17.13 -1.26 30.10
N SER G 301 17.06 -2.60 30.21
CA SER G 301 18.07 -3.38 30.92
C SER G 301 18.16 -4.72 30.19
N THR G 302 18.99 -4.77 29.16
CA THR G 302 19.07 -5.94 28.29
C THR G 302 19.25 -7.24 29.07
N SER G 303 19.87 -7.17 30.25
CA SER G 303 19.95 -8.34 31.11
C SER G 303 18.77 -8.46 32.06
N GLY G 304 18.08 -7.36 32.34
CA GLY G 304 16.93 -7.39 33.22
C GLY G 304 17.28 -7.02 34.64
N THR G 305 16.61 -6.02 35.19
CA THR G 305 16.89 -5.58 36.56
C THR G 305 15.65 -5.79 37.43
N ALA G 306 15.90 -5.81 38.74
CA ALA G 306 14.85 -5.85 39.74
C ALA G 306 14.65 -4.52 40.45
N GLY G 307 15.58 -3.59 40.31
CA GLY G 307 15.44 -2.28 40.90
C GLY G 307 14.40 -1.46 40.15
N LYS G 308 14.20 -0.24 40.63
CA LYS G 308 13.17 0.64 40.10
C LYS G 308 13.72 1.44 38.92
N MET G 309 12.98 1.43 37.81
CA MET G 309 13.45 2.07 36.58
C MET G 309 13.47 3.59 36.67
N LEU G 310 12.75 4.16 37.63
CA LEU G 310 12.72 5.61 37.81
C LEU G 310 12.23 5.86 39.23
N ARG G 311 12.94 6.69 39.98
CA ARG G 311 12.61 6.93 41.38
C ARG G 311 12.75 8.42 41.64
N ILE G 312 11.64 9.13 41.69
CA ILE G 312 11.63 10.55 41.97
C ILE G 312 11.60 10.76 43.49
N ARG G 313 12.42 11.68 43.97
CA ARG G 313 12.44 12.02 45.38
C ARG G 313 12.56 13.54 45.53
N ASN G 314 12.32 14.02 46.73
CA ASN G 314 12.41 15.45 47.04
C ASN G 314 12.50 15.60 48.55
N LYS G 315 13.51 16.33 49.03
CA LYS G 315 13.90 16.31 50.44
C LYS G 315 14.02 14.88 50.95
N ASN G 316 14.65 14.03 50.14
CA ASN G 316 14.97 12.65 50.47
C ASN G 316 13.74 11.77 50.76
N GLU G 317 12.54 12.32 50.67
CA GLU G 317 11.32 11.55 50.85
C GLU G 317 10.78 11.16 49.47
N ASP G 318 10.44 9.88 49.32
CA ASP G 318 9.91 9.38 48.05
C ASP G 318 8.72 10.20 47.61
N LYS G 319 8.61 10.42 46.30
CA LYS G 319 7.46 11.14 45.75
C LYS G 319 6.88 10.50 44.50
N PHE G 320 7.64 9.74 43.73
CA PHE G 320 7.13 9.06 42.54
C PHE G 320 8.16 8.04 42.12
N TYR G 321 7.70 6.85 41.71
CA TYR G 321 8.65 5.89 41.19
C TYR G 321 7.95 4.89 40.29
N VAL G 322 8.71 4.38 39.32
CA VAL G 322 8.30 3.28 38.46
C VAL G 322 9.08 2.05 38.88
N GLY G 323 8.41 0.91 38.94
CA GLY G 323 9.06 -0.31 39.39
C GLY G 323 9.48 -1.18 38.22
N PRO G 324 10.16 -2.29 38.51
CA PRO G 324 10.59 -3.18 37.43
C PRO G 324 9.45 -3.73 36.62
N ASP G 325 8.29 -3.94 37.25
CA ASP G 325 7.10 -4.40 36.53
C ASP G 325 6.58 -3.37 35.55
N GLY G 326 6.91 -2.09 35.75
CA GLY G 326 6.34 -1.02 34.96
C GLY G 326 5.19 -0.30 35.62
N GLY G 327 4.77 -0.76 36.80
CA GLY G 327 3.65 -0.17 37.50
C GLY G 327 4.09 0.98 38.37
N PHE G 328 3.55 2.17 38.12
CA PHE G 328 3.96 3.36 38.84
C PHE G 328 3.31 3.41 40.22
N HIS G 329 3.68 4.41 41.00
CA HIS G 329 3.15 4.62 42.34
C HIS G 329 3.27 6.11 42.62
N SER G 330 2.17 6.84 42.50
CA SER G 330 2.21 8.28 42.75
C SER G 330 2.38 8.56 44.24
N GLY G 331 2.37 9.84 44.58
CA GLY G 331 2.68 10.31 45.91
C GLY G 331 1.56 11.16 46.45
N ALA G 332 0.96 11.95 45.57
CA ALA G 332 -0.06 12.92 45.92
C ALA G 332 -1.12 12.91 44.82
N ASN G 333 -1.88 13.98 44.72
CA ASN G 333 -3.04 14.01 43.86
C ASN G 333 -2.63 14.24 42.42
N SER G 334 -3.22 13.47 41.50
CA SER G 334 -2.85 13.61 40.10
C SER G 334 -4.05 14.05 39.28
N THR G 335 -3.99 13.85 37.97
CA THR G 335 -5.04 14.27 37.06
C THR G 335 -4.76 13.67 35.69
N VAL G 336 -5.83 13.32 34.97
CA VAL G 336 -5.73 12.86 33.60
C VAL G 336 -6.84 13.54 32.80
N ALA G 337 -6.47 14.40 31.87
CA ALA G 337 -7.42 15.06 30.97
C ALA G 337 -7.87 14.09 29.88
N GLY G 338 -8.52 13.02 30.32
CA GLY G 338 -8.92 11.96 29.42
C GLY G 338 -9.49 10.79 30.21
N ASN G 339 -9.54 9.63 29.55
CA ASN G 339 -10.11 8.43 30.13
C ASN G 339 -9.03 7.39 30.39
N LEU G 340 -9.13 6.74 31.54
CA LEU G 340 -8.14 5.76 31.97
C LEU G 340 -8.77 4.37 31.92
N THR G 341 -8.42 3.61 30.90
CA THR G 341 -8.83 2.21 30.79
C THR G 341 -8.08 1.36 31.81
N VAL G 342 -8.82 0.66 32.68
CA VAL G 342 -8.24 -0.17 33.72
C VAL G 342 -8.88 -1.55 33.70
N LYS G 343 -8.45 -2.39 34.63
CA LYS G 343 -8.97 -3.75 34.83
C LYS G 343 -10.10 -3.75 35.84
N ASP G 344 -10.78 -4.89 35.95
CA ASP G 344 -11.90 -5.01 36.87
C ASP G 344 -11.39 -5.03 38.32
N PRO G 345 -11.98 -4.25 39.22
CA PRO G 345 -11.44 -4.13 40.59
C PRO G 345 -11.60 -5.39 41.44
N THR G 346 -10.48 -6.03 41.80
CA THR G 346 -10.50 -7.18 42.69
C THR G 346 -10.13 -6.82 44.13
N SER G 347 -10.38 -5.57 44.54
CA SER G 347 -10.03 -5.16 45.89
C SER G 347 -10.88 -3.96 46.29
N GLY G 348 -10.97 -3.72 47.60
CA GLY G 348 -11.82 -2.68 48.16
C GLY G 348 -11.41 -1.27 47.79
N LYS G 349 -10.16 -1.06 47.38
CA LYS G 349 -9.64 0.25 47.03
C LYS G 349 -9.56 0.49 45.53
N HIS G 350 -9.21 -0.54 44.77
CA HIS G 350 -9.13 -0.45 43.31
C HIS G 350 -10.30 0.34 42.71
N ALA G 351 -9.96 1.35 41.91
CA ALA G 351 -10.88 2.10 41.06
C ALA G 351 -12.02 1.28 40.49
N ALA G 352 -13.09 1.94 40.02
CA ALA G 352 -14.24 1.26 39.44
C ALA G 352 -14.29 1.50 37.94
N THR G 353 -14.57 0.45 37.19
CA THR G 353 -14.77 0.58 35.75
C THR G 353 -16.20 1.04 35.48
N LYS G 354 -16.72 0.77 34.28
CA LYS G 354 -18.14 0.94 34.01
C LYS G 354 -18.87 -0.38 34.00
N ASP G 355 -18.24 -1.44 33.48
CA ASP G 355 -18.86 -2.76 33.55
C ASP G 355 -18.86 -3.35 34.96
N TYR G 356 -18.25 -2.67 35.93
CA TYR G 356 -18.48 -2.99 37.33
C TYR G 356 -19.55 -2.11 37.95
N VAL G 357 -19.66 -0.86 37.51
CA VAL G 357 -20.74 0.02 37.96
C VAL G 357 -22.08 -0.48 37.43
N ASP G 358 -22.14 -0.79 36.13
CA ASP G 358 -23.39 -1.22 35.53
C ASP G 358 -23.77 -2.63 35.96
N GLU G 359 -22.78 -3.52 36.10
CA GLU G 359 -23.07 -4.87 36.55
C GLU G 359 -23.74 -4.86 37.91
N LYS G 360 -23.34 -3.92 38.78
CA LYS G 360 -24.03 -3.75 40.05
C LYS G 360 -25.28 -2.90 39.94
N ILE G 361 -25.48 -2.22 38.81
CA ILE G 361 -26.74 -1.52 38.58
C ILE G 361 -27.82 -2.51 38.14
N ALA G 362 -27.51 -3.34 37.13
CA ALA G 362 -28.48 -4.31 36.65
C ALA G 362 -28.83 -5.33 37.74
N GLU G 363 -27.81 -5.83 38.45
CA GLU G 363 -28.06 -6.79 39.51
C GLU G 363 -28.96 -6.23 40.60
N LEU G 364 -29.05 -4.91 40.72
CA LEU G 364 -30.04 -4.28 41.58
C LEU G 364 -31.13 -3.55 40.80
N LYS G 365 -31.03 -3.49 39.47
CA LYS G 365 -32.16 -3.03 38.68
C LYS G 365 -33.28 -4.05 38.67
N LYS G 366 -32.95 -5.32 38.43
CA LYS G 366 -33.93 -6.39 38.35
C LYS G 366 -34.75 -6.51 39.64
N LEU G 367 -34.09 -6.93 40.71
CA LEU G 367 -34.77 -7.24 41.97
C LEU G 367 -35.44 -6.01 42.57
N ILE G 368 -36.55 -5.57 41.95
CA ILE G 368 -37.28 -4.40 42.41
C ILE G 368 -38.77 -4.64 42.29
N ARG H 8 239.18 35.16 -53.84
CA ARG H 8 238.01 34.36 -53.46
C ARG H 8 238.16 33.71 -52.09
N VAL H 9 237.40 34.20 -51.12
CA VAL H 9 237.51 33.74 -49.74
C VAL H 9 236.37 32.76 -49.49
N GLN H 10 236.71 31.59 -48.96
CA GLN H 10 235.70 30.65 -48.48
C GLN H 10 235.68 30.69 -46.95
N PHE H 11 234.53 30.35 -46.38
CA PHE H 11 234.31 30.49 -44.96
C PHE H 11 234.19 29.13 -44.29
N LYS H 12 234.22 29.14 -42.96
CA LYS H 12 234.04 27.91 -42.21
C LYS H 12 232.59 27.44 -42.33
N ARG H 13 232.41 26.14 -42.59
CA ARG H 13 231.10 25.61 -42.94
C ARG H 13 231.03 24.14 -42.57
N MET H 14 229.90 23.75 -42.01
CA MET H 14 229.63 22.36 -41.67
C MET H 14 228.14 22.10 -41.91
N SER H 15 227.73 20.86 -41.69
CA SER H 15 226.32 20.54 -41.64
C SER H 15 225.69 21.18 -40.40
N ALA H 16 224.36 21.33 -40.43
CA ALA H 16 223.68 21.96 -39.31
C ALA H 16 223.87 21.16 -38.03
N ASP H 17 223.91 19.83 -38.13
CA ASP H 17 224.18 18.98 -36.98
C ASP H 17 225.67 18.94 -36.66
N GLU H 18 226.51 18.80 -37.69
CA GLU H 18 227.95 18.68 -37.50
C GLU H 18 228.54 19.86 -36.72
N TRP H 19 227.91 21.03 -36.81
CA TRP H 19 228.40 22.18 -36.06
C TRP H 19 228.31 21.95 -34.56
N ALA H 20 227.18 21.40 -34.09
CA ALA H 20 226.99 21.17 -32.66
C ALA H 20 228.07 20.26 -32.10
N ARG H 21 228.62 19.37 -32.92
CA ARG H 21 229.64 18.41 -32.52
C ARG H 21 231.05 18.87 -32.81
N SER H 22 231.24 20.11 -33.22
CA SER H 22 232.55 20.58 -33.64
C SER H 22 233.25 21.37 -32.54
N ASP H 23 234.57 21.24 -32.50
CA ASP H 23 235.41 21.93 -31.54
C ASP H 23 235.92 23.23 -32.11
N VAL H 24 235.45 23.60 -33.30
CA VAL H 24 235.92 24.81 -33.96
C VAL H 24 235.42 26.02 -33.19
N ILE H 25 236.35 26.92 -32.86
CA ILE H 25 236.01 28.14 -32.14
C ILE H 25 236.17 29.28 -33.14
N LEU H 26 235.06 29.92 -33.50
CA LEU H 26 235.14 31.04 -34.42
C LEU H 26 235.71 32.26 -33.70
N LEU H 27 236.53 33.02 -34.41
CA LEU H 27 237.14 34.21 -33.85
C LEU H 27 236.12 35.33 -33.76
N GLU H 28 236.45 36.35 -32.97
CA GLU H 28 235.56 37.47 -32.75
C GLU H 28 235.28 38.17 -34.07
N GLY H 29 234.15 37.83 -34.70
CA GLY H 29 233.76 38.40 -35.97
C GLY H 29 233.73 37.45 -37.15
N GLU H 30 234.23 36.23 -37.03
CA GLU H 30 234.25 35.32 -38.17
C GLU H 30 232.91 34.60 -38.32
N ILE H 31 232.49 34.40 -39.57
CA ILE H 31 231.17 33.88 -39.88
C ILE H 31 231.20 32.35 -40.01
N GLY H 32 230.13 31.72 -39.53
CA GLY H 32 229.98 30.29 -39.66
C GLY H 32 228.65 29.94 -40.28
N PHE H 33 228.65 28.86 -41.07
CA PHE H 33 227.50 28.51 -41.89
C PHE H 33 226.90 27.16 -41.48
N GLU H 34 225.59 27.05 -41.67
CA GLU H 34 224.86 25.79 -41.59
C GLU H 34 224.45 25.48 -43.03
N THR H 35 225.16 24.54 -43.66
CA THR H 35 224.89 24.20 -45.06
C THR H 35 223.51 23.59 -45.27
N ASP H 36 222.80 23.22 -44.20
CA ASP H 36 221.46 22.67 -44.34
C ASP H 36 220.45 23.77 -44.59
N THR H 37 220.46 24.79 -43.75
CA THR H 37 219.51 25.89 -43.84
C THR H 37 220.12 27.19 -44.33
N GLY H 38 221.44 27.29 -44.44
CA GLY H 38 222.00 28.58 -44.76
C GLY H 38 222.07 29.52 -43.58
N PHE H 39 221.79 29.03 -42.37
CA PHE H 39 221.84 29.89 -41.21
C PHE H 39 223.28 30.29 -40.93
N ALA H 40 223.45 31.29 -40.07
CA ALA H 40 224.81 31.72 -39.78
C ALA H 40 224.86 32.42 -38.44
N LYS H 41 226.02 32.34 -37.82
CA LYS H 41 226.31 33.09 -36.61
C LYS H 41 227.72 33.65 -36.72
N PHE H 42 228.00 34.63 -35.89
CA PHE H 42 229.33 35.20 -35.83
C PHE H 42 230.10 34.55 -34.68
N GLY H 43 231.24 35.14 -34.32
CA GLY H 43 232.12 34.51 -33.37
C GLY H 43 232.35 35.28 -32.09
N ASP H 44 232.73 34.54 -31.05
CA ASP H 44 233.05 35.08 -29.75
C ASP H 44 234.54 34.95 -29.43
N GLY H 45 235.30 34.28 -30.29
CA GLY H 45 236.67 33.88 -30.04
C GLY H 45 236.90 33.40 -28.63
N GLN H 46 236.13 32.38 -28.23
CA GLN H 46 236.14 31.76 -26.90
C GLN H 46 234.83 31.02 -26.69
N ASN H 47 234.21 30.54 -27.76
CA ASN H 47 232.96 29.80 -27.63
C ASN H 47 232.77 28.86 -28.81
N THR H 48 232.22 27.68 -28.52
CA THR H 48 231.85 26.75 -29.57
C THR H 48 230.60 27.27 -30.30
N PHE H 49 230.30 26.65 -31.45
CA PHE H 49 229.16 27.08 -32.25
C PHE H 49 227.85 26.96 -31.48
N SER H 50 227.76 25.97 -30.58
CA SER H 50 226.50 25.75 -29.86
C SER H 50 226.12 26.94 -29.00
N LYS H 51 227.11 27.72 -28.55
CA LYS H 51 226.91 28.75 -27.54
C LYS H 51 226.98 30.15 -28.16
N LEU H 52 226.53 30.27 -29.40
CA LEU H 52 226.61 31.49 -30.17
C LEU H 52 225.20 31.86 -30.61
N LYS H 53 224.78 33.08 -30.30
CA LYS H 53 223.43 33.52 -30.66
C LYS H 53 223.19 33.34 -32.15
N TYR H 54 222.02 32.83 -32.50
CA TYR H 54 221.60 32.82 -33.89
C TYR H 54 221.31 34.25 -34.34
N LEU H 55 221.02 34.41 -35.63
CA LEU H 55 220.63 35.70 -36.16
C LEU H 55 219.12 35.63 -36.43
N THR H 56 218.35 35.64 -35.34
CA THR H 56 216.92 35.48 -35.47
C THR H 56 216.30 36.76 -36.04
N GLY H 57 215.00 36.66 -36.35
CA GLY H 57 214.27 37.82 -36.77
C GLY H 57 213.61 38.55 -35.61
N PRO H 58 212.86 39.59 -35.92
CA PRO H 58 212.15 40.35 -34.90
C PRO H 58 210.94 39.57 -34.38
N LYS H 59 210.27 40.18 -33.41
CA LYS H 59 209.11 39.56 -32.80
C LYS H 59 207.87 39.76 -33.67
N GLY H 60 206.98 38.77 -33.62
CA GLY H 60 205.74 38.85 -34.36
C GLY H 60 204.84 39.94 -33.80
N PRO H 61 203.74 40.22 -34.49
CA PRO H 61 202.82 41.26 -34.03
C PRO H 61 201.89 40.74 -32.95
N LYS H 62 201.21 41.68 -32.29
CA LYS H 62 200.29 41.34 -31.22
C LYS H 62 199.07 40.62 -31.78
N GLY H 63 198.67 39.54 -31.10
CA GLY H 63 197.49 38.81 -31.52
C GLY H 63 196.23 39.65 -31.42
N ASP H 64 195.19 39.19 -32.11
CA ASP H 64 193.92 39.88 -32.07
C ASP H 64 193.33 39.85 -30.65
N THR H 65 192.59 40.91 -30.31
CA THR H 65 191.95 40.98 -29.01
C THR H 65 190.87 39.91 -28.86
N GLY H 66 190.74 39.41 -27.63
CA GLY H 66 189.80 38.35 -27.34
C GLY H 66 188.35 38.77 -27.45
N LEU H 67 187.47 37.77 -27.35
CA LEU H 67 186.05 38.00 -27.48
C LEU H 67 185.50 38.68 -26.23
N GLN H 68 184.17 38.83 -26.19
CA GLN H 68 183.47 39.48 -25.10
C GLN H 68 182.76 38.40 -24.29
N GLY H 69 182.83 38.51 -22.97
CA GLY H 69 182.22 37.50 -22.13
C GLY H 69 180.72 37.43 -22.34
N LYS H 70 180.16 36.26 -22.05
CA LYS H 70 178.73 36.10 -22.19
C LYS H 70 178.03 37.04 -21.22
N THR H 71 176.90 37.60 -21.66
CA THR H 71 176.21 38.59 -20.85
C THR H 71 175.77 37.98 -19.52
N GLY H 72 175.68 38.84 -18.50
CA GLY H 72 175.42 38.35 -17.17
C GLY H 72 174.04 37.75 -17.04
N GLY H 73 173.87 36.96 -15.99
CA GLY H 73 172.61 36.29 -15.75
C GLY H 73 171.52 37.28 -15.38
N THR H 74 170.28 36.91 -15.71
CA THR H 74 169.15 37.73 -15.36
C THR H 74 169.02 37.85 -13.84
N GLY H 75 168.53 39.00 -13.39
CA GLY H 75 168.49 39.28 -11.99
C GLY H 75 167.44 38.46 -11.27
N PRO H 76 167.34 38.65 -9.97
CA PRO H 76 166.35 37.91 -9.19
C PRO H 76 164.99 38.61 -9.20
N ARG H 77 163.95 37.80 -9.02
CA ARG H 77 162.60 38.34 -9.00
C ARG H 77 162.46 39.28 -7.81
N GLY H 78 161.86 40.43 -8.05
CA GLY H 78 161.64 41.41 -7.00
C GLY H 78 160.79 40.83 -5.89
N PRO H 79 160.71 41.52 -4.75
CA PRO H 79 159.93 40.98 -3.63
C PRO H 79 158.45 40.96 -3.97
N ALA H 80 157.72 40.11 -3.25
CA ALA H 80 156.31 39.93 -3.53
C ALA H 80 155.52 41.15 -3.07
N GLY H 81 154.42 41.41 -3.76
CA GLY H 81 153.58 42.53 -3.38
C GLY H 81 152.89 42.28 -2.05
N LYS H 82 152.76 43.34 -1.27
CA LYS H 82 152.06 43.33 -0.01
C LYS H 82 150.55 43.31 -0.23
N PRO H 83 149.78 42.74 0.69
CA PRO H 83 148.33 42.80 0.57
C PRO H 83 147.85 44.21 0.90
N GLY H 84 146.63 44.50 0.49
CA GLY H 84 146.03 45.78 0.82
C GLY H 84 145.88 45.91 2.32
N THR H 85 145.56 47.14 2.77
CA THR H 85 145.34 47.39 4.19
C THR H 85 144.52 46.24 4.77
N THR H 86 144.75 45.91 6.04
CA THR H 86 144.18 44.68 6.61
C THR H 86 143.11 44.94 7.65
N ASP H 87 142.63 46.16 7.77
CA ASP H 87 141.50 46.46 8.64
C ASP H 87 140.25 46.62 7.80
N TYR H 88 139.17 45.97 8.23
CA TYR H 88 137.88 46.12 7.56
C TYR H 88 137.50 47.59 7.47
N ASP H 89 137.75 48.35 8.55
CA ASP H 89 137.27 49.71 8.66
C ASP H 89 137.80 50.60 7.53
N GLN H 90 139.04 50.37 7.11
CA GLN H 90 139.63 51.22 6.08
C GLN H 90 139.27 50.81 4.66
N LEU H 91 138.52 49.73 4.46
CA LEU H 91 138.12 49.35 3.12
C LEU H 91 137.21 50.40 2.50
N GLN H 92 137.13 50.39 1.18
CA GLN H 92 136.18 51.19 0.44
C GLN H 92 135.04 50.30 -0.04
N ASN H 93 133.92 50.93 -0.38
CA ASN H 93 132.71 50.21 -0.82
C ASN H 93 132.30 49.16 0.20
N LYS H 94 132.39 49.52 1.48
CA LYS H 94 131.97 48.59 2.53
C LYS H 94 130.47 48.32 2.41
N PRO H 95 130.05 47.07 2.53
CA PRO H 95 128.63 46.75 2.36
C PRO H 95 127.77 47.20 3.53
N ASP H 96 126.55 47.62 3.20
CA ASP H 96 125.58 48.04 4.20
C ASP H 96 125.00 46.81 4.89
N LEU H 97 125.26 46.68 6.18
CA LEU H 97 124.76 45.56 6.96
C LEU H 97 123.32 45.75 7.43
N GLY H 98 122.80 46.97 7.33
CA GLY H 98 121.43 47.24 7.78
C GLY H 98 120.38 46.39 7.08
N ALA H 99 120.59 46.12 5.79
CA ALA H 99 119.59 45.39 5.01
C ALA H 99 119.55 43.90 5.32
N PHE H 100 120.13 43.46 6.44
CA PHE H 100 120.12 42.07 6.84
C PHE H 100 119.42 41.92 8.20
N ALA H 101 118.52 40.95 8.31
CA ALA H 101 117.82 40.71 9.56
C ALA H 101 118.75 39.99 10.53
N GLN H 102 118.84 40.50 11.76
CA GLN H 102 119.62 39.81 12.78
C GLN H 102 118.95 38.51 13.21
N LYS H 103 119.80 37.54 13.58
CA LYS H 103 119.34 36.18 13.85
C LYS H 103 118.49 36.09 15.12
N GLU H 104 119.03 36.53 16.26
CA GLU H 104 118.39 36.25 17.54
C GLU H 104 117.00 36.90 17.63
N GLU H 105 116.89 38.16 17.23
CA GLU H 105 115.59 38.83 17.27
C GLU H 105 114.56 38.12 16.40
N THR H 106 115.01 37.52 15.28
CA THR H 106 114.09 36.87 14.35
C THR H 106 113.63 35.52 14.88
N ASN H 107 114.56 34.67 15.30
CA ASN H 107 114.19 33.35 15.82
C ASN H 107 113.31 33.46 17.05
N SER H 108 113.39 34.57 17.78
CA SER H 108 112.50 34.79 18.91
C SER H 108 111.11 35.24 18.47
N LYS H 109 111.03 36.14 17.49
CA LYS H 109 109.73 36.57 16.97
C LYS H 109 108.91 35.40 16.46
N ILE H 110 109.53 34.50 15.70
CA ILE H 110 108.81 33.35 15.17
C ILE H 110 108.49 32.38 16.29
N THR H 111 109.40 32.23 17.25
CA THR H 111 109.13 31.38 18.40
C THR H 111 107.89 31.87 19.15
N LYS H 112 107.77 33.20 19.29
CA LYS H 112 106.54 33.76 19.86
C LYS H 112 105.32 33.35 19.05
N LEU H 113 105.50 33.18 17.74
CA LEU H 113 104.40 32.81 16.86
C LEU H 113 104.06 31.32 16.97
N GLU H 114 105.07 30.47 16.99
CA GLU H 114 104.83 29.02 17.04
C GLU H 114 104.08 28.62 18.30
N SER H 115 104.23 29.39 19.38
CA SER H 115 103.54 29.11 20.64
C SER H 115 102.22 29.85 20.80
N SER H 116 102.07 31.02 20.17
CA SER H 116 100.91 31.88 20.43
C SER H 116 99.76 31.68 19.46
N LYS H 117 99.92 30.90 18.40
CA LYS H 117 98.87 30.78 17.39
C LYS H 117 98.30 29.36 17.37
N ALA H 118 97.08 29.28 16.86
CA ALA H 118 96.21 28.10 16.99
C ALA H 118 96.35 27.26 15.73
N ASP H 119 97.17 26.22 15.79
CA ASP H 119 97.31 25.25 14.71
C ASP H 119 95.94 24.88 14.13
N LYS H 120 95.91 24.69 12.81
CA LYS H 120 94.65 24.33 12.14
C LYS H 120 94.12 23.00 12.64
N SER H 121 95.01 22.05 12.93
CA SER H 121 94.58 20.71 13.28
C SER H 121 93.93 20.63 14.65
N ALA H 122 93.81 21.74 15.39
CA ALA H 122 93.21 21.73 16.71
C ALA H 122 92.08 22.74 16.85
N VAL H 123 91.48 23.19 15.74
CA VAL H 123 90.40 24.16 15.75
C VAL H 123 89.48 23.88 14.58
N TYR H 124 88.17 23.97 14.84
CA TYR H 124 87.19 23.87 13.76
C TYR H 124 87.20 25.15 12.93
N SER H 125 87.18 25.01 11.61
CA SER H 125 87.13 26.17 10.75
C SER H 125 85.80 26.91 10.94
N LYS H 126 85.68 28.05 10.27
CA LYS H 126 84.43 28.81 10.30
C LYS H 126 83.29 27.98 9.71
N ALA H 127 83.54 27.33 8.57
CA ALA H 127 82.52 26.50 7.94
C ALA H 127 82.32 25.18 8.69
N GLU H 128 83.37 24.68 9.34
CA GLU H 128 83.25 23.47 10.14
C GLU H 128 82.33 23.69 11.34
N SER H 129 82.50 24.81 12.05
CA SER H 129 81.59 25.16 13.12
C SER H 129 80.17 25.32 12.60
N LYS H 130 80.01 25.89 11.42
CA LYS H 130 78.69 26.10 10.84
C LYS H 130 77.98 24.77 10.61
N ILE H 131 78.68 23.78 10.05
CA ILE H 131 78.05 22.51 9.73
C ILE H 131 77.52 21.83 10.98
N GLU H 132 78.24 21.97 12.10
CA GLU H 132 77.77 21.38 13.36
C GLU H 132 76.72 22.23 14.05
N LEU H 133 76.73 23.55 13.80
CA LEU H 133 75.73 24.41 14.43
C LEU H 133 74.35 24.25 13.79
N ASP H 134 74.29 24.16 12.46
CA ASP H 134 72.98 24.03 11.82
C ASP H 134 72.34 22.68 12.13
N LYS H 135 73.11 21.72 12.62
CA LYS H 135 72.54 20.49 13.15
C LYS H 135 71.97 20.69 14.56
N LYS H 136 72.11 21.91 15.10
CA LYS H 136 71.61 22.28 16.42
C LYS H 136 70.59 23.40 16.35
N LEU H 137 70.28 23.91 15.16
CA LEU H 137 69.45 25.09 14.99
C LEU H 137 68.12 24.94 15.69
N SER H 138 67.69 26.02 16.36
CA SER H 138 66.41 26.04 17.05
C SER H 138 65.92 27.47 17.30
N LEU H 139 65.95 27.89 18.58
CA LEU H 139 65.51 29.20 19.07
C LEU H 139 64.49 29.97 18.22
N THR H 140 64.91 30.47 17.06
CA THR H 140 63.98 31.24 16.23
C THR H 140 63.11 30.35 15.37
N GLY H 141 63.34 29.06 15.39
CA GLY H 141 62.54 28.11 14.64
C GLY H 141 63.39 26.96 14.16
N GLY H 142 62.70 25.96 13.63
CA GLY H 142 63.38 24.78 13.14
C GLY H 142 62.38 23.66 12.94
N ILE H 143 62.91 22.53 12.50
CA ILE H 143 62.07 21.38 12.19
C ILE H 143 62.73 20.13 12.76
N VAL H 144 62.20 19.63 13.86
CA VAL H 144 62.74 18.45 14.52
C VAL H 144 62.09 17.20 13.91
N THR H 145 62.93 16.26 13.48
CA THR H 145 62.46 15.02 12.88
C THR H 145 62.47 13.84 13.83
N GLY H 146 63.23 13.89 14.93
CA GLY H 146 63.34 12.79 15.84
C GLY H 146 62.46 12.95 17.08
N GLN H 147 62.76 12.14 18.09
CA GLN H 147 61.99 12.12 19.33
C GLN H 147 62.71 12.95 20.39
N LEU H 148 62.03 13.99 20.87
CA LEU H 148 62.55 14.88 21.91
C LEU H 148 62.00 14.39 23.25
N GLN H 149 62.83 13.67 24.01
CA GLN H 149 62.43 13.19 25.31
C GLN H 149 62.60 14.27 26.36
N PHE H 150 61.74 14.24 27.38
CA PHE H 150 61.88 15.06 28.57
C PHE H 150 62.09 14.15 29.77
N LYS H 151 63.13 14.42 30.55
CA LYS H 151 63.46 13.63 31.73
C LYS H 151 63.95 14.55 32.84
N PRO H 152 63.12 15.48 33.30
CA PRO H 152 63.56 16.40 34.35
C PRO H 152 63.83 15.64 35.65
N ASN H 153 64.76 16.18 36.43
CA ASN H 153 65.18 15.51 37.66
C ASN H 153 65.79 16.57 38.57
N LYS H 154 65.08 16.89 39.66
CA LYS H 154 65.49 17.93 40.61
C LYS H 154 65.87 19.22 39.88
N SER H 155 65.17 19.50 38.77
CA SER H 155 65.41 20.69 37.97
C SER H 155 64.46 21.83 38.34
N GLY H 156 63.72 21.70 39.43
CA GLY H 156 62.80 22.72 39.88
C GLY H 156 61.66 23.03 38.94
N ILE H 157 60.94 22.00 38.48
CA ILE H 157 59.77 22.22 37.66
C ILE H 157 58.60 22.55 38.57
N LYS H 158 58.05 23.74 38.44
CA LYS H 158 56.97 24.04 39.36
C LYS H 158 55.62 23.72 38.73
N PRO H 159 54.61 23.39 39.53
CA PRO H 159 53.32 22.97 38.98
C PRO H 159 52.34 24.10 38.69
N SER H 160 52.73 25.36 38.83
CA SER H 160 51.79 26.47 38.65
C SER H 160 51.13 26.40 37.28
N SER H 161 49.82 26.68 37.25
CA SER H 161 49.05 26.72 36.02
C SER H 161 49.29 27.98 35.20
N SER H 162 50.31 28.76 35.52
CA SER H 162 50.58 30.02 34.85
C SER H 162 51.99 30.10 34.28
N VAL H 163 52.99 29.53 34.97
CA VAL H 163 54.36 29.57 34.50
C VAL H 163 55.03 28.21 34.49
N GLY H 164 54.58 27.25 35.29
CA GLY H 164 55.27 25.99 35.46
C GLY H 164 55.15 25.05 34.28
N GLY H 165 55.42 23.78 34.56
CA GLY H 165 55.37 22.74 33.56
C GLY H 165 56.70 22.52 32.88
N ALA H 166 57.03 21.26 32.56
CA ALA H 166 58.24 20.98 31.81
C ALA H 166 58.27 21.74 30.50
N ILE H 167 57.12 21.86 29.84
CA ILE H 167 56.91 22.79 28.74
C ILE H 167 55.97 23.88 29.22
N ASN H 168 56.27 25.12 28.85
CA ASN H 168 55.39 26.25 29.17
C ASN H 168 55.18 27.08 27.92
N ILE H 169 53.93 27.22 27.51
CA ILE H 169 53.54 28.07 26.39
C ILE H 169 52.80 29.27 26.97
N ASP H 170 53.23 30.47 26.57
CA ASP H 170 52.60 31.71 27.01
C ASP H 170 52.13 32.44 25.76
N MET H 171 50.81 32.49 25.56
CA MET H 171 50.23 33.14 24.40
C MET H 171 49.58 34.46 24.75
N SER H 172 49.91 35.02 25.91
CA SER H 172 49.41 36.35 26.28
C SER H 172 49.97 37.42 25.36
N LYS H 173 51.00 37.09 24.57
CA LYS H 173 51.69 38.04 23.72
C LYS H 173 51.69 37.62 22.26
N SER H 174 50.83 36.68 21.86
CA SER H 174 50.92 36.14 20.51
C SER H 174 49.57 35.71 19.96
N GLU H 175 49.26 36.15 18.75
CA GLU H 175 48.17 35.55 18.00
C GLU H 175 48.48 34.08 17.76
N GLY H 176 47.42 33.29 17.54
CA GLY H 176 47.60 31.90 17.18
C GLY H 176 47.33 30.94 18.33
N ALA H 177 47.60 29.67 18.06
CA ALA H 177 47.34 28.57 18.97
C ALA H 177 48.61 28.18 19.71
N ALA H 178 48.43 27.51 20.85
CA ALA H 178 49.58 27.03 21.61
C ALA H 178 50.23 25.83 20.94
N MET H 179 49.45 24.79 20.64
CA MET H 179 49.97 23.60 19.98
C MET H 179 48.88 23.04 19.08
N VAL H 180 49.29 22.46 17.97
CA VAL H 180 48.39 21.79 17.04
C VAL H 180 48.95 20.41 16.73
N MET H 181 48.08 19.40 16.78
CA MET H 181 48.44 18.04 16.37
C MET H 181 47.47 17.65 15.25
N TYR H 182 47.98 17.60 14.03
CA TYR H 182 47.18 17.28 12.86
C TYR H 182 47.72 15.99 12.27
N THR H 183 46.82 15.19 11.71
CA THR H 183 47.22 13.97 11.02
C THR H 183 46.35 13.80 9.79
N ASN H 184 47.00 13.52 8.67
CA ASN H 184 46.34 13.19 7.41
C ASN H 184 46.54 11.73 7.06
N LYS H 185 46.89 10.92 8.06
CA LYS H 185 47.18 9.52 7.82
C LYS H 185 45.90 8.73 7.62
N ASP H 186 45.94 7.79 6.68
CA ASP H 186 44.81 6.91 6.45
C ASP H 186 44.62 5.94 7.60
N THR H 187 45.72 5.43 8.16
CA THR H 187 45.66 4.58 9.34
C THR H 187 46.99 4.69 10.09
N THR H 188 46.96 4.30 11.36
CA THR H 188 48.17 4.31 12.17
C THR H 188 48.07 3.20 13.22
N ASP H 189 49.01 3.22 14.18
CA ASP H 189 49.07 2.21 15.22
C ASP H 189 48.88 2.80 16.62
N GLY H 190 48.38 4.04 16.70
CA GLY H 190 48.15 4.67 17.98
C GLY H 190 47.48 6.02 17.84
N PRO H 191 46.97 6.56 18.95
CA PRO H 191 46.35 7.88 18.91
C PRO H 191 47.39 8.98 18.75
N LEU H 192 47.00 10.22 19.02
CA LEU H 192 47.95 11.33 18.97
C LEU H 192 48.53 11.59 20.36
N MET H 193 47.79 12.30 21.20
CA MET H 193 48.22 12.62 22.56
C MET H 193 47.84 11.50 23.52
N ILE H 194 48.70 11.30 24.53
CA ILE H 194 48.52 10.25 25.51
C ILE H 194 48.86 10.80 26.90
N LEU H 195 47.93 10.63 27.83
CA LEU H 195 48.16 10.92 29.25
C LEU H 195 48.02 9.62 30.03
N ARG H 196 48.91 9.41 31.00
CA ARG H 196 48.90 8.14 31.73
C ARG H 196 49.47 8.33 33.12
N SER H 197 48.72 7.85 34.11
CA SER H 197 49.21 7.70 35.48
C SER H 197 49.04 6.25 35.89
N ASP H 198 50.10 5.67 36.45
CA ASP H 198 50.12 4.24 36.77
C ASP H 198 50.01 3.94 38.26
N LYS H 199 50.23 4.92 39.13
CA LYS H 199 50.14 4.71 40.57
C LYS H 199 48.70 5.00 40.99
N ASP H 200 48.02 3.98 41.51
CA ASP H 200 46.64 4.20 41.93
C ASP H 200 46.56 5.09 43.16
N THR H 201 47.69 5.58 43.67
CA THR H 201 47.74 6.59 44.70
C THR H 201 47.93 7.99 44.14
N PHE H 202 47.92 8.15 42.82
CA PHE H 202 48.22 9.44 42.20
C PHE H 202 47.14 10.45 42.58
N ASP H 203 47.52 11.45 43.37
CA ASP H 203 46.57 12.38 43.97
C ASP H 203 46.34 13.63 43.13
N GLN H 204 46.47 13.55 41.81
CA GLN H 204 46.25 14.71 40.98
C GLN H 204 45.61 14.30 39.66
N SER H 205 45.14 15.30 38.92
CA SER H 205 44.47 15.07 37.65
C SER H 205 45.49 14.82 36.54
N ALA H 206 44.97 14.30 35.42
CA ALA H 206 45.76 14.17 34.20
C ALA H 206 45.68 15.42 33.33
N GLN H 207 44.47 15.96 33.17
CA GLN H 207 44.22 17.16 32.40
C GLN H 207 43.38 18.11 33.25
N PHE H 208 43.68 19.41 33.12
CA PHE H 208 43.03 20.44 33.91
C PHE H 208 42.68 21.60 33.00
N VAL H 209 41.44 22.07 33.07
CA VAL H 209 40.95 23.15 32.22
C VAL H 209 40.39 24.24 33.15
N ASP H 210 41.13 25.33 33.30
CA ASP H 210 40.73 26.47 34.10
C ASP H 210 40.37 27.59 33.12
N TYR H 211 39.17 27.51 32.56
CA TYR H 211 38.77 28.40 31.48
C TYR H 211 38.05 29.65 31.99
N SER H 212 38.43 30.79 31.44
CA SER H 212 37.65 32.02 31.54
C SER H 212 37.55 32.62 30.14
N GLY H 213 36.31 32.85 29.70
CA GLY H 213 36.12 33.33 28.34
C GLY H 213 34.66 33.48 28.02
N LYS H 214 34.35 33.41 26.71
CA LYS H 214 33.03 33.72 26.20
C LYS H 214 32.49 32.66 25.25
N THR H 215 33.03 31.45 25.27
CA THR H 215 32.55 30.41 24.38
C THR H 215 32.88 29.04 25.00
N ASN H 216 32.67 28.00 24.20
CA ASN H 216 32.87 26.63 24.68
C ASN H 216 34.32 26.39 25.03
N ALA H 217 34.56 25.92 26.26
CA ALA H 217 35.93 25.69 26.72
C ALA H 217 36.56 24.58 25.88
N VAL H 218 36.06 23.36 26.02
CA VAL H 218 36.48 22.24 25.19
C VAL H 218 35.35 21.91 24.23
N ASN H 219 35.68 21.68 22.96
CA ASN H 219 34.69 21.49 21.92
C ASN H 219 35.16 20.35 21.03
N ILE H 220 34.36 19.27 20.97
CA ILE H 220 34.69 18.09 20.20
C ILE H 220 33.65 17.89 19.11
N VAL H 221 34.11 17.52 17.92
CA VAL H 221 33.25 17.40 16.75
C VAL H 221 33.65 16.15 15.98
N MET H 222 32.69 15.27 15.73
CA MET H 222 32.83 14.21 14.74
C MET H 222 32.18 14.65 13.44
N ARG H 223 32.90 14.51 12.34
CA ARG H 223 32.41 14.94 11.05
C ARG H 223 31.70 13.77 10.37
N GLN H 224 30.86 14.11 9.39
CA GLN H 224 30.03 13.11 8.72
C GLN H 224 30.90 12.13 7.93
N PRO H 225 30.98 10.86 8.32
CA PRO H 225 31.80 9.91 7.57
C PRO H 225 31.10 9.47 6.30
N SER H 226 31.92 8.94 5.38
CA SER H 226 31.38 8.40 4.13
C SER H 226 30.47 7.20 4.39
N ALA H 227 30.97 6.21 5.12
CA ALA H 227 30.21 5.04 5.51
C ALA H 227 29.99 5.06 7.01
N PRO H 228 28.76 4.89 7.48
CA PRO H 228 28.51 4.92 8.92
C PRO H 228 29.25 3.80 9.65
N ASN H 229 29.56 4.07 10.91
CA ASN H 229 30.26 3.13 11.78
C ASN H 229 30.00 3.57 13.21
N PHE H 230 30.30 2.67 14.16
CA PHE H 230 30.05 2.98 15.56
C PHE H 230 31.27 3.69 16.14
N SER H 231 31.24 5.02 16.09
CA SER H 231 32.30 5.83 16.67
C SER H 231 31.67 7.03 17.35
N SER H 232 32.05 7.25 18.60
CA SER H 232 31.54 8.34 19.41
C SER H 232 32.61 9.40 19.60
N ALA H 233 32.17 10.65 19.75
CA ALA H 233 33.12 11.75 19.93
C ALA H 233 33.79 11.72 21.30
N LEU H 234 33.15 11.11 22.31
CA LEU H 234 33.76 11.02 23.62
C LEU H 234 33.28 9.78 24.38
N ILE H 236 33.63 7.72 27.70
CA ILE H 236 33.94 7.64 29.12
C ILE H 236 33.83 6.20 29.59
N THR H 237 34.73 5.81 30.50
CA THR H 237 34.72 4.47 31.06
C THR H 237 35.27 4.51 32.47
N SER H 238 34.59 3.83 33.40
CA SER H 238 34.98 3.83 34.80
C SER H 238 34.97 2.40 35.34
N ALA H 239 35.95 2.09 36.18
CA ALA H 239 36.00 0.82 36.90
C ALA H 239 36.06 1.01 38.41
N ASN H 240 35.85 2.23 38.89
CA ASN H 240 35.86 2.52 40.31
C ASN H 240 34.44 2.47 40.85
N GLU H 241 34.14 1.45 41.67
CA GLU H 241 32.78 1.26 42.17
C GLU H 241 32.41 2.28 43.24
N GLY H 242 33.38 3.03 43.76
CA GLY H 242 33.12 4.00 44.81
C GLY H 242 32.96 5.43 44.33
N GLY H 243 32.82 5.65 43.03
CA GLY H 243 32.68 6.99 42.50
C GLY H 243 31.93 6.98 41.19
N SER H 244 31.18 8.07 40.97
CA SER H 244 30.45 8.23 39.72
C SER H 244 31.40 8.22 38.53
N ALA H 245 30.86 7.85 37.37
CA ALA H 245 31.68 7.88 36.16
C ALA H 245 31.88 9.30 35.66
N MET H 246 30.95 10.20 35.96
CA MET H 246 31.03 11.56 35.45
C MET H 246 30.31 12.51 36.40
N GLN H 247 30.79 13.76 36.44
CA GLN H 247 30.25 14.78 37.33
C GLN H 247 29.93 16.02 36.51
N ILE H 248 28.71 16.54 36.69
CA ILE H 248 28.29 17.77 36.02
C ILE H 248 27.64 18.69 37.06
N ARG H 249 28.12 19.94 37.11
CA ARG H 249 27.53 20.97 37.96
C ARG H 249 27.27 22.22 37.12
N GLY H 250 26.14 22.87 37.38
CA GLY H 250 25.77 24.06 36.64
C GLY H 250 24.97 25.01 37.49
N VAL H 251 24.89 26.26 37.03
CA VAL H 251 24.16 27.31 37.72
C VAL H 251 23.25 28.03 36.73
N GLU H 252 22.61 27.26 35.84
CA GLU H 252 21.84 27.85 34.76
C GLU H 252 20.59 28.55 35.29
N LYS H 253 20.24 29.66 34.62
CA LYS H 253 19.05 30.43 34.95
C LYS H 253 17.81 29.90 34.25
N ALA H 254 17.83 29.88 32.92
CA ALA H 254 16.77 29.27 32.12
C ALA H 254 17.46 28.54 30.97
N LEU H 255 17.63 27.23 31.14
CA LEU H 255 18.38 26.30 30.30
C LEU H 255 18.80 25.13 31.19
N GLY H 256 19.04 23.97 30.57
CA GLY H 256 19.47 22.80 31.30
C GLY H 256 20.97 22.75 31.50
N THR H 257 21.39 22.20 32.64
CA THR H 257 22.81 22.00 32.90
C THR H 257 23.44 21.19 31.78
N LEU H 258 22.83 20.06 31.43
CA LEU H 258 23.21 19.26 30.29
C LEU H 258 22.11 19.37 29.24
N LYS H 259 22.44 19.92 28.08
CA LYS H 259 21.48 20.10 27.00
C LYS H 259 21.75 19.03 25.95
N ILE H 260 20.80 18.11 25.80
CA ILE H 260 20.87 17.07 24.78
C ILE H 260 19.90 17.42 23.65
N THR H 261 20.35 17.26 22.42
CA THR H 261 19.54 17.55 21.25
C THR H 261 19.71 16.44 20.23
N HIS H 262 18.62 16.05 19.59
CA HIS H 262 18.63 15.01 18.57
C HIS H 262 18.12 15.60 17.27
N GLU H 263 19.03 15.71 16.29
CA GLU H 263 18.68 16.16 14.95
C GLU H 263 18.42 14.94 14.08
N ASN H 264 17.32 14.96 13.34
CA ASN H 264 17.01 13.86 12.43
C ASN H 264 18.08 13.75 11.37
N PRO H 265 18.69 12.58 11.18
CA PRO H 265 19.68 12.45 10.09
C PRO H 265 19.10 12.73 8.73
N ASN H 266 17.80 12.51 8.55
CA ASN H 266 17.12 12.69 7.28
C ASN H 266 16.00 13.70 7.44
N VAL H 267 15.55 14.26 6.32
CA VAL H 267 14.38 15.13 6.36
C VAL H 267 13.12 14.29 6.56
N GLU H 268 13.16 13.03 6.13
CA GLU H 268 11.99 12.17 6.18
C GLU H 268 11.62 11.85 7.63
N ALA H 269 10.33 12.01 7.96
CA ALA H 269 9.90 12.00 9.36
C ALA H 269 10.09 10.65 10.04
N LYS H 270 10.09 9.55 9.27
CA LYS H 270 10.12 8.22 9.88
C LYS H 270 11.46 7.52 9.70
N TYR H 271 12.53 8.28 9.43
CA TYR H 271 13.86 7.68 9.39
C TYR H 271 14.33 7.28 10.78
N ASP H 272 14.08 8.14 11.77
CA ASP H 272 14.54 8.00 13.16
C ASP H 272 13.52 7.32 14.06
N GLU H 273 12.83 6.27 13.59
CA GLU H 273 11.74 5.71 14.40
C GLU H 273 12.26 4.99 15.65
N ASN H 274 13.49 4.48 15.61
CA ASN H 274 14.07 3.83 16.78
C ASN H 274 15.05 4.72 17.52
N ALA H 275 15.28 5.95 17.08
CA ALA H 275 16.31 6.79 17.68
C ALA H 275 15.81 7.49 18.93
N ALA H 276 16.67 7.61 19.93
CA ALA H 276 16.38 8.32 21.16
C ALA H 276 17.43 9.41 21.39
N ALA H 277 17.09 10.36 22.27
CA ALA H 277 18.05 11.39 22.64
C ALA H 277 19.01 10.91 23.74
N LEU H 278 18.48 10.26 24.76
CA LEU H 278 19.29 9.70 25.84
C LEU H 278 18.95 8.22 25.96
N SER H 279 19.95 7.36 25.88
CA SER H 279 19.76 5.91 25.95
C SER H 279 20.38 5.37 27.23
N ILE H 280 19.62 4.53 27.93
CA ILE H 280 20.04 3.90 29.17
C ILE H 280 19.98 2.39 29.00
N ASP H 281 20.94 1.69 29.60
CA ASP H 281 20.92 0.24 29.65
C ASP H 281 21.56 -0.19 30.96
N ILE H 282 20.88 -1.04 31.71
CA ILE H 282 21.38 -1.58 32.97
C ILE H 282 21.77 -3.03 32.73
N VAL H 283 23.02 -3.38 33.05
CA VAL H 283 23.55 -4.71 32.79
C VAL H 283 24.25 -5.25 34.04
N LYS H 284 24.57 -6.54 33.97
CA LYS H 284 25.29 -7.26 35.01
C LYS H 284 26.78 -7.25 34.70
N LYS H 285 27.55 -7.91 35.58
CA LYS H 285 28.96 -8.12 35.30
C LYS H 285 29.11 -9.00 34.05
N GLN H 286 30.02 -8.61 33.16
CA GLN H 286 30.17 -9.25 31.86
C GLN H 286 30.95 -10.56 31.87
N LYS H 287 30.82 -11.41 32.90
CA LYS H 287 31.69 -12.58 32.99
C LYS H 287 31.44 -13.38 34.26
N GLY H 288 30.17 -13.61 34.59
CA GLY H 288 29.81 -14.41 35.74
C GLY H 288 28.65 -13.82 36.52
N GLY H 289 28.13 -12.70 36.03
CA GLY H 289 27.04 -12.00 36.67
C GLY H 289 25.78 -12.80 36.82
N LYS H 290 25.18 -12.78 38.00
CA LYS H 290 23.89 -13.42 38.20
C LYS H 290 22.75 -12.49 37.82
N GLY H 291 22.93 -11.20 38.07
CA GLY H 291 21.93 -10.22 37.69
C GLY H 291 22.34 -8.86 38.20
N THR H 292 21.37 -7.95 38.28
CA THR H 292 21.61 -6.64 38.84
C THR H 292 20.30 -6.09 39.37
N ALA H 293 20.37 -5.39 40.50
CA ALA H 293 19.24 -4.71 41.09
C ALA H 293 19.39 -3.19 41.00
N ALA H 294 20.16 -2.71 40.02
CA ALA H 294 20.44 -1.30 39.93
C ALA H 294 19.25 -0.57 39.31
N GLN H 295 19.23 0.75 39.50
CA GLN H 295 18.11 1.57 39.10
C GLN H 295 18.48 2.36 37.86
N GLY H 296 17.46 2.94 37.22
CA GLY H 296 17.66 3.65 35.98
C GLY H 296 17.91 5.13 36.19
N ILE H 297 16.91 5.84 36.70
CA ILE H 297 17.01 7.27 36.94
C ILE H 297 16.62 7.54 38.39
N TYR H 298 17.36 8.44 39.03
CA TYR H 298 17.17 8.80 40.44
C TYR H 298 17.14 10.32 40.48
N ILE H 299 15.94 10.89 40.60
CA ILE H 299 15.76 12.33 40.73
C ILE H 299 15.61 12.65 42.21
N ASN H 300 16.22 13.75 42.64
CA ASN H 300 16.16 14.16 44.03
C ASN H 300 16.54 15.63 44.12
N SER H 301 16.24 16.22 45.27
CA SER H 301 16.60 17.60 45.59
C SER H 301 16.82 17.61 47.11
N THR H 302 18.04 17.20 47.52
CA THR H 302 18.36 17.04 48.93
C THR H 302 18.06 18.30 49.73
N SER H 303 18.13 19.48 49.09
CA SER H 303 17.76 20.72 49.74
C SER H 303 16.28 21.05 49.58
N GLY H 304 15.60 20.47 48.59
CA GLY H 304 14.18 20.70 48.41
C GLY H 304 13.85 21.75 47.36
N THR H 305 13.05 21.36 46.37
CA THR H 305 12.65 22.26 45.30
C THR H 305 11.13 22.44 45.30
N ALA H 306 10.69 23.51 44.63
CA ALA H 306 9.28 23.76 44.37
C ALA H 306 8.89 23.53 42.93
N GLY H 307 9.85 23.45 42.02
CA GLY H 307 9.57 23.20 40.61
C GLY H 307 9.16 21.76 40.36
N LYS H 308 8.91 21.48 39.09
CA LYS H 308 8.41 20.18 38.68
C LYS H 308 9.58 19.22 38.42
N MET H 309 9.50 18.02 39.02
CA MET H 309 10.60 17.06 38.94
C MET H 309 10.77 16.48 37.54
N LEU H 310 9.76 16.62 36.68
CA LEU H 310 9.83 16.11 35.32
C LEU H 310 8.78 16.85 34.51
N ARG H 311 9.17 17.40 33.37
CA ARG H 311 8.26 18.22 32.57
C ARG H 311 8.42 17.86 31.09
N ILE H 312 7.50 17.05 30.59
CA ILE H 312 7.48 16.66 29.19
C ILE H 312 6.69 17.68 28.39
N ARG H 313 7.18 18.01 27.20
CA ARG H 313 6.50 18.94 26.30
C ARG H 313 6.56 18.40 24.88
N ASN H 314 5.83 19.07 23.99
CA ASN H 314 5.80 18.73 22.57
C ASN H 314 5.34 19.97 21.82
N LYS H 315 6.17 20.45 20.90
CA LYS H 315 5.99 21.77 20.27
C LYS H 315 5.66 22.84 21.30
N ASN H 316 6.46 22.85 22.38
CA ASN H 316 6.39 23.84 23.45
C ASN H 316 5.06 23.82 24.21
N GLU H 317 4.18 22.89 23.87
CA GLU H 317 2.90 22.73 24.58
C GLU H 317 3.06 21.63 25.62
N ASP H 318 2.69 21.95 26.87
CA ASP H 318 2.77 20.95 27.93
C ASP H 318 1.93 19.73 27.59
N LYS H 319 2.44 18.55 27.95
CA LYS H 319 1.72 17.31 27.74
C LYS H 319 1.78 16.34 28.91
N PHE H 320 2.77 16.42 29.78
CA PHE H 320 2.87 15.55 30.95
C PHE H 320 3.87 16.16 31.91
N TYR H 321 3.58 16.09 33.22
CA TYR H 321 4.53 16.61 34.18
C TYR H 321 4.34 15.92 35.52
N VAL H 322 5.43 15.80 36.27
CA VAL H 322 5.41 15.38 37.66
C VAL H 322 5.75 16.58 38.52
N GLY H 323 5.02 16.75 39.62
CA GLY H 323 5.25 17.86 40.51
C GLY H 323 6.01 17.43 41.74
N PRO H 324 6.38 18.40 42.59
CA PRO H 324 7.12 18.05 43.82
C PRO H 324 6.31 17.19 44.76
N ASP H 325 4.99 17.34 44.78
CA ASP H 325 4.15 16.50 45.61
C ASP H 325 4.16 15.04 45.15
N GLY H 326 4.55 14.78 43.91
CA GLY H 326 4.45 13.46 43.33
C GLY H 326 3.26 13.26 42.43
N GLY H 327 2.40 14.26 42.27
CA GLY H 327 1.22 14.11 41.45
C GLY H 327 1.47 14.43 40.00
N PHE H 328 1.27 13.44 39.14
CA PHE H 328 1.50 13.58 37.71
C PHE H 328 0.28 14.24 37.06
N HIS H 329 0.38 14.49 35.76
CA HIS H 329 -0.72 15.10 35.01
C HIS H 329 -0.57 14.68 33.55
N SER H 330 -1.35 13.66 33.16
CA SER H 330 -1.33 13.22 31.78
C SER H 330 -2.08 14.22 30.90
N GLY H 331 -2.23 13.86 29.62
CA GLY H 331 -2.75 14.75 28.61
C GLY H 331 -3.95 14.18 27.88
N ALA H 332 -3.91 12.88 27.64
CA ALA H 332 -4.92 12.21 26.83
C ALA H 332 -5.21 10.86 27.47
N ASN H 333 -5.77 9.94 26.68
CA ASN H 333 -6.28 8.68 27.23
C ASN H 333 -5.13 7.73 27.47
N SER H 334 -5.16 7.05 28.62
CA SER H 334 -4.06 6.17 28.96
C SER H 334 -4.50 4.72 29.07
N THR H 335 -3.75 3.93 29.84
CA THR H 335 -3.99 2.50 30.01
C THR H 335 -3.12 2.01 31.14
N VAL H 336 -3.64 1.04 31.89
CA VAL H 336 -2.91 0.37 32.96
C VAL H 336 -3.19 -1.12 32.85
N ALA H 337 -2.16 -1.91 32.56
CA ALA H 337 -2.28 -3.36 32.47
C ALA H 337 -2.37 -3.97 33.87
N GLY H 338 -3.42 -3.55 34.57
CA GLY H 338 -3.62 -3.95 35.95
C GLY H 338 -4.72 -3.12 36.59
N ASN H 339 -4.69 -3.09 37.91
CA ASN H 339 -5.65 -2.36 38.71
C ASN H 339 -4.96 -1.18 39.37
N LEU H 340 -5.63 -0.03 39.42
CA LEU H 340 -5.03 1.19 39.92
C LEU H 340 -5.64 1.50 41.28
N THR H 341 -4.85 1.27 42.33
CA THR H 341 -5.26 1.62 43.68
C THR H 341 -5.32 3.14 43.83
N VAL H 342 -6.49 3.66 44.20
CA VAL H 342 -6.70 5.09 44.39
C VAL H 342 -7.40 5.30 45.74
N LYS H 343 -7.66 6.56 46.05
CA LYS H 343 -8.37 6.93 47.26
C LYS H 343 -9.86 7.11 46.97
N ASP H 344 -10.63 7.25 48.04
CA ASP H 344 -12.08 7.38 47.92
C ASP H 344 -12.46 8.72 47.32
N PRO H 345 -13.37 8.76 46.35
CA PRO H 345 -13.67 10.03 45.66
C PRO H 345 -14.39 11.03 46.56
N THR H 346 -13.72 12.12 46.90
CA THR H 346 -14.32 13.17 47.70
C THR H 346 -14.80 14.37 46.88
N SER H 347 -14.51 14.39 45.58
CA SER H 347 -15.02 15.42 44.68
C SER H 347 -15.88 14.76 43.61
N GLY H 348 -16.29 15.55 42.61
CA GLY H 348 -17.22 15.09 41.60
C GLY H 348 -16.59 14.34 40.44
N LYS H 349 -15.30 14.54 40.23
CA LYS H 349 -14.56 13.90 39.14
C LYS H 349 -13.70 12.74 39.60
N HIS H 350 -13.19 12.79 40.82
CA HIS H 350 -12.36 11.74 41.40
C HIS H 350 -12.88 10.35 41.05
N ALA H 351 -12.00 9.54 40.46
CA ALA H 351 -12.24 8.11 40.26
C ALA H 351 -13.01 7.51 41.43
N ALA H 352 -13.92 6.60 41.11
CA ALA H 352 -14.68 5.87 42.12
C ALA H 352 -13.96 4.56 42.47
N THR H 353 -13.79 4.30 43.76
CA THR H 353 -13.18 3.06 44.20
C THR H 353 -14.19 1.93 44.13
N LYS H 354 -13.99 0.89 44.93
CA LYS H 354 -14.99 -0.14 45.12
C LYS H 354 -15.76 0.03 46.41
N ASP H 355 -15.10 0.51 47.47
CA ASP H 355 -15.80 0.85 48.70
C ASP H 355 -16.69 2.07 48.53
N TYR H 356 -16.69 2.70 47.37
CA TYR H 356 -17.68 3.69 47.00
C TYR H 356 -18.83 3.09 46.18
N VAL H 357 -18.54 2.14 45.30
CA VAL H 357 -19.56 1.57 44.42
C VAL H 357 -20.52 0.70 45.23
N ASP H 358 -20.01 -0.40 45.78
CA ASP H 358 -20.87 -1.32 46.52
C ASP H 358 -21.57 -0.62 47.68
N GLU H 359 -20.85 0.22 48.41
CA GLU H 359 -21.44 0.92 49.55
C GLU H 359 -22.58 1.84 49.11
N LYS H 360 -22.50 2.40 47.90
CA LYS H 360 -23.64 3.15 47.38
C LYS H 360 -24.76 2.21 46.93
N ILE H 361 -24.39 1.03 46.39
CA ILE H 361 -25.40 0.08 45.97
C ILE H 361 -26.21 -0.40 47.17
N ALA H 362 -25.53 -0.78 48.25
CA ALA H 362 -26.22 -1.16 49.48
C ALA H 362 -26.93 0.02 50.12
N GLU H 363 -26.49 1.25 49.84
CA GLU H 363 -27.18 2.43 50.37
C GLU H 363 -28.58 2.55 49.81
N LEU H 364 -28.79 2.11 48.57
CA LEU H 364 -30.12 2.11 47.97
C LEU H 364 -30.95 0.90 48.38
N LYS H 365 -30.31 -0.16 48.88
CA LYS H 365 -31.00 -1.43 49.10
C LYS H 365 -31.85 -1.41 50.37
N LYS H 366 -31.23 -1.09 51.51
CA LYS H 366 -31.95 -1.17 52.78
C LYS H 366 -33.12 -0.21 52.83
N LEU H 367 -33.03 0.94 52.16
CA LEU H 367 -34.14 1.88 52.12
C LEU H 367 -35.36 1.25 51.48
N ILE H 368 -35.25 0.84 50.21
CA ILE H 368 -36.36 0.18 49.53
C ILE H 368 -36.78 -1.06 50.29
N LEU H 369 -35.83 -1.90 50.65
CA LEU H 369 -36.10 -3.12 51.39
C LEU H 369 -36.19 -2.84 52.88
N PRO I 6 242.14 28.72 -45.78
CA PRO I 6 243.38 28.85 -45.01
C PRO I 6 243.51 30.21 -44.33
N LEU I 7 242.57 31.11 -44.60
CA LEU I 7 242.58 32.46 -44.03
C LEU I 7 241.23 32.70 -43.35
N ARG I 8 241.15 32.36 -42.06
CA ARG I 8 240.00 32.73 -41.25
C ARG I 8 239.96 34.25 -41.12
N VAL I 9 238.96 34.88 -41.74
CA VAL I 9 238.87 36.33 -41.85
C VAL I 9 237.96 36.86 -40.75
N GLN I 10 238.41 37.92 -40.09
CA GLN I 10 237.61 38.66 -39.12
C GLN I 10 237.11 39.95 -39.78
N PHE I 11 236.02 40.48 -39.23
CA PHE I 11 235.34 41.62 -39.82
C PHE I 11 235.55 42.85 -38.95
N LYS I 12 235.19 44.01 -39.50
CA LYS I 12 235.27 45.25 -38.74
C LYS I 12 234.19 45.27 -37.68
N ARG I 13 234.56 45.68 -36.46
CA ARG I 13 233.71 45.44 -35.31
C ARG I 13 233.93 46.51 -34.25
N MET I 14 232.84 46.93 -33.63
CA MET I 14 232.82 47.84 -32.50
C MET I 14 231.67 47.39 -31.61
N SER I 15 231.48 48.05 -30.47
CA SER I 15 230.27 47.79 -29.73
C SER I 15 229.06 48.32 -30.51
N ALA I 16 227.89 47.81 -30.15
CA ALA I 16 226.67 48.22 -30.86
C ALA I 16 226.44 49.72 -30.74
N ASP I 17 226.84 50.31 -29.63
CA ASP I 17 226.70 51.75 -29.45
C ASP I 17 227.79 52.52 -30.21
N GLU I 18 229.04 52.05 -30.12
CA GLU I 18 230.14 52.73 -30.81
C GLU I 18 229.90 52.83 -32.31
N TRP I 19 229.16 51.88 -32.88
CA TRP I 19 228.81 51.95 -34.29
C TRP I 19 227.90 53.15 -34.58
N ALA I 20 226.89 53.35 -33.73
CA ALA I 20 225.90 54.39 -33.99
C ALA I 20 226.49 55.79 -34.06
N ARG I 21 227.53 56.07 -33.27
CA ARG I 21 228.14 57.40 -33.27
C ARG I 21 229.41 57.46 -34.11
N SER I 22 229.74 56.41 -34.85
CA SER I 22 230.97 56.34 -35.61
C SER I 22 230.72 56.70 -37.06
N ASP I 23 231.72 57.31 -37.68
CA ASP I 23 231.64 57.79 -39.05
C ASP I 23 232.13 56.77 -40.07
N VAL I 24 232.46 55.56 -39.63
CA VAL I 24 232.99 54.55 -40.55
C VAL I 24 231.88 54.11 -41.49
N ILE I 25 232.16 54.14 -42.80
CA ILE I 25 231.22 53.72 -43.83
C ILE I 25 231.69 52.40 -44.41
N LEU I 26 230.86 51.38 -44.29
CA LEU I 26 231.19 50.08 -44.85
C LEU I 26 231.13 50.15 -46.37
N LEU I 27 232.04 49.41 -47.01
CA LEU I 27 232.08 49.40 -48.47
C LEU I 27 230.91 48.60 -49.03
N GLU I 28 230.65 48.80 -50.32
CA GLU I 28 229.55 48.14 -51.00
C GLU I 28 229.74 46.63 -50.97
N GLY I 29 229.07 45.95 -50.02
CA GLY I 29 229.20 44.53 -49.87
C GLY I 29 229.92 44.10 -48.60
N GLU I 30 230.52 45.04 -47.88
CA GLU I 30 231.30 44.73 -46.69
C GLU I 30 230.40 44.55 -45.47
N ILE I 31 230.77 43.57 -44.64
CA ILE I 31 229.98 43.18 -43.47
C ILE I 31 230.50 43.95 -42.26
N GLY I 32 229.59 44.34 -41.38
CA GLY I 32 229.94 45.04 -40.15
C GLY I 32 229.41 44.30 -38.94
N PHE I 33 230.19 44.32 -37.86
CA PHE I 33 229.91 43.50 -36.69
C PHE I 33 229.60 44.35 -35.47
N GLU I 34 228.74 43.81 -34.61
CA GLU I 34 228.43 44.37 -33.30
C GLU I 34 229.02 43.41 -32.26
N THR I 35 230.09 43.85 -31.59
CA THR I 35 230.81 42.97 -30.67
C THR I 35 229.95 42.49 -29.49
N ASP I 36 228.87 43.19 -29.15
CA ASP I 36 227.99 42.69 -28.10
C ASP I 36 226.83 41.86 -28.68
N THR I 37 225.74 42.54 -29.06
CA THR I 37 224.49 41.96 -29.60
C THR I 37 224.69 40.78 -30.54
N GLY I 38 225.85 40.72 -31.18
CA GLY I 38 226.14 39.70 -32.15
C GLY I 38 225.46 39.86 -33.49
N PHE I 39 224.72 40.95 -33.70
CA PHE I 39 224.07 41.22 -34.98
C PHE I 39 225.11 41.67 -36.00
N ALA I 40 224.69 41.73 -37.26
CA ALA I 40 225.58 42.16 -38.33
C ALA I 40 224.77 42.73 -39.48
N LYS I 41 225.42 43.60 -40.25
CA LYS I 41 224.83 44.18 -41.45
C LYS I 41 225.84 44.18 -42.58
N PHE I 42 225.34 44.43 -43.78
CA PHE I 42 226.16 44.59 -44.96
C PHE I 42 226.52 46.05 -45.09
N GLY I 43 227.06 46.43 -46.23
CA GLY I 43 227.53 47.77 -46.45
C GLY I 43 226.76 48.41 -47.58
N ASP I 44 226.66 49.73 -47.52
CA ASP I 44 226.03 50.49 -48.59
C ASP I 44 227.08 51.36 -49.26
N GLY I 45 228.32 50.96 -49.33
CA GLY I 45 229.39 51.86 -49.69
C GLY I 45 229.21 53.38 -49.58
N GLN I 46 228.12 53.97 -49.00
CA GLN I 46 228.18 55.44 -48.83
C GLN I 46 227.27 55.92 -47.71
N ASN I 47 226.99 55.09 -46.70
CA ASN I 47 226.11 55.46 -45.59
C ASN I 47 226.66 54.89 -44.29
N THR I 48 226.46 55.63 -43.21
CA THR I 48 226.91 55.19 -41.90
C THR I 48 226.12 53.98 -41.41
N PHE I 49 226.66 53.32 -40.39
CA PHE I 49 226.07 52.11 -39.84
C PHE I 49 224.67 52.34 -39.30
N SER I 50 224.39 53.55 -38.80
CA SER I 50 223.12 53.81 -38.12
C SER I 50 221.92 53.61 -39.05
N LYS I 51 222.10 53.82 -40.35
CA LYS I 51 221.01 53.87 -41.33
C LYS I 51 221.01 52.62 -42.21
N LEU I 52 221.39 51.49 -41.64
CA LEU I 52 221.67 50.26 -42.37
C LEU I 52 220.81 49.12 -41.86
N LYS I 53 220.08 48.47 -42.77
CA LYS I 53 219.23 47.34 -42.41
C LYS I 53 220.02 46.26 -41.69
N TYR I 54 219.43 45.70 -40.64
CA TYR I 54 220.03 44.54 -40.00
C TYR I 54 219.87 43.32 -40.91
N LEU I 55 220.60 42.25 -40.58
CA LEU I 55 220.54 41.01 -41.34
C LEU I 55 219.91 39.93 -40.47
N THR I 56 218.59 39.99 -40.33
CA THR I 56 217.83 39.02 -39.57
C THR I 56 217.22 37.97 -40.49
N GLY I 57 216.53 37.01 -39.88
CA GLY I 57 215.71 36.08 -40.62
C GLY I 57 214.36 36.72 -40.81
N PRO I 58 213.37 35.99 -41.33
CA PRO I 58 212.06 36.61 -41.55
C PRO I 58 211.37 36.89 -40.23
N LYS I 59 210.25 37.61 -40.31
CA LYS I 59 209.54 38.01 -39.11
C LYS I 59 208.63 36.90 -38.62
N GLY I 60 208.47 36.84 -37.30
CA GLY I 60 207.68 35.82 -36.66
C GLY I 60 206.20 35.88 -36.96
N PRO I 61 205.47 34.86 -36.53
CA PRO I 61 204.03 34.80 -36.78
C PRO I 61 203.24 35.66 -35.79
N LYS I 62 201.97 35.85 -36.12
CA LYS I 62 201.11 36.67 -35.28
C LYS I 62 200.80 35.94 -33.98
N GLY I 63 200.86 36.67 -32.88
CA GLY I 63 200.60 36.08 -31.57
C GLY I 63 199.19 35.52 -31.47
N ASP I 64 198.99 34.68 -30.47
CA ASP I 64 197.68 34.09 -30.25
C ASP I 64 196.65 35.15 -29.92
N THR I 65 195.40 34.90 -30.32
CA THR I 65 194.32 35.79 -29.96
C THR I 65 194.16 35.77 -28.44
N GLY I 66 193.81 36.92 -27.88
CA GLY I 66 193.72 36.99 -26.43
C GLY I 66 192.60 36.12 -25.89
N LEU I 67 192.59 35.96 -24.58
CA LEU I 67 191.59 35.12 -23.94
C LEU I 67 190.26 35.87 -23.96
N GLN I 68 189.25 35.32 -23.29
CA GLN I 68 187.91 35.85 -23.35
C GLN I 68 187.61 36.66 -22.10
N GLY I 69 186.95 37.80 -22.28
CA GLY I 69 186.67 38.68 -21.16
C GLY I 69 185.80 38.01 -20.13
N LYS I 70 185.90 38.51 -18.90
CA LYS I 70 185.13 37.94 -17.81
C LYS I 70 183.64 38.12 -18.07
N THR I 71 182.86 37.10 -17.73
CA THR I 71 181.43 37.13 -17.98
C THR I 71 180.77 38.23 -17.17
N GLY I 72 179.66 38.75 -17.69
CA GLY I 72 179.02 39.90 -17.09
C GLY I 72 178.41 39.61 -15.73
N GLY I 73 178.23 40.69 -14.98
CA GLY I 73 177.64 40.58 -13.65
C GLY I 73 176.15 40.28 -13.70
N THR I 74 175.67 39.64 -12.64
CA THR I 74 174.24 39.38 -12.50
C THR I 74 173.47 40.70 -12.39
N GLY I 75 172.23 40.67 -12.88
CA GLY I 75 171.44 41.87 -13.01
C GLY I 75 170.94 42.38 -11.67
N PRO I 76 170.21 43.49 -11.71
CA PRO I 76 169.65 44.09 -10.50
C PRO I 76 168.32 43.46 -10.09
N ARG I 77 168.01 43.60 -8.80
CA ARG I 77 166.80 43.03 -8.23
C ARG I 77 165.56 43.60 -8.91
N GLY I 78 164.64 42.72 -9.28
CA GLY I 78 163.41 43.10 -9.93
C GLY I 78 162.54 44.02 -9.11
N PRO I 79 161.54 44.61 -9.76
CA PRO I 79 160.62 45.51 -9.04
C PRO I 79 159.70 44.75 -8.11
N ALA I 80 159.16 45.48 -7.14
CA ALA I 80 158.24 44.88 -6.19
C ALA I 80 156.88 44.66 -6.84
N GLY I 81 156.18 43.62 -6.39
CA GLY I 81 154.85 43.37 -6.90
C GLY I 81 153.88 44.46 -6.48
N LYS I 82 152.85 44.67 -7.28
CA LYS I 82 151.86 45.66 -6.90
C LYS I 82 151.08 45.20 -5.69
N PRO I 83 150.63 46.14 -4.85
CA PRO I 83 149.96 45.78 -3.60
C PRO I 83 148.54 45.28 -3.82
N GLY I 84 148.01 44.69 -2.75
CA GLY I 84 146.65 44.21 -2.74
C GLY I 84 145.65 45.32 -2.98
N THR I 85 144.40 44.93 -3.19
CA THR I 85 143.33 45.86 -3.52
C THR I 85 142.49 46.21 -2.30
N THR I 86 141.90 47.40 -2.34
CA THR I 86 141.13 47.95 -1.24
C THR I 86 139.65 48.07 -1.60
N ASP I 87 139.19 47.25 -2.53
CA ASP I 87 137.79 47.16 -2.90
C ASP I 87 137.17 45.91 -2.30
N TYR I 88 135.99 46.07 -1.70
CA TYR I 88 135.25 44.90 -1.23
C TYR I 88 135.02 43.92 -2.38
N ASP I 89 134.60 44.45 -3.54
CA ASP I 89 134.21 43.60 -4.66
C ASP I 89 135.38 42.76 -5.17
N GLN I 90 136.59 43.33 -5.17
CA GLN I 90 137.77 42.63 -5.67
C GLN I 90 138.47 41.78 -4.62
N LEU I 91 138.01 41.79 -3.37
CA LEU I 91 138.62 40.97 -2.34
C LEU I 91 138.53 39.49 -2.67
N GLN I 92 139.35 38.70 -1.99
CA GLN I 92 139.30 37.25 -2.09
C GLN I 92 138.52 36.68 -0.90
N ASN I 93 138.03 35.46 -1.08
CA ASN I 93 137.22 34.77 -0.06
C ASN I 93 136.05 35.65 0.39
N LYS I 94 135.44 36.36 -0.56
CA LYS I 94 134.31 37.22 -0.25
C LYS I 94 133.12 36.40 0.24
N PRO I 95 132.45 36.82 1.31
CA PRO I 95 131.30 36.07 1.81
C PRO I 95 130.06 36.26 0.95
N ASP I 96 129.28 35.19 0.81
CA ASP I 96 128.04 35.23 0.05
C ASP I 96 126.95 35.91 0.88
N LEU I 97 126.48 37.06 0.42
CA LEU I 97 125.41 37.77 1.12
C LEU I 97 124.03 37.25 0.76
N GLY I 98 123.91 36.48 -0.32
CA GLY I 98 122.61 35.97 -0.73
C GLY I 98 121.95 35.11 0.32
N ALA I 99 122.73 34.32 1.05
CA ALA I 99 122.19 33.38 2.04
C ALA I 99 121.73 34.04 3.32
N PHE I 100 121.52 35.36 3.32
CA PHE I 100 121.07 36.09 4.50
C PHE I 100 119.70 36.70 4.22
N ALA I 101 118.80 36.58 5.19
CA ALA I 101 117.46 37.11 5.01
C ALA I 101 117.50 38.63 5.12
N GLN I 102 116.87 39.31 4.17
CA GLN I 102 116.79 40.76 4.24
C GLN I 102 115.91 41.19 5.40
N LYS I 103 116.28 42.32 5.99
CA LYS I 103 115.59 42.80 7.19
C LYS I 103 114.17 43.25 6.87
N GLU I 104 114.03 44.20 5.94
CA GLU I 104 112.73 44.81 5.68
C GLU I 104 111.73 43.80 5.14
N GLU I 105 112.16 42.98 4.17
CA GLU I 105 111.26 41.97 3.61
C GLU I 105 110.82 40.96 4.66
N THR I 106 111.72 40.60 5.59
CA THR I 106 111.39 39.58 6.57
C THR I 106 110.50 40.11 7.68
N ASN I 107 110.89 41.23 8.31
CA ASN I 107 110.06 41.80 9.36
C ASN I 107 108.68 42.18 8.86
N SER I 108 108.55 42.42 7.56
CA SER I 108 107.21 42.60 7.00
C SER I 108 106.52 41.25 6.86
N LYS I 109 107.24 40.25 6.33
CA LYS I 109 106.69 38.89 6.22
C LYS I 109 106.23 38.36 7.57
N ILE I 110 107.01 38.61 8.63
CA ILE I 110 106.63 38.15 9.96
C ILE I 110 105.39 38.89 10.44
N THR I 111 105.33 40.19 10.15
CA THR I 111 104.17 40.99 10.54
C THR I 111 102.88 40.46 9.90
N LYS I 112 102.96 40.04 8.63
CA LYS I 112 101.79 39.44 7.99
C LYS I 112 101.26 38.24 8.77
N LEU I 113 102.15 37.52 9.47
CA LEU I 113 101.71 36.32 10.19
C LEU I 113 101.00 36.63 11.50
N GLU I 114 101.61 37.47 12.35
CA GLU I 114 100.99 37.77 13.64
C GLU I 114 99.69 38.53 13.50
N SER I 115 99.50 39.25 12.39
CA SER I 115 98.28 40.01 12.18
C SER I 115 97.19 39.23 11.46
N SER I 116 97.55 38.26 10.63
CA SER I 116 96.58 37.53 9.83
C SER I 116 96.14 36.20 10.45
N LYS I 117 96.78 35.76 11.53
CA LYS I 117 96.50 34.47 12.11
C LYS I 117 95.90 34.63 13.51
N ALA I 118 95.22 33.57 13.93
CA ALA I 118 94.30 33.59 15.07
C ALA I 118 95.01 33.10 16.32
N ASP I 119 95.44 34.04 17.16
CA ASP I 119 96.00 33.72 18.47
C ASP I 119 95.18 32.63 19.15
N LYS I 120 95.86 31.74 19.86
CA LYS I 120 95.17 30.64 20.54
C LYS I 120 94.19 31.14 21.58
N SER I 121 94.54 32.21 22.29
CA SER I 121 93.73 32.71 23.40
C SER I 121 92.43 33.36 22.96
N ALA I 122 92.14 33.40 21.65
CA ALA I 122 90.94 34.06 21.15
C ALA I 122 90.06 33.13 20.32
N VAL I 123 90.18 31.82 20.50
CA VAL I 123 89.40 30.84 19.77
C VAL I 123 89.14 29.64 20.68
N TYR I 124 87.93 29.10 20.61
CA TYR I 124 87.64 27.86 21.30
C TYR I 124 88.34 26.71 20.59
N SER I 125 88.97 25.84 21.37
CA SER I 125 89.63 24.67 20.79
C SER I 125 88.60 23.73 20.16
N LYS I 126 89.12 22.69 19.52
CA LYS I 126 88.24 21.66 18.98
C LYS I 126 87.47 20.96 20.09
N ALA I 127 88.15 20.62 21.19
CA ALA I 127 87.48 19.94 22.29
C ALA I 127 86.57 20.88 23.06
N GLU I 128 86.95 22.16 23.19
CA GLU I 128 86.04 23.14 23.78
C GLU I 128 84.84 23.37 22.87
N SER I 129 85.08 23.45 21.56
CA SER I 129 83.95 23.53 20.63
C SER I 129 83.02 22.34 20.79
N LYS I 130 83.58 21.14 20.98
CA LYS I 130 82.73 19.97 21.18
C LYS I 130 81.93 20.09 22.48
N ILE I 131 82.60 20.49 23.57
CA ILE I 131 81.93 20.51 24.87
C ILE I 131 80.73 21.45 24.86
N GLU I 132 80.83 22.58 24.16
CA GLU I 132 79.71 23.50 24.06
C GLU I 132 78.71 23.08 22.99
N LEU I 133 79.14 22.33 21.97
CA LEU I 133 78.20 21.88 20.94
C LEU I 133 77.28 20.79 21.49
N ASP I 134 77.84 19.80 22.19
CA ASP I 134 77.02 18.70 22.69
C ASP I 134 76.09 19.10 23.81
N LYS I 135 76.31 20.25 24.46
CA LYS I 135 75.37 20.78 25.44
C LYS I 135 74.16 21.45 24.79
N LYS I 136 74.07 21.43 23.46
CA LYS I 136 72.99 22.05 22.72
C LYS I 136 72.17 20.98 22.01
N LEU I 137 70.85 21.15 22.03
CA LEU I 137 69.95 20.14 21.47
C LEU I 137 70.08 20.07 19.95
N SER I 138 70.05 18.84 19.43
CA SER I 138 70.10 18.54 18.01
C SER I 138 68.72 18.19 17.49
N LEU I 139 68.58 18.19 16.16
CA LEU I 139 67.31 17.90 15.52
C LEU I 139 67.00 16.41 15.44
N THR I 140 67.97 15.53 15.76
CA THR I 140 67.74 14.10 15.74
C THR I 140 67.25 13.54 17.06
N GLY I 141 67.20 14.35 18.12
CA GLY I 141 66.77 13.85 19.41
C GLY I 141 67.52 14.49 20.55
N GLY I 142 67.20 14.13 21.79
CA GLY I 142 67.92 14.68 22.91
C GLY I 142 67.21 14.38 24.21
N ILE I 143 67.83 14.87 25.29
CA ILE I 143 67.35 14.66 26.65
C ILE I 143 67.42 15.99 27.37
N VAL I 144 66.27 16.61 27.56
CA VAL I 144 66.17 17.94 28.17
C VAL I 144 66.10 17.79 29.68
N THR I 145 66.96 18.52 30.38
CA THR I 145 66.96 18.49 31.84
C THR I 145 66.22 19.67 32.46
N GLY I 146 66.07 20.79 31.74
CA GLY I 146 65.41 21.96 32.27
C GLY I 146 63.99 22.12 31.73
N GLN I 147 63.46 23.33 31.92
CA GLN I 147 62.12 23.70 31.50
C GLN I 147 62.21 24.49 30.19
N LEU I 148 61.55 24.00 29.15
CA LEU I 148 61.53 24.66 27.84
C LEU I 148 60.32 25.57 27.77
N GLN I 149 60.55 26.87 27.98
CA GLN I 149 59.47 27.85 27.92
C GLN I 149 59.21 28.28 26.47
N PHE I 150 57.96 28.62 26.20
CA PHE I 150 57.57 29.26 24.95
C PHE I 150 57.00 30.65 25.25
N LYS I 151 57.53 31.66 24.56
CA LYS I 151 57.07 33.04 24.73
C LYS I 151 57.07 33.75 23.38
N PRO I 152 56.31 33.24 22.41
CA PRO I 152 56.30 33.85 21.08
C PRO I 152 55.71 35.25 21.06
N ASN I 153 56.19 36.06 20.11
CA ASN I 153 55.76 37.45 19.98
C ASN I 153 56.09 37.89 18.56
N LYS I 154 55.04 38.17 17.77
CA LYS I 154 55.18 38.54 16.36
C LYS I 154 56.03 37.53 15.60
N SER I 155 55.94 36.27 15.99
CA SER I 155 56.68 35.20 15.33
C SER I 155 55.88 34.53 14.23
N GLY I 156 54.75 35.12 13.85
CA GLY I 156 53.88 34.56 12.85
C GLY I 156 53.30 33.25 13.30
N ILE I 157 52.78 33.21 14.53
CA ILE I 157 52.10 32.02 15.02
C ILE I 157 50.68 32.03 14.47
N LYS I 158 50.38 31.10 13.67
CA LYS I 158 49.07 31.09 13.05
C LYS I 158 48.11 30.18 13.81
N PRO I 159 46.81 30.45 13.74
CA PRO I 159 45.81 29.64 14.44
C PRO I 159 45.38 28.40 13.66
N SER I 160 46.00 28.13 12.52
CA SER I 160 45.61 27.03 11.66
C SER I 160 45.60 25.71 12.40
N SER I 161 44.57 24.91 12.15
CA SER I 161 44.48 23.56 12.68
C SER I 161 45.31 22.58 11.87
N SER I 162 46.14 23.07 10.96
CA SER I 162 46.93 22.25 10.05
C SER I 162 48.43 22.55 10.11
N VAL I 163 48.80 23.83 10.27
CA VAL I 163 50.21 24.21 10.33
C VAL I 163 50.54 25.10 11.51
N GLY I 164 49.59 25.82 12.09
CA GLY I 164 49.89 26.82 13.09
C GLY I 164 50.24 26.24 14.45
N GLY I 165 50.15 27.08 15.46
CA GLY I 165 50.49 26.70 16.81
C GLY I 165 51.95 26.95 17.12
N ALA I 166 52.26 27.34 18.36
CA ALA I 166 53.66 27.50 18.73
C ALA I 166 54.43 26.21 18.52
N ILE I 167 53.81 25.07 18.83
CA ILE I 167 54.28 23.76 18.39
C ILE I 167 53.25 23.20 17.42
N ASN I 168 53.73 22.58 16.33
CA ASN I 168 52.86 21.88 15.39
C ASN I 168 53.47 20.50 15.14
N ILE I 169 52.72 19.46 15.47
CA ILE I 169 53.15 18.08 15.25
C ILE I 169 52.34 17.50 14.10
N ASP I 170 53.03 16.94 13.11
CA ASP I 170 52.42 16.33 11.94
C ASP I 170 52.93 14.89 11.84
N MET I 171 52.04 13.92 12.06
CA MET I 171 52.40 12.51 12.01
C MET I 171 51.88 11.82 10.76
N SER I 172 51.57 12.60 9.71
CA SER I 172 51.08 12.00 8.47
C SER I 172 52.10 11.10 7.80
N LYS I 173 53.38 11.18 8.18
CA LYS I 173 54.43 10.42 7.51
C LYS I 173 55.23 9.57 8.48
N SER I 174 54.70 9.29 9.67
CA SER I 174 55.48 8.59 10.69
C SER I 174 54.57 7.72 11.53
N GLU I 175 54.95 6.46 11.73
CA GLU I 175 54.31 5.62 12.73
C GLU I 175 54.44 6.27 14.10
N GLY I 176 53.53 5.90 15.00
CA GLY I 176 53.64 6.35 16.38
C GLY I 176 52.70 7.48 16.73
N ALA I 177 52.87 7.97 17.95
CA ALA I 177 52.04 9.00 18.55
C ALA I 177 52.69 10.38 18.40
N ALA I 178 51.86 11.41 18.49
CA ALA I 178 52.35 12.78 18.41
C ALA I 178 53.05 13.19 19.70
N MET I 179 52.38 13.02 20.85
CA MET I 179 52.94 13.44 22.13
C MET I 179 52.48 12.47 23.21
N VAL I 180 53.37 12.23 24.19
CA VAL I 180 53.08 11.35 25.32
C VAL I 180 53.50 12.02 26.62
N MET I 181 52.62 11.95 27.63
CA MET I 181 52.90 12.44 28.98
C MET I 181 52.73 11.28 29.97
N TYR I 182 53.84 10.83 30.57
CA TYR I 182 53.81 9.70 31.48
C TYR I 182 54.23 10.15 32.89
N THR I 183 53.58 9.58 33.89
CA THR I 183 53.97 9.75 35.29
C THR I 183 53.70 8.47 36.06
N ASN I 184 54.71 8.00 36.79
CA ASN I 184 54.55 6.87 37.70
C ASN I 184 54.76 7.28 39.16
N LYS I 185 54.60 8.57 39.46
CA LYS I 185 54.88 9.08 40.79
C LYS I 185 53.78 8.69 41.77
N ASP I 186 54.18 8.43 43.02
CA ASP I 186 53.19 8.11 44.04
C ASP I 186 52.31 9.31 44.35
N THR I 187 52.90 10.50 44.44
CA THR I 187 52.17 11.75 44.61
C THR I 187 53.01 12.88 44.03
N THR I 188 52.35 13.99 43.74
CA THR I 188 53.01 15.20 43.27
C THR I 188 52.17 16.39 43.73
N ASP I 189 52.50 17.57 43.22
CA ASP I 189 51.80 18.80 43.60
C ASP I 189 51.08 19.44 42.42
N GLY I 190 50.85 18.69 41.34
CA GLY I 190 50.17 19.22 40.19
C GLY I 190 49.87 18.18 39.13
N PRO I 191 48.96 18.52 38.20
CA PRO I 191 48.58 17.59 37.14
C PRO I 191 49.65 17.42 36.07
N LEU I 192 49.26 16.85 34.94
CA LEU I 192 50.14 16.73 33.78
C LEU I 192 49.92 17.90 32.84
N MET I 193 48.88 17.82 32.02
CA MET I 193 48.52 18.90 31.12
C MET I 193 47.61 19.90 31.81
N ILE I 194 47.78 21.18 31.48
CA ILE I 194 47.03 22.27 32.11
C ILE I 194 46.68 23.29 31.04
N LEU I 195 45.40 23.64 30.92
CA LEU I 195 44.93 24.72 30.07
C LEU I 195 44.27 25.79 30.93
N ARG I 196 44.53 27.06 30.61
CA ARG I 196 44.02 28.15 31.41
C ARG I 196 43.84 29.42 30.57
N SER I 197 42.66 30.03 30.68
CA SER I 197 42.40 31.36 30.14
C SER I 197 41.93 32.26 31.27
N ASP I 198 42.50 33.46 31.36
CA ASP I 198 42.23 34.38 32.47
C ASP I 198 41.42 35.61 32.11
N LYS I 199 41.33 35.97 30.83
CA LYS I 199 40.60 37.16 30.41
C LYS I 199 39.16 36.80 30.13
N ASP I 200 38.23 37.42 30.88
CA ASP I 200 36.82 37.12 30.68
C ASP I 200 36.29 37.61 29.34
N THR I 201 37.12 38.21 28.50
CA THR I 201 36.78 38.53 27.12
C THR I 201 37.31 37.51 26.12
N PHE I 202 37.91 36.41 26.59
CA PHE I 202 38.57 35.47 25.69
C PHE I 202 37.57 34.81 24.74
N ASP I 203 37.68 35.13 23.46
CA ASP I 203 36.68 34.74 22.46
C ASP I 203 37.00 33.42 21.76
N GLN I 204 37.69 32.49 22.42
CA GLN I 204 38.02 31.24 21.76
C GLN I 204 37.98 30.09 22.75
N SER I 205 38.03 28.88 22.21
CA SER I 205 38.00 27.66 23.00
C SER I 205 39.37 27.40 23.62
N ALA I 206 39.39 26.49 24.60
CA ALA I 206 40.66 26.07 25.17
C ALA I 206 41.27 24.91 24.40
N GLN I 207 40.46 23.90 24.09
CA GLN I 207 40.90 22.75 23.32
C GLN I 207 39.88 22.49 22.22
N PHE I 208 40.36 22.10 21.03
CA PHE I 208 39.50 21.91 19.88
C PHE I 208 39.91 20.64 19.17
N VAL I 209 38.92 19.78 18.87
CA VAL I 209 39.16 18.47 18.28
C VAL I 209 38.31 18.35 17.02
N ASP I 210 38.96 18.36 15.86
CA ASP I 210 38.29 18.20 14.57
C ASP I 210 38.56 16.77 14.09
N TYR I 211 37.82 15.83 14.66
CA TYR I 211 38.07 14.41 14.42
C TYR I 211 37.18 13.88 13.30
N SER I 212 37.79 13.12 12.39
CA SER I 212 37.09 12.27 11.44
C SER I 212 37.78 10.92 11.43
N GLY I 213 37.00 9.85 11.63
CA GLY I 213 37.62 8.53 11.74
C GLY I 213 36.67 7.37 11.97
N LYS I 214 37.19 6.30 12.58
CA LYS I 214 36.47 5.03 12.67
C LYS I 214 36.44 4.49 14.10
N THR I 215 36.67 5.32 15.11
CA THR I 215 36.60 4.87 16.49
C THR I 215 36.32 6.07 17.38
N ASN I 216 36.41 5.86 18.70
CA ASN I 216 36.11 6.90 19.66
C ASN I 216 37.09 8.06 19.50
N ALA I 217 36.56 9.28 19.36
CA ALA I 217 37.43 10.43 19.15
C ALA I 217 38.32 10.67 20.37
N VAL I 218 37.73 11.07 21.49
CA VAL I 218 38.45 11.20 22.75
C VAL I 218 37.95 10.11 23.69
N ASN I 219 38.88 9.48 24.40
CA ASN I 219 38.56 8.31 25.22
C ASN I 219 39.27 8.45 26.55
N ILE I 220 38.50 8.45 27.64
CA ILE I 220 38.99 8.63 28.99
C ILE I 220 38.74 7.34 29.77
N VAL I 221 39.73 6.91 30.55
CA VAL I 221 39.65 5.63 31.23
C VAL I 221 40.17 5.78 32.65
N MET I 222 39.34 5.43 33.63
CA MET I 222 39.78 5.16 34.99
C MET I 222 39.90 3.65 35.15
N ARG I 223 41.04 3.20 35.63
CA ARG I 223 41.28 1.78 35.77
C ARG I 223 40.83 1.31 37.14
N GLN I 224 40.61 0.01 37.25
CA GLN I 224 40.09 -0.55 38.50
C GLN I 224 41.13 -0.34 39.59
N PRO I 225 40.87 0.52 40.58
CA PRO I 225 41.88 0.81 41.59
C PRO I 225 42.03 -0.30 42.61
N SER I 226 43.14 -0.24 43.35
CA SER I 226 43.36 -1.20 44.43
C SER I 226 42.26 -1.07 45.48
N ALA I 227 42.06 0.14 46.00
CA ALA I 227 40.94 0.40 46.90
C ALA I 227 39.97 1.36 46.24
N PRO I 228 38.69 1.02 46.14
CA PRO I 228 37.73 1.96 45.54
C PRO I 228 37.59 3.22 46.38
N ASN I 229 37.24 4.32 45.71
CA ASN I 229 37.11 5.63 46.34
C ASN I 229 36.27 6.51 45.42
N PHE I 230 35.91 7.68 45.92
CA PHE I 230 35.10 8.61 45.13
C PHE I 230 36.01 9.42 44.21
N SER I 231 36.20 8.90 43.00
CA SER I 231 36.99 9.57 41.98
C SER I 231 36.30 9.36 40.64
N SER I 232 36.10 10.45 39.89
CA SER I 232 35.44 10.39 38.60
C SER I 232 36.43 10.61 37.47
N ALA I 233 36.17 9.96 36.33
CA ALA I 233 37.05 10.09 35.18
C ALA I 233 36.90 11.44 34.48
N LEU I 234 35.73 12.09 34.63
CA LEU I 234 35.50 13.39 34.00
C LEU I 234 34.52 14.17 34.84
N ASN I 235 34.85 15.44 35.12
CA ASN I 235 34.01 16.31 35.92
C ASN I 235 33.84 17.65 35.22
N ILE I 236 32.60 18.11 35.14
CA ILE I 236 32.26 19.38 34.51
C ILE I 236 31.71 20.31 35.58
N THR I 237 32.05 21.59 35.48
CA THR I 237 31.58 22.59 36.43
C THR I 237 31.49 23.93 35.73
N SER I 238 30.38 24.64 35.92
CA SER I 238 30.14 25.91 35.27
C SER I 238 29.66 26.94 36.29
N ALA I 239 30.13 28.18 36.14
CA ALA I 239 29.65 29.28 36.95
C ALA I 239 29.07 30.39 36.08
N ASN I 240 28.87 30.13 34.79
CA ASN I 240 28.24 31.07 33.88
C ASN I 240 26.76 30.72 33.82
N GLU I 241 25.92 31.57 34.41
CA GLU I 241 24.50 31.28 34.55
C GLU I 241 23.73 31.35 33.23
N GLY I 242 24.34 31.85 32.16
CA GLY I 242 23.67 31.99 30.89
C GLY I 242 23.91 30.89 29.88
N GLY I 243 24.50 29.77 30.29
CA GLY I 243 24.79 28.70 29.35
C GLY I 243 24.85 27.36 30.02
N SER I 244 24.47 26.32 29.26
CA SER I 244 24.53 24.96 29.76
C SER I 244 25.95 24.60 30.16
N ALA I 245 26.06 23.63 31.08
CA ALA I 245 27.39 23.16 31.46
C ALA I 245 27.99 22.27 30.39
N MET I 246 27.16 21.62 29.58
CA MET I 246 27.64 20.68 28.59
C MET I 246 26.62 20.57 27.46
N GLN I 247 27.13 20.30 26.25
CA GLN I 247 26.30 20.19 25.06
C GLN I 247 26.59 18.90 24.33
N ILE I 248 25.54 18.15 23.99
CA ILE I 248 25.65 16.93 23.20
C ILE I 248 24.60 17.00 22.10
N ARG I 249 25.04 16.84 20.84
CA ARG I 249 24.13 16.79 19.70
C ARG I 249 24.46 15.57 18.84
N GLY I 250 23.42 14.93 18.32
CA GLY I 250 23.61 13.74 17.51
C GLY I 250 22.56 13.60 16.44
N VAL I 251 22.86 12.76 15.45
CA VAL I 251 21.96 12.49 14.34
C VAL I 251 21.86 10.98 14.13
N GLU I 252 21.78 10.24 15.23
CA GLU I 252 21.83 8.78 15.20
C GLU I 252 20.59 8.21 14.50
N LYS I 253 20.77 7.05 13.86
CA LYS I 253 19.65 6.41 13.17
C LYS I 253 18.77 5.62 14.14
N ALA I 254 19.36 4.61 14.80
CA ALA I 254 18.62 3.86 15.83
C ALA I 254 19.60 3.61 16.97
N LEU I 255 19.55 4.48 17.97
CA LEU I 255 20.48 4.55 19.10
C LEU I 255 20.26 5.86 19.83
N GLY I 256 20.64 5.91 21.11
CA GLY I 256 20.57 7.15 21.85
C GLY I 256 21.82 7.99 21.60
N THR I 257 21.62 9.31 21.55
CA THR I 257 22.75 10.22 21.38
C THR I 257 23.79 10.00 22.47
N LEU I 258 23.36 10.03 23.73
CA LEU I 258 24.21 9.72 24.87
C LEU I 258 23.76 8.39 25.46
N LYS I 259 24.65 7.41 25.47
CA LYS I 259 24.36 6.07 25.95
C LYS I 259 25.00 5.87 27.33
N ILE I 260 24.16 5.72 28.35
CA ILE I 260 24.61 5.47 29.73
C ILE I 260 24.38 3.99 30.05
N THR I 261 25.39 3.36 30.66
CA THR I 261 25.29 1.97 31.07
C THR I 261 25.93 1.78 32.43
N HIS I 262 25.35 0.90 33.23
CA HIS I 262 25.89 0.54 34.53
C HIS I 262 26.14 -0.96 34.56
N GLU I 263 27.40 -1.33 34.68
CA GLU I 263 27.79 -2.73 34.85
C GLU I 263 27.87 -3.02 36.33
N ASN I 264 27.25 -4.11 36.75
CA ASN I 264 27.31 -4.48 38.16
C ASN I 264 28.75 -4.83 38.53
N PRO I 265 29.33 -4.19 39.54
CA PRO I 265 30.70 -4.57 39.95
C PRO I 265 30.82 -6.01 40.37
N ASN I 266 29.74 -6.64 40.80
CA ASN I 266 29.75 -7.99 41.32
C ASN I 266 28.87 -8.90 40.47
N VAL I 267 29.11 -10.20 40.61
CA VAL I 267 28.26 -11.18 39.97
C VAL I 267 26.93 -11.26 40.71
N GLU I 268 26.94 -10.96 42.00
CA GLU I 268 25.75 -11.08 42.82
C GLU I 268 24.73 -10.01 42.43
N ALA I 269 23.50 -10.43 42.22
CA ALA I 269 22.48 -9.56 41.62
C ALA I 269 22.13 -8.38 42.51
N LYS I 270 22.34 -8.47 43.82
CA LYS I 270 21.88 -7.46 44.76
C LYS I 270 23.02 -6.61 45.31
N TYR I 271 24.16 -6.58 44.61
CA TYR I 271 25.27 -5.72 45.03
C TYR I 271 24.96 -4.25 44.78
N ASP I 272 24.43 -3.94 43.60
CA ASP I 272 24.18 -2.57 43.15
C ASP I 272 22.76 -2.09 43.42
N GLU I 273 22.17 -2.41 44.58
CA GLU I 273 20.76 -2.10 44.78
C GLU I 273 20.51 -0.60 44.92
N ASN I 274 21.51 0.18 45.33
CA ASN I 274 21.36 1.63 45.43
C ASN I 274 21.91 2.36 44.21
N ALA I 275 22.44 1.64 43.24
CA ALA I 275 23.07 2.27 42.09
C ALA I 275 22.04 2.64 41.05
N ALA I 276 22.24 3.79 40.42
CA ALA I 276 21.40 4.25 39.32
C ALA I 276 22.27 4.50 38.10
N ALA I 277 21.62 4.59 36.94
CA ALA I 277 22.35 4.94 35.73
C ALA I 277 22.57 6.45 35.64
N LEU I 278 21.54 7.22 35.95
CA LEU I 278 21.63 8.69 35.98
C LEU I 278 21.19 9.18 37.36
N SER I 279 22.04 9.97 38.00
CA SER I 279 21.77 10.53 39.31
C SER I 279 21.58 12.04 39.17
N ILE I 280 20.50 12.56 39.76
CA ILE I 280 20.16 13.97 39.70
C ILE I 280 20.06 14.51 41.12
N ASP I 281 20.48 15.76 41.31
CA ASP I 281 20.30 16.45 42.58
C ASP I 281 20.06 17.92 42.29
N ILE I 282 19.00 18.47 42.85
CA ILE I 282 18.67 19.89 42.74
C ILE I 282 18.95 20.53 44.10
N VAL I 283 19.77 21.58 44.10
CA VAL I 283 20.18 22.22 45.34
C VAL I 283 20.00 23.73 45.22
N LYS I 284 20.12 24.40 46.36
CA LYS I 284 20.06 25.85 46.43
C LYS I 284 21.48 26.41 46.32
N LYS I 285 21.59 27.74 46.35
CA LYS I 285 22.92 28.36 46.36
C LYS I 285 23.64 27.98 47.65
N GLN I 286 24.92 27.60 47.52
CA GLN I 286 25.68 27.08 48.66
C GLN I 286 26.26 28.11 49.61
N LYS I 287 25.64 29.28 49.75
CA LYS I 287 26.30 30.42 50.41
C LYS I 287 25.39 31.64 50.45
N GLY I 288 24.12 31.42 50.77
CA GLY I 288 23.15 32.48 50.93
C GLY I 288 21.83 32.14 50.29
N GLY I 289 21.77 30.94 49.69
CA GLY I 289 20.57 30.48 49.01
C GLY I 289 19.38 30.33 49.93
N LYS I 290 18.24 30.87 49.54
CA LYS I 290 17.00 30.67 50.28
C LYS I 290 16.28 29.40 49.83
N GLY I 291 16.40 29.05 48.56
CA GLY I 291 15.82 27.83 48.06
C GLY I 291 16.04 27.73 46.57
N THR I 292 15.25 26.89 45.91
CA THR I 292 15.32 26.75 44.47
C THR I 292 13.97 26.27 43.95
N ALA I 293 13.60 26.77 42.77
CA ALA I 293 12.42 26.33 42.06
C ALA I 293 12.79 25.55 40.80
N ALA I 294 13.96 24.92 40.81
CA ALA I 294 14.48 24.28 39.61
C ALA I 294 13.80 22.94 39.38
N GLN I 295 13.92 22.47 38.15
CA GLN I 295 13.26 21.27 37.66
C GLN I 295 14.28 20.16 37.47
N GLY I 296 13.77 18.95 37.30
CA GLY I 296 14.65 17.79 37.18
C GLY I 296 15.00 17.47 35.75
N ILE I 297 14.02 17.06 34.96
CA ILE I 297 14.22 16.72 33.56
C ILE I 297 13.21 17.51 32.72
N TYR I 298 13.67 18.01 31.58
CA TYR I 298 12.84 18.81 30.68
C TYR I 298 13.00 18.20 29.29
N ILE I 299 12.01 17.43 28.88
CA ILE I 299 11.95 16.82 27.56
C ILE I 299 11.08 17.69 26.68
N ASN I 300 11.46 17.86 25.42
CA ASN I 300 10.69 18.68 24.50
C ASN I 300 11.08 18.30 23.08
N SER I 301 10.29 18.79 22.12
CA SER I 301 10.54 18.58 20.71
C SER I 301 10.08 19.85 19.97
N THR I 302 10.97 20.86 19.98
CA THR I 302 10.63 22.17 19.45
C THR I 302 10.15 22.12 18.00
N SER I 303 10.62 21.13 17.24
CA SER I 303 10.15 20.94 15.87
C SER I 303 8.92 20.05 15.78
N GLY I 304 8.67 19.24 16.80
CA GLY I 304 7.53 18.34 16.80
C GLY I 304 7.95 16.95 16.42
N THR I 305 7.66 15.97 17.28
CA THR I 305 8.04 14.59 17.05
C THR I 305 6.82 13.70 16.92
N ALA I 306 7.04 12.53 16.32
CA ALA I 306 6.03 11.49 16.25
C ALA I 306 6.32 10.31 17.16
N GLY I 307 7.56 10.15 17.63
CA GLY I 307 7.91 9.08 18.53
C GLY I 307 7.42 9.31 19.95
N LYS I 308 7.73 8.34 20.80
CA LYS I 308 7.31 8.35 22.19
C LYS I 308 8.36 9.07 23.03
N MET I 309 7.91 10.01 23.88
CA MET I 309 8.84 10.85 24.62
C MET I 309 9.64 10.09 25.67
N LEU I 310 9.18 8.91 26.09
CA LEU I 310 9.90 8.12 27.09
C LEU I 310 9.37 6.69 27.01
N ARG I 311 10.27 5.73 26.97
CA ARG I 311 9.89 4.32 26.80
C ARG I 311 10.72 3.47 27.77
N ILE I 312 10.08 3.03 28.85
CA ILE I 312 10.74 2.19 29.85
C ILE I 312 10.65 0.73 29.40
N ARG I 313 11.78 0.02 29.52
CA ARG I 313 11.85 -1.40 29.10
C ARG I 313 12.70 -2.21 30.10
N ASN I 314 12.48 -3.53 30.12
CA ASN I 314 13.22 -4.45 30.97
C ASN I 314 13.20 -5.81 30.29
N LYS I 315 14.40 -6.38 30.09
CA LYS I 315 14.58 -7.54 29.21
C LYS I 315 13.90 -7.33 27.86
N ASN I 316 14.14 -6.14 27.28
CA ASN I 316 13.64 -5.77 25.95
C ASN I 316 12.11 -5.73 25.92
N GLU I 317 11.47 -5.97 27.06
CA GLU I 317 10.02 -5.96 27.17
C GLU I 317 9.54 -4.61 27.66
N ASP I 318 8.62 -3.99 26.92
CA ASP I 318 8.04 -2.73 27.34
C ASP I 318 7.39 -2.87 28.70
N LYS I 319 7.51 -1.83 29.52
CA LYS I 319 6.86 -1.81 30.82
C LYS I 319 6.18 -0.49 31.16
N PHE I 320 6.59 0.62 30.53
CA PHE I 320 5.97 1.92 30.74
C PHE I 320 6.45 2.83 29.62
N TYR I 321 5.55 3.67 29.10
CA TYR I 321 5.98 4.62 28.09
C TYR I 321 5.03 5.81 28.07
N VAL I 322 5.57 6.97 27.72
CA VAL I 322 4.80 8.18 27.49
C VAL I 322 4.82 8.48 25.99
N GLY I 323 3.66 8.85 25.45
CA GLY I 323 3.54 9.11 24.03
C GLY I 323 3.50 10.59 23.71
N PRO I 324 3.49 10.91 22.41
CA PRO I 324 3.44 12.33 22.00
C PRO I 324 2.18 13.04 22.43
N ASP I 325 1.04 12.34 22.53
CA ASP I 325 -0.18 12.99 22.99
C ASP I 325 -0.09 13.42 24.45
N GLY I 326 0.84 12.87 25.22
CA GLY I 326 0.92 13.10 26.64
C GLY I 326 0.35 12.01 27.51
N GLY I 327 -0.21 10.96 26.91
CA GLY I 327 -0.83 9.88 27.65
C GLY I 327 0.13 8.77 28.03
N PHE I 328 0.25 8.51 29.33
CA PHE I 328 1.15 7.47 29.79
C PHE I 328 0.50 6.10 29.60
N HIS I 329 1.26 5.05 29.90
CA HIS I 329 0.74 3.68 29.75
C HIS I 329 1.52 2.78 30.71
N SER I 330 0.91 2.44 31.83
CA SER I 330 1.56 1.58 32.80
C SER I 330 1.63 0.13 32.28
N GLY I 331 2.15 -0.74 33.12
CA GLY I 331 2.47 -2.12 32.77
C GLY I 331 1.83 -3.12 33.71
N ALA I 332 1.74 -2.74 34.98
CA ALA I 332 1.27 -3.63 36.03
C ALA I 332 0.43 -2.80 37.00
N ASN I 333 0.27 -3.28 38.21
CA ASN I 333 -0.65 -2.67 39.16
C ASN I 333 0.00 -1.44 39.76
N SER I 334 -0.79 -0.37 39.88
CA SER I 334 -0.20 0.87 40.36
C SER I 334 -0.83 1.29 41.69
N THR I 335 -0.76 2.59 41.99
CA THR I 335 -1.23 3.12 43.26
C THR I 335 -1.28 4.64 43.14
N VAL I 336 -2.26 5.25 43.81
CA VAL I 336 -2.34 6.70 43.89
C VAL I 336 -2.66 7.06 45.33
N ALA I 337 -1.71 7.68 46.03
CA ALA I 337 -1.94 8.20 47.38
C ALA I 337 -2.66 9.54 47.29
N GLY I 338 -3.85 9.50 46.68
CA GLY I 338 -4.59 10.71 46.45
C GLY I 338 -5.76 10.45 45.50
N ASN I 339 -6.27 11.51 44.92
CA ASN I 339 -7.42 11.44 44.03
C ASN I 339 -7.02 11.80 42.60
N LEU I 340 -7.54 11.04 41.65
CA LEU I 340 -7.18 11.19 40.24
C LEU I 340 -8.39 11.73 39.47
N THR I 341 -8.36 13.00 39.12
CA THR I 341 -9.38 13.60 38.27
C THR I 341 -9.29 13.04 36.85
N VAL I 342 -10.36 12.43 36.37
CA VAL I 342 -10.43 11.82 35.05
C VAL I 342 -11.68 12.32 34.32
N LYS I 343 -11.88 11.79 33.11
CA LYS I 343 -13.05 12.11 32.31
C LYS I 343 -14.17 11.11 32.58
N ASP I 344 -15.36 11.45 32.11
CA ASP I 344 -16.52 10.58 32.30
C ASP I 344 -16.41 9.35 31.41
N PRO I 345 -16.72 8.16 31.95
CA PRO I 345 -16.45 6.92 31.21
C PRO I 345 -17.30 6.72 29.95
N THR I 346 -16.64 6.74 28.79
CA THR I 346 -17.28 6.47 27.51
C THR I 346 -17.03 5.04 27.03
N SER I 347 -16.64 4.15 27.94
CA SER I 347 -16.40 2.75 27.59
C SER I 347 -16.47 1.91 28.85
N GLY I 348 -16.89 0.66 28.68
CA GLY I 348 -17.09 -0.29 29.77
C GLY I 348 -15.94 -0.47 30.74
N LYS I 349 -14.73 -0.10 30.32
CA LYS I 349 -13.53 -0.25 31.13
C LYS I 349 -13.09 1.05 31.79
N HIS I 350 -13.25 2.19 31.12
CA HIS I 350 -12.90 3.50 31.65
C HIS I 350 -13.28 3.65 33.12
N ALA I 351 -12.29 4.03 33.94
CA ALA I 351 -12.51 4.46 35.31
C ALA I 351 -13.80 5.27 35.43
N ALA I 352 -14.53 5.04 36.52
CA ALA I 352 -15.80 5.72 36.76
C ALA I 352 -15.60 6.92 37.67
N THR I 353 -16.24 8.03 37.34
CA THR I 353 -16.14 9.23 38.18
C THR I 353 -17.13 9.14 39.34
N LYS I 354 -17.47 10.28 39.92
CA LYS I 354 -18.56 10.34 40.89
C LYS I 354 -19.84 10.93 40.30
N ASP I 355 -19.70 11.96 39.46
CA ASP I 355 -20.89 12.47 38.79
C ASP I 355 -21.45 11.52 37.76
N TYR I 356 -20.83 10.35 37.58
CA TYR I 356 -21.44 9.24 36.85
C TYR I 356 -22.16 8.27 37.79
N VAL I 357 -21.52 7.89 38.90
CA VAL I 357 -22.10 6.91 39.81
C VAL I 357 -23.40 7.45 40.39
N ASP I 358 -23.38 8.65 40.93
CA ASP I 358 -24.62 9.28 41.38
C ASP I 358 -25.59 9.47 40.23
N GLU I 359 -25.08 9.91 39.08
CA GLU I 359 -25.89 9.96 37.87
C GLU I 359 -26.44 8.59 37.49
N LYS I 360 -25.81 7.52 37.98
CA LYS I 360 -26.31 6.17 37.81
C LYS I 360 -26.79 5.58 39.13
N ILE I 361 -27.41 6.43 39.96
CA ILE I 361 -28.08 6.00 41.18
C ILE I 361 -29.40 6.77 41.26
N ALA I 362 -29.38 8.01 40.77
CA ALA I 362 -30.56 8.86 40.82
C ALA I 362 -31.60 8.51 39.77
N GLU I 363 -31.22 7.77 38.72
CA GLU I 363 -32.23 7.26 37.80
C GLU I 363 -32.93 6.03 38.36
N LEU I 364 -32.26 5.28 39.23
CA LEU I 364 -32.91 4.27 40.06
C LEU I 364 -33.59 4.88 41.28
N LYS I 365 -33.97 6.15 41.19
CA LYS I 365 -34.99 6.76 42.06
C LYS I 365 -36.39 6.56 41.50
N LYS I 366 -36.51 5.89 40.36
CA LYS I 366 -37.82 5.50 39.83
C LYS I 366 -38.54 4.66 40.87
N LEU I 367 -39.12 5.32 41.85
CA LEU I 367 -39.67 4.67 43.02
C LEU I 367 -41.09 5.14 43.31
#